data_5W23
#
_entry.id   5W23
#
_cell.length_a   183.360
_cell.length_b   183.360
_cell.length_c   275.900
_cell.angle_alpha   90.000
_cell.angle_beta   90.000
_cell.angle_gamma   90.000
#
_symmetry.space_group_name_H-M   'P 41 21 2'
#
loop_
_entity.id
_entity.type
_entity.pdbx_description
1 polymer 'Fusion glycoprotein F0'
2 polymer '5C4 Fab heavy chain'
3 polymer '5C4 Fab light chain'
4 non-polymer 'ZINC ION'
#
loop_
_entity_poly.entity_id
_entity_poly.type
_entity_poly.pdbx_seq_one_letter_code
_entity_poly.pdbx_strand_id
1 'polypeptide(L)'
;MELLILKANAITTILTAVTFCFASGQNITEEFYQSTCSAVSKGYLSALRTGWYTSVITIELSNIKENKCNGTDAKVKLIK
QELDKYKNAVTELQLLMQSTPATNNRARRELPRFMNYTLNNAKKTNVTLSKKRKRRFLGFLLGVGSAIASGVAVSKVLHL
EGEVNKIKSALLSTNKAVVSLSNGVSVLTSKVLDLKNYIDKQLLPIVNKQSCSISNIETVIEFQQKNNRLLEITREFSVN
AGVTTPVSTYMLTNSELLSLINDMPITNDQKKLMSNNVQIVRQQSYSIMSIIKEEVLAYVVQLPLYGVIDTPCWKLHTSP
LCTTNTKEGSNICLTRTDRGWYCDNAGSVSFFPQAETCKVQSNRVFCDTMNSLTLPSEVNLCNVDIFNPKYDCKIMTSKT
DVSSSVITSLGAIVSCYGKTKCTASNKNRGIIKTFSNGCDYVSNKGVDTVSVGNTLYYVNKQEGKSLYVKGEPIINFYDP
LVFPSDEFDASISQVNEKINQSLAFIRKSDELLSAIGGYIPEAPRDGQAYVRKDGEWVLLSTFLGGLVPRGSHHHHHHSA
WSHPQFEK
;
A,B,C
2 'polypeptide(L)'
;MRPTWAWWLFLVLLLALWAPARGEVQLQQSGAELVKPGASVKLSCTASGFNIKDTFFHWVKQRPEQGLEWIGRIDPADGH
TKYDPKFQGKATITADTSSNTAFLQLSSLTSVDTAVYYCATTITAVVPTPYNAMDYWGQGTSVTVSSASTTAPSVYPLAP
VCGGTTGSSVTLGCLVKGYFPEPVTLTWNSGSLSSGVHTFPALLQSGLYTLSSSVTVTSNTWPSQTITCNVAHPASSTKV
DKKIEPRVP
;
H,I,J
3 'polypeptide(L)'
;MRPTWAWWLFLVLLLALWAPARGDIVLTQSPASLAVSLGQRTTISCRASESVDSFDNSFIHWYQQKPGQPPKLLIFLASS
LESGVPARFSGSGSRTDFTLTIDPVEADDAATYYCQQSNEDPFTFGSGTKLEIKRADAAPTVSIFPPSSEQLTSGGASVV
CFLNNFYPKDINVKWKIDGSERQNGVLNSWTDQDSKDSTYSMSSTLTLTKDEYERHNSYTCEATHKTSTSPIVKSFNRNE
C
;
L,M,N
#
loop_
_chem_comp.id
_chem_comp.type
_chem_comp.name
_chem_comp.formula
ZN non-polymer 'ZINC ION' 'Zn 2'
#
# COMPACT_ATOMS: atom_id res chain seq x y z
N ASN A 27 -37.08 23.51 -8.55
CA ASN A 27 -36.57 22.44 -7.68
C ASN A 27 -37.15 22.52 -6.27
N ILE A 28 -36.30 22.84 -5.29
CA ILE A 28 -36.64 22.84 -3.87
C ILE A 28 -37.22 24.18 -3.47
N THR A 29 -38.26 24.12 -2.63
CA THR A 29 -38.91 25.29 -2.06
C THR A 29 -39.16 25.03 -0.59
N GLU A 30 -39.57 26.07 0.14
CA GLU A 30 -39.76 25.95 1.57
C GLU A 30 -40.82 26.93 2.06
N GLU A 31 -41.67 26.47 2.97
CA GLU A 31 -42.70 27.29 3.60
C GLU A 31 -42.52 27.25 5.11
N PHE A 32 -42.46 28.42 5.72
CA PHE A 32 -42.37 28.51 7.18
C PHE A 32 -43.73 28.93 7.72
N TYR A 33 -44.26 28.16 8.65
CA TYR A 33 -45.54 28.45 9.25
C TYR A 33 -45.28 29.12 10.60
N GLN A 34 -45.51 30.44 10.65
CA GLN A 34 -45.29 31.20 11.87
C GLN A 34 -46.18 30.73 13.00
N SER A 35 -47.37 30.23 12.65
CA SER A 35 -48.37 29.89 13.66
C SER A 35 -47.93 28.73 14.53
N THR A 36 -47.25 27.72 13.96
CA THR A 36 -46.89 26.52 14.71
C THR A 36 -45.38 26.31 14.78
N CYS A 37 -44.59 27.30 14.40
CA CYS A 37 -43.13 27.28 14.53
C CYS A 37 -42.51 26.03 13.91
N SER A 38 -42.69 25.91 12.59
CA SER A 38 -42.23 24.76 11.84
C SER A 38 -42.07 25.16 10.38
N ALA A 39 -41.38 24.31 9.61
CA ALA A 39 -41.12 24.59 8.20
C ALA A 39 -41.16 23.29 7.41
N VAL A 40 -41.59 23.38 6.15
CA VAL A 40 -41.70 22.22 5.27
C VAL A 40 -40.94 22.49 3.98
N SER A 41 -40.06 21.57 3.61
CA SER A 41 -39.26 21.65 2.39
C SER A 41 -39.79 20.62 1.39
N LYS A 42 -40.09 21.05 0.15
CA LYS A 42 -40.96 20.21 -0.69
C LYS A 42 -40.32 19.60 -1.94
N GLY A 43 -39.22 20.15 -2.44
CA GLY A 43 -38.71 19.79 -3.78
C GLY A 43 -38.25 18.33 -3.97
N TYR A 44 -38.11 17.56 -2.90
CA TYR A 44 -37.33 16.32 -2.93
C TYR A 44 -38.06 15.17 -3.61
N LEU A 45 -37.28 14.13 -3.94
CA LEU A 45 -37.73 12.89 -4.58
C LEU A 45 -37.24 11.67 -3.81
N SER A 46 -38.07 10.63 -3.77
CA SER A 46 -37.80 9.46 -2.93
C SER A 46 -36.86 8.49 -3.62
N ALA A 47 -36.14 7.74 -2.79
CA ALA A 47 -35.44 6.52 -3.15
C ALA A 47 -35.45 5.69 -1.86
N LEU A 48 -36.56 4.98 -1.62
CA LEU A 48 -36.77 4.30 -0.37
C LEU A 48 -36.23 2.88 -0.45
N ARG A 49 -35.41 2.49 0.53
CA ARG A 49 -35.06 1.08 0.61
C ARG A 49 -36.28 0.30 1.09
N THR A 50 -36.75 -0.62 0.26
CA THR A 50 -37.95 -1.39 0.54
C THR A 50 -37.66 -2.84 0.83
N GLY A 51 -36.63 -3.40 0.20
CA GLY A 51 -36.21 -4.76 0.45
C GLY A 51 -34.74 -4.98 0.12
N TRP A 52 -34.32 -6.24 0.10
CA TRP A 52 -32.92 -6.61 0.03
C TRP A 52 -32.66 -7.54 -1.14
N TYR A 53 -31.44 -7.48 -1.67
CA TYR A 53 -30.96 -8.43 -2.65
C TYR A 53 -29.67 -9.07 -2.17
N THR A 54 -29.62 -10.38 -2.18
CA THR A 54 -28.48 -11.12 -1.64
C THR A 54 -27.73 -11.80 -2.77
N SER A 55 -26.43 -11.59 -2.80
CA SER A 55 -25.55 -12.25 -3.75
C SER A 55 -24.53 -13.05 -2.95
N VAL A 56 -24.03 -14.13 -3.54
CA VAL A 56 -22.99 -14.94 -2.93
C VAL A 56 -21.70 -14.64 -3.66
N ILE A 57 -20.72 -14.12 -2.94
CA ILE A 57 -19.41 -13.80 -3.48
C ILE A 57 -18.44 -14.88 -3.03
N THR A 58 -17.67 -15.40 -3.99
CA THR A 58 -16.69 -16.45 -3.73
C THR A 58 -15.29 -16.00 -4.12
N ILE A 59 -14.32 -16.45 -3.32
CA ILE A 59 -12.91 -16.34 -3.59
C ILE A 59 -12.38 -17.76 -3.61
N GLU A 60 -11.81 -18.16 -4.72
CA GLU A 60 -11.28 -19.51 -4.88
C GLU A 60 -9.85 -19.48 -4.36
N LEU A 61 -9.56 -20.22 -3.31
CA LEU A 61 -8.18 -20.17 -2.80
C LEU A 61 -7.72 -21.59 -2.54
N SER A 62 -6.41 -21.78 -2.64
CA SER A 62 -5.74 -23.06 -2.57
C SER A 62 -5.03 -23.31 -1.25
N ASN A 63 -5.11 -24.55 -0.76
CA ASN A 63 -4.32 -24.99 0.39
C ASN A 63 -2.97 -25.54 -0.13
N ILE A 64 -1.89 -24.93 0.33
CA ILE A 64 -0.55 -25.15 -0.21
C ILE A 64 0.18 -26.17 0.65
N LYS A 65 0.92 -27.06 0.00
CA LYS A 65 1.78 -27.95 0.76
C LYS A 65 3.04 -27.23 1.19
N GLU A 66 3.74 -27.83 2.15
CA GLU A 66 4.86 -27.14 2.74
C GLU A 66 5.99 -26.91 1.76
N ASN A 67 6.36 -25.65 1.67
CA ASN A 67 7.43 -25.19 0.81
C ASN A 67 8.77 -25.68 1.32
N LYS A 68 9.56 -26.29 0.44
CA LYS A 68 10.86 -26.86 0.79
C LYS A 68 11.97 -25.93 0.37
N CYS A 69 11.77 -24.64 0.54
CA CYS A 69 12.73 -23.67 0.05
C CYS A 69 13.48 -23.22 1.29
N ASN A 70 14.64 -23.82 1.48
CA ASN A 70 15.51 -23.54 2.60
C ASN A 70 16.49 -22.44 2.20
N GLY A 71 17.16 -21.90 3.20
CA GLY A 71 18.10 -20.90 2.77
C GLY A 71 17.52 -19.52 2.92
N THR A 72 18.41 -18.56 3.13
CA THR A 72 18.06 -17.18 3.40
C THR A 72 18.59 -16.26 2.30
N ASP A 73 18.70 -16.78 1.09
CA ASP A 73 19.01 -15.91 -0.03
C ASP A 73 17.93 -14.85 -0.11
N ALA A 74 18.35 -13.59 -0.30
CA ALA A 74 17.44 -12.46 -0.13
C ALA A 74 16.20 -12.57 -1.02
N LYS A 75 16.37 -13.04 -2.26
CA LYS A 75 15.23 -13.22 -3.15
C LYS A 75 14.29 -14.28 -2.61
N VAL A 76 14.87 -15.37 -2.10
CA VAL A 76 14.13 -16.51 -1.58
C VAL A 76 13.26 -16.12 -0.40
N LYS A 77 13.83 -15.39 0.56
CA LYS A 77 13.11 -15.07 1.79
C LYS A 77 11.82 -14.33 1.50
N LEU A 78 11.78 -13.56 0.41
CA LEU A 78 10.59 -12.79 0.12
C LEU A 78 9.45 -13.67 -0.33
N ILE A 79 9.72 -14.62 -1.23
CA ILE A 79 8.67 -15.51 -1.68
C ILE A 79 8.21 -16.41 -0.53
N LYS A 80 9.15 -16.94 0.26
CA LYS A 80 8.77 -17.80 1.37
C LYS A 80 7.94 -17.03 2.39
N GLN A 81 8.31 -15.78 2.65
CA GLN A 81 7.54 -14.94 3.56
C GLN A 81 6.13 -14.68 3.02
N GLU A 82 6.02 -14.47 1.72
CA GLU A 82 4.72 -14.13 1.13
C GLU A 82 3.80 -15.35 1.11
N LEU A 83 4.35 -16.51 0.76
CA LEU A 83 3.57 -17.74 0.84
C LEU A 83 3.09 -17.97 2.25
N ASP A 84 3.94 -17.67 3.24
CA ASP A 84 3.55 -17.86 4.64
C ASP A 84 2.44 -16.91 5.06
N LYS A 85 2.49 -15.65 4.61
CA LYS A 85 1.40 -14.75 4.93
C LYS A 85 0.08 -15.29 4.39
N TYR A 86 0.12 -15.84 3.17
CA TYR A 86 -1.08 -16.42 2.59
C TYR A 86 -1.56 -17.63 3.39
N LYS A 87 -0.66 -18.55 3.72
CA LYS A 87 -1.08 -19.78 4.39
C LYS A 87 -1.62 -19.49 5.78
N ASN A 88 -1.06 -18.50 6.47
CA ASN A 88 -1.60 -18.09 7.77
C ASN A 88 -2.95 -17.41 7.63
N ALA A 89 -3.11 -16.58 6.59
CA ALA A 89 -4.39 -15.91 6.40
C ALA A 89 -5.52 -16.92 6.22
N VAL A 90 -5.26 -17.99 5.47
CA VAL A 90 -6.27 -19.01 5.32
C VAL A 90 -6.59 -19.63 6.68
N THR A 91 -5.55 -19.95 7.45
CA THR A 91 -5.74 -20.53 8.77
C THR A 91 -6.45 -19.55 9.72
N GLU A 92 -6.13 -18.26 9.62
CA GLU A 92 -6.86 -17.26 10.40
C GLU A 92 -8.33 -17.28 10.04
N LEU A 93 -8.64 -17.41 8.76
CA LEU A 93 -10.03 -17.41 8.32
C LEU A 93 -10.76 -18.67 8.78
N GLN A 94 -10.04 -19.79 8.88
CA GLN A 94 -10.65 -21.02 9.35
C GLN A 94 -11.05 -20.92 10.82
N LEU A 95 -10.17 -20.35 11.64
CA LEU A 95 -10.50 -20.08 13.04
C LEU A 95 -11.67 -19.13 13.17
N LEU A 96 -11.79 -18.18 12.24
CA LEU A 96 -12.79 -17.14 12.42
C LEU A 96 -14.20 -17.64 12.14
N MET A 97 -14.35 -18.61 11.23
CA MET A 97 -15.66 -19.21 10.92
C MET A 97 -16.29 -19.95 12.10
N GLN A 98 -15.50 -20.35 13.10
CA GLN A 98 -16.02 -21.15 14.20
C GLN A 98 -16.28 -20.31 15.46
N PHE A 137 -38.03 13.12 17.33
CA PHE A 137 -38.44 12.90 18.71
C PHE A 137 -39.07 11.52 18.83
N LEU A 138 -39.95 11.21 17.90
CA LEU A 138 -40.78 10.03 18.00
C LEU A 138 -40.09 8.77 17.50
N GLY A 139 -38.81 8.62 17.79
CA GLY A 139 -38.12 7.41 17.38
C GLY A 139 -38.67 6.19 18.09
N PHE A 140 -39.13 6.34 19.33
CA PHE A 140 -39.55 5.21 20.14
C PHE A 140 -40.78 4.49 19.57
N LEU A 141 -41.54 5.14 18.71
CA LEU A 141 -42.74 4.51 18.13
C LEU A 141 -42.44 3.51 17.02
N LEU A 142 -41.17 3.22 16.70
CA LEU A 142 -40.83 2.62 15.42
C LEU A 142 -41.05 1.11 15.34
N GLY A 143 -40.51 0.36 16.28
CA GLY A 143 -40.52 -1.08 16.14
C GLY A 143 -39.22 -1.61 15.59
N VAL A 144 -38.98 -2.89 15.81
CA VAL A 144 -37.64 -3.47 15.87
C VAL A 144 -37.50 -4.52 14.78
N GLY A 145 -36.62 -4.26 13.82
CA GLY A 145 -36.33 -5.22 12.77
C GLY A 145 -35.07 -6.02 13.03
N SER A 146 -34.74 -6.89 12.06
CA SER A 146 -33.50 -7.65 12.08
C SER A 146 -32.76 -7.36 10.78
N ALA A 147 -31.75 -6.48 10.86
CA ALA A 147 -31.18 -5.86 9.67
C ALA A 147 -30.66 -6.89 8.68
N ILE A 148 -30.02 -7.95 9.18
CA ILE A 148 -29.35 -8.89 8.30
C ILE A 148 -30.08 -10.23 8.24
N ALA A 149 -31.37 -10.26 8.59
CA ALA A 149 -32.05 -11.55 8.63
C ALA A 149 -32.03 -12.22 7.27
N SER A 150 -32.22 -11.46 6.20
CA SER A 150 -32.28 -12.05 4.86
C SER A 150 -30.94 -12.63 4.45
N GLY A 151 -29.88 -11.82 4.50
CA GLY A 151 -28.57 -12.30 4.11
C GLY A 151 -28.07 -13.44 4.96
N VAL A 152 -28.29 -13.37 6.27
CA VAL A 152 -27.91 -14.48 7.13
C VAL A 152 -28.68 -15.74 6.78
N ALA A 153 -29.97 -15.58 6.44
CA ALA A 153 -30.78 -16.72 6.04
C ALA A 153 -30.20 -17.42 4.82
N VAL A 154 -29.69 -16.65 3.85
CA VAL A 154 -29.00 -17.23 2.70
C VAL A 154 -27.68 -17.85 3.12
N SER A 155 -26.94 -17.17 4.00
CA SER A 155 -25.65 -17.68 4.44
C SER A 155 -25.76 -19.05 5.05
N LYS A 156 -26.79 -19.28 5.86
CA LYS A 156 -26.93 -20.58 6.50
C LYS A 156 -27.21 -21.69 5.48
N VAL A 157 -27.89 -21.38 4.38
CA VAL A 157 -28.16 -22.38 3.34
C VAL A 157 -26.87 -22.87 2.68
N LEU A 158 -25.83 -22.03 2.66
CA LEU A 158 -24.58 -22.39 2.00
C LEU A 158 -23.83 -23.45 2.77
N HIS A 159 -24.17 -23.64 4.06
CA HIS A 159 -23.52 -24.65 4.88
C HIS A 159 -23.93 -26.07 4.50
N LEU A 160 -25.06 -26.23 3.82
CA LEU A 160 -25.57 -27.55 3.51
C LEU A 160 -24.67 -28.27 2.51
N GLU A 161 -24.77 -29.60 2.51
CA GLU A 161 -23.86 -30.43 1.74
C GLU A 161 -23.92 -30.19 0.23
N GLY A 162 -22.73 -30.07 -0.35
CA GLY A 162 -22.49 -29.85 -1.76
C GLY A 162 -23.08 -28.58 -2.30
N GLU A 163 -23.42 -27.63 -1.43
CA GLU A 163 -23.84 -26.33 -1.93
C GLU A 163 -22.67 -25.56 -2.49
N VAL A 164 -21.52 -25.69 -1.83
CA VAL A 164 -20.30 -25.06 -2.33
C VAL A 164 -19.91 -25.68 -3.65
N ASN A 165 -20.02 -27.02 -3.76
CA ASN A 165 -19.68 -27.70 -5.00
C ASN A 165 -20.56 -27.22 -6.16
N LYS A 166 -21.86 -26.95 -5.90
CA LYS A 166 -22.67 -26.33 -6.94
C LYS A 166 -22.15 -24.95 -7.28
N ILE A 167 -21.91 -24.12 -6.27
CA ILE A 167 -21.37 -22.79 -6.54
C ILE A 167 -20.03 -22.95 -7.25
N LYS A 168 -19.18 -23.85 -6.73
CA LYS A 168 -17.84 -24.03 -7.29
C LYS A 168 -17.92 -24.50 -8.74
N SER A 169 -18.85 -25.39 -9.06
CA SER A 169 -18.99 -25.86 -10.44
C SER A 169 -19.58 -24.78 -11.34
N ALA A 170 -20.47 -23.95 -10.80
CA ALA A 170 -21.13 -22.94 -11.63
C ALA A 170 -20.14 -21.89 -12.13
N LEU A 171 -19.19 -21.50 -11.27
CA LEU A 171 -18.20 -20.49 -11.60
C LEU A 171 -16.93 -21.07 -12.17
N LEU A 172 -16.98 -22.33 -12.61
CA LEU A 172 -15.76 -22.99 -13.08
C LEU A 172 -15.33 -22.43 -14.44
N SER A 173 -16.29 -22.09 -15.29
CA SER A 173 -16.01 -21.62 -16.65
C SER A 173 -16.19 -20.11 -16.83
N THR A 174 -17.05 -19.46 -16.04
CA THR A 174 -17.21 -18.00 -16.04
C THR A 174 -17.06 -17.49 -14.62
N ASN A 175 -17.16 -16.18 -14.46
CA ASN A 175 -17.10 -15.56 -13.13
C ASN A 175 -18.45 -15.15 -12.60
N LYS A 176 -19.54 -15.42 -13.32
CA LYS A 176 -20.88 -15.08 -12.85
C LYS A 176 -21.83 -16.17 -13.29
N ALA A 177 -22.63 -16.66 -12.35
CA ALA A 177 -23.60 -17.69 -12.65
C ALA A 177 -24.75 -17.56 -11.68
N VAL A 178 -25.94 -17.97 -12.11
CA VAL A 178 -27.11 -18.02 -11.25
C VAL A 178 -27.30 -19.46 -10.82
N VAL A 179 -27.37 -19.67 -9.52
CA VAL A 179 -27.40 -20.99 -8.94
C VAL A 179 -28.73 -21.15 -8.23
N SER A 180 -29.39 -22.29 -8.44
CA SER A 180 -30.58 -22.62 -7.68
C SER A 180 -30.15 -23.40 -6.45
N LEU A 181 -30.34 -22.81 -5.28
CA LEU A 181 -29.91 -23.48 -4.07
C LEU A 181 -30.89 -24.60 -3.72
N SER A 182 -30.53 -25.38 -2.71
CA SER A 182 -31.38 -26.51 -2.32
C SER A 182 -32.79 -26.04 -1.93
N ASN A 183 -32.90 -24.89 -1.26
CA ASN A 183 -34.22 -24.38 -0.87
C ASN A 183 -35.01 -23.85 -2.06
N GLY A 184 -34.41 -23.79 -3.25
CA GLY A 184 -35.09 -23.39 -4.47
C GLY A 184 -34.77 -21.98 -4.94
N VAL A 185 -34.27 -21.13 -4.04
CA VAL A 185 -34.01 -19.74 -4.41
C VAL A 185 -32.77 -19.66 -5.29
N SER A 186 -32.90 -18.96 -6.42
CA SER A 186 -31.79 -18.71 -7.31
C SER A 186 -31.12 -17.39 -6.95
N VAL A 187 -29.80 -17.43 -6.77
CA VAL A 187 -29.01 -16.26 -6.37
C VAL A 187 -27.87 -16.08 -7.36
N LEU A 188 -27.52 -14.83 -7.62
CA LEU A 188 -26.31 -14.56 -8.38
C LEU A 188 -25.10 -14.94 -7.57
N THR A 189 -24.10 -15.53 -8.23
CA THR A 189 -22.82 -15.86 -7.61
C THR A 189 -21.69 -15.27 -8.46
N SER A 190 -20.63 -14.84 -7.78
CA SER A 190 -19.52 -14.20 -8.45
C SER A 190 -18.21 -14.71 -7.88
N LYS A 191 -17.27 -15.04 -8.76
CA LYS A 191 -15.90 -15.32 -8.37
C LYS A 191 -15.10 -14.04 -8.59
N VAL A 192 -14.73 -13.38 -7.50
CA VAL A 192 -14.09 -12.06 -7.58
C VAL A 192 -12.58 -12.13 -7.48
N LEU A 193 -12.02 -13.28 -7.12
CA LEU A 193 -10.58 -13.45 -6.94
C LEU A 193 -10.28 -14.94 -7.07
N ASP A 194 -9.31 -15.30 -7.93
CA ASP A 194 -8.96 -16.71 -8.14
C ASP A 194 -7.52 -16.94 -7.72
N LEU A 195 -7.30 -17.07 -6.40
CA LEU A 195 -5.98 -17.37 -5.89
C LEU A 195 -5.64 -18.84 -6.03
N LYS A 196 -6.64 -19.72 -6.17
CA LYS A 196 -6.34 -21.13 -6.37
C LYS A 196 -5.57 -21.36 -7.66
N ASN A 197 -6.10 -20.85 -8.78
CA ASN A 197 -5.42 -21.03 -10.07
C ASN A 197 -4.15 -20.20 -10.18
N TYR A 198 -4.12 -19.00 -9.60
CA TYR A 198 -2.92 -18.18 -9.72
C TYR A 198 -1.74 -18.85 -9.05
N ILE A 199 -1.95 -19.33 -7.81
CA ILE A 199 -0.89 -19.96 -7.04
C ILE A 199 -0.49 -21.29 -7.66
N ASP A 200 -1.48 -22.14 -7.96
CA ASP A 200 -1.19 -23.49 -8.43
C ASP A 200 -0.69 -23.49 -9.87
N LYS A 201 -1.13 -22.55 -10.70
CA LYS A 201 -0.79 -22.58 -12.11
C LYS A 201 0.09 -21.44 -12.61
N GLN A 202 0.45 -20.46 -11.77
CA GLN A 202 1.46 -19.55 -12.26
C GLN A 202 2.61 -19.37 -11.28
N LEU A 203 2.31 -19.21 -10.00
CA LEU A 203 3.36 -18.85 -9.07
C LEU A 203 4.20 -20.07 -8.72
N LEU A 204 3.57 -21.08 -8.16
CA LEU A 204 4.34 -22.26 -7.78
C LEU A 204 5.08 -22.86 -8.98
N PRO A 205 4.52 -22.90 -10.21
CA PRO A 205 5.33 -23.34 -11.35
C PRO A 205 6.59 -22.52 -11.59
N ILE A 206 6.50 -21.19 -11.47
CA ILE A 206 7.69 -20.35 -11.66
C ILE A 206 8.72 -20.61 -10.56
N VAL A 207 8.26 -20.98 -9.37
CA VAL A 207 9.19 -21.26 -8.28
C VAL A 207 9.99 -22.53 -8.57
N ASN A 208 9.31 -23.59 -9.02
CA ASN A 208 10.02 -24.82 -9.37
C ASN A 208 10.90 -24.64 -10.59
N LYS A 209 10.51 -23.76 -11.50
CA LYS A 209 11.30 -23.54 -12.70
C LYS A 209 12.63 -22.89 -12.33
N GLN A 210 12.58 -21.86 -11.49
CA GLN A 210 13.73 -21.09 -11.06
C GLN A 210 14.26 -21.51 -9.69
N SER A 211 13.90 -22.72 -9.24
CA SER A 211 14.43 -23.33 -8.01
C SER A 211 14.40 -22.37 -6.82
N CYS A 212 13.30 -21.62 -6.73
CA CYS A 212 12.96 -20.75 -5.61
C CYS A 212 13.79 -19.47 -5.50
N SER A 213 14.87 -19.33 -6.26
CA SER A 213 15.60 -18.07 -6.28
C SER A 213 15.12 -17.40 -7.56
N ILE A 214 14.02 -16.66 -7.45
CA ILE A 214 13.38 -16.15 -8.65
C ILE A 214 14.29 -15.17 -9.34
N SER A 215 14.52 -15.38 -10.63
CA SER A 215 15.34 -14.45 -11.39
C SER A 215 14.58 -13.15 -11.61
N ASN A 216 13.29 -13.25 -11.90
CA ASN A 216 12.47 -12.11 -12.25
C ASN A 216 11.71 -11.69 -11.00
N ILE A 217 12.13 -10.56 -10.40
CA ILE A 217 11.55 -10.08 -9.16
C ILE A 217 10.08 -9.68 -9.26
N GLU A 218 9.60 -9.38 -10.47
CA GLU A 218 8.24 -8.88 -10.63
C GLU A 218 7.18 -9.92 -10.25
N THR A 219 7.49 -11.22 -10.33
CA THR A 219 6.46 -12.22 -10.03
C THR A 219 6.10 -12.22 -8.55
N VAL A 220 7.06 -11.98 -7.65
CA VAL A 220 6.74 -11.91 -6.23
C VAL A 220 5.90 -10.67 -5.92
N ILE A 221 6.19 -9.56 -6.60
CA ILE A 221 5.37 -8.38 -6.42
C ILE A 221 3.99 -8.57 -7.04
N GLU A 222 3.93 -9.27 -8.18
CA GLU A 222 2.63 -9.63 -8.76
C GLU A 222 1.80 -10.44 -7.77
N PHE A 223 2.45 -11.34 -7.04
CA PHE A 223 1.74 -12.11 -6.04
C PHE A 223 1.30 -11.22 -4.89
N GLN A 224 2.20 -10.36 -4.41
CA GLN A 224 1.90 -9.53 -3.24
C GLN A 224 0.67 -8.66 -3.48
N GLN A 225 0.45 -8.22 -4.72
CA GLN A 225 -0.76 -7.47 -5.02
C GLN A 225 -2.00 -8.35 -4.87
N LYS A 226 -2.00 -9.51 -5.53
CA LYS A 226 -3.12 -10.44 -5.44
C LYS A 226 -3.39 -10.82 -3.98
N ASN A 227 -2.33 -11.04 -3.21
CA ASN A 227 -2.48 -11.53 -1.85
C ASN A 227 -2.97 -10.46 -0.88
N ASN A 228 -2.78 -9.18 -1.22
CA ASN A 228 -3.11 -8.12 -0.27
C ASN A 228 -4.61 -8.10 0.00
N ARG A 229 -5.41 -8.29 -1.06
CA ARG A 229 -6.85 -8.22 -0.87
C ARG A 229 -7.32 -9.30 0.08
N LEU A 230 -6.82 -10.52 -0.09
CA LEU A 230 -7.17 -11.59 0.83
C LEU A 230 -6.69 -11.27 2.24
N LEU A 231 -5.57 -10.57 2.36
CA LEU A 231 -5.08 -10.17 3.69
C LEU A 231 -5.94 -9.06 4.30
N GLU A 232 -6.40 -8.11 3.49
CA GLU A 232 -7.26 -7.08 4.04
C GLU A 232 -8.62 -7.65 4.40
N ILE A 233 -9.16 -8.54 3.57
CA ILE A 233 -10.43 -9.17 3.91
C ILE A 233 -10.31 -9.91 5.23
N THR A 234 -9.24 -10.70 5.40
CA THR A 234 -9.10 -11.46 6.64
C THR A 234 -8.83 -10.54 7.83
N ARG A 235 -8.22 -9.38 7.59
CA ARG A 235 -8.00 -8.40 8.65
C ARG A 235 -9.32 -7.78 9.10
N GLU A 236 -10.15 -7.36 8.15
CA GLU A 236 -11.45 -6.74 8.47
C GLU A 236 -12.35 -7.70 9.24
N PHE A 237 -12.49 -8.93 8.75
CA PHE A 237 -13.37 -9.90 9.40
C PHE A 237 -12.83 -10.31 10.75
N SER A 238 -11.52 -10.22 10.93
CA SER A 238 -10.95 -10.55 12.23
C SER A 238 -11.47 -9.58 13.29
N VAL A 239 -11.91 -8.40 12.88
CA VAL A 239 -12.38 -7.34 13.77
C VAL A 239 -13.90 -7.16 13.76
N ASN A 240 -14.62 -7.79 12.83
CA ASN A 240 -16.04 -7.49 12.69
C ASN A 240 -16.95 -8.67 12.97
N ALA A 241 -16.39 -9.81 13.38
CA ALA A 241 -17.18 -11.03 13.60
C ALA A 241 -18.03 -11.37 12.38
N GLY A 242 -17.46 -11.16 11.20
CA GLY A 242 -18.03 -11.63 9.95
C GLY A 242 -19.22 -10.86 9.40
N VAL A 243 -19.68 -9.79 10.07
CA VAL A 243 -20.82 -9.01 9.58
C VAL A 243 -20.43 -7.55 9.63
N THR A 244 -20.23 -6.94 8.47
CA THR A 244 -19.81 -5.56 8.34
C THR A 244 -20.84 -4.73 7.57
N THR A 245 -20.89 -3.43 7.89
CA THR A 245 -21.63 -2.42 7.15
C THR A 245 -20.91 -1.11 7.46
N PRO A 246 -20.56 -0.30 6.44
CA PRO A 246 -20.72 -0.56 5.01
C PRO A 246 -19.80 -1.65 4.49
N VAL A 247 -20.10 -2.16 3.30
CA VAL A 247 -19.31 -3.19 2.65
C VAL A 247 -18.06 -2.56 2.06
N SER A 248 -16.90 -3.10 2.43
CA SER A 248 -15.63 -2.45 2.12
C SER A 248 -15.26 -2.58 0.64
N THR A 249 -14.25 -1.77 0.27
CA THR A 249 -13.70 -1.84 -1.08
C THR A 249 -12.93 -3.12 -1.30
N TYR A 250 -12.41 -3.72 -0.24
CA TYR A 250 -11.75 -5.02 -0.37
C TYR A 250 -12.75 -6.15 -0.53
N MET A 251 -13.93 -6.01 0.07
CA MET A 251 -14.95 -7.04 -0.08
C MET A 251 -15.54 -7.03 -1.48
N LEU A 252 -15.78 -5.84 -2.00
CA LEU A 252 -16.43 -5.65 -3.29
C LEU A 252 -15.87 -4.36 -3.86
N THR A 253 -15.03 -4.48 -4.90
CA THR A 253 -14.50 -3.27 -5.49
C THR A 253 -15.63 -2.49 -6.15
N ASN A 254 -15.33 -1.23 -6.46
CA ASN A 254 -16.36 -0.39 -7.06
C ASN A 254 -16.82 -0.95 -8.38
N SER A 255 -15.89 -1.47 -9.19
CA SER A 255 -16.27 -2.01 -10.48
C SER A 255 -17.11 -3.28 -10.34
N GLU A 256 -16.83 -4.10 -9.33
CA GLU A 256 -17.64 -5.30 -9.09
C GLU A 256 -19.06 -4.96 -8.70
N LEU A 257 -19.23 -3.98 -7.80
CA LEU A 257 -20.55 -3.60 -7.32
C LEU A 257 -21.38 -3.01 -8.45
N LEU A 258 -20.78 -2.12 -9.25
CA LEU A 258 -21.47 -1.59 -10.42
C LEU A 258 -21.91 -2.69 -11.35
N SER A 259 -21.08 -3.74 -11.49
CA SER A 259 -21.39 -4.88 -12.34
C SER A 259 -22.54 -5.72 -11.78
N LEU A 260 -22.60 -5.87 -10.46
CA LEU A 260 -23.74 -6.58 -9.88
C LEU A 260 -25.06 -5.87 -10.15
N ILE A 261 -25.05 -4.54 -10.16
CA ILE A 261 -26.28 -3.78 -10.37
C ILE A 261 -26.82 -4.02 -11.78
N ASN A 262 -25.93 -4.05 -12.79
CA ASN A 262 -26.36 -4.31 -14.16
C ASN A 262 -27.06 -5.66 -14.29
N ASP A 263 -26.69 -6.62 -13.46
CA ASP A 263 -27.21 -7.97 -13.52
C ASP A 263 -28.35 -8.21 -12.54
N MET A 264 -28.76 -7.20 -11.81
CA MET A 264 -29.84 -7.41 -10.86
C MET A 264 -31.22 -7.31 -11.50
N PRO A 265 -32.19 -8.10 -11.00
CA PRO A 265 -33.54 -8.10 -11.58
C PRO A 265 -34.32 -6.85 -11.24
N ILE A 266 -33.90 -5.69 -11.76
CA ILE A 266 -34.59 -4.43 -11.52
C ILE A 266 -34.63 -3.63 -12.82
N THR A 267 -35.46 -2.60 -12.83
CA THR A 267 -35.63 -1.76 -14.02
C THR A 267 -34.36 -0.97 -14.30
N ASN A 268 -34.21 -0.53 -15.56
CA ASN A 268 -33.05 0.30 -15.88
C ASN A 268 -33.06 1.61 -15.11
N ASP A 269 -34.24 2.12 -14.76
CA ASP A 269 -34.31 3.30 -13.92
C ASP A 269 -33.72 3.01 -12.53
N GLN A 270 -33.96 1.83 -11.99
CA GLN A 270 -33.35 1.49 -10.71
C GLN A 270 -31.85 1.23 -10.86
N LYS A 271 -31.45 0.54 -11.93
CA LYS A 271 -30.03 0.29 -12.16
C LYS A 271 -29.28 1.62 -12.33
N LYS A 272 -29.84 2.54 -13.12
CA LYS A 272 -29.21 3.85 -13.29
C LYS A 272 -29.14 4.60 -11.97
N LEU A 273 -30.19 4.50 -11.16
CA LEU A 273 -30.19 5.16 -9.85
C LEU A 273 -29.06 4.64 -8.98
N MET A 274 -28.99 3.31 -8.81
CA MET A 274 -27.98 2.72 -7.95
C MET A 274 -26.58 2.98 -8.48
N SER A 275 -26.40 2.91 -9.81
CA SER A 275 -25.07 3.11 -10.37
C SER A 275 -24.58 4.52 -10.12
N ASN A 276 -25.47 5.49 -10.10
CA ASN A 276 -25.08 6.87 -9.86
C ASN A 276 -24.95 7.19 -8.38
N ASN A 277 -25.21 6.23 -7.50
CA ASN A 277 -25.05 6.47 -6.08
C ASN A 277 -24.47 5.25 -5.40
N VAL A 278 -23.42 4.66 -5.99
CA VAL A 278 -22.86 3.43 -5.40
C VAL A 278 -22.40 3.69 -3.99
N GLN A 279 -21.88 4.90 -3.72
CA GLN A 279 -21.38 5.21 -2.38
C GLN A 279 -22.50 5.22 -1.34
N ILE A 280 -23.72 5.57 -1.73
CA ILE A 280 -24.86 5.42 -0.83
C ILE A 280 -25.23 3.94 -0.73
N VAL A 281 -25.35 3.27 -1.89
CA VAL A 281 -25.64 1.85 -1.90
C VAL A 281 -24.63 1.10 -1.05
N ARG A 282 -23.36 1.43 -1.23
CA ARG A 282 -22.32 0.78 -0.43
C ARG A 282 -22.58 0.94 1.05
N GLN A 283 -22.99 2.15 1.49
CA GLN A 283 -23.22 2.40 2.90
C GLN A 283 -24.44 1.71 3.46
N GLN A 284 -25.41 1.35 2.62
CA GLN A 284 -26.60 0.67 3.07
C GLN A 284 -26.52 -0.83 2.91
N SER A 285 -25.33 -1.37 2.67
CA SER A 285 -25.19 -2.78 2.38
C SER A 285 -24.48 -3.51 3.52
N TYR A 286 -24.69 -4.81 3.56
CA TYR A 286 -24.08 -5.67 4.55
C TYR A 286 -23.22 -6.73 3.88
N SER A 287 -22.19 -7.16 4.60
CA SER A 287 -21.28 -8.21 4.18
C SER A 287 -21.26 -9.30 5.26
N ILE A 288 -21.76 -10.48 4.92
CA ILE A 288 -21.95 -11.55 5.89
C ILE A 288 -21.05 -12.72 5.52
N MET A 289 -20.11 -13.03 6.41
CA MET A 289 -19.26 -14.20 6.28
C MET A 289 -20.08 -15.48 6.30
N SER A 290 -19.70 -16.45 5.46
CA SER A 290 -20.45 -17.69 5.39
C SER A 290 -19.61 -18.92 5.69
N ILE A 291 -18.71 -19.34 4.78
CA ILE A 291 -18.00 -20.62 4.90
C ILE A 291 -16.62 -20.54 4.25
N ILE A 292 -15.74 -21.45 4.68
CA ILE A 292 -14.61 -21.84 3.83
C ILE A 292 -14.42 -23.35 3.80
N LYS A 293 -15.33 -24.04 3.12
CA LYS A 293 -15.15 -25.44 2.81
C LYS A 293 -14.40 -25.51 1.49
N GLU A 294 -13.91 -26.69 1.18
CA GLU A 294 -13.26 -27.00 -0.10
C GLU A 294 -12.13 -26.00 -0.31
N GLU A 295 -12.02 -25.40 -1.48
CA GLU A 295 -11.03 -24.41 -1.80
C GLU A 295 -11.68 -23.04 -2.01
N VAL A 296 -12.80 -22.81 -1.33
CA VAL A 296 -13.64 -21.64 -1.59
C VAL A 296 -13.86 -20.86 -0.30
N LEU A 297 -13.75 -19.55 -0.40
CA LEU A 297 -14.22 -18.62 0.61
C LEU A 297 -15.49 -17.98 0.09
N ALA A 298 -16.56 -18.07 0.87
CA ALA A 298 -17.85 -17.53 0.44
C ALA A 298 -18.41 -16.61 1.51
N TYR A 299 -18.86 -15.43 1.07
CA TYR A 299 -19.61 -14.55 1.95
C TYR A 299 -20.77 -13.97 1.17
N VAL A 300 -21.86 -13.65 1.88
CA VAL A 300 -23.06 -13.10 1.28
C VAL A 300 -22.98 -11.60 1.28
N VAL A 301 -23.38 -10.98 0.17
CA VAL A 301 -23.48 -9.53 0.07
C VAL A 301 -24.95 -9.16 0.01
N GLN A 302 -25.40 -8.34 0.97
CA GLN A 302 -26.79 -7.93 1.08
C GLN A 302 -26.92 -6.50 0.58
N LEU A 303 -27.60 -6.33 -0.57
CA LEU A 303 -27.73 -5.02 -1.19
C LEU A 303 -29.13 -4.45 -0.99
N PRO A 304 -29.25 -3.14 -0.81
CA PRO A 304 -30.59 -2.53 -0.75
C PRO A 304 -31.19 -2.46 -2.14
N LEU A 305 -32.47 -2.79 -2.26
CA LEU A 305 -33.19 -2.53 -3.49
C LEU A 305 -34.31 -1.54 -3.19
N TYR A 306 -34.37 -0.49 -3.99
CA TYR A 306 -35.24 0.66 -3.71
C TYR A 306 -36.56 0.48 -4.44
N GLY A 307 -37.57 -0.02 -3.73
CA GLY A 307 -38.83 -0.33 -4.39
C GLY A 307 -39.74 0.86 -4.65
N VAL A 308 -39.48 1.99 -3.99
CA VAL A 308 -40.25 3.22 -4.19
C VAL A 308 -39.29 4.33 -4.57
N ILE A 309 -39.45 4.87 -5.76
CA ILE A 309 -38.52 5.85 -6.33
C ILE A 309 -39.30 6.98 -6.99
N ASP A 310 -38.83 8.21 -6.79
CA ASP A 310 -39.30 9.41 -7.48
C ASP A 310 -40.70 9.83 -7.06
N THR A 311 -41.13 9.44 -5.88
CA THR A 311 -42.35 10.04 -5.41
C THR A 311 -42.04 11.32 -4.63
N PRO A 312 -42.95 12.28 -4.57
CA PRO A 312 -42.66 13.51 -3.82
C PRO A 312 -42.37 13.22 -2.35
N CYS A 313 -41.38 13.92 -1.82
CA CYS A 313 -40.99 13.81 -0.41
C CYS A 313 -40.83 15.20 0.17
N TRP A 314 -41.07 15.31 1.47
CA TRP A 314 -40.91 16.58 2.15
C TRP A 314 -40.44 16.36 3.57
N LYS A 315 -39.62 17.29 4.02
CA LYS A 315 -39.02 17.28 5.35
C LYS A 315 -39.70 18.33 6.21
N LEU A 316 -40.01 17.97 7.44
CA LEU A 316 -40.58 18.88 8.41
C LEU A 316 -39.52 19.23 9.46
N HIS A 317 -39.28 20.53 9.65
CA HIS A 317 -38.42 21.05 10.71
C HIS A 317 -39.30 21.69 11.76
N THR A 318 -39.04 21.40 13.04
CA THR A 318 -39.82 22.00 14.11
C THR A 318 -38.91 22.56 15.20
N SER A 319 -39.47 23.51 15.95
CA SER A 319 -38.75 24.23 16.99
C SER A 319 -39.75 24.61 18.07
N PRO A 320 -39.30 24.86 19.30
CA PRO A 320 -40.24 25.22 20.35
C PRO A 320 -40.90 26.56 20.09
N LEU A 321 -42.19 26.64 20.42
CA LEU A 321 -43.02 27.83 20.27
C LEU A 321 -43.48 28.24 21.66
N CYS A 322 -43.03 29.41 22.13
CA CYS A 322 -43.30 29.85 23.50
C CYS A 322 -43.90 31.24 23.52
N THR A 323 -44.56 31.54 24.63
CA THR A 323 -44.99 32.90 24.95
C THR A 323 -43.76 33.76 25.23
N THR A 324 -43.90 35.07 25.04
CA THR A 324 -42.72 35.90 24.96
C THR A 324 -42.56 36.86 26.14
N ASN A 325 -43.16 36.56 27.29
CA ASN A 325 -42.95 37.49 28.39
C ASN A 325 -41.56 37.25 28.98
N THR A 326 -40.99 38.31 29.52
CA THR A 326 -39.60 38.28 29.98
C THR A 326 -39.43 37.70 31.38
N LYS A 327 -40.47 37.73 32.21
CA LYS A 327 -40.38 37.23 33.58
C LYS A 327 -39.91 35.78 33.60
N GLU A 328 -38.96 35.48 34.48
CA GLU A 328 -38.15 34.26 34.38
C GLU A 328 -39.00 32.99 34.30
N GLY A 329 -39.90 32.78 35.25
CA GLY A 329 -40.82 31.67 35.18
C GLY A 329 -42.03 32.00 34.35
N SER A 330 -43.10 31.25 34.59
CA SER A 330 -44.44 31.54 34.06
C SER A 330 -44.48 31.58 32.54
N ASN A 331 -43.43 31.16 31.86
CA ASN A 331 -43.56 31.00 30.43
C ASN A 331 -44.01 29.57 30.14
N ILE A 332 -44.83 29.41 29.11
CA ILE A 332 -45.33 28.10 28.71
C ILE A 332 -44.97 27.88 27.24
N CYS A 333 -44.63 26.64 26.91
CA CYS A 333 -44.03 26.31 25.63
C CYS A 333 -44.74 25.11 25.01
N LEU A 334 -44.48 24.94 23.72
CA LEU A 334 -45.20 23.97 22.90
C LEU A 334 -44.33 23.65 21.70
N THR A 335 -44.18 22.36 21.39
CA THR A 335 -43.30 21.94 20.30
C THR A 335 -43.99 20.86 19.47
N ARG A 336 -43.97 21.03 18.15
CA ARG A 336 -44.43 19.95 17.28
C ARG A 336 -43.40 18.83 17.35
N THR A 337 -43.85 17.61 17.60
CA THR A 337 -42.92 16.51 17.76
C THR A 337 -42.81 15.62 16.54
N ASP A 338 -43.51 15.94 15.46
CA ASP A 338 -43.51 15.12 14.26
C ASP A 338 -42.44 15.55 13.26
N ARG A 339 -41.33 16.12 13.72
CA ARG A 339 -40.25 16.49 12.83
C ARG A 339 -39.66 15.24 12.20
N GLY A 340 -39.19 15.39 10.97
CA GLY A 340 -38.63 14.28 10.26
C GLY A 340 -39.00 14.33 8.79
N TRP A 341 -38.72 13.24 8.09
CA TRP A 341 -38.93 13.13 6.65
C TRP A 341 -40.23 12.43 6.34
N TYR A 342 -40.95 12.94 5.34
CA TYR A 342 -42.20 12.35 4.88
C TYR A 342 -42.07 12.01 3.40
N CYS A 343 -42.46 10.79 3.03
CA CYS A 343 -42.51 10.38 1.63
C CYS A 343 -43.77 9.56 1.42
N ASP A 344 -44.70 10.08 0.61
CA ASP A 344 -45.89 9.29 0.30
C ASP A 344 -45.53 8.14 -0.63
N ASN A 345 -45.99 6.93 -0.29
CA ASN A 345 -45.85 5.78 -1.15
C ASN A 345 -47.07 4.88 -1.02
N ALA A 346 -47.56 4.42 -2.18
CA ALA A 346 -48.68 3.48 -2.28
C ALA A 346 -49.91 3.96 -1.53
N GLY A 347 -50.34 5.19 -1.83
CA GLY A 347 -51.56 5.71 -1.26
C GLY A 347 -51.46 6.15 0.18
N SER A 348 -50.33 5.96 0.83
CA SER A 348 -50.11 6.36 2.21
C SER A 348 -48.92 7.30 2.25
N VAL A 349 -48.54 7.74 3.45
CA VAL A 349 -47.37 8.56 3.67
C VAL A 349 -46.44 7.83 4.64
N SER A 350 -45.19 7.59 4.22
CA SER A 350 -44.18 6.98 5.09
C SER A 350 -43.39 8.06 5.82
N PHE A 351 -43.37 7.97 7.14
CA PHE A 351 -42.80 8.98 8.02
C PHE A 351 -41.54 8.40 8.66
N PHE A 352 -40.44 9.14 8.58
CA PHE A 352 -39.16 8.73 9.15
C PHE A 352 -38.79 9.71 10.26
N PRO A 353 -38.94 9.35 11.53
CA PRO A 353 -38.79 10.35 12.60
C PRO A 353 -37.35 10.79 12.82
N GLN A 354 -36.36 9.96 12.53
CA GLN A 354 -34.97 10.34 12.75
C GLN A 354 -34.42 10.81 11.40
N ALA A 355 -34.52 12.12 11.15
CA ALA A 355 -34.04 12.65 9.87
C ALA A 355 -32.52 12.63 9.75
N GLU A 356 -31.80 12.35 10.85
CA GLU A 356 -30.35 12.19 10.77
C GLU A 356 -30.00 10.93 10.00
N THR A 357 -30.79 9.87 10.18
CA THR A 357 -30.55 8.56 9.59
C THR A 357 -30.80 8.54 8.09
N CYS A 358 -31.56 9.50 7.57
CA CYS A 358 -31.80 9.58 6.13
C CYS A 358 -30.63 10.31 5.49
N LYS A 359 -30.23 9.85 4.32
CA LYS A 359 -29.08 10.43 3.62
C LYS A 359 -29.59 11.13 2.37
N VAL A 360 -29.13 12.36 2.14
CA VAL A 360 -29.60 13.17 1.02
C VAL A 360 -28.45 13.49 0.09
N GLN A 361 -28.65 13.23 -1.19
CA GLN A 361 -27.72 13.64 -2.23
C GLN A 361 -28.52 14.40 -3.28
N SER A 362 -28.11 15.64 -3.55
CA SER A 362 -28.79 16.57 -4.47
C SER A 362 -30.22 16.78 -3.96
N ASN A 363 -31.26 16.46 -4.72
CA ASN A 363 -32.63 16.58 -4.23
C ASN A 363 -33.31 15.21 -4.11
N ARG A 364 -32.53 14.16 -3.86
CA ARG A 364 -33.09 12.82 -3.76
C ARG A 364 -32.78 12.29 -2.37
N VAL A 365 -33.77 11.63 -1.76
CA VAL A 365 -33.67 11.20 -0.37
C VAL A 365 -33.67 9.67 -0.30
N PHE A 366 -32.62 9.13 0.33
CA PHE A 366 -32.49 7.70 0.58
C PHE A 366 -32.85 7.44 2.03
N CYS A 367 -34.02 6.86 2.25
CA CYS A 367 -34.41 6.45 3.59
C CYS A 367 -34.62 4.94 3.58
N ASP A 368 -34.94 4.40 4.75
CA ASP A 368 -35.11 2.97 4.95
C ASP A 368 -36.44 2.75 5.66
N THR A 369 -37.36 2.04 5.02
CA THR A 369 -38.67 1.83 5.61
C THR A 369 -38.60 1.02 6.89
N MET A 370 -37.45 0.44 7.21
CA MET A 370 -37.27 -0.15 8.51
C MET A 370 -37.40 0.90 9.61
N ASN A 371 -37.02 2.15 9.31
CA ASN A 371 -37.09 3.27 10.25
C ASN A 371 -38.29 4.17 9.99
N SER A 372 -39.38 3.63 9.48
CA SER A 372 -40.53 4.45 9.12
C SER A 372 -41.78 3.99 9.85
N LEU A 373 -42.77 4.87 9.86
CA LEU A 373 -44.15 4.56 10.16
C LEU A 373 -44.96 4.79 8.89
N THR A 374 -46.03 4.01 8.73
CA THR A 374 -46.91 4.10 7.57
C THR A 374 -48.20 4.82 7.97
N LEU A 375 -48.39 6.04 7.47
CA LEU A 375 -49.43 6.95 7.94
C LEU A 375 -50.45 7.34 6.87
N PRO A 376 -51.65 7.74 7.29
CA PRO A 376 -52.65 8.24 6.32
C PRO A 376 -52.19 9.55 5.71
N SER A 377 -52.68 9.81 4.49
CA SER A 377 -52.27 11.02 3.78
C SER A 377 -52.65 12.28 4.54
N GLU A 378 -53.64 12.20 5.44
CA GLU A 378 -54.14 13.36 6.17
C GLU A 378 -53.10 14.00 7.08
N VAL A 379 -51.90 13.41 7.22
CA VAL A 379 -50.88 14.02 8.06
C VAL A 379 -50.54 15.41 7.53
N ASN A 380 -50.68 15.62 6.21
CA ASN A 380 -50.27 16.87 5.59
C ASN A 380 -51.04 18.05 6.18
N LEU A 381 -52.25 17.80 6.66
CA LEU A 381 -53.11 18.86 7.18
C LEU A 381 -52.51 19.54 8.42
N CYS A 382 -51.62 18.87 9.15
CA CYS A 382 -50.98 19.48 10.31
C CYS A 382 -50.14 20.70 9.95
N ASN A 383 -49.64 20.78 8.72
CA ASN A 383 -48.78 21.90 8.39
C ASN A 383 -49.60 23.16 8.13
N VAL A 384 -50.78 23.01 7.54
CA VAL A 384 -51.56 24.16 7.13
C VAL A 384 -52.53 24.59 8.23
N ASP A 385 -53.17 23.65 8.91
CA ASP A 385 -54.11 23.97 10.00
C ASP A 385 -53.94 22.91 11.08
N ILE A 386 -53.24 23.29 12.15
CA ILE A 386 -52.91 22.32 13.17
C ILE A 386 -54.16 21.81 13.91
N PHE A 387 -55.25 22.58 13.93
CA PHE A 387 -56.44 22.24 14.69
C PHE A 387 -57.49 21.49 13.87
N ASN A 388 -57.17 21.12 12.63
CA ASN A 388 -58.13 20.44 11.79
C ASN A 388 -58.65 19.17 12.47
N PRO A 389 -59.88 18.75 12.15
CA PRO A 389 -60.46 17.58 12.81
C PRO A 389 -60.02 16.23 12.25
N LYS A 390 -59.42 16.20 11.05
CA LYS A 390 -59.20 14.95 10.33
C LYS A 390 -57.95 14.23 10.80
N TYR A 391 -56.99 14.94 11.39
CA TYR A 391 -55.77 14.33 11.92
C TYR A 391 -55.38 15.06 13.20
N ASP A 392 -55.06 14.29 14.25
CA ASP A 392 -54.70 14.83 15.55
C ASP A 392 -53.20 15.01 15.60
N CYS A 393 -52.75 16.26 15.46
CA CYS A 393 -51.33 16.56 15.34
C CYS A 393 -50.61 16.42 16.68
N LYS A 394 -49.39 15.91 16.63
CA LYS A 394 -48.62 15.55 17.82
C LYS A 394 -47.84 16.77 18.31
N ILE A 395 -47.92 17.04 19.61
CA ILE A 395 -47.26 18.20 20.21
C ILE A 395 -46.68 17.79 21.55
N MET A 396 -45.76 18.62 22.04
CA MET A 396 -45.17 18.47 23.36
C MET A 396 -45.29 19.80 24.09
N THR A 397 -45.41 19.74 25.42
CA THR A 397 -45.58 20.95 26.23
C THR A 397 -44.57 20.98 27.37
N SER A 398 -44.16 22.19 27.75
CA SER A 398 -43.17 22.41 28.79
C SER A 398 -43.26 23.84 29.31
N LYS A 399 -42.48 24.12 30.36
CA LYS A 399 -42.25 25.48 30.81
C LYS A 399 -40.79 25.87 30.66
N THR A 400 -39.99 25.05 29.98
CA THR A 400 -38.57 25.31 29.81
C THR A 400 -38.37 26.16 28.57
N ASP A 401 -38.28 27.48 28.76
CA ASP A 401 -38.21 28.45 27.67
C ASP A 401 -36.75 28.72 27.31
N VAL A 402 -36.10 27.71 26.66
CA VAL A 402 -34.69 27.79 26.29
C VAL A 402 -34.59 28.22 24.83
N SER A 403 -33.53 28.96 24.54
CA SER A 403 -33.31 29.47 23.20
C SER A 403 -32.44 28.50 22.40
N SER A 404 -32.73 28.43 21.10
CA SER A 404 -32.09 27.47 20.21
C SER A 404 -32.43 27.88 18.78
N SER A 405 -31.81 27.18 17.83
CA SER A 405 -32.14 27.39 16.43
C SER A 405 -32.07 26.08 15.66
N VAL A 406 -32.92 25.98 14.65
CA VAL A 406 -32.99 24.83 13.77
C VAL A 406 -32.71 25.30 12.36
N ILE A 407 -31.61 24.82 11.78
CA ILE A 407 -31.28 25.20 10.41
C ILE A 407 -32.07 24.31 9.46
N THR A 408 -32.86 24.93 8.59
CA THR A 408 -33.68 24.20 7.66
C THR A 408 -32.97 24.09 6.32
N SER A 409 -33.66 23.53 5.33
CA SER A 409 -33.07 23.35 4.01
C SER A 409 -32.64 24.69 3.42
N LEU A 410 -33.52 25.69 3.50
CA LEU A 410 -33.32 26.96 2.80
C LEU A 410 -33.26 28.15 3.75
N GLY A 411 -33.08 27.92 5.05
CA GLY A 411 -33.03 29.01 6.00
C GLY A 411 -32.80 28.55 7.42
N ALA A 412 -33.40 29.23 8.40
CA ALA A 412 -33.20 28.90 9.80
C ALA A 412 -34.42 29.35 10.61
N ILE A 413 -34.93 28.46 11.46
CA ILE A 413 -35.90 28.82 12.49
C ILE A 413 -35.16 29.24 13.75
N VAL A 414 -35.54 30.37 14.33
CA VAL A 414 -34.92 30.87 15.55
C VAL A 414 -35.99 31.02 16.61
N SER A 415 -35.90 30.18 17.64
CA SER A 415 -36.76 30.26 18.82
C SER A 415 -35.94 30.95 19.89
N CYS A 416 -36.21 32.24 20.10
CA CYS A 416 -35.40 33.11 20.94
C CYS A 416 -36.22 33.51 22.15
N TYR A 417 -35.81 33.07 23.33
CA TYR A 417 -36.61 33.32 24.52
C TYR A 417 -35.73 33.76 25.68
N GLY A 418 -36.36 34.37 26.67
CA GLY A 418 -35.62 34.86 27.83
C GLY A 418 -34.83 36.12 27.49
N LYS A 419 -33.58 36.12 27.93
CA LYS A 419 -32.65 37.22 27.73
C LYS A 419 -31.58 36.89 26.69
N THR A 420 -31.85 35.94 25.80
CA THR A 420 -30.83 35.47 24.87
C THR A 420 -30.58 36.52 23.78
N LYS A 421 -29.32 36.68 23.40
CA LYS A 421 -28.96 37.51 22.26
C LYS A 421 -29.06 36.68 20.99
N CYS A 422 -29.96 37.08 20.07
CA CYS A 422 -30.22 36.34 18.84
C CYS A 422 -30.08 37.26 17.64
N THR A 423 -29.23 36.87 16.69
CA THR A 423 -28.82 37.71 15.58
C THR A 423 -28.66 36.85 14.33
N ALA A 424 -28.83 37.48 13.18
CA ALA A 424 -28.51 36.86 11.90
C ALA A 424 -27.49 37.74 11.22
N SER A 425 -26.47 37.10 10.67
CA SER A 425 -25.33 37.84 10.14
C SER A 425 -25.03 37.46 8.70
N ASN A 426 -24.45 38.42 8.01
CA ASN A 426 -24.00 38.27 6.64
C ASN A 426 -22.48 38.29 6.63
N LYS A 427 -21.88 37.55 5.69
CA LYS A 427 -20.44 37.42 5.65
C LYS A 427 -19.74 38.76 5.41
N ASN A 428 -20.41 39.69 4.73
CA ASN A 428 -19.85 40.97 4.36
C ASN A 428 -20.32 42.12 5.24
N ARG A 429 -21.61 42.13 5.57
CA ARG A 429 -22.26 43.25 6.22
C ARG A 429 -22.18 43.22 7.75
N GLY A 430 -21.80 42.08 8.32
CA GLY A 430 -21.88 41.91 9.76
C GLY A 430 -23.28 41.50 10.19
N ILE A 431 -23.64 41.87 11.42
CA ILE A 431 -24.97 41.55 11.93
C ILE A 431 -25.99 42.37 11.16
N ILE A 432 -27.02 41.70 10.67
CA ILE A 432 -28.04 42.36 9.86
C ILE A 432 -29.45 42.18 10.40
N LYS A 433 -29.66 41.34 11.40
CA LYS A 433 -30.98 41.26 12.02
C LYS A 433 -30.81 40.86 13.48
N THR A 434 -31.54 41.54 14.35
CA THR A 434 -31.67 41.13 15.75
C THR A 434 -33.11 40.70 15.98
N PHE A 435 -33.29 39.50 16.53
CA PHE A 435 -34.60 38.90 16.71
C PHE A 435 -35.29 39.40 17.97
N SER A 436 -36.62 39.51 17.89
CA SER A 436 -37.42 39.71 19.07
C SER A 436 -37.59 38.36 19.77
N ASN A 437 -38.17 38.38 20.96
CA ASN A 437 -38.48 37.11 21.61
C ASN A 437 -39.62 36.43 20.85
N GLY A 438 -39.50 35.13 20.66
CA GLY A 438 -40.49 34.33 19.96
C GLY A 438 -39.88 33.52 18.83
N CYS A 439 -40.73 32.78 18.16
CA CYS A 439 -40.30 31.90 17.07
C CYS A 439 -40.48 32.63 15.73
N ASP A 440 -39.36 32.81 15.03
CA ASP A 440 -39.26 33.53 13.76
C ASP A 440 -38.43 32.70 12.79
N TYR A 441 -38.22 33.22 11.58
CA TYR A 441 -37.55 32.52 10.50
C TYR A 441 -36.82 33.52 9.62
N VAL A 442 -35.74 33.06 8.98
CA VAL A 442 -34.95 33.88 8.07
C VAL A 442 -34.53 33.01 6.89
N SER A 443 -34.56 33.59 5.71
CA SER A 443 -34.19 32.88 4.49
C SER A 443 -32.67 32.85 4.31
N ASN A 444 -32.21 31.83 3.59
CA ASN A 444 -30.78 31.74 3.30
C ASN A 444 -30.33 32.67 2.21
N LYS A 445 -31.21 33.52 1.68
CA LYS A 445 -30.83 34.43 0.59
C LYS A 445 -29.82 35.48 1.08
N GLY A 446 -30.24 36.32 2.00
CA GLY A 446 -29.29 37.32 2.45
C GLY A 446 -28.46 36.92 3.63
N VAL A 447 -28.71 35.76 4.21
CA VAL A 447 -28.12 35.38 5.49
C VAL A 447 -27.15 34.24 5.29
N ASP A 448 -25.98 34.35 5.93
CA ASP A 448 -24.97 33.31 5.93
C ASP A 448 -24.82 32.60 7.27
N THR A 449 -24.91 33.31 8.39
CA THR A 449 -24.85 32.68 9.70
C THR A 449 -25.98 33.19 10.57
N VAL A 450 -26.29 32.44 11.62
CA VAL A 450 -27.25 32.84 12.64
C VAL A 450 -26.64 32.51 13.98
N SER A 451 -26.69 33.46 14.91
CA SER A 451 -26.01 33.32 16.19
C SER A 451 -27.06 33.42 17.29
N VAL A 452 -27.23 32.35 18.06
CA VAL A 452 -28.21 32.28 19.16
C VAL A 452 -27.47 32.00 20.45
N GLY A 453 -27.41 32.98 21.34
CA GLY A 453 -26.58 32.83 22.52
C GLY A 453 -25.13 32.77 22.09
N ASN A 454 -24.42 31.73 22.55
CA ASN A 454 -23.02 31.53 22.24
C ASN A 454 -22.81 30.50 21.14
N THR A 455 -23.88 30.17 20.43
CA THR A 455 -23.87 29.17 19.36
C THR A 455 -23.97 29.85 18.00
N LEU A 456 -23.01 29.58 17.13
CA LEU A 456 -22.98 30.14 15.79
C LEU A 456 -23.33 29.05 14.79
N TYR A 457 -24.46 29.20 14.10
CA TYR A 457 -24.89 28.24 13.09
C TYR A 457 -24.64 28.81 11.71
N TYR A 458 -23.98 28.04 10.84
CA TYR A 458 -23.92 28.41 9.43
C TYR A 458 -25.15 27.85 8.73
N VAL A 459 -25.65 28.59 7.78
CA VAL A 459 -26.89 28.25 7.10
C VAL A 459 -26.59 27.45 5.84
N ASN A 460 -27.51 26.56 5.47
CA ASN A 460 -27.42 25.89 4.19
C ASN A 460 -27.52 26.89 3.05
N LYS A 461 -26.66 26.70 2.04
CA LYS A 461 -26.65 27.58 0.89
C LYS A 461 -27.20 26.92 -0.35
N GLN A 462 -27.97 25.84 -0.17
CA GLN A 462 -28.67 25.25 -1.30
C GLN A 462 -29.62 26.29 -1.88
N GLU A 463 -29.67 26.35 -3.21
CA GLU A 463 -30.49 27.36 -3.87
C GLU A 463 -31.96 26.94 -3.93
N GLY A 464 -32.83 27.93 -3.75
CA GLY A 464 -34.27 27.69 -3.75
C GLY A 464 -34.98 28.83 -3.06
N LYS A 465 -36.23 29.06 -3.43
CA LYS A 465 -37.01 30.15 -2.85
C LYS A 465 -37.82 29.65 -1.67
N SER A 466 -37.81 30.42 -0.58
CA SER A 466 -38.59 30.15 0.61
C SER A 466 -39.62 31.25 0.81
N LEU A 467 -40.75 30.89 1.41
CA LEU A 467 -41.87 31.82 1.58
C LEU A 467 -42.42 31.72 3.00
N TYR A 468 -42.63 32.88 3.60
CA TYR A 468 -42.99 33.01 5.00
C TYR A 468 -44.51 33.10 5.12
N VAL A 469 -45.12 32.13 5.79
CA VAL A 469 -46.56 32.13 6.00
C VAL A 469 -46.83 32.75 7.37
N LYS A 470 -47.19 34.02 7.39
CA LYS A 470 -47.49 34.70 8.64
C LYS A 470 -48.73 34.11 9.30
N GLY A 471 -48.74 34.18 10.63
CA GLY A 471 -49.84 33.64 11.40
C GLY A 471 -49.62 33.93 12.87
N GLU A 472 -50.72 33.91 13.61
CA GLU A 472 -50.62 34.18 15.04
C GLU A 472 -50.09 32.93 15.74
N PRO A 473 -49.04 33.06 16.56
CA PRO A 473 -48.49 31.89 17.26
C PRO A 473 -49.56 31.12 18.02
N ILE A 474 -49.54 29.80 17.86
CA ILE A 474 -50.59 28.93 18.42
C ILE A 474 -50.60 28.98 19.93
N ILE A 475 -49.45 29.24 20.57
CA ILE A 475 -49.36 29.16 22.02
C ILE A 475 -50.17 30.26 22.68
N ASN A 476 -50.50 31.32 21.96
CA ASN A 476 -51.28 32.42 22.54
C ASN A 476 -52.71 32.03 22.86
N PHE A 477 -53.22 30.94 22.28
CA PHE A 477 -54.58 30.51 22.54
C PHE A 477 -54.71 29.68 23.82
N TYR A 478 -53.65 29.55 24.60
CA TYR A 478 -53.71 28.82 25.86
C TYR A 478 -53.43 29.77 27.01
N ASP A 479 -54.21 29.64 28.11
CA ASP A 479 -53.87 30.45 29.28
C ASP A 479 -53.08 29.64 30.30
N PRO A 480 -52.04 30.25 30.88
CA PRO A 480 -51.12 29.50 31.75
C PRO A 480 -51.75 28.92 33.01
N LEU A 481 -53.00 29.21 33.32
CA LEU A 481 -53.57 28.77 34.59
C LEU A 481 -54.06 27.32 34.53
N VAL A 482 -54.47 26.83 33.36
CA VAL A 482 -54.97 25.47 33.17
C VAL A 482 -54.09 24.68 32.21
N PHE A 483 -52.95 25.22 31.81
CA PHE A 483 -52.11 24.59 30.80
C PHE A 483 -51.33 23.42 31.38
N PRO A 484 -51.44 22.20 30.81
CA PRO A 484 -50.67 21.03 31.28
C PRO A 484 -49.22 21.06 30.82
N SER A 485 -48.30 21.24 31.77
CA SER A 485 -46.94 21.65 31.45
C SER A 485 -45.94 20.49 31.37
N ASP A 486 -46.39 19.22 31.41
CA ASP A 486 -45.48 18.05 31.26
C ASP A 486 -46.16 17.00 30.37
N GLU A 487 -46.07 17.19 29.06
CA GLU A 487 -46.66 16.22 28.12
C GLU A 487 -45.68 15.98 26.98
N PHE A 488 -45.12 14.77 26.89
CA PHE A 488 -44.07 14.52 25.91
C PHE A 488 -44.61 14.04 24.57
N ASP A 489 -45.76 13.36 24.53
CA ASP A 489 -46.24 12.89 23.24
C ASP A 489 -47.74 13.16 23.06
N ALA A 490 -48.22 14.24 23.63
CA ALA A 490 -49.65 14.55 23.56
C ALA A 490 -50.03 15.05 22.16
N SER A 491 -51.32 15.29 21.99
CA SER A 491 -51.89 15.71 20.73
C SER A 491 -52.77 16.94 20.96
N ILE A 492 -53.22 17.51 19.85
CA ILE A 492 -54.15 18.64 19.91
C ILE A 492 -55.38 18.27 20.73
N SER A 493 -55.98 17.11 20.45
CA SER A 493 -57.15 16.70 21.20
C SER A 493 -56.78 16.26 22.62
N GLN A 494 -55.61 15.64 22.80
CA GLN A 494 -55.24 15.17 24.13
C GLN A 494 -55.01 16.32 25.10
N VAL A 495 -54.46 17.43 24.62
CA VAL A 495 -54.30 18.60 25.47
C VAL A 495 -55.67 19.17 25.84
N ASN A 496 -56.58 19.23 24.87
CA ASN A 496 -57.94 19.68 25.14
C ASN A 496 -58.62 18.80 26.18
N GLU A 497 -58.34 17.48 26.15
CA GLU A 497 -58.96 16.58 27.12
C GLU A 497 -58.47 16.88 28.53
N LYS A 498 -57.17 17.16 28.67
CA LYS A 498 -56.62 17.48 29.98
C LYS A 498 -57.00 18.88 30.42
N ILE A 499 -57.22 19.81 29.47
CA ILE A 499 -57.72 21.14 29.83
C ILE A 499 -59.15 21.07 30.33
N ASN A 500 -60.03 20.34 29.62
CA ASN A 500 -61.44 20.28 30.05
C ASN A 500 -61.57 19.52 31.38
N GLN A 501 -60.79 18.45 31.56
CA GLN A 501 -60.80 17.75 32.85
C GLN A 501 -60.26 18.67 33.95
N SER A 502 -59.25 19.48 33.62
CA SER A 502 -58.69 20.40 34.60
C SER A 502 -59.51 21.68 34.75
N LEU A 503 -60.18 22.13 33.67
CA LEU A 503 -60.99 23.34 33.76
C LEU A 503 -62.33 23.09 34.45
N ALA A 504 -62.91 21.90 34.30
CA ALA A 504 -64.15 21.60 35.00
C ALA A 504 -63.92 21.25 36.47
N PHE A 505 -62.92 20.40 36.73
CA PHE A 505 -62.67 19.91 38.09
C PHE A 505 -62.31 21.03 39.05
N ILE A 506 -61.56 22.03 38.58
CA ILE A 506 -61.22 23.17 39.43
C ILE A 506 -62.39 24.13 39.53
N ARG A 507 -63.10 24.37 38.42
CA ARG A 507 -64.23 25.29 38.43
C ARG A 507 -65.40 24.73 39.23
N LYS A 508 -65.63 23.42 39.14
CA LYS A 508 -66.78 22.78 39.78
C LYS A 508 -66.69 22.84 41.31
N SER A 509 -65.47 22.80 41.86
CA SER A 509 -65.30 22.84 43.31
C SER A 509 -65.73 24.18 43.90
N ASP A 510 -65.53 25.28 43.17
CA ASP A 510 -65.89 26.60 43.67
C ASP A 510 -67.41 26.76 43.69
N ASN B 27 -32.20 -26.70 21.71
CA ASN B 27 -31.47 -25.48 22.06
C ASN B 27 -32.36 -24.33 22.50
N ILE B 28 -32.55 -23.32 21.64
CA ILE B 28 -33.27 -22.12 22.04
C ILE B 28 -34.77 -22.26 21.76
N THR B 29 -35.56 -21.63 22.63
CA THR B 29 -37.01 -21.62 22.55
C THR B 29 -37.51 -20.20 22.77
N GLU B 30 -38.79 -19.98 22.49
CA GLU B 30 -39.38 -18.65 22.62
C GLU B 30 -40.84 -18.82 23.03
N GLU B 31 -41.27 -18.01 24.01
CA GLU B 31 -42.58 -18.06 24.63
C GLU B 31 -43.22 -16.70 24.31
N PHE B 32 -44.39 -16.67 23.63
CA PHE B 32 -45.09 -15.43 23.31
C PHE B 32 -46.31 -15.29 24.21
N TYR B 33 -46.41 -14.17 24.93
CA TYR B 33 -47.49 -13.93 25.88
C TYR B 33 -48.51 -12.99 25.24
N GLN B 34 -49.64 -13.54 24.81
CA GLN B 34 -50.67 -12.71 24.17
C GLN B 34 -51.25 -11.68 25.13
N SER B 35 -51.29 -12.01 26.43
CA SER B 35 -51.95 -11.13 27.39
C SER B 35 -51.25 -9.79 27.53
N THR B 36 -49.92 -9.77 27.46
CA THR B 36 -49.15 -8.54 27.64
C THR B 36 -48.30 -8.18 26.43
N CYS B 37 -48.52 -8.83 25.29
CA CYS B 37 -47.86 -8.47 24.03
C CYS B 37 -46.35 -8.34 24.20
N SER B 38 -45.73 -9.48 24.51
CA SER B 38 -44.30 -9.57 24.69
C SER B 38 -43.89 -11.01 24.44
N ALA B 39 -42.59 -11.22 24.25
CA ALA B 39 -42.06 -12.54 23.95
C ALA B 39 -40.68 -12.68 24.60
N VAL B 40 -40.35 -13.89 25.02
CA VAL B 40 -39.11 -14.17 25.71
C VAL B 40 -38.36 -15.25 24.94
N SER B 41 -37.07 -15.02 24.68
CA SER B 41 -36.24 -16.00 23.99
C SER B 41 -35.31 -16.63 25.02
N LYS B 42 -35.35 -17.96 25.16
CA LYS B 42 -34.87 -18.56 26.40
C LYS B 42 -33.62 -19.45 26.30
N GLY B 43 -33.28 -20.00 25.15
CA GLY B 43 -32.23 -21.03 25.14
C GLY B 43 -30.81 -20.58 25.52
N TYR B 44 -30.53 -19.28 25.63
CA TYR B 44 -29.17 -18.77 25.52
C TYR B 44 -28.32 -19.04 26.77
N LEU B 45 -27.00 -18.84 26.60
CA LEU B 45 -26.02 -18.92 27.67
C LEU B 45 -25.16 -17.68 27.71
N SER B 46 -24.80 -17.26 28.93
CA SER B 46 -24.13 -15.99 29.17
C SER B 46 -22.64 -16.06 28.92
N ALA B 47 -22.06 -14.88 28.66
CA ALA B 47 -20.62 -14.61 28.72
C ALA B 47 -20.47 -13.14 29.11
N LEU B 48 -20.55 -12.87 30.42
CA LEU B 48 -20.60 -11.50 30.91
C LEU B 48 -19.19 -11.00 31.12
N ARG B 49 -18.88 -9.82 30.57
CA ARG B 49 -17.64 -9.16 30.96
C ARG B 49 -17.77 -8.64 32.38
N THR B 50 -16.89 -9.09 33.25
CA THR B 50 -16.96 -8.79 34.68
C THR B 50 -15.92 -7.78 35.12
N GLY B 51 -14.73 -7.85 34.54
CA GLY B 51 -13.63 -6.94 34.82
C GLY B 51 -12.66 -6.92 33.67
N TRP B 52 -11.47 -6.38 33.94
CA TRP B 52 -10.48 -6.11 32.91
C TRP B 52 -9.17 -6.78 33.27
N TYR B 53 -8.41 -7.13 32.23
CA TYR B 53 -7.04 -7.59 32.38
C TYR B 53 -6.15 -6.69 31.54
N THR B 54 -5.13 -6.10 32.14
CA THR B 54 -4.29 -5.12 31.46
C THR B 54 -2.91 -5.68 31.24
N SER B 55 -2.46 -5.63 29.99
CA SER B 55 -1.12 -6.02 29.60
C SER B 55 -0.44 -4.83 28.92
N VAL B 56 0.89 -4.81 28.99
CA VAL B 56 1.70 -3.79 28.32
C VAL B 56 2.37 -4.42 27.11
N ILE B 57 2.09 -3.88 25.93
CA ILE B 57 2.72 -4.33 24.70
C ILE B 57 3.80 -3.32 24.34
N THR B 58 5.02 -3.81 24.09
CA THR B 58 6.14 -2.92 23.80
C THR B 58 6.70 -3.24 22.41
N ILE B 59 7.07 -2.18 21.71
CA ILE B 59 7.74 -2.27 20.43
C ILE B 59 9.06 -1.51 20.52
N GLU B 60 10.15 -2.21 20.20
CA GLU B 60 11.49 -1.64 20.30
C GLU B 60 11.78 -0.82 19.04
N LEU B 61 12.15 0.44 19.22
CA LEU B 61 12.36 1.35 18.10
C LEU B 61 13.73 1.98 18.21
N SER B 62 14.30 2.34 17.06
CA SER B 62 15.53 3.12 17.04
C SER B 62 15.16 4.52 16.55
N ASN B 63 15.74 5.54 17.19
CA ASN B 63 15.54 6.92 16.76
C ASN B 63 16.57 7.26 15.69
N ILE B 64 16.08 7.62 14.51
CA ILE B 64 16.92 7.82 13.34
C ILE B 64 17.24 9.30 13.19
N LYS B 65 18.51 9.61 12.96
CA LYS B 65 18.90 10.97 12.67
C LYS B 65 18.70 11.26 11.18
N GLU B 66 18.71 12.54 10.85
CA GLU B 66 18.39 12.93 9.47
C GLU B 66 19.45 12.40 8.54
N ASN B 67 19.04 11.56 7.60
CA ASN B 67 19.99 11.01 6.65
C ASN B 67 20.43 12.07 5.66
N LYS B 68 21.74 12.18 5.46
CA LYS B 68 22.29 13.23 4.62
C LYS B 68 22.55 12.65 3.24
N CYS B 69 21.53 11.93 2.82
CA CYS B 69 21.55 11.12 1.61
C CYS B 69 20.83 11.84 0.47
N ASN B 70 21.60 12.44 -0.42
CA ASN B 70 21.04 13.02 -1.63
C ASN B 70 21.23 12.05 -2.79
N GLY B 71 20.29 12.10 -3.72
CA GLY B 71 20.38 11.29 -4.92
C GLY B 71 19.11 11.34 -5.73
N THR B 72 19.23 11.21 -7.05
CA THR B 72 18.05 11.24 -7.93
C THR B 72 17.92 9.90 -8.63
N ASP B 73 18.59 8.88 -8.12
CA ASP B 73 18.39 7.50 -8.54
C ASP B 73 17.05 7.02 -8.01
N ALA B 74 16.28 6.33 -8.86
CA ALA B 74 14.97 5.84 -8.44
C ALA B 74 15.11 4.88 -7.26
N LYS B 75 16.22 4.11 -7.23
CA LYS B 75 16.51 3.18 -6.14
C LYS B 75 16.76 3.89 -4.83
N VAL B 76 17.61 4.91 -4.84
CA VAL B 76 17.92 5.67 -3.64
C VAL B 76 16.68 6.40 -3.12
N LYS B 77 15.92 7.02 -4.04
CA LYS B 77 14.74 7.76 -3.62
C LYS B 77 13.79 6.87 -2.85
N LEU B 78 13.83 5.55 -3.12
CA LEU B 78 12.88 4.65 -2.46
C LEU B 78 13.23 4.44 -1.00
N ILE B 79 14.50 4.22 -0.67
CA ILE B 79 14.85 4.10 0.75
C ILE B 79 14.68 5.45 1.46
N LYS B 80 15.04 6.55 0.79
CA LYS B 80 14.87 7.85 1.41
C LYS B 80 13.41 8.14 1.75
N GLN B 81 12.48 7.76 0.85
CA GLN B 81 11.07 7.93 1.16
C GLN B 81 10.68 7.04 2.33
N GLU B 82 11.25 5.84 2.41
CA GLU B 82 10.87 4.91 3.47
C GLU B 82 11.44 5.35 4.81
N LEU B 83 12.70 5.78 4.83
CA LEU B 83 13.26 6.30 6.06
C LEU B 83 12.46 7.48 6.55
N ASP B 84 12.04 8.34 5.62
CA ASP B 84 11.26 9.51 6.00
C ASP B 84 9.88 9.09 6.50
N LYS B 85 9.27 8.08 5.87
CA LYS B 85 7.99 7.59 6.37
C LYS B 85 8.10 7.04 7.78
N TYR B 86 9.18 6.30 8.05
CA TYR B 86 9.42 5.78 9.39
C TYR B 86 9.65 6.90 10.39
N LYS B 87 10.51 7.87 10.04
CA LYS B 87 10.85 8.92 10.98
C LYS B 87 9.64 9.76 11.34
N ASN B 88 8.75 10.00 10.38
CA ASN B 88 7.56 10.77 10.67
C ASN B 88 6.64 10.02 11.64
N ALA B 89 6.54 8.70 11.48
CA ALA B 89 5.71 7.93 12.41
C ALA B 89 6.21 8.10 13.84
N VAL B 90 7.52 8.05 14.04
CA VAL B 90 8.06 8.27 15.38
C VAL B 90 7.67 9.65 15.87
N THR B 91 7.85 10.67 15.02
CA THR B 91 7.46 12.03 15.40
C THR B 91 5.96 12.16 15.59
N GLU B 92 5.16 11.46 14.77
CA GLU B 92 3.72 11.50 14.99
C GLU B 92 3.37 10.94 16.36
N LEU B 93 4.04 9.86 16.76
CA LEU B 93 3.78 9.29 18.07
C LEU B 93 4.29 10.18 19.19
N GLN B 94 5.37 10.93 18.94
CA GLN B 94 5.89 11.81 19.97
C GLN B 94 4.90 12.92 20.31
N LEU B 95 4.29 13.53 19.28
CA LEU B 95 3.25 14.54 19.48
C LEU B 95 2.10 13.98 20.30
N LEU B 96 1.85 12.69 20.17
CA LEU B 96 0.69 12.06 20.79
C LEU B 96 0.80 11.98 22.30
N MET B 97 2.01 12.07 22.86
CA MET B 97 2.15 12.03 24.32
C MET B 97 1.38 13.17 24.99
N GLN B 98 1.31 14.32 24.34
CA GLN B 98 0.69 15.52 24.91
C GLN B 98 -0.59 15.91 24.15
N PHE B 137 -35.40 1.25 26.15
CA PHE B 137 -36.19 2.32 26.75
C PHE B 137 -35.53 2.83 28.02
N LEU B 138 -35.20 1.90 28.91
CA LEU B 138 -34.75 2.21 30.26
C LEU B 138 -33.23 2.36 30.37
N GLY B 139 -32.60 2.91 29.33
CA GLY B 139 -31.16 3.12 29.40
C GLY B 139 -30.74 4.13 30.44
N PHE B 140 -31.56 5.16 30.67
CA PHE B 140 -31.16 6.26 31.55
C PHE B 140 -30.98 5.83 33.00
N LEU B 141 -31.53 4.68 33.39
CA LEU B 141 -31.42 4.20 34.76
C LEU B 141 -30.05 3.62 35.09
N LEU B 142 -29.10 3.63 34.15
CA LEU B 142 -27.93 2.74 34.26
C LEU B 142 -26.84 3.27 35.18
N GLY B 143 -26.43 4.50 34.99
CA GLY B 143 -25.26 4.94 35.73
C GLY B 143 -24.00 4.83 34.90
N VAL B 144 -22.99 5.58 35.31
CA VAL B 144 -21.94 6.02 34.39
C VAL B 144 -20.58 5.56 34.89
N GLY B 145 -19.95 4.66 34.15
CA GLY B 145 -18.61 4.21 34.45
C GLY B 145 -17.57 4.97 33.64
N SER B 146 -16.30 4.57 33.84
CA SER B 146 -15.19 5.14 33.08
C SER B 146 -14.42 4.01 32.41
N ALA B 147 -14.68 3.82 31.09
CA ALA B 147 -14.39 2.55 30.44
C ALA B 147 -12.92 2.14 30.56
N ILE B 148 -12.00 3.05 30.39
CA ILE B 148 -10.58 2.70 30.32
C ILE B 148 -9.84 3.12 31.58
N ALA B 149 -10.57 3.32 32.69
CA ALA B 149 -9.93 3.78 33.91
C ALA B 149 -8.82 2.83 34.34
N SER B 150 -9.05 1.53 34.20
CA SER B 150 -8.06 0.55 34.61
C SER B 150 -6.81 0.65 33.75
N GLY B 151 -6.99 0.65 32.43
CA GLY B 151 -5.85 0.77 31.53
C GLY B 151 -5.12 2.10 31.66
N VAL B 152 -5.87 3.19 31.75
CA VAL B 152 -5.23 4.50 31.91
C VAL B 152 -4.44 4.55 33.20
N ALA B 153 -4.96 3.96 34.28
CA ALA B 153 -4.22 3.90 35.53
C ALA B 153 -2.88 3.20 35.34
N VAL B 154 -2.85 2.13 34.53
CA VAL B 154 -1.57 1.49 34.23
C VAL B 154 -0.70 2.39 33.36
N SER B 155 -1.28 3.02 32.34
CA SER B 155 -0.50 3.85 31.44
C SER B 155 0.17 5.00 32.18
N LYS B 156 -0.56 5.62 33.12
CA LYS B 156 0.01 6.74 33.86
C LYS B 156 1.20 6.29 34.69
N VAL B 157 1.16 5.06 35.19
CA VAL B 157 2.28 4.56 35.97
C VAL B 157 3.54 4.49 35.14
N LEU B 158 3.41 4.31 33.82
CA LEU B 158 4.56 4.20 32.93
C LEU B 158 5.28 5.51 32.68
N HIS B 159 4.61 6.63 32.87
CA HIS B 159 5.26 7.91 32.56
C HIS B 159 6.31 8.29 33.61
N LEU B 160 6.09 7.90 34.87
CA LEU B 160 6.91 8.37 35.98
C LEU B 160 8.21 7.62 36.22
N GLU B 161 9.18 8.32 36.80
CA GLU B 161 10.43 7.78 37.37
C GLU B 161 11.09 6.64 36.57
N GLY B 162 11.17 6.79 35.26
CA GLY B 162 11.96 5.81 34.50
C GLY B 162 11.52 4.38 34.67
N GLU B 163 10.22 4.14 34.74
CA GLU B 163 9.72 2.78 34.89
C GLU B 163 10.00 1.92 33.66
N VAL B 164 10.17 2.54 32.49
CA VAL B 164 10.41 1.79 31.26
C VAL B 164 11.68 0.94 31.35
N ASN B 165 12.73 1.47 31.97
CA ASN B 165 13.99 0.72 32.05
C ASN B 165 13.78 -0.65 32.66
N LYS B 166 12.92 -0.74 33.67
CA LYS B 166 12.58 -2.02 34.30
C LYS B 166 11.97 -2.99 33.27
N ILE B 167 10.98 -2.51 32.51
CA ILE B 167 10.39 -3.31 31.44
C ILE B 167 11.44 -3.64 30.39
N LYS B 168 12.22 -2.64 29.98
CA LYS B 168 13.18 -2.80 28.91
C LYS B 168 14.25 -3.85 29.26
N SER B 169 14.75 -3.81 30.50
CA SER B 169 15.71 -4.82 30.93
C SER B 169 15.03 -6.16 31.16
N ALA B 170 13.78 -6.16 31.63
CA ALA B 170 13.07 -7.41 31.89
C ALA B 170 12.84 -8.16 30.58
N LEU B 171 12.60 -7.43 29.49
CA LEU B 171 12.36 -8.02 28.18
C LEU B 171 13.64 -8.15 27.37
N LEU B 172 14.79 -8.06 28.03
CA LEU B 172 16.07 -8.10 27.33
C LEU B 172 16.40 -9.50 26.81
N SER B 173 16.04 -10.52 27.57
CA SER B 173 16.43 -11.89 27.27
C SER B 173 15.35 -12.72 26.59
N THR B 174 14.07 -12.45 26.88
CA THR B 174 12.95 -13.12 26.22
C THR B 174 12.03 -12.04 25.69
N ASN B 175 10.93 -12.47 25.06
CA ASN B 175 9.92 -11.54 24.57
C ASN B 175 8.70 -11.45 25.48
N LYS B 176 8.71 -12.13 26.63
CA LYS B 176 7.59 -12.09 27.57
C LYS B 176 8.12 -12.12 28.99
N ALA B 177 7.62 -11.22 29.83
CA ALA B 177 8.03 -11.12 31.23
C ALA B 177 6.91 -10.47 32.05
N VAL B 178 6.89 -10.77 33.35
CA VAL B 178 5.96 -10.16 34.29
C VAL B 178 6.74 -9.14 35.12
N VAL B 179 6.27 -7.90 35.13
CA VAL B 179 7.01 -6.83 35.80
C VAL B 179 6.15 -6.27 36.92
N SER B 180 6.76 -6.07 38.08
CA SER B 180 6.13 -5.37 39.19
C SER B 180 6.49 -3.88 39.13
N LEU B 181 5.48 -3.05 38.91
CA LEU B 181 5.62 -1.61 38.72
C LEU B 181 5.85 -0.91 40.06
N SER B 182 6.05 0.42 40.00
CA SER B 182 6.32 1.21 41.20
C SER B 182 5.20 1.07 42.23
N ASN B 183 3.95 1.02 41.77
CA ASN B 183 2.80 0.89 42.67
C ASN B 183 2.65 -0.51 43.25
N GLY B 184 3.41 -1.49 42.76
CA GLY B 184 3.34 -2.84 43.24
C GLY B 184 2.59 -3.79 42.32
N VAL B 185 1.82 -3.25 41.38
CA VAL B 185 1.01 -4.07 40.50
C VAL B 185 1.92 -4.83 39.55
N SER B 186 1.71 -6.14 39.45
CA SER B 186 2.41 -6.95 38.48
C SER B 186 1.56 -7.05 37.21
N VAL B 187 2.18 -6.71 36.06
CA VAL B 187 1.52 -6.72 34.76
C VAL B 187 2.38 -7.49 33.77
N LEU B 188 1.73 -8.22 32.87
CA LEU B 188 2.44 -8.84 31.77
C LEU B 188 2.95 -7.80 30.78
N THR B 189 4.16 -8.02 30.26
CA THR B 189 4.70 -7.20 29.18
C THR B 189 5.16 -8.11 28.05
N SER B 190 5.03 -7.62 26.82
CA SER B 190 5.37 -8.43 25.66
C SER B 190 6.14 -7.58 24.65
N LYS B 191 7.26 -8.10 24.16
CA LYS B 191 8.00 -7.49 23.07
C LYS B 191 7.56 -8.21 21.78
N VAL B 192 6.76 -7.53 20.97
CA VAL B 192 6.15 -8.14 19.79
C VAL B 192 6.88 -7.84 18.51
N LEU B 193 7.80 -6.90 18.50
CA LEU B 193 8.47 -6.50 17.27
C LEU B 193 9.76 -5.80 17.62
N ASP B 194 10.85 -6.19 16.97
CA ASP B 194 12.17 -5.61 17.21
C ASP B 194 12.66 -4.93 15.94
N LEU B 195 12.21 -3.69 15.74
CA LEU B 195 12.66 -2.91 14.60
C LEU B 195 14.03 -2.31 14.80
N LYS B 196 14.49 -2.16 16.05
CA LYS B 196 15.78 -1.54 16.27
C LYS B 196 16.90 -2.36 15.65
N ASN B 197 16.93 -3.67 15.89
CA ASN B 197 18.04 -4.47 15.38
C ASN B 197 18.09 -4.44 13.85
N TYR B 198 16.93 -4.43 13.20
CA TYR B 198 16.95 -4.39 11.75
C TYR B 198 17.51 -3.07 11.24
N ILE B 199 17.00 -1.95 11.77
CA ILE B 199 17.39 -0.64 11.27
C ILE B 199 18.83 -0.32 11.62
N ASP B 200 19.18 -0.42 12.91
CA ASP B 200 20.49 0.04 13.35
C ASP B 200 21.60 -0.96 13.00
N LYS B 201 21.32 -2.27 12.98
CA LYS B 201 22.37 -3.23 12.75
C LYS B 201 22.23 -4.07 11.47
N GLN B 202 21.23 -3.83 10.64
CA GLN B 202 21.33 -4.46 9.33
C GLN B 202 21.14 -3.46 8.20
N LEU B 203 20.16 -2.56 8.33
CA LEU B 203 19.83 -1.69 7.20
C LEU B 203 20.79 -0.50 7.09
N LEU B 204 20.85 0.34 8.12
CA LEU B 204 21.72 1.50 8.07
C LEU B 204 23.19 1.16 7.84
N PRO B 205 23.76 0.08 8.39
CA PRO B 205 25.11 -0.30 7.95
C PRO B 205 25.18 -0.54 6.45
N ILE B 206 24.16 -1.16 5.86
CA ILE B 206 24.19 -1.35 4.41
C ILE B 206 24.10 -0.02 3.71
N VAL B 207 23.38 0.94 4.27
CA VAL B 207 23.24 2.24 3.63
C VAL B 207 24.56 2.99 3.65
N ASN B 208 25.21 3.06 4.81
CA ASN B 208 26.49 3.76 4.87
C ASN B 208 27.55 3.02 4.09
N LYS B 209 27.41 1.70 3.94
CA LYS B 209 28.42 0.93 3.21
C LYS B 209 28.36 1.24 1.71
N GLN B 210 27.15 1.21 1.13
CA GLN B 210 26.94 1.40 -0.30
C GLN B 210 26.54 2.83 -0.65
N SER B 211 26.88 3.81 0.19
CA SER B 211 26.65 5.23 -0.11
C SER B 211 25.19 5.50 -0.50
N CYS B 212 24.28 4.86 0.23
CA CYS B 212 22.83 5.04 0.19
C CYS B 212 22.19 4.46 -1.07
N SER B 213 22.98 3.93 -2.01
CA SER B 213 22.41 3.35 -3.24
C SER B 213 22.35 1.83 -3.11
N ILE B 214 21.21 1.33 -2.66
CA ILE B 214 21.07 -0.10 -2.43
C ILE B 214 21.13 -0.83 -3.78
N SER B 215 21.95 -1.87 -3.84
CA SER B 215 22.09 -2.64 -5.06
C SER B 215 20.86 -3.50 -5.32
N ASN B 216 20.32 -4.15 -4.28
CA ASN B 216 19.26 -5.15 -4.40
C ASN B 216 17.91 -4.55 -4.00
N ILE B 217 16.99 -4.47 -4.96
CA ILE B 217 15.68 -3.87 -4.71
C ILE B 217 14.96 -4.60 -3.57
N GLU B 218 15.36 -5.83 -3.27
CA GLU B 218 14.71 -6.58 -2.19
C GLU B 218 15.00 -5.97 -0.83
N THR B 219 16.14 -5.28 -0.69
CA THR B 219 16.49 -4.72 0.60
C THR B 219 15.54 -3.58 0.96
N VAL B 220 15.13 -2.80 -0.04
CA VAL B 220 14.15 -1.76 0.22
C VAL B 220 12.77 -2.35 0.49
N ILE B 221 12.39 -3.41 -0.24
CA ILE B 221 11.07 -4.01 -0.04
C ILE B 221 10.98 -4.69 1.32
N GLU B 222 12.04 -5.38 1.73
CA GLU B 222 12.03 -5.95 3.07
C GLU B 222 11.84 -4.87 4.12
N PHE B 223 12.45 -3.69 3.87
CA PHE B 223 12.33 -2.59 4.82
C PHE B 223 10.89 -2.10 4.91
N GLN B 224 10.25 -1.83 3.77
CA GLN B 224 8.87 -1.35 3.82
C GLN B 224 7.94 -2.42 4.38
N GLN B 225 8.25 -3.70 4.22
CA GLN B 225 7.47 -4.73 4.91
C GLN B 225 7.68 -4.65 6.42
N LYS B 226 8.95 -4.60 6.87
CA LYS B 226 9.27 -4.47 8.28
C LYS B 226 8.66 -3.20 8.88
N ASN B 227 8.64 -2.12 8.10
CA ASN B 227 8.19 -0.80 8.51
C ASN B 227 6.67 -0.68 8.56
N ASN B 228 5.94 -1.59 7.90
CA ASN B 228 4.50 -1.41 7.67
C ASN B 228 3.69 -1.42 8.95
N ARG B 229 3.93 -2.39 9.84
CA ARG B 229 3.09 -2.52 11.03
C ARG B 229 3.18 -1.29 11.92
N LEU B 230 4.39 -0.75 12.10
CA LEU B 230 4.56 0.48 12.87
C LEU B 230 3.79 1.65 12.28
N LEU B 231 3.69 1.68 10.96
CA LEU B 231 2.98 2.77 10.31
C LEU B 231 1.47 2.66 10.54
N GLU B 232 0.93 1.46 10.54
CA GLU B 232 -0.51 1.37 10.75
C GLU B 232 -0.87 1.56 12.22
N ILE B 233 -0.04 1.06 13.14
CA ILE B 233 -0.28 1.29 14.57
C ILE B 233 -0.35 2.78 14.85
N THR B 234 0.62 3.52 14.29
CA THR B 234 0.65 4.96 14.48
C THR B 234 -0.52 5.63 13.75
N ARG B 235 -1.02 5.03 12.67
CA ARG B 235 -2.19 5.61 12.02
C ARG B 235 -3.42 5.53 12.91
N GLU B 236 -3.67 4.34 13.46
CA GLU B 236 -4.86 4.14 14.30
C GLU B 236 -4.83 5.09 15.49
N PHE B 237 -3.68 5.21 16.14
CA PHE B 237 -3.57 6.10 17.29
C PHE B 237 -3.72 7.57 16.88
N SER B 238 -3.30 7.93 15.67
CA SER B 238 -3.40 9.31 15.21
C SER B 238 -4.86 9.75 15.01
N VAL B 239 -5.72 8.79 14.68
CA VAL B 239 -7.11 9.08 14.31
C VAL B 239 -8.04 8.88 15.48
N ASN B 240 -7.58 8.26 16.56
CA ASN B 240 -8.45 7.92 17.67
C ASN B 240 -8.02 8.59 18.97
N ALA B 241 -7.12 9.58 18.90
CA ALA B 241 -6.60 10.25 20.08
C ALA B 241 -6.06 9.23 21.08
N GLY B 242 -5.33 8.25 20.56
CA GLY B 242 -4.57 7.31 21.37
C GLY B 242 -5.35 6.22 22.06
N VAL B 243 -6.66 6.10 21.82
CA VAL B 243 -7.49 5.07 22.43
C VAL B 243 -8.34 4.42 21.34
N THR B 244 -8.06 3.15 21.03
CA THR B 244 -8.78 2.45 19.99
C THR B 244 -9.57 1.28 20.55
N THR B 245 -10.74 1.06 19.96
CA THR B 245 -11.59 -0.10 20.17
C THR B 245 -12.45 -0.27 18.93
N PRO B 246 -12.55 -1.49 18.37
CA PRO B 246 -11.87 -2.72 18.77
C PRO B 246 -10.37 -2.71 18.51
N VAL B 247 -9.68 -3.62 19.18
CA VAL B 247 -8.24 -3.73 19.04
C VAL B 247 -7.93 -4.48 17.74
N SER B 248 -7.19 -3.82 16.86
CA SER B 248 -6.92 -4.32 15.51
C SER B 248 -5.88 -5.44 15.51
N THR B 249 -5.77 -6.06 14.33
CA THR B 249 -4.74 -7.05 14.07
C THR B 249 -3.36 -6.42 13.96
N TYR B 250 -3.28 -5.12 13.64
CA TYR B 250 -1.99 -4.43 13.74
C TYR B 250 -1.60 -4.18 15.19
N MET B 251 -2.57 -3.92 16.04
CA MET B 251 -2.25 -3.68 17.44
C MET B 251 -1.78 -4.96 18.12
N LEU B 252 -2.45 -6.06 17.83
CA LEU B 252 -2.15 -7.34 18.46
C LEU B 252 -2.48 -8.39 17.42
N THR B 253 -1.45 -9.05 16.89
CA THR B 253 -1.72 -10.05 15.88
C THR B 253 -2.59 -11.15 16.47
N ASN B 254 -3.22 -11.90 15.58
CA ASN B 254 -4.12 -12.94 16.04
C ASN B 254 -3.36 -13.97 16.86
N SER B 255 -2.15 -14.31 16.42
CA SER B 255 -1.35 -15.28 17.14
C SER B 255 -0.90 -14.72 18.49
N GLU B 256 -0.57 -13.43 18.55
CA GLU B 256 -0.16 -12.83 19.83
C GLU B 256 -1.30 -12.85 20.84
N LEU B 257 -2.52 -12.54 20.38
CA LEU B 257 -3.69 -12.50 21.26
C LEU B 257 -3.99 -13.88 21.85
N LEU B 258 -3.93 -14.92 21.02
CA LEU B 258 -4.14 -16.27 21.54
C LEU B 258 -3.11 -16.66 22.59
N SER B 259 -1.87 -16.19 22.42
CA SER B 259 -0.83 -16.50 23.39
C SER B 259 -1.04 -15.76 24.70
N LEU B 260 -1.48 -14.50 24.65
CA LEU B 260 -1.75 -13.76 25.88
C LEU B 260 -2.87 -14.39 26.69
N ILE B 261 -3.85 -14.98 26.02
CA ILE B 261 -4.96 -15.61 26.73
C ILE B 261 -4.41 -16.76 27.57
N ASN B 262 -3.50 -17.54 26.99
CA ASN B 262 -2.90 -18.66 27.71
C ASN B 262 -2.19 -18.21 28.96
N ASP B 263 -1.68 -16.98 28.96
CA ASP B 263 -0.89 -16.43 30.05
C ASP B 263 -1.73 -15.62 31.01
N MET B 264 -3.04 -15.58 30.81
CA MET B 264 -3.89 -14.84 31.71
C MET B 264 -4.28 -15.70 32.90
N PRO B 265 -4.35 -15.11 34.10
CA PRO B 265 -4.71 -15.86 35.31
C PRO B 265 -6.21 -16.13 35.40
N ILE B 266 -6.70 -16.97 34.48
CA ILE B 266 -8.11 -17.33 34.40
C ILE B 266 -8.23 -18.83 34.13
N THR B 267 -9.45 -19.35 34.31
CA THR B 267 -9.71 -20.78 34.15
C THR B 267 -9.55 -21.22 32.70
N ASN B 268 -9.30 -22.53 32.52
CA ASN B 268 -9.25 -23.08 31.18
C ASN B 268 -10.60 -22.92 30.49
N ASP B 269 -11.66 -22.94 31.28
CA ASP B 269 -12.99 -22.63 30.77
C ASP B 269 -13.05 -21.20 30.26
N GLN B 270 -12.40 -20.28 30.97
CA GLN B 270 -12.34 -18.90 30.48
C GLN B 270 -11.40 -18.80 29.28
N LYS B 271 -10.24 -19.47 29.34
CA LYS B 271 -9.31 -19.44 28.23
C LYS B 271 -9.94 -20.02 26.97
N LYS B 272 -10.66 -21.13 27.11
CA LYS B 272 -11.27 -21.76 25.95
C LYS B 272 -12.33 -20.87 25.31
N LEU B 273 -13.11 -20.18 26.14
CA LEU B 273 -14.14 -19.26 25.62
C LEU B 273 -13.52 -18.12 24.82
N MET B 274 -12.53 -17.45 25.41
CA MET B 274 -11.92 -16.32 24.72
C MET B 274 -11.23 -16.78 23.44
N SER B 275 -10.54 -17.93 23.49
CA SER B 275 -9.81 -18.41 22.32
C SER B 275 -10.75 -18.76 21.17
N ASN B 276 -11.95 -19.23 21.44
CA ASN B 276 -12.85 -19.57 20.35
C ASN B 276 -13.65 -18.38 19.83
N ASN B 277 -13.52 -17.21 20.44
CA ASN B 277 -14.29 -16.02 20.03
C ASN B 277 -13.41 -14.78 20.03
N VAL B 278 -12.24 -14.86 19.39
CA VAL B 278 -11.34 -13.72 19.40
C VAL B 278 -12.00 -12.50 18.80
N GLN B 279 -12.84 -12.68 17.79
CA GLN B 279 -13.45 -11.52 17.16
C GLN B 279 -14.36 -10.76 18.13
N ILE B 280 -15.01 -11.46 19.06
CA ILE B 280 -15.73 -10.75 20.11
C ILE B 280 -14.75 -10.14 21.10
N VAL B 281 -13.77 -10.93 21.56
CA VAL B 281 -12.77 -10.45 22.51
C VAL B 281 -12.12 -9.17 22.02
N ARG B 282 -11.72 -9.13 20.75
CA ARG B 282 -11.16 -7.93 20.17
C ARG B 282 -12.12 -6.75 20.27
N GLN B 283 -13.41 -6.99 20.05
CA GLN B 283 -14.38 -5.91 20.06
C GLN B 283 -14.60 -5.36 21.47
N GLN B 284 -14.38 -6.18 22.48
CA GLN B 284 -14.56 -5.75 23.85
C GLN B 284 -13.25 -5.31 24.49
N SER B 285 -12.23 -5.04 23.70
CA SER B 285 -10.92 -4.66 24.21
C SER B 285 -10.59 -3.22 23.86
N TYR B 286 -9.67 -2.65 24.63
CA TYR B 286 -9.15 -1.32 24.35
C TYR B 286 -7.64 -1.40 24.19
N SER B 287 -7.11 -0.52 23.35
CA SER B 287 -5.68 -0.35 23.19
C SER B 287 -5.34 1.11 23.46
N ILE B 288 -4.52 1.34 24.50
CA ILE B 288 -4.25 2.66 25.04
C ILE B 288 -2.79 3.00 24.80
N MET B 289 -2.54 4.07 24.05
CA MET B 289 -1.21 4.64 23.92
C MET B 289 -0.69 5.11 25.27
N SER B 290 0.58 4.82 25.58
CA SER B 290 1.13 5.21 26.87
C SER B 290 2.39 6.10 26.71
N ILE B 291 3.52 5.54 26.30
CA ILE B 291 4.77 6.30 26.27
C ILE B 291 5.60 5.87 25.07
N ILE B 292 6.48 6.78 24.63
CA ILE B 292 7.65 6.43 23.82
C ILE B 292 8.87 7.14 24.38
N LYS B 293 9.31 6.72 25.55
CA LYS B 293 10.58 7.14 26.11
C LYS B 293 11.63 6.07 25.79
N GLU B 294 12.89 6.48 25.79
CA GLU B 294 14.05 5.57 25.78
C GLU B 294 13.89 4.41 24.79
N GLU B 295 13.92 4.72 23.50
CA GLU B 295 13.89 3.72 22.41
C GLU B 295 12.83 2.63 22.60
N VAL B 296 11.73 2.91 23.31
CA VAL B 296 10.66 1.92 23.45
C VAL B 296 9.32 2.60 23.20
N LEU B 297 8.49 1.94 22.41
CA LEU B 297 7.07 2.26 22.29
C LEU B 297 6.29 1.26 23.12
N ALA B 298 5.47 1.76 24.03
CA ALA B 298 4.64 0.91 24.89
C ALA B 298 3.20 1.41 24.85
N TYR B 299 2.27 0.47 24.73
CA TYR B 299 0.86 0.79 24.90
C TYR B 299 0.22 -0.31 25.73
N VAL B 300 -0.85 0.06 26.43
CA VAL B 300 -1.57 -0.86 27.30
C VAL B 300 -2.72 -1.48 26.54
N VAL B 301 -2.88 -2.81 26.66
CA VAL B 301 -4.01 -3.52 26.09
C VAL B 301 -4.90 -3.98 27.22
N GLN B 302 -6.16 -3.58 27.16
CA GLN B 302 -7.14 -3.87 28.19
C GLN B 302 -8.05 -4.97 27.66
N LEU B 303 -7.97 -6.16 28.25
CA LEU B 303 -8.76 -7.26 27.73
C LEU B 303 -9.93 -7.55 28.66
N PRO B 304 -11.09 -7.95 28.12
CA PRO B 304 -12.19 -8.31 29.00
C PRO B 304 -11.90 -9.63 29.67
N LEU B 305 -12.20 -9.74 30.96
CA LEU B 305 -12.15 -11.03 31.61
C LEU B 305 -13.58 -11.39 32.00
N TYR B 306 -13.99 -12.61 31.63
CA TYR B 306 -15.38 -13.05 31.72
C TYR B 306 -15.60 -13.80 33.02
N GLY B 307 -16.13 -13.08 34.02
CA GLY B 307 -16.32 -13.67 35.34
C GLY B 307 -17.58 -14.48 35.49
N VAL B 308 -18.54 -14.31 34.60
CA VAL B 308 -19.78 -15.08 34.63
C VAL B 308 -19.92 -15.78 33.30
N ILE B 309 -19.96 -17.11 33.33
CA ILE B 309 -19.98 -17.92 32.13
C ILE B 309 -21.03 -19.00 32.28
N ASP B 310 -21.84 -19.21 31.23
CA ASP B 310 -22.74 -20.34 31.13
C ASP B 310 -23.92 -20.28 32.10
N THR B 311 -24.35 -19.07 32.50
CA THR B 311 -25.63 -19.00 33.22
C THR B 311 -26.76 -18.74 32.23
N PRO B 312 -28.00 -19.12 32.57
CA PRO B 312 -29.11 -18.91 31.64
C PRO B 312 -29.32 -17.44 31.31
N CYS B 313 -29.62 -17.15 30.04
CA CYS B 313 -29.96 -15.81 29.59
C CYS B 313 -31.21 -15.86 28.75
N TRP B 314 -31.95 -14.77 28.79
CA TRP B 314 -33.14 -14.66 27.97
C TRP B 314 -33.33 -13.20 27.57
N LYS B 315 -33.86 -13.01 26.38
CA LYS B 315 -34.12 -11.69 25.84
C LYS B 315 -35.63 -11.46 25.83
N LEU B 316 -36.05 -10.28 26.30
CA LEU B 316 -37.46 -9.90 26.34
C LEU B 316 -37.74 -8.92 25.22
N HIS B 317 -38.70 -9.25 24.39
CA HIS B 317 -39.16 -8.36 23.33
C HIS B 317 -40.54 -7.84 23.71
N THR B 318 -40.75 -6.54 23.53
CA THR B 318 -42.06 -5.97 23.82
C THR B 318 -42.50 -5.09 22.64
N SER B 319 -43.81 -4.89 22.56
CA SER B 319 -44.46 -4.13 21.50
C SER B 319 -45.70 -3.48 22.09
N PRO B 320 -46.17 -2.38 21.50
CA PRO B 320 -47.36 -1.73 22.05
C PRO B 320 -48.60 -2.61 21.92
N LEU B 321 -49.42 -2.59 22.97
CA LEU B 321 -50.68 -3.33 23.03
C LEU B 321 -51.80 -2.31 23.20
N CYS B 322 -52.65 -2.21 22.19
CA CYS B 322 -53.69 -1.19 22.14
C CYS B 322 -55.05 -1.84 21.95
N THR B 323 -56.08 -1.11 22.34
CA THR B 323 -57.44 -1.53 22.07
C THR B 323 -57.74 -1.43 20.58
N THR B 324 -58.71 -2.24 20.14
CA THR B 324 -58.96 -2.52 18.74
C THR B 324 -60.30 -1.97 18.26
N ASN B 325 -60.81 -0.94 18.91
CA ASN B 325 -62.12 -0.42 18.51
C ASN B 325 -62.01 0.38 17.23
N THR B 326 -63.16 0.56 16.56
CA THR B 326 -63.18 1.15 15.23
C THR B 326 -62.98 2.66 15.29
N LYS B 327 -63.33 3.29 16.42
CA LYS B 327 -63.16 4.73 16.55
C LYS B 327 -61.70 5.13 16.35
N GLU B 328 -61.48 6.07 15.42
CA GLU B 328 -60.13 6.42 15.00
C GLU B 328 -59.31 6.98 16.16
N GLY B 329 -59.84 7.97 16.85
CA GLY B 329 -59.24 8.41 18.11
C GLY B 329 -59.75 7.51 19.22
N SER B 330 -59.62 8.00 20.45
CA SER B 330 -60.20 7.37 21.64
C SER B 330 -59.75 5.93 21.86
N ASN B 331 -58.75 5.46 21.12
CA ASN B 331 -58.16 4.17 21.39
C ASN B 331 -57.07 4.35 22.44
N ILE B 332 -56.81 3.28 23.18
CA ILE B 332 -55.91 3.31 24.32
C ILE B 332 -54.74 2.37 24.07
N CYS B 333 -53.56 2.73 24.57
CA CYS B 333 -52.37 1.93 24.33
C CYS B 333 -51.61 1.71 25.63
N LEU B 334 -50.78 0.67 25.59
CA LEU B 334 -50.02 0.24 26.75
C LEU B 334 -48.87 -0.62 26.26
N THR B 335 -47.64 -0.34 26.74
CA THR B 335 -46.45 -1.03 26.27
C THR B 335 -45.55 -1.38 27.44
N ARG B 336 -45.06 -2.62 27.48
CA ARG B 336 -44.05 -3.00 28.47
C ARG B 336 -42.71 -2.36 28.11
N THR B 337 -42.08 -1.72 29.09
CA THR B 337 -40.86 -0.97 28.85
C THR B 337 -39.58 -1.66 29.31
N ASP B 338 -39.64 -2.86 29.89
CA ASP B 338 -38.41 -3.50 30.36
C ASP B 338 -37.79 -4.45 29.32
N ARG B 339 -37.95 -4.13 28.05
CA ARG B 339 -37.34 -4.92 26.99
C ARG B 339 -35.81 -4.86 27.10
N GLY B 340 -35.16 -5.93 26.66
CA GLY B 340 -33.71 -6.01 26.75
C GLY B 340 -33.27 -7.41 27.11
N TRP B 341 -31.99 -7.55 27.45
CA TRP B 341 -31.40 -8.84 27.79
C TRP B 341 -31.37 -9.00 29.30
N TYR B 342 -31.75 -10.17 29.79
CA TYR B 342 -31.63 -10.54 31.18
C TYR B 342 -30.75 -11.78 31.24
N CYS B 343 -29.75 -11.75 32.12
CA CYS B 343 -28.87 -12.90 32.32
C CYS B 343 -28.78 -13.16 33.81
N ASP B 344 -29.18 -14.34 34.22
CA ASP B 344 -29.12 -14.74 35.61
C ASP B 344 -27.67 -14.68 36.08
N ASN B 345 -27.42 -13.96 37.16
CA ASN B 345 -26.06 -13.75 37.66
C ASN B 345 -26.02 -13.72 39.18
N ALA B 346 -25.13 -14.54 39.75
CA ALA B 346 -24.80 -14.54 41.18
C ALA B 346 -26.00 -14.30 42.08
N GLY B 347 -27.05 -15.08 41.87
CA GLY B 347 -28.22 -14.97 42.72
C GLY B 347 -29.15 -13.81 42.44
N SER B 348 -28.83 -12.94 41.49
CA SER B 348 -29.68 -11.82 41.10
C SER B 348 -29.90 -11.90 39.59
N VAL B 349 -30.58 -10.93 39.01
CA VAL B 349 -30.79 -10.87 37.57
C VAL B 349 -30.10 -9.61 37.09
N SER B 350 -29.16 -9.74 36.17
CA SER B 350 -28.51 -8.60 35.55
C SER B 350 -29.28 -8.22 34.29
N PHE B 351 -29.72 -6.96 34.24
CA PHE B 351 -30.56 -6.48 33.14
C PHE B 351 -29.81 -5.51 32.25
N PHE B 352 -29.85 -5.77 30.96
CA PHE B 352 -29.21 -4.95 29.93
C PHE B 352 -30.30 -4.37 29.04
N PRO B 353 -30.68 -3.10 29.23
CA PRO B 353 -31.86 -2.58 28.52
C PRO B 353 -31.61 -2.29 27.05
N GLN B 354 -30.39 -1.88 26.71
CA GLN B 354 -30.05 -1.57 25.32
C GLN B 354 -29.35 -2.78 24.73
N ALA B 355 -30.16 -3.68 24.16
CA ALA B 355 -29.74 -4.99 23.67
C ALA B 355 -28.84 -4.91 22.44
N GLU B 356 -28.66 -3.72 21.86
CA GLU B 356 -27.72 -3.55 20.77
C GLU B 356 -26.28 -3.78 21.22
N THR B 357 -25.94 -3.32 22.44
CA THR B 357 -24.58 -3.43 22.96
C THR B 357 -24.16 -4.85 23.33
N CYS B 358 -25.10 -5.78 23.43
CA CYS B 358 -24.80 -7.19 23.65
C CYS B 358 -24.59 -7.89 22.32
N LYS B 359 -23.64 -8.83 22.30
CA LYS B 359 -23.30 -9.57 21.09
C LYS B 359 -23.65 -11.04 21.27
N VAL B 360 -24.26 -11.63 20.24
CA VAL B 360 -24.70 -13.02 20.27
C VAL B 360 -23.90 -13.79 19.23
N GLN B 361 -23.27 -14.88 19.64
CA GLN B 361 -22.57 -15.82 18.76
C GLN B 361 -23.13 -17.20 19.05
N SER B 362 -23.70 -17.86 18.03
CA SER B 362 -24.39 -19.15 18.17
C SER B 362 -25.48 -18.94 19.21
N ASN B 363 -25.50 -19.64 20.33
CA ASN B 363 -26.48 -19.39 21.39
C ASN B 363 -25.80 -18.81 22.63
N ARG B 364 -24.75 -18.02 22.44
CA ARG B 364 -24.01 -17.44 23.54
C ARG B 364 -24.09 -15.93 23.46
N VAL B 365 -24.32 -15.29 24.61
CA VAL B 365 -24.54 -13.85 24.71
C VAL B 365 -23.36 -13.23 25.44
N PHE B 366 -22.70 -12.27 24.80
CA PHE B 366 -21.64 -11.50 25.43
C PHE B 366 -22.20 -10.13 25.76
N CYS B 367 -22.36 -9.86 27.05
CA CYS B 367 -22.81 -8.55 27.49
C CYS B 367 -21.75 -7.91 28.37
N ASP B 368 -22.01 -6.68 28.79
CA ASP B 368 -21.06 -5.91 29.58
C ASP B 368 -21.77 -5.41 30.81
N THR B 369 -21.34 -5.87 31.99
CA THR B 369 -22.03 -5.48 33.20
C THR B 369 -21.96 -3.99 33.47
N MET B 370 -21.09 -3.26 32.77
CA MET B 370 -21.09 -1.81 32.85
C MET B 370 -22.42 -1.25 32.37
N ASN B 371 -23.10 -1.95 31.46
CA ASN B 371 -24.38 -1.54 30.90
C ASN B 371 -25.56 -2.29 31.49
N SER B 372 -25.46 -2.68 32.77
CA SER B 372 -26.49 -3.47 33.42
C SER B 372 -27.05 -2.79 34.67
N LEU B 373 -28.22 -3.27 35.09
CA LEU B 373 -28.75 -3.06 36.42
C LEU B 373 -28.80 -4.41 37.12
N THR B 374 -28.60 -4.41 38.43
CA THR B 374 -28.65 -5.63 39.22
C THR B 374 -29.98 -5.67 39.98
N LEU B 375 -30.83 -6.62 39.62
CA LEU B 375 -32.21 -6.66 40.08
C LEU B 375 -32.50 -7.90 40.92
N PRO B 376 -33.52 -7.85 41.79
CA PRO B 376 -33.91 -9.04 42.54
C PRO B 376 -34.49 -10.10 41.63
N SER B 377 -34.37 -11.37 42.04
CA SER B 377 -34.79 -12.45 41.16
C SER B 377 -36.25 -12.34 40.75
N GLU B 378 -37.06 -11.64 41.54
CA GLU B 378 -38.49 -11.53 41.30
C GLU B 378 -38.82 -10.84 39.99
N VAL B 379 -37.79 -10.37 39.26
CA VAL B 379 -38.07 -9.72 37.98
C VAL B 379 -38.86 -10.63 37.08
N ASN B 380 -38.61 -11.93 37.19
CA ASN B 380 -39.16 -12.91 36.26
C ASN B 380 -40.69 -12.92 36.26
N LEU B 381 -41.31 -12.55 37.39
CA LEU B 381 -42.78 -12.59 37.52
C LEU B 381 -43.50 -11.68 36.52
N CYS B 382 -42.82 -10.66 35.99
CA CYS B 382 -43.46 -9.81 35.00
C CYS B 382 -43.84 -10.59 33.75
N ASN B 383 -43.16 -11.70 33.49
CA ASN B 383 -43.49 -12.53 32.34
C ASN B 383 -44.69 -13.42 32.62
N VAL B 384 -44.85 -13.88 33.86
CA VAL B 384 -45.92 -14.84 34.16
C VAL B 384 -47.20 -14.17 34.66
N ASP B 385 -47.11 -13.19 35.57
CA ASP B 385 -48.30 -12.50 36.11
C ASP B 385 -47.93 -11.04 36.35
N ILE B 386 -48.33 -10.17 35.41
CA ILE B 386 -47.87 -8.79 35.41
C ILE B 386 -48.41 -7.99 36.59
N PHE B 387 -49.51 -8.43 37.21
CA PHE B 387 -50.15 -7.69 38.27
C PHE B 387 -49.74 -8.15 39.68
N ASN B 388 -48.79 -9.08 39.80
CA ASN B 388 -48.43 -9.57 41.12
C ASN B 388 -47.96 -8.40 42.00
N PRO B 389 -48.14 -8.51 43.32
CA PRO B 389 -47.81 -7.36 44.19
C PRO B 389 -46.34 -7.25 44.56
N LYS B 390 -45.56 -8.33 44.39
CA LYS B 390 -44.20 -8.36 44.91
C LYS B 390 -43.20 -7.66 44.00
N TYR B 391 -43.51 -7.49 42.71
CA TYR B 391 -42.61 -6.76 41.82
C TYR B 391 -43.44 -5.88 40.88
N ASP B 392 -43.06 -4.62 40.83
CA ASP B 392 -43.79 -3.58 40.08
C ASP B 392 -43.23 -3.53 38.67
N CYS B 393 -43.98 -4.10 37.73
CA CYS B 393 -43.54 -4.14 36.33
C CYS B 393 -43.71 -2.78 35.67
N LYS B 394 -42.71 -2.38 34.90
CA LYS B 394 -42.62 -1.04 34.33
C LYS B 394 -43.33 -1.00 32.98
N ILE B 395 -44.17 0.02 32.78
CA ILE B 395 -44.94 0.16 31.53
C ILE B 395 -45.00 1.61 31.10
N MET B 396 -45.41 1.82 29.85
CA MET B 396 -45.73 3.15 29.34
C MET B 396 -47.12 3.11 28.73
N THR B 397 -47.81 4.24 28.81
CA THR B 397 -49.19 4.32 28.35
C THR B 397 -49.34 5.48 27.40
N SER B 398 -50.27 5.33 26.47
CA SER B 398 -50.46 6.37 25.48
C SER B 398 -51.85 6.22 24.87
N LYS B 399 -52.15 7.15 23.97
CA LYS B 399 -53.25 7.04 23.03
C LYS B 399 -52.73 6.99 21.60
N THR B 400 -51.43 6.78 21.43
CA THR B 400 -50.79 6.81 20.11
C THR B 400 -50.93 5.41 19.54
N ASP B 401 -51.96 5.25 18.71
CA ASP B 401 -52.41 3.96 18.18
C ASP B 401 -51.73 3.68 16.84
N VAL B 402 -50.40 3.52 16.89
CA VAL B 402 -49.61 3.34 15.68
C VAL B 402 -49.26 1.88 15.51
N SER B 403 -49.17 1.46 14.26
CA SER B 403 -48.87 0.09 13.93
C SER B 403 -47.36 -0.10 13.73
N SER B 404 -46.88 -1.29 14.07
CA SER B 404 -45.46 -1.59 14.01
C SER B 404 -45.28 -3.10 14.15
N SER B 405 -44.04 -3.55 14.02
CA SER B 405 -43.70 -4.94 14.25
C SER B 405 -42.34 -5.05 14.90
N VAL B 406 -42.18 -6.04 15.77
CA VAL B 406 -40.93 -6.32 16.44
C VAL B 406 -40.52 -7.74 16.09
N ILE B 407 -39.38 -7.88 15.42
CA ILE B 407 -38.88 -9.20 15.04
C ILE B 407 -38.11 -9.79 16.20
N THR B 408 -38.52 -10.98 16.62
CA THR B 408 -37.97 -11.70 17.76
C THR B 408 -36.92 -12.70 17.28
N SER B 409 -36.41 -13.52 18.21
CA SER B 409 -35.45 -14.55 17.81
C SER B 409 -36.07 -15.54 16.84
N LEU B 410 -37.27 -16.02 17.15
CA LEU B 410 -37.87 -17.13 16.42
C LEU B 410 -39.19 -16.75 15.75
N GLY B 411 -39.47 -15.47 15.58
CA GLY B 411 -40.71 -15.08 14.93
C GLY B 411 -40.84 -13.59 14.78
N ALA B 412 -42.08 -13.08 14.89
CA ALA B 412 -42.33 -11.65 14.75
C ALA B 412 -43.59 -11.29 15.51
N ILE B 413 -43.51 -10.24 16.34
CA ILE B 413 -44.68 -9.62 16.95
C ILE B 413 -45.23 -8.58 15.99
N VAL B 414 -46.53 -8.61 15.75
CA VAL B 414 -47.19 -7.70 14.82
C VAL B 414 -48.23 -6.93 15.62
N SER B 415 -47.99 -5.63 15.79
CA SER B 415 -48.94 -4.75 16.46
C SER B 415 -49.69 -4.00 15.37
N CYS B 416 -50.88 -4.47 15.02
CA CYS B 416 -51.58 -3.97 13.85
C CYS B 416 -52.86 -3.28 14.29
N TYR B 417 -52.91 -1.97 14.09
CA TYR B 417 -54.02 -1.16 14.56
C TYR B 417 -54.45 -0.19 13.47
N GLY B 418 -55.67 0.33 13.62
CA GLY B 418 -56.18 1.26 12.65
C GLY B 418 -56.53 0.59 11.34
N LYS B 419 -56.19 1.27 10.24
CA LYS B 419 -56.53 0.81 8.90
C LYS B 419 -55.32 0.27 8.14
N THR B 420 -54.25 -0.09 8.85
CA THR B 420 -53.03 -0.56 8.21
C THR B 420 -53.17 -2.01 7.74
N LYS B 421 -52.63 -2.31 6.56
CA LYS B 421 -52.58 -3.69 6.06
C LYS B 421 -51.37 -4.41 6.63
N CYS B 422 -51.60 -5.52 7.33
CA CYS B 422 -50.54 -6.28 7.96
C CYS B 422 -50.66 -7.73 7.52
N THR B 423 -49.57 -8.29 7.00
CA THR B 423 -49.57 -9.62 6.39
C THR B 423 -48.24 -10.29 6.68
N ALA B 424 -48.24 -11.61 6.73
CA ALA B 424 -47.02 -12.40 6.77
C ALA B 424 -47.00 -13.33 5.58
N SER B 425 -45.84 -13.41 4.94
CA SER B 425 -45.70 -14.12 3.67
C SER B 425 -44.59 -15.16 3.70
N ASN B 426 -44.74 -16.15 2.84
CA ASN B 426 -43.78 -17.24 2.63
C ASN B 426 -43.14 -17.05 1.26
N LYS B 427 -41.87 -17.44 1.15
CA LYS B 427 -41.15 -17.19 -0.10
C LYS B 427 -41.78 -17.90 -1.28
N ASN B 428 -42.43 -19.05 -1.05
CA ASN B 428 -43.03 -19.86 -2.11
C ASN B 428 -44.53 -19.64 -2.26
N ARG B 429 -45.26 -19.53 -1.15
CA ARG B 429 -46.71 -19.53 -1.18
C ARG B 429 -47.30 -18.14 -1.38
N GLY B 430 -46.51 -17.08 -1.25
CA GLY B 430 -47.07 -15.73 -1.26
C GLY B 430 -47.59 -15.34 0.12
N ILE B 431 -48.63 -14.51 0.12
CA ILE B 431 -49.26 -14.13 1.38
C ILE B 431 -50.00 -15.32 1.96
N ILE B 432 -49.75 -15.61 3.23
CA ILE B 432 -50.39 -16.74 3.90
C ILE B 432 -51.15 -16.33 5.14
N LYS B 433 -51.05 -15.08 5.60
CA LYS B 433 -51.84 -14.62 6.72
C LYS B 433 -52.12 -13.13 6.58
N THR B 434 -53.36 -12.73 6.83
CA THR B 434 -53.72 -11.33 7.00
C THR B 434 -54.09 -11.11 8.46
N PHE B 435 -53.44 -10.16 9.10
CA PHE B 435 -53.62 -9.96 10.52
C PHE B 435 -54.85 -9.11 10.81
N SER B 436 -55.55 -9.44 11.89
CA SER B 436 -56.60 -8.61 12.40
C SER B 436 -56.01 -7.50 13.29
N ASN B 437 -56.88 -6.60 13.72
CA ASN B 437 -56.44 -5.58 14.66
C ASN B 437 -56.15 -6.20 16.01
N GLY B 438 -55.03 -5.78 16.58
CA GLY B 438 -54.55 -6.25 17.87
C GLY B 438 -53.13 -6.75 17.75
N CYS B 439 -52.58 -7.13 18.90
CA CYS B 439 -51.20 -7.60 18.96
C CYS B 439 -51.21 -9.11 18.86
N ASP B 440 -50.51 -9.64 17.85
CA ASP B 440 -50.48 -11.06 17.53
C ASP B 440 -49.03 -11.47 17.33
N TYR B 441 -48.85 -12.76 17.00
CA TYR B 441 -47.51 -13.33 16.92
C TYR B 441 -47.51 -14.37 15.80
N VAL B 442 -46.33 -14.58 15.24
CA VAL B 442 -46.16 -15.53 14.14
C VAL B 442 -44.85 -16.25 14.33
N SER B 443 -44.87 -17.55 14.07
CA SER B 443 -43.66 -18.36 14.10
C SER B 443 -42.89 -18.20 12.80
N ASN B 444 -41.58 -18.33 12.89
CA ASN B 444 -40.76 -18.26 11.70
C ASN B 444 -40.73 -19.60 10.95
N LYS B 445 -41.55 -20.57 11.35
CA LYS B 445 -41.54 -21.86 10.67
C LYS B 445 -42.00 -21.71 9.22
N GLY B 446 -43.25 -21.33 9.03
CA GLY B 446 -43.74 -21.19 7.67
C GLY B 446 -43.62 -19.82 7.08
N VAL B 447 -43.16 -18.83 7.83
CA VAL B 447 -43.21 -17.43 7.43
C VAL B 447 -41.80 -16.92 7.24
N ASP B 448 -41.57 -16.23 6.13
CA ASP B 448 -40.25 -15.67 5.79
C ASP B 448 -40.20 -14.16 5.94
N THR B 449 -41.26 -13.44 5.60
CA THR B 449 -41.34 -12.01 5.75
C THR B 449 -42.65 -11.63 6.40
N VAL B 450 -42.66 -10.44 6.97
CA VAL B 450 -43.88 -9.86 7.53
C VAL B 450 -43.92 -8.41 7.07
N SER B 451 -45.09 -7.97 6.61
CA SER B 451 -45.24 -6.66 5.99
C SER B 451 -46.26 -5.84 6.77
N VAL B 452 -45.83 -4.70 7.31
CA VAL B 452 -46.67 -3.80 8.12
C VAL B 452 -46.72 -2.44 7.45
N GLY B 453 -47.85 -2.12 6.83
CA GLY B 453 -47.90 -0.92 6.01
C GLY B 453 -46.94 -1.08 4.84
N ASN B 454 -46.06 -0.08 4.68
CA ASN B 454 -45.10 -0.05 3.59
C ASN B 454 -43.75 -0.54 4.03
N THR B 455 -43.69 -1.20 5.18
CA THR B 455 -42.47 -1.74 5.75
C THR B 455 -42.46 -3.26 5.62
N LEU B 456 -41.41 -3.79 5.01
CA LEU B 456 -41.26 -5.23 4.83
C LEU B 456 -40.17 -5.74 5.77
N TYR B 457 -40.54 -6.64 6.68
CA TYR B 457 -39.59 -7.22 7.63
C TYR B 457 -39.25 -8.66 7.23
N TYR B 458 -37.97 -8.96 7.14
CA TYR B 458 -37.56 -10.34 7.04
C TYR B 458 -37.42 -10.90 8.44
N VAL B 459 -37.81 -12.11 8.60
CA VAL B 459 -37.85 -12.73 9.90
C VAL B 459 -36.56 -13.50 10.11
N ASN B 460 -36.11 -13.60 11.36
CA ASN B 460 -34.96 -14.44 11.68
C ASN B 460 -35.29 -15.91 11.41
N LYS B 461 -34.35 -16.63 10.80
CA LYS B 461 -34.58 -18.00 10.38
C LYS B 461 -33.79 -19.04 11.18
N GLN B 462 -33.32 -18.69 12.37
CA GLN B 462 -32.71 -19.70 13.23
C GLN B 462 -33.75 -20.75 13.63
N GLU B 463 -33.31 -22.01 13.72
CA GLU B 463 -34.19 -23.08 14.13
C GLU B 463 -34.42 -23.06 15.63
N GLY B 464 -35.64 -23.46 16.01
CA GLY B 464 -36.02 -23.49 17.40
C GLY B 464 -37.53 -23.49 17.48
N LYS B 465 -38.08 -24.03 18.56
CA LYS B 465 -39.52 -24.07 18.72
C LYS B 465 -39.98 -22.81 19.46
N SER B 466 -41.02 -22.19 18.94
CA SER B 466 -41.67 -21.06 19.59
C SER B 466 -43.06 -21.50 20.04
N LEU B 467 -43.53 -20.90 21.12
CA LEU B 467 -44.70 -21.42 21.79
C LEU B 467 -45.64 -20.28 22.15
N TYR B 468 -46.93 -20.44 21.82
CA TYR B 468 -47.93 -19.36 21.92
C TYR B 468 -48.76 -19.52 23.18
N VAL B 469 -48.69 -18.54 24.07
CA VAL B 469 -49.43 -18.53 25.33
C VAL B 469 -50.69 -17.67 25.14
N LYS B 470 -51.83 -18.34 24.97
CA LYS B 470 -53.10 -17.67 24.81
C LYS B 470 -53.43 -16.83 26.04
N GLY B 471 -54.13 -15.73 25.83
CA GLY B 471 -54.53 -14.86 26.93
C GLY B 471 -55.35 -13.69 26.46
N GLU B 472 -56.16 -13.16 27.39
CA GLU B 472 -56.96 -11.97 27.10
C GLU B 472 -56.08 -10.72 27.19
N PRO B 473 -56.13 -9.84 26.19
CA PRO B 473 -55.28 -8.64 26.20
C PRO B 473 -55.45 -7.83 27.48
N ILE B 474 -54.32 -7.47 28.08
CA ILE B 474 -54.34 -6.83 29.38
C ILE B 474 -55.02 -5.46 29.33
N ILE B 475 -54.94 -4.76 28.19
CA ILE B 475 -55.42 -3.40 28.13
C ILE B 475 -56.94 -3.30 28.20
N ASN B 476 -57.65 -4.38 27.90
CA ASN B 476 -59.10 -4.36 27.96
C ASN B 476 -59.64 -4.19 29.37
N PHE B 477 -58.80 -4.37 30.40
CA PHE B 477 -59.23 -4.19 31.78
C PHE B 477 -59.28 -2.74 32.21
N TYR B 478 -59.04 -1.80 31.30
CA TYR B 478 -59.05 -0.38 31.62
C TYR B 478 -60.21 0.32 30.91
N ASP B 479 -60.86 1.25 31.62
CA ASP B 479 -61.82 1.95 30.77
C ASP B 479 -61.20 3.24 30.26
N PRO B 480 -61.44 3.55 28.98
CA PRO B 480 -60.75 4.68 28.36
C PRO B 480 -61.06 6.03 28.98
N LEU B 481 -62.01 6.09 29.92
CA LEU B 481 -62.47 7.38 30.42
C LEU B 481 -61.60 7.92 31.54
N VAL B 482 -60.96 7.05 32.32
CA VAL B 482 -60.11 7.47 33.43
C VAL B 482 -58.65 7.05 33.22
N PHE B 483 -58.34 6.55 32.04
CA PHE B 483 -57.02 5.99 31.77
C PHE B 483 -55.98 7.10 31.66
N PRO B 484 -54.89 7.08 32.45
CA PRO B 484 -53.85 8.10 32.35
C PRO B 484 -52.94 7.83 31.11
N SER B 485 -53.09 8.68 30.12
CA SER B 485 -52.64 8.36 28.76
C SER B 485 -51.28 8.93 28.40
N ASP B 486 -50.55 9.49 29.36
CA ASP B 486 -49.19 9.96 29.06
C ASP B 486 -48.31 9.63 30.25
N GLU B 487 -47.81 8.39 30.28
CA GLU B 487 -46.94 7.88 31.35
C GLU B 487 -45.74 7.26 30.66
N PHE B 488 -44.56 7.86 30.86
CA PHE B 488 -43.38 7.49 30.08
C PHE B 488 -42.56 6.37 30.73
N ASP B 489 -42.60 6.24 32.07
CA ASP B 489 -41.90 5.16 32.76
C ASP B 489 -42.73 4.57 33.91
N ALA B 490 -44.05 4.57 33.77
CA ALA B 490 -44.91 4.17 34.88
C ALA B 490 -44.80 2.67 35.16
N SER B 491 -45.58 2.24 36.15
CA SER B 491 -45.61 0.86 36.62
C SER B 491 -47.05 0.38 36.70
N ILE B 492 -47.20 -0.93 36.94
CA ILE B 492 -48.53 -1.49 37.18
C ILE B 492 -49.22 -0.80 38.36
N SER B 493 -48.51 -0.70 39.49
CA SER B 493 -49.10 -0.09 40.68
C SER B 493 -49.23 1.43 40.54
N GLN B 494 -48.29 2.07 39.85
CA GLN B 494 -48.36 3.51 39.71
C GLN B 494 -49.54 3.93 38.84
N VAL B 495 -49.82 3.18 37.77
CA VAL B 495 -50.99 3.49 36.95
C VAL B 495 -52.27 3.17 37.71
N ASN B 496 -52.29 2.04 38.42
CA ASN B 496 -53.44 1.73 39.23
C ASN B 496 -53.68 2.82 40.27
N GLU B 497 -52.61 3.37 40.83
CA GLU B 497 -52.74 4.39 41.87
C GLU B 497 -53.28 5.71 41.30
N LYS B 498 -52.88 6.10 40.08
CA LYS B 498 -53.44 7.33 39.53
C LYS B 498 -54.90 7.18 39.15
N ILE B 499 -55.32 6.00 38.68
CA ILE B 499 -56.74 5.77 38.48
C ILE B 499 -57.46 5.74 39.83
N ASN B 500 -56.85 5.08 40.83
CA ASN B 500 -57.45 4.97 42.16
C ASN B 500 -57.56 6.34 42.80
N GLN B 501 -56.55 7.18 42.63
CA GLN B 501 -56.62 8.57 43.11
C GLN B 501 -57.66 9.39 42.34
N SER B 502 -57.82 9.12 41.04
CA SER B 502 -58.82 9.80 40.22
C SER B 502 -60.22 9.25 40.46
N LEU B 503 -60.31 8.00 40.90
CA LEU B 503 -61.60 7.42 41.26
C LEU B 503 -62.12 8.01 42.57
N ALA B 504 -61.21 8.45 43.45
CA ALA B 504 -61.62 9.01 44.73
C ALA B 504 -62.25 10.40 44.59
N PHE B 505 -61.66 11.25 43.75
CA PHE B 505 -62.19 12.60 43.57
C PHE B 505 -63.61 12.57 43.03
N ILE B 506 -63.95 11.54 42.26
CA ILE B 506 -65.30 11.44 41.69
C ILE B 506 -66.31 10.94 42.71
N ARG B 507 -66.00 9.85 43.42
CA ARG B 507 -67.04 9.21 44.24
C ARG B 507 -67.41 10.04 45.47
N LYS B 508 -66.41 10.54 46.21
CA LYS B 508 -66.72 11.24 47.46
C LYS B 508 -67.30 12.63 47.21
N SER B 509 -66.79 13.35 46.21
CA SER B 509 -67.25 14.71 45.92
C SER B 509 -68.60 14.74 45.20
N ASP B 510 -68.85 13.79 44.29
CA ASP B 510 -70.09 13.80 43.51
C ASP B 510 -71.29 13.37 44.36
N GLU B 511 -71.18 12.24 45.05
CA GLU B 511 -72.27 11.82 45.92
C GLU B 511 -72.48 12.80 47.07
N LEU B 512 -71.59 13.76 47.27
CA LEU B 512 -71.75 14.84 48.22
C LEU B 512 -72.67 15.93 47.68
N GLN C 26 -1.70 21.68 38.19
CA GLN C 26 -2.08 20.84 39.32
C GLN C 26 -3.34 21.34 40.01
N ASN C 27 -4.26 21.93 39.25
CA ASN C 27 -5.36 22.72 39.81
C ASN C 27 -6.72 22.02 39.75
N ILE C 28 -6.75 20.69 39.68
CA ILE C 28 -8.02 19.97 39.53
C ILE C 28 -8.56 19.55 40.89
N THR C 29 -9.84 19.85 41.16
CA THR C 29 -10.50 19.49 42.42
C THR C 29 -11.95 19.09 42.16
N GLU C 30 -12.59 18.57 43.22
CA GLU C 30 -13.94 18.02 43.13
C GLU C 30 -14.68 18.16 44.47
N GLU C 31 -15.96 18.54 44.42
CA GLU C 31 -16.80 18.71 45.62
C GLU C 31 -18.02 17.82 45.51
N PHE C 32 -18.30 17.03 46.56
CA PHE C 32 -19.49 16.16 46.58
C PHE C 32 -20.52 16.71 47.55
N TYR C 33 -21.73 16.94 47.05
CA TYR C 33 -22.83 17.49 47.83
C TYR C 33 -23.79 16.37 48.26
N GLN C 34 -23.70 15.98 49.53
CA GLN C 34 -24.59 14.94 50.04
C GLN C 34 -26.05 15.38 49.95
N SER C 35 -26.29 16.70 49.97
CA SER C 35 -27.66 17.21 50.05
C SER C 35 -28.47 16.80 48.83
N THR C 36 -27.86 16.85 47.65
CA THR C 36 -28.54 16.55 46.41
C THR C 36 -27.86 15.44 45.61
N CYS C 37 -26.94 14.71 46.21
CA CYS C 37 -26.32 13.55 45.58
C CYS C 37 -25.79 13.92 44.19
N SER C 38 -24.77 14.78 44.22
CA SER C 38 -24.13 15.25 43.01
C SER C 38 -22.72 15.68 43.35
N ALA C 39 -21.89 15.84 42.32
CA ALA C 39 -20.51 16.23 42.52
C ALA C 39 -20.08 17.13 41.36
N VAL C 40 -19.15 18.04 41.66
CA VAL C 40 -18.68 19.03 40.70
C VAL C 40 -17.16 18.95 40.60
N SER C 41 -16.64 18.92 39.37
CA SER C 41 -15.21 18.94 39.10
C SER C 41 -14.84 20.29 38.52
N LYS C 42 -13.89 21.02 39.14
CA LYS C 42 -13.75 22.45 38.83
C LYS C 42 -12.47 22.83 38.12
N GLY C 43 -11.41 22.03 38.18
CA GLY C 43 -10.10 22.48 37.72
C GLY C 43 -9.97 22.83 36.22
N TYR C 44 -10.97 22.50 35.40
CA TYR C 44 -10.79 22.42 33.95
C TYR C 44 -10.77 23.78 33.27
N LEU C 45 -10.30 23.78 32.01
CA LEU C 45 -10.16 24.95 31.15
C LEU C 45 -10.84 24.73 29.81
N SER C 46 -11.44 25.77 29.26
CA SER C 46 -12.26 25.64 28.07
C SER C 46 -11.45 25.65 26.79
N ALA C 47 -11.99 24.98 25.75
CA ALA C 47 -11.57 25.13 24.36
C ALA C 47 -12.78 24.82 23.48
N LEU C 48 -13.66 25.81 23.31
CA LEU C 48 -14.91 25.61 22.62
C LEU C 48 -14.75 25.90 21.12
N ARG C 49 -15.19 24.96 20.29
CA ARG C 49 -15.35 25.27 18.88
C ARG C 49 -16.53 26.20 18.74
N THR C 50 -16.29 27.40 18.25
CA THR C 50 -17.32 28.41 18.15
C THR C 50 -17.75 28.67 16.73
N GLY C 51 -16.85 28.46 15.77
CA GLY C 51 -17.13 28.55 14.35
C GLY C 51 -16.11 27.75 13.57
N TRP C 52 -16.12 27.98 12.25
CA TRP C 52 -15.33 27.19 11.31
C TRP C 52 -14.40 28.04 10.47
N TYR C 53 -13.29 27.44 10.06
CA TYR C 53 -12.36 27.98 9.08
C TYR C 53 -12.21 26.99 7.93
N THR C 54 -12.45 27.45 6.71
CA THR C 54 -12.42 26.58 5.54
C THR C 54 -11.27 26.93 4.60
N SER C 55 -10.50 25.93 4.23
CA SER C 55 -9.44 26.03 3.24
C SER C 55 -9.74 25.04 2.12
N VAL C 56 -9.20 25.29 0.93
CA VAL C 56 -9.34 24.38 -0.20
C VAL C 56 -7.99 23.71 -0.45
N ILE C 57 -7.96 22.37 -0.40
CA ILE C 57 -6.75 21.57 -0.65
C ILE C 57 -6.79 21.00 -2.06
N THR C 58 -5.72 21.19 -2.82
CA THR C 58 -5.65 20.72 -4.22
C THR C 58 -4.53 19.73 -4.42
N ILE C 59 -4.81 18.69 -5.21
CA ILE C 59 -3.81 17.73 -5.67
C ILE C 59 -3.80 17.76 -7.18
N GLU C 60 -2.62 17.93 -7.76
CA GLU C 60 -2.45 18.00 -9.19
C GLU C 60 -2.42 16.60 -9.78
N LEU C 61 -3.29 16.34 -10.74
CA LEU C 61 -3.44 15.03 -11.35
C LEU C 61 -3.31 15.15 -12.85
N SER C 62 -2.86 14.08 -13.47
CA SER C 62 -2.91 13.96 -14.92
C SER C 62 -3.99 12.92 -15.22
N ASN C 63 -4.82 13.17 -16.22
CA ASN C 63 -5.80 12.17 -16.58
C ASN C 63 -5.15 11.23 -17.57
N ILE C 64 -5.10 9.96 -17.24
CA ILE C 64 -4.37 9.03 -18.07
C ILE C 64 -5.36 8.43 -19.03
N LYS C 65 -5.04 8.53 -20.30
CA LYS C 65 -5.88 7.97 -21.32
C LYS C 65 -5.50 6.50 -21.55
N GLU C 66 -6.34 5.80 -22.29
CA GLU C 66 -6.20 4.34 -22.35
C GLU C 66 -4.87 3.94 -22.98
N ASN C 67 -4.09 3.17 -22.22
CA ASN C 67 -2.79 2.67 -22.66
C ASN C 67 -2.94 1.51 -23.64
N LYS C 68 -2.06 1.48 -24.64
CA LYS C 68 -2.06 0.50 -25.72
C LYS C 68 -0.98 -0.59 -25.53
N CYS C 69 -0.92 -1.20 -24.34
CA CYS C 69 0.18 -2.11 -23.99
C CYS C 69 -0.19 -3.56 -24.23
N ASN C 70 0.30 -4.14 -25.31
CA ASN C 70 0.14 -5.57 -25.54
C ASN C 70 1.37 -6.28 -25.02
N GLY C 71 1.17 -7.45 -24.45
CA GLY C 71 2.26 -8.26 -23.95
C GLY C 71 1.91 -8.69 -22.54
N THR C 72 2.43 -9.86 -22.15
CA THR C 72 2.16 -10.44 -20.83
C THR C 72 3.44 -10.61 -20.03
N ASP C 73 4.48 -9.87 -20.35
CA ASP C 73 5.67 -9.86 -19.53
C ASP C 73 5.32 -9.29 -18.16
N ALA C 74 5.88 -9.90 -17.11
CA ALA C 74 5.50 -9.52 -15.76
C ALA C 74 5.70 -8.03 -15.50
N LYS C 75 6.73 -7.43 -16.12
CA LYS C 75 6.99 -6.00 -15.96
C LYS C 75 5.85 -5.19 -16.55
N VAL C 76 5.40 -5.55 -17.75
CA VAL C 76 4.25 -4.89 -18.35
C VAL C 76 3.02 -5.10 -17.50
N LYS C 77 2.85 -6.32 -16.98
CA LYS C 77 1.66 -6.63 -16.20
C LYS C 77 1.52 -5.70 -14.99
N LEU C 78 2.64 -5.30 -14.36
CA LEU C 78 2.57 -4.41 -13.21
C LEU C 78 2.29 -2.98 -13.61
N ILE C 79 2.95 -2.52 -14.68
CA ILE C 79 2.74 -1.16 -15.13
C ILE C 79 1.29 -0.97 -15.54
N LYS C 80 0.78 -1.90 -16.35
CA LYS C 80 -0.61 -1.80 -16.77
C LYS C 80 -1.55 -1.94 -15.60
N GLN C 81 -1.21 -2.82 -14.66
CA GLN C 81 -2.03 -3.00 -13.48
C GLN C 81 -2.11 -1.70 -12.68
N GLU C 82 -0.99 -0.99 -12.57
CA GLU C 82 -0.98 0.23 -11.79
C GLU C 82 -1.69 1.37 -12.50
N LEU C 83 -1.47 1.51 -13.80
CA LEU C 83 -2.14 2.56 -14.57
C LEU C 83 -3.64 2.40 -14.53
N ASP C 84 -4.13 1.16 -14.62
CA ASP C 84 -5.58 0.93 -14.54
C ASP C 84 -6.07 1.19 -13.11
N LYS C 85 -5.26 0.84 -12.12
CA LYS C 85 -5.63 1.11 -10.74
C LYS C 85 -5.83 2.60 -10.49
N TYR C 86 -4.93 3.41 -11.03
CA TYR C 86 -5.03 4.88 -10.95
C TYR C 86 -6.25 5.39 -11.70
N LYS C 87 -6.50 4.86 -12.90
CA LYS C 87 -7.62 5.32 -13.70
C LYS C 87 -8.94 5.04 -13.01
N ASN C 88 -9.01 3.95 -12.24
CA ASN C 88 -10.23 3.63 -11.48
C ASN C 88 -10.49 4.67 -10.41
N ALA C 89 -9.45 5.08 -9.69
CA ALA C 89 -9.59 6.08 -8.65
C ALA C 89 -10.13 7.39 -9.21
N VAL C 90 -9.57 7.83 -10.34
CA VAL C 90 -10.04 9.05 -11.00
C VAL C 90 -11.50 8.89 -11.41
N THR C 91 -11.83 7.75 -11.99
CA THR C 91 -13.22 7.50 -12.34
C THR C 91 -14.09 7.43 -11.09
N GLU C 92 -13.58 6.80 -10.03
CA GLU C 92 -14.32 6.75 -8.78
C GLU C 92 -14.57 8.14 -8.23
N LEU C 93 -13.57 9.02 -8.27
CA LEU C 93 -13.74 10.37 -7.76
C LEU C 93 -14.65 11.21 -8.65
N GLN C 94 -14.68 10.92 -9.96
CA GLN C 94 -15.63 11.62 -10.83
C GLN C 94 -17.07 11.24 -10.51
N LEU C 95 -17.31 9.98 -10.14
CA LEU C 95 -18.63 9.59 -9.67
C LEU C 95 -19.05 10.44 -8.47
N LEU C 96 -18.10 10.86 -7.65
CA LEU C 96 -18.45 11.58 -6.43
C LEU C 96 -18.87 13.02 -6.68
N MET C 97 -18.36 13.70 -7.70
CA MET C 97 -18.87 15.04 -7.97
C MET C 97 -20.37 14.99 -8.32
N GLN C 98 -20.83 13.88 -8.86
CA GLN C 98 -22.18 13.78 -9.39
C GLN C 98 -23.07 12.89 -8.53
N PHE C 137 -29.04 13.97 30.06
CA PHE C 137 -30.49 13.78 30.01
C PHE C 137 -31.14 14.72 29.01
N LEU C 138 -30.75 15.98 29.08
CA LEU C 138 -31.41 17.08 28.38
C LEU C 138 -30.91 17.29 26.95
N GLY C 139 -30.62 16.23 26.21
CA GLY C 139 -30.19 16.44 24.83
C GLY C 139 -31.28 17.04 23.95
N PHE C 140 -32.55 16.71 24.22
CA PHE C 140 -33.62 17.08 23.30
C PHE C 140 -33.80 18.59 23.19
N LEU C 141 -33.29 19.35 24.14
CA LEU C 141 -33.40 20.81 24.13
C LEU C 141 -32.42 21.49 23.19
N LEU C 142 -31.57 20.75 22.47
CA LEU C 142 -30.36 21.35 21.90
C LEU C 142 -30.62 22.16 20.63
N GLY C 143 -31.35 21.61 19.69
CA GLY C 143 -31.45 22.32 18.43
C GLY C 143 -30.48 21.77 17.39
N VAL C 144 -30.76 22.10 16.13
CA VAL C 144 -30.33 21.32 14.98
C VAL C 144 -29.43 22.18 14.11
N GLY C 145 -28.14 21.85 14.07
CA GLY C 145 -27.22 22.53 13.20
C GLY C 145 -27.04 21.79 11.88
N SER C 146 -26.22 22.37 11.01
CA SER C 146 -25.84 21.73 9.75
C SER C 146 -24.32 21.75 9.72
N ALA C 147 -23.70 20.64 10.12
CA ALA C 147 -22.29 20.67 10.50
C ALA C 147 -21.41 21.17 9.38
N ILE C 148 -21.67 20.75 8.16
CA ILE C 148 -20.78 21.06 7.06
C ILE C 148 -21.38 22.09 6.11
N ALA C 149 -22.39 22.84 6.57
CA ALA C 149 -23.03 23.82 5.70
C ALA C 149 -22.02 24.82 5.19
N SER C 150 -21.05 25.19 6.04
CA SER C 150 -20.01 26.15 5.65
C SER C 150 -19.07 25.54 4.62
N GLY C 151 -18.52 24.37 4.91
CA GLY C 151 -17.61 23.72 3.97
C GLY C 151 -18.27 23.41 2.65
N VAL C 152 -19.51 22.91 2.70
CA VAL C 152 -20.26 22.60 1.48
C VAL C 152 -20.51 23.87 0.66
N ALA C 153 -20.83 24.98 1.33
CA ALA C 153 -21.05 26.23 0.60
C ALA C 153 -19.83 26.61 -0.21
N VAL C 154 -18.63 26.41 0.35
CA VAL C 154 -17.42 26.63 -0.44
C VAL C 154 -17.34 25.60 -1.56
N SER C 155 -17.66 24.34 -1.24
CA SER C 155 -17.60 23.26 -2.21
C SER C 155 -18.54 23.48 -3.37
N LYS C 156 -19.72 24.07 -3.12
CA LYS C 156 -20.65 24.31 -4.21
C LYS C 156 -20.08 25.28 -5.24
N VAL C 157 -19.34 26.31 -4.78
CA VAL C 157 -18.83 27.32 -5.70
C VAL C 157 -17.81 26.73 -6.65
N LEU C 158 -17.12 25.66 -6.23
CA LEU C 158 -16.05 25.08 -7.03
C LEU C 158 -16.57 24.33 -8.25
N HIS C 159 -17.87 23.99 -8.25
CA HIS C 159 -18.49 23.30 -9.38
C HIS C 159 -18.71 24.21 -10.57
N LEU C 160 -18.64 25.52 -10.39
CA LEU C 160 -18.95 26.42 -11.48
C LEU C 160 -17.91 26.33 -12.59
N GLU C 161 -18.32 26.72 -13.79
CA GLU C 161 -17.46 26.68 -14.96
C GLU C 161 -16.17 27.44 -14.71
N GLY C 162 -15.05 26.74 -14.87
CA GLY C 162 -13.73 27.36 -14.81
C GLY C 162 -13.38 28.02 -13.51
N GLU C 163 -14.00 27.61 -12.40
CA GLU C 163 -13.55 28.06 -11.10
C GLU C 163 -12.20 27.45 -10.78
N VAL C 164 -11.96 26.25 -11.32
CA VAL C 164 -10.68 25.57 -11.16
C VAL C 164 -9.55 26.39 -11.75
N ASN C 165 -9.77 27.01 -12.92
CA ASN C 165 -8.70 27.80 -13.53
C ASN C 165 -8.25 28.92 -12.62
N LYS C 166 -9.19 29.54 -11.90
CA LYS C 166 -8.79 30.53 -10.90
C LYS C 166 -7.85 29.89 -9.90
N ILE C 167 -8.23 28.74 -9.36
CA ILE C 167 -7.38 28.00 -8.44
C ILE C 167 -6.09 27.59 -9.13
N LYS C 168 -6.21 27.01 -10.33
CA LYS C 168 -5.08 26.39 -11.01
C LYS C 168 -3.99 27.40 -11.35
N SER C 169 -4.39 28.59 -11.82
CA SER C 169 -3.38 29.59 -12.11
C SER C 169 -2.77 30.17 -10.83
N ALA C 170 -3.54 30.29 -9.76
CA ALA C 170 -3.02 30.93 -8.56
C ALA C 170 -1.88 30.12 -7.95
N LEU C 171 -1.96 28.80 -8.03
CA LEU C 171 -0.96 27.91 -7.43
C LEU C 171 0.08 27.42 -8.42
N LEU C 172 0.20 28.02 -9.60
CA LEU C 172 1.18 27.44 -10.51
C LEU C 172 2.60 27.77 -10.07
N SER C 173 2.81 28.94 -9.46
CA SER C 173 4.14 29.33 -9.06
C SER C 173 4.43 29.12 -7.57
N THR C 174 3.42 29.09 -6.69
CA THR C 174 3.64 28.73 -5.29
C THR C 174 2.62 27.67 -4.89
N ASN C 175 2.70 27.22 -3.62
CA ASN C 175 1.78 26.22 -3.07
C ASN C 175 0.74 26.80 -2.12
N LYS C 176 0.70 28.13 -1.94
CA LYS C 176 -0.33 28.76 -1.12
C LYS C 176 -0.72 30.08 -1.76
N ALA C 177 -2.01 30.27 -1.93
CA ALA C 177 -2.54 31.49 -2.51
C ALA C 177 -3.97 31.68 -2.03
N VAL C 178 -4.39 32.93 -1.97
CA VAL C 178 -5.77 33.27 -1.62
C VAL C 178 -6.51 33.62 -2.90
N VAL C 179 -7.62 32.95 -3.12
CA VAL C 179 -8.42 33.09 -4.33
C VAL C 179 -9.78 33.62 -3.94
N SER C 180 -10.25 34.64 -4.63
CA SER C 180 -11.60 35.14 -4.45
C SER C 180 -12.50 34.42 -5.43
N LEU C 181 -13.46 33.66 -4.91
CA LEU C 181 -14.38 32.88 -5.72
C LEU C 181 -15.46 33.77 -6.32
N SER C 182 -16.30 33.16 -7.17
CA SER C 182 -17.33 33.90 -7.88
C SER C 182 -18.30 34.58 -6.92
N ASN C 183 -18.66 33.91 -5.82
CA ASN C 183 -19.60 34.51 -4.87
C ASN C 183 -18.99 35.63 -4.04
N GLY C 184 -17.70 35.93 -4.19
CA GLY C 184 -17.05 36.99 -3.45
C GLY C 184 -16.15 36.50 -2.34
N VAL C 185 -16.29 35.23 -1.94
CA VAL C 185 -15.52 34.67 -0.85
C VAL C 185 -14.06 34.51 -1.27
N SER C 186 -13.14 35.07 -0.47
CA SER C 186 -11.73 34.80 -0.64
C SER C 186 -11.41 33.66 0.31
N VAL C 187 -10.85 32.57 -0.23
CA VAL C 187 -10.47 31.40 0.55
C VAL C 187 -9.04 31.01 0.20
N LEU C 188 -8.27 30.60 1.20
CA LEU C 188 -6.93 30.13 0.94
C LEU C 188 -6.96 28.76 0.28
N THR C 189 -6.05 28.54 -0.67
CA THR C 189 -5.90 27.25 -1.35
C THR C 189 -4.46 26.77 -1.27
N SER C 190 -4.29 25.45 -1.17
CA SER C 190 -2.98 24.86 -0.93
C SER C 190 -2.76 23.69 -1.89
N LYS C 191 -1.59 23.65 -2.52
CA LYS C 191 -1.22 22.50 -3.33
C LYS C 191 -0.33 21.61 -2.48
N VAL C 192 -0.86 20.47 -2.06
CA VAL C 192 -0.14 19.58 -1.15
C VAL C 192 0.57 18.45 -1.89
N LEU C 193 0.29 18.26 -3.18
CA LEU C 193 0.85 17.14 -3.93
C LEU C 193 0.77 17.40 -5.43
N ASP C 194 1.86 17.14 -6.17
CA ASP C 194 1.94 17.28 -7.64
C ASP C 194 2.28 15.93 -8.30
N LEU C 195 1.26 15.10 -8.49
CA LEU C 195 1.45 13.82 -9.16
C LEU C 195 1.52 13.94 -10.67
N LYS C 196 1.04 15.05 -11.24
CA LYS C 196 1.05 15.19 -12.69
C LYS C 196 2.47 15.15 -13.25
N ASN C 197 3.39 15.88 -12.66
CA ASN C 197 4.69 16.02 -13.31
C ASN C 197 5.42 14.69 -13.36
N TYR C 198 5.24 13.84 -12.35
CA TYR C 198 5.88 12.54 -12.40
C TYR C 198 5.29 11.71 -13.52
N ILE C 199 3.97 11.63 -13.59
CA ILE C 199 3.33 10.74 -14.55
C ILE C 199 3.60 11.22 -15.97
N ASP C 200 3.25 12.47 -16.28
CA ASP C 200 3.26 12.95 -17.64
C ASP C 200 4.68 13.19 -18.17
N LYS C 201 5.62 13.56 -17.30
CA LYS C 201 6.95 13.90 -17.76
C LYS C 201 8.06 12.96 -17.28
N GLN C 202 7.74 11.95 -16.51
CA GLN C 202 8.76 10.95 -16.21
C GLN C 202 8.33 9.52 -16.52
N LEU C 203 7.09 9.14 -16.17
CA LEU C 203 6.67 7.75 -16.35
C LEU C 203 6.23 7.47 -17.78
N LEU C 204 5.19 8.16 -18.24
CA LEU C 204 4.67 7.92 -19.58
C LEU C 204 5.71 8.14 -20.67
N PRO C 205 6.60 9.14 -20.58
CA PRO C 205 7.66 9.20 -21.60
C PRO C 205 8.50 7.94 -21.67
N ILE C 206 8.87 7.36 -20.53
CA ILE C 206 9.63 6.13 -20.53
C ILE C 206 8.81 4.97 -21.09
N VAL C 207 7.49 5.01 -20.89
CA VAL C 207 6.64 3.95 -21.43
C VAL C 207 6.63 4.02 -22.96
N ASN C 208 6.38 5.21 -23.52
CA ASN C 208 6.34 5.32 -24.98
C ASN C 208 7.70 5.07 -25.61
N LYS C 209 8.79 5.40 -24.90
CA LYS C 209 10.14 5.20 -25.40
C LYS C 209 10.51 3.71 -25.45
N GLN C 210 10.22 2.97 -24.39
CA GLN C 210 10.59 1.56 -24.30
C GLN C 210 9.46 0.62 -24.71
N SER C 211 8.49 1.11 -25.49
CA SER C 211 7.41 0.28 -26.04
C SER C 211 6.75 -0.56 -24.93
N CYS C 212 6.55 0.09 -23.79
CA CYS C 212 5.82 -0.40 -22.62
C CYS C 212 6.56 -1.51 -21.86
N SER C 213 7.74 -1.93 -22.33
CA SER C 213 8.53 -2.96 -21.63
C SER C 213 9.52 -2.25 -20.72
N ILE C 214 9.12 -2.04 -19.46
CA ILE C 214 9.98 -1.30 -18.54
C ILE C 214 11.21 -2.12 -18.18
N SER C 215 12.38 -1.50 -18.31
CA SER C 215 13.63 -2.17 -17.99
C SER C 215 13.85 -2.30 -16.49
N ASN C 216 13.67 -1.20 -15.76
CA ASN C 216 14.04 -1.12 -14.35
C ASN C 216 12.80 -1.22 -13.47
N ILE C 217 12.68 -2.32 -12.72
CA ILE C 217 11.53 -2.52 -11.85
C ILE C 217 11.41 -1.42 -10.80
N GLU C 218 12.48 -0.68 -10.55
CA GLU C 218 12.42 0.33 -9.52
C GLU C 218 11.45 1.45 -9.89
N THR C 219 11.26 1.70 -11.19
CA THR C 219 10.33 2.75 -11.58
C THR C 219 8.88 2.35 -11.31
N VAL C 220 8.54 1.07 -11.42
CA VAL C 220 7.18 0.65 -11.08
C VAL C 220 6.94 0.74 -9.57
N ILE C 221 7.95 0.38 -8.75
CA ILE C 221 7.76 0.55 -7.31
C ILE C 221 7.69 2.02 -6.96
N GLU C 222 8.52 2.83 -7.63
CA GLU C 222 8.40 4.29 -7.51
C GLU C 222 6.98 4.73 -7.81
N PHE C 223 6.38 4.16 -8.85
CA PHE C 223 5.05 4.60 -9.26
C PHE C 223 4.01 4.26 -8.22
N GLN C 224 3.96 2.99 -7.76
CA GLN C 224 2.92 2.63 -6.81
C GLN C 224 3.06 3.39 -5.51
N GLN C 225 4.28 3.74 -5.10
CA GLN C 225 4.44 4.60 -3.93
C GLN C 225 3.95 6.03 -4.22
N LYS C 226 4.33 6.59 -5.37
CA LYS C 226 3.80 7.89 -5.72
C LYS C 226 2.27 7.85 -5.76
N ASN C 227 1.73 6.75 -6.25
CA ASN C 227 0.31 6.58 -6.47
C ASN C 227 -0.47 6.29 -5.20
N ASN C 228 0.21 5.88 -4.13
CA ASN C 228 -0.47 5.26 -3.00
C ASN C 228 -1.39 6.23 -2.26
N ARG C 229 -0.92 7.45 -1.99
CA ARG C 229 -1.72 8.37 -1.19
C ARG C 229 -3.05 8.72 -1.87
N LEU C 230 -3.00 8.99 -3.17
CA LEU C 230 -4.20 9.30 -3.92
C LEU C 230 -5.18 8.13 -3.89
N LEU C 231 -4.65 6.91 -3.81
CA LEU C 231 -5.53 5.75 -3.72
C LEU C 231 -6.22 5.67 -2.36
N GLU C 232 -5.53 6.03 -1.28
CA GLU C 232 -6.19 6.01 0.03
C GLU C 232 -7.18 7.15 0.17
N ILE C 233 -6.83 8.33 -0.35
CA ILE C 233 -7.75 9.46 -0.31
C ILE C 233 -9.06 9.09 -0.99
N THR C 234 -8.97 8.44 -2.15
CA THR C 234 -10.18 8.06 -2.85
C THR C 234 -10.91 6.93 -2.14
N ARG C 235 -10.21 6.07 -1.41
CA ARG C 235 -10.90 5.02 -0.65
C ARG C 235 -11.71 5.62 0.48
N GLU C 236 -11.10 6.52 1.26
CA GLU C 236 -11.81 7.14 2.38
C GLU C 236 -13.05 7.86 1.88
N PHE C 237 -12.93 8.59 0.78
CA PHE C 237 -14.10 9.28 0.26
C PHE C 237 -15.13 8.30 -0.31
N SER C 238 -14.68 7.19 -0.89
CA SER C 238 -15.60 6.23 -1.49
C SER C 238 -16.47 5.53 -0.46
N VAL C 239 -16.01 5.44 0.78
CA VAL C 239 -16.72 4.70 1.80
C VAL C 239 -17.53 5.62 2.69
N ASN C 240 -17.38 6.94 2.55
CA ASN C 240 -18.03 7.92 3.38
C ASN C 240 -18.91 8.88 2.60
N ALA C 241 -19.21 8.58 1.35
CA ALA C 241 -20.01 9.46 0.50
C ALA C 241 -19.41 10.85 0.49
N GLY C 242 -18.09 10.91 0.36
CA GLY C 242 -17.41 12.16 0.10
C GLY C 242 -17.23 13.09 1.28
N VAL C 243 -17.57 12.67 2.51
CA VAL C 243 -17.42 13.52 3.69
C VAL C 243 -16.73 12.73 4.78
N THR C 244 -15.51 13.14 5.15
CA THR C 244 -14.70 12.45 6.13
C THR C 244 -14.53 13.24 7.40
N THR C 245 -14.64 12.56 8.53
CA THR C 245 -14.31 13.05 9.87
C THR C 245 -14.00 11.83 10.71
N PRO C 246 -12.89 11.83 11.45
CA PRO C 246 -11.86 12.86 11.50
C PRO C 246 -11.01 12.93 10.25
N VAL C 247 -10.31 14.05 10.06
CA VAL C 247 -9.46 14.23 8.90
C VAL C 247 -8.19 13.43 9.10
N SER C 248 -7.98 12.43 8.24
CA SER C 248 -6.90 11.46 8.33
C SER C 248 -5.57 12.07 7.89
N THR C 249 -4.48 11.34 8.14
CA THR C 249 -3.17 11.77 7.67
C THR C 249 -3.01 11.64 6.16
N TYR C 250 -3.83 10.84 5.49
CA TYR C 250 -3.80 10.85 4.04
C TYR C 250 -4.50 12.08 3.48
N MET C 251 -5.53 12.58 4.16
CA MET C 251 -6.19 13.80 3.71
C MET C 251 -5.31 15.02 3.93
N LEU C 252 -4.62 15.07 5.06
CA LEU C 252 -3.78 16.21 5.42
C LEU C 252 -2.68 15.65 6.30
N THR C 253 -1.45 15.61 5.78
CA THR C 253 -0.34 15.09 6.56
C THR C 253 -0.11 15.98 7.77
N ASN C 254 0.67 15.45 8.71
CA ASN C 254 0.87 16.18 9.97
C ASN C 254 1.54 17.53 9.77
N SER C 255 2.56 17.59 8.91
CA SER C 255 3.22 18.86 8.66
C SER C 255 2.33 19.81 7.87
N GLU C 256 1.49 19.28 6.97
CA GLU C 256 0.59 20.13 6.20
C GLU C 256 -0.39 20.85 7.12
N LEU C 257 -0.95 20.14 8.08
CA LEU C 257 -1.90 20.74 9.02
C LEU C 257 -1.22 21.78 9.90
N LEU C 258 -0.04 21.45 10.43
CA LEU C 258 0.70 22.39 11.25
C LEU C 258 1.00 23.67 10.47
N SER C 259 1.29 23.52 9.18
CA SER C 259 1.51 24.69 8.34
C SER C 259 0.21 25.45 8.10
N LEU C 260 -0.91 24.72 7.93
CA LEU C 260 -2.20 25.39 7.77
C LEU C 260 -2.56 26.20 8.98
N ILE C 261 -2.18 25.72 10.15
CA ILE C 261 -2.55 26.46 11.35
C ILE C 261 -1.85 27.82 11.37
N ASN C 262 -0.56 27.88 10.99
CA ASN C 262 0.15 29.15 10.99
C ASN C 262 -0.55 30.22 10.16
N ASP C 263 -1.25 29.81 9.10
CA ASP C 263 -1.83 30.77 8.18
C ASP C 263 -3.30 31.03 8.49
N MET C 264 -3.82 30.48 9.60
CA MET C 264 -5.20 30.70 9.99
C MET C 264 -5.34 32.04 10.71
N PRO C 265 -6.44 32.74 10.52
CA PRO C 265 -6.62 34.07 11.11
C PRO C 265 -6.89 34.01 12.61
N ILE C 266 -5.92 33.53 13.38
CA ILE C 266 -6.13 33.32 14.80
C ILE C 266 -4.93 33.83 15.60
N THR C 267 -5.15 34.00 16.90
CA THR C 267 -4.13 34.47 17.82
C THR C 267 -3.07 33.39 18.03
N ASN C 268 -1.91 33.82 18.54
CA ASN C 268 -0.87 32.84 18.87
C ASN C 268 -1.35 31.88 19.94
N ASP C 269 -2.25 32.33 20.83
CA ASP C 269 -2.85 31.42 21.79
C ASP C 269 -3.65 30.34 21.07
N GLN C 270 -4.33 30.71 19.99
CA GLN C 270 -5.07 29.71 19.25
C GLN C 270 -4.13 28.78 18.47
N LYS C 271 -3.11 29.34 17.82
CA LYS C 271 -2.17 28.51 17.07
C LYS C 271 -1.45 27.53 17.99
N LYS C 272 -0.97 28.00 19.15
CA LYS C 272 -0.30 27.09 20.09
C LYS C 272 -1.27 26.04 20.63
N LEU C 273 -2.54 26.41 20.85
CA LEU C 273 -3.52 25.43 21.32
C LEU C 273 -3.73 24.32 20.29
N MET C 274 -3.99 24.71 19.04
CA MET C 274 -4.24 23.72 17.99
C MET C 274 -2.99 22.90 17.69
N SER C 275 -1.82 23.54 17.71
CA SER C 275 -0.58 22.86 17.35
C SER C 275 -0.21 21.77 18.33
N ASN C 276 -0.57 21.91 19.60
CA ASN C 276 -0.27 20.89 20.60
C ASN C 276 -1.33 19.81 20.73
N ASN C 277 -2.43 19.90 19.98
CA ASN C 277 -3.51 18.93 20.05
C ASN C 277 -4.04 18.65 18.66
N VAL C 278 -3.13 18.35 17.74
CA VAL C 278 -3.55 18.07 16.37
C VAL C 278 -4.51 16.88 16.32
N GLN C 279 -4.30 15.89 17.18
CA GLN C 279 -5.14 14.70 17.14
C GLN C 279 -6.58 15.01 17.54
N ILE C 280 -6.79 15.97 18.44
CA ILE C 280 -8.14 16.44 18.74
C ILE C 280 -8.65 17.33 17.61
N VAL C 281 -7.79 18.21 17.08
CA VAL C 281 -8.17 19.05 15.94
C VAL C 281 -8.70 18.19 14.81
N ARG C 282 -7.99 17.10 14.52
CA ARG C 282 -8.44 16.17 13.49
C ARG C 282 -9.83 15.65 13.80
N GLN C 283 -10.11 15.33 15.06
CA GLN C 283 -11.39 14.76 15.43
C GLN C 283 -12.53 15.76 15.31
N GLN C 284 -12.26 17.06 15.36
CA GLN C 284 -13.27 18.08 15.18
C GLN C 284 -13.25 18.70 13.78
N SER C 285 -12.61 18.05 12.81
CA SER C 285 -12.51 18.56 11.44
C SER C 285 -13.24 17.68 10.45
N TYR C 286 -13.61 18.27 9.32
CA TYR C 286 -14.24 17.56 8.23
C TYR C 286 -13.42 17.73 6.96
N SER C 287 -13.51 16.74 6.07
CA SER C 287 -12.92 16.82 4.75
C SER C 287 -13.99 16.53 3.71
N ILE C 288 -14.27 17.51 2.85
CA ILE C 288 -15.39 17.44 1.91
C ILE C 288 -14.84 17.37 0.49
N MET C 289 -15.10 16.25 -0.18
CA MET C 289 -14.81 16.11 -1.60
C MET C 289 -15.59 17.13 -2.41
N SER C 290 -14.94 17.74 -3.39
CA SER C 290 -15.67 18.69 -4.24
C SER C 290 -15.51 18.35 -5.73
N ILE C 291 -14.31 18.42 -6.31
CA ILE C 291 -14.16 18.29 -7.76
C ILE C 291 -12.88 17.54 -8.14
N ILE C 292 -12.90 16.97 -9.36
CA ILE C 292 -11.72 16.67 -10.16
C ILE C 292 -11.97 17.05 -11.62
N LYS C 293 -11.99 18.36 -11.92
CA LYS C 293 -12.00 18.82 -13.29
C LYS C 293 -10.61 19.30 -13.71
N GLU C 294 -10.28 19.14 -14.99
CA GLU C 294 -9.06 19.65 -15.64
C GLU C 294 -7.79 19.56 -14.79
N GLU C 295 -7.35 18.34 -14.53
CA GLU C 295 -6.02 18.05 -13.96
C GLU C 295 -5.86 18.58 -12.53
N VAL C 296 -6.96 18.77 -11.82
CA VAL C 296 -6.94 19.23 -10.43
C VAL C 296 -7.91 18.37 -9.64
N LEU C 297 -7.48 17.89 -8.49
CA LEU C 297 -8.37 17.34 -7.47
C LEU C 297 -8.42 18.35 -6.34
N ALA C 298 -9.61 18.78 -5.98
CA ALA C 298 -9.75 19.76 -4.91
C ALA C 298 -10.76 19.21 -3.92
N TYR C 299 -10.45 19.31 -2.63
CA TYR C 299 -11.42 19.02 -1.60
C TYR C 299 -11.31 20.09 -0.52
N VAL C 300 -12.43 20.34 0.16
CA VAL C 300 -12.49 21.35 1.21
C VAL C 300 -12.22 20.69 2.54
N VAL C 301 -11.38 21.33 3.36
CA VAL C 301 -11.10 20.90 4.73
C VAL C 301 -11.71 21.93 5.65
N GLN C 302 -12.59 21.49 6.53
CA GLN C 302 -13.29 22.35 7.46
C GLN C 302 -12.63 22.21 8.83
N LEU C 303 -11.93 23.26 9.28
CA LEU C 303 -11.17 23.21 10.53
C LEU C 303 -11.90 23.96 11.65
N PRO C 304 -11.79 23.49 12.89
CA PRO C 304 -12.40 24.21 14.00
C PRO C 304 -11.58 25.42 14.37
N LEU C 305 -12.26 26.54 14.63
CA LEU C 305 -11.59 27.68 15.25
C LEU C 305 -12.20 27.90 16.63
N TYR C 306 -11.33 27.96 17.64
CA TYR C 306 -11.72 27.93 19.05
C TYR C 306 -11.82 29.35 19.58
N GLY C 307 -13.04 29.89 19.64
CA GLY C 307 -13.25 31.28 20.00
C GLY C 307 -13.24 31.57 21.49
N VAL C 308 -13.39 30.55 22.32
CA VAL C 308 -13.37 30.71 23.77
C VAL C 308 -12.26 29.82 24.30
N ILE C 309 -11.27 30.43 24.95
CA ILE C 309 -10.10 29.70 25.43
C ILE C 309 -9.76 30.12 26.85
N ASP C 310 -9.47 29.12 27.68
CA ASP C 310 -8.91 29.26 29.02
C ASP C 310 -9.89 29.88 30.02
N THR C 311 -11.22 29.75 29.79
CA THR C 311 -12.27 30.16 30.71
C THR C 311 -12.64 29.02 31.65
N PRO C 312 -13.20 29.34 32.82
CA PRO C 312 -13.54 28.27 33.78
C PRO C 312 -14.56 27.27 33.24
N CYS C 313 -14.33 25.99 33.50
CA CYS C 313 -15.25 24.93 33.16
C CYS C 313 -15.37 23.94 34.30
N TRP C 314 -16.54 23.34 34.44
CA TRP C 314 -16.75 22.36 35.48
C TRP C 314 -17.74 21.31 35.02
N LYS C 315 -17.57 20.10 35.52
CA LYS C 315 -18.43 18.98 35.18
C LYS C 315 -19.33 18.64 36.36
N LEU C 316 -20.62 18.50 36.09
CA LEU C 316 -21.60 18.16 37.11
C LEU C 316 -21.97 16.69 36.96
N HIS C 317 -21.79 15.91 38.03
CA HIS C 317 -22.21 14.53 38.06
C HIS C 317 -23.42 14.39 38.97
N THR C 318 -24.46 13.72 38.49
CA THR C 318 -25.66 13.56 39.27
C THR C 318 -26.02 12.08 39.31
N SER C 319 -26.81 11.72 40.32
CA SER C 319 -27.21 10.37 40.62
C SER C 319 -28.60 10.41 41.22
N PRO C 320 -29.37 9.34 41.12
CA PRO C 320 -30.71 9.34 41.73
C PRO C 320 -30.61 9.34 43.25
N LEU C 321 -31.49 10.14 43.87
CA LEU C 321 -31.58 10.30 45.33
C LEU C 321 -32.95 9.86 45.82
N CYS C 322 -32.99 8.78 46.59
CA CYS C 322 -34.20 8.13 47.03
C CYS C 322 -34.18 7.98 48.54
N THR C 323 -35.38 7.78 49.10
CA THR C 323 -35.50 7.42 50.50
C THR C 323 -35.01 5.99 50.74
N THR C 324 -34.58 5.74 51.98
CA THR C 324 -33.79 4.55 52.32
C THR C 324 -34.55 3.57 53.23
N ASN C 325 -35.88 3.56 53.15
CA ASN C 325 -36.68 2.71 54.02
C ASN C 325 -36.62 1.25 53.55
N THR C 326 -36.94 0.34 54.49
CA THR C 326 -36.83 -1.10 54.26
C THR C 326 -37.98 -1.67 53.43
N LYS C 327 -39.13 -1.01 53.44
CA LYS C 327 -40.28 -1.47 52.67
C LYS C 327 -39.92 -1.53 51.19
N GLU C 328 -40.17 -2.68 50.55
CA GLU C 328 -39.68 -2.90 49.19
C GLU C 328 -40.24 -1.89 48.19
N GLY C 329 -41.55 -1.72 48.15
CA GLY C 329 -42.15 -0.67 47.35
C GLY C 329 -42.19 0.66 48.09
N SER C 330 -43.08 1.54 47.65
CA SER C 330 -43.45 2.78 48.34
C SER C 330 -42.29 3.73 48.61
N ASN C 331 -41.14 3.52 47.99
CA ASN C 331 -40.05 4.47 48.09
C ASN C 331 -40.21 5.59 47.06
N ILE C 332 -39.61 6.74 47.37
CA ILE C 332 -39.73 7.93 46.52
C ILE C 332 -38.33 8.36 46.07
N CYS C 333 -38.22 8.85 44.83
CA CYS C 333 -36.92 9.17 44.25
C CYS C 333 -36.91 10.55 43.59
N LEU C 334 -35.70 11.05 43.39
CA LEU C 334 -35.48 12.41 42.89
C LEU C 334 -34.08 12.49 42.32
N THR C 335 -33.93 13.03 41.10
CA THR C 335 -32.65 13.09 40.39
C THR C 335 -32.45 14.44 39.74
N ARG C 336 -31.28 15.04 39.91
CA ARG C 336 -30.95 16.24 39.13
C ARG C 336 -30.64 15.87 37.69
N THR C 337 -31.29 16.55 36.74
CA THR C 337 -31.14 16.26 35.33
C THR C 337 -30.16 17.18 34.63
N ASP C 338 -29.53 18.10 35.36
CA ASP C 338 -28.62 19.05 34.74
C ASP C 338 -27.17 18.58 34.75
N ARG C 339 -26.93 17.26 34.69
CA ARG C 339 -25.58 16.74 34.55
C ARG C 339 -25.03 17.09 33.17
N GLY C 340 -23.72 17.24 33.09
CA GLY C 340 -23.05 17.62 31.87
C GLY C 340 -21.89 18.54 32.16
N TRP C 341 -21.35 19.14 31.10
CA TRP C 341 -20.22 20.06 31.19
C TRP C 341 -20.72 21.49 31.12
N TYR C 342 -20.17 22.36 31.97
CA TYR C 342 -20.51 23.78 32.03
C TYR C 342 -19.27 24.61 31.77
N CYS C 343 -19.38 25.58 30.86
CA CYS C 343 -18.30 26.53 30.60
C CYS C 343 -18.88 27.93 30.44
N ASP C 344 -18.51 28.83 31.33
CA ASP C 344 -18.80 30.25 31.19
C ASP C 344 -17.95 30.83 30.07
N ASN C 345 -18.53 31.69 29.22
CA ASN C 345 -17.67 32.30 28.21
C ASN C 345 -17.94 33.79 28.02
N ALA C 346 -19.07 34.14 27.41
CA ALA C 346 -19.44 35.54 27.20
C ALA C 346 -20.40 36.03 28.27
N GLY C 347 -20.03 35.87 29.54
CA GLY C 347 -20.86 36.37 30.61
C GLY C 347 -22.08 35.54 30.89
N SER C 348 -22.32 34.52 30.08
CA SER C 348 -23.37 33.55 30.25
C SER C 348 -22.69 32.19 30.32
N VAL C 349 -23.46 31.13 30.52
CA VAL C 349 -22.87 29.80 30.67
C VAL C 349 -23.34 28.93 29.52
N SER C 350 -22.37 28.38 28.79
CA SER C 350 -22.65 27.44 27.73
C SER C 350 -22.69 26.08 28.40
N PHE C 351 -23.82 25.41 28.29
CA PHE C 351 -24.09 24.17 28.98
C PHE C 351 -24.07 23.06 27.95
N PHE C 352 -23.34 21.98 28.24
CA PHE C 352 -23.30 20.82 27.35
C PHE C 352 -23.90 19.59 28.03
N PRO C 353 -25.14 19.23 27.72
CA PRO C 353 -25.79 18.13 28.46
C PRO C 353 -25.24 16.76 28.12
N GLN C 354 -24.71 16.59 26.91
CA GLN C 354 -24.15 15.33 26.40
C GLN C 354 -22.64 15.39 26.60
N ALA C 355 -22.19 14.95 27.78
CA ALA C 355 -20.78 15.05 28.12
C ALA C 355 -19.91 14.12 27.29
N GLU C 356 -20.52 13.21 26.54
CA GLU C 356 -19.79 12.32 25.65
C GLU C 356 -19.14 13.08 24.49
N THR C 357 -19.81 14.11 23.98
CA THR C 357 -19.30 14.89 22.86
C THR C 357 -18.12 15.76 23.25
N CYS C 358 -17.91 16.01 24.54
CA CYS C 358 -16.76 16.76 24.99
C CYS C 358 -15.59 15.82 25.25
N LYS C 359 -14.40 16.24 24.82
CA LYS C 359 -13.18 15.45 24.92
C LYS C 359 -12.24 16.14 25.89
N VAL C 360 -11.61 15.37 26.76
CA VAL C 360 -10.73 15.92 27.77
C VAL C 360 -9.31 15.43 27.50
N GLN C 361 -8.35 16.38 27.45
CA GLN C 361 -6.94 16.00 27.41
C GLN C 361 -6.33 16.67 28.63
N SER C 362 -5.88 15.86 29.59
CA SER C 362 -5.35 16.38 30.85
C SER C 362 -6.39 17.28 31.52
N ASN C 363 -6.09 18.57 31.64
CA ASN C 363 -6.97 19.51 32.32
C ASN C 363 -7.70 20.47 31.41
N ARG C 364 -7.88 20.14 30.14
CA ARG C 364 -8.55 21.00 29.17
C ARG C 364 -9.71 20.27 28.51
N VAL C 365 -10.80 20.99 28.32
CA VAL C 365 -12.04 20.42 27.79
C VAL C 365 -12.26 20.96 26.40
N PHE C 366 -12.36 20.06 25.43
CA PHE C 366 -12.67 20.43 24.05
C PHE C 366 -14.14 20.11 23.84
N CYS C 367 -14.96 21.15 23.73
CA CYS C 367 -16.39 20.98 23.47
C CYS C 367 -16.76 21.68 22.18
N ASP C 368 -18.04 21.58 21.83
CA ASP C 368 -18.59 22.13 20.60
C ASP C 368 -19.85 22.92 20.92
N THR C 369 -19.84 24.23 20.66
CA THR C 369 -20.99 25.06 20.98
C THR C 369 -22.22 24.69 20.18
N MET C 370 -22.07 23.85 19.16
CA MET C 370 -23.23 23.31 18.46
C MET C 370 -24.05 22.41 19.37
N ASN C 371 -23.40 21.74 20.33
CA ASN C 371 -24.09 20.84 21.23
C ASN C 371 -24.36 21.45 22.58
N SER C 372 -24.56 22.78 22.64
CA SER C 372 -24.74 23.46 23.90
C SER C 372 -26.06 24.22 23.96
N LEU C 373 -26.43 24.56 25.18
CA LEU C 373 -27.41 25.59 25.48
C LEU C 373 -26.70 26.74 26.18
N THR C 374 -27.18 27.94 25.94
CA THR C 374 -26.60 29.14 26.56
C THR C 374 -27.53 29.56 27.69
N LEU C 375 -27.04 29.45 28.94
CA LEU C 375 -27.83 29.63 30.14
C LEU C 375 -27.28 30.79 30.97
N PRO C 376 -28.11 31.41 31.81
CA PRO C 376 -27.61 32.46 32.70
C PRO C 376 -26.65 31.94 33.76
N SER C 377 -25.78 32.84 34.23
CA SER C 377 -24.73 32.48 35.18
C SER C 377 -25.27 31.89 36.47
N GLU C 378 -26.55 32.12 36.76
CA GLU C 378 -27.20 31.64 37.97
C GLU C 378 -27.27 30.12 38.07
N VAL C 379 -26.80 29.38 37.06
CA VAL C 379 -26.85 27.92 37.16
C VAL C 379 -26.07 27.41 38.36
N ASN C 380 -24.98 28.08 38.74
CA ASN C 380 -24.18 27.57 39.86
C ASN C 380 -24.96 27.52 41.14
N LEU C 381 -26.03 28.33 41.25
CA LEU C 381 -26.80 28.37 42.48
C LEU C 381 -27.42 27.03 42.79
N CYS C 382 -27.64 26.21 41.76
CA CYS C 382 -28.14 24.86 41.97
C CYS C 382 -27.14 23.99 42.70
N ASN C 383 -25.85 24.29 42.58
CA ASN C 383 -24.86 23.42 43.21
C ASN C 383 -24.77 23.67 44.71
N VAL C 384 -24.89 24.93 45.15
CA VAL C 384 -24.68 25.24 46.56
C VAL C 384 -25.98 25.21 47.36
N ASP C 385 -27.08 25.73 46.81
CA ASP C 385 -28.38 25.71 47.49
C ASP C 385 -29.45 25.47 46.42
N ILE C 386 -29.94 24.23 46.33
CA ILE C 386 -30.82 23.85 45.24
C ILE C 386 -32.17 24.56 45.32
N PHE C 387 -32.58 25.03 46.50
CA PHE C 387 -33.87 25.68 46.68
C PHE C 387 -33.81 27.20 46.51
N ASN C 388 -32.67 27.74 46.10
CA ASN C 388 -32.43 29.17 45.97
C ASN C 388 -33.50 29.81 45.09
N PRO C 389 -33.80 31.10 45.28
CA PRO C 389 -34.87 31.73 44.52
C PRO C 389 -34.49 32.18 43.12
N LYS C 390 -33.20 32.29 42.80
CA LYS C 390 -32.86 32.99 41.56
C LYS C 390 -32.91 32.09 40.32
N TYR C 391 -32.77 30.77 40.48
CA TYR C 391 -32.86 29.85 39.34
C TYR C 391 -33.59 28.60 39.80
N ASP C 392 -34.54 28.14 38.99
CA ASP C 392 -35.35 26.96 39.29
C ASP C 392 -34.64 25.73 38.72
N CYS C 393 -34.04 24.94 39.61
CA CYS C 393 -33.19 23.82 39.17
C CYS C 393 -34.00 22.67 38.62
N LYS C 394 -33.51 22.08 37.53
CA LYS C 394 -34.24 21.03 36.84
C LYS C 394 -33.91 19.69 37.48
N ILE C 395 -34.98 18.90 37.75
CA ILE C 395 -34.89 17.59 38.38
C ILE C 395 -35.94 16.70 37.75
N MET C 396 -35.80 15.39 37.96
CA MET C 396 -36.80 14.41 37.58
C MET C 396 -37.15 13.56 38.79
N THR C 397 -38.39 13.07 38.83
CA THR C 397 -38.88 12.34 39.98
C THR C 397 -39.43 10.99 39.54
N SER C 398 -39.29 10.00 40.41
CA SER C 398 -39.68 8.63 40.11
C SER C 398 -39.89 7.90 41.43
N LYS C 399 -40.37 6.66 41.31
CA LYS C 399 -40.44 5.72 42.43
C LYS C 399 -39.54 4.52 42.20
N THR C 400 -38.61 4.63 41.25
CA THR C 400 -37.75 3.52 40.85
C THR C 400 -36.52 3.47 41.74
N ASP C 401 -36.58 2.57 42.72
CA ASP C 401 -35.61 2.43 43.80
C ASP C 401 -34.50 1.49 43.32
N VAL C 402 -33.71 1.95 42.32
CA VAL C 402 -32.64 1.13 41.76
C VAL C 402 -31.29 1.58 42.28
N SER C 403 -30.40 0.61 42.43
CA SER C 403 -29.05 0.84 42.89
C SER C 403 -28.16 1.04 41.67
N SER C 404 -27.16 1.89 41.81
CA SER C 404 -26.30 2.24 40.68
C SER C 404 -25.09 3.00 41.19
N SER C 405 -24.15 3.28 40.29
CA SER C 405 -22.98 4.10 40.62
C SER C 405 -22.57 4.99 39.46
N VAL C 406 -22.11 6.19 39.80
CA VAL C 406 -21.62 7.18 38.83
C VAL C 406 -20.20 7.54 39.19
N ILE C 407 -19.24 7.18 38.34
CA ILE C 407 -17.84 7.52 38.60
C ILE C 407 -17.58 8.95 38.14
N THR C 408 -17.04 9.75 39.05
CA THR C 408 -16.71 11.14 38.77
C THR C 408 -15.25 11.27 38.39
N SER C 409 -14.83 12.53 38.19
CA SER C 409 -13.46 12.81 37.78
C SER C 409 -12.47 12.34 38.82
N LEU C 410 -12.75 12.60 40.10
CA LEU C 410 -11.82 12.29 41.19
C LEU C 410 -12.40 11.27 42.18
N GLY C 411 -13.45 10.56 41.81
CA GLY C 411 -14.01 9.59 42.73
C GLY C 411 -15.21 8.81 42.22
N ALA C 412 -16.13 8.46 43.13
CA ALA C 412 -17.28 7.65 42.77
C ALA C 412 -18.46 7.93 43.70
N ILE C 413 -19.59 8.24 43.10
CA ILE C 413 -20.88 8.33 43.77
C ILE C 413 -21.49 6.94 43.78
N VAL C 414 -21.98 6.50 44.94
CA VAL C 414 -22.62 5.20 45.05
C VAL C 414 -24.03 5.45 45.52
N SER C 415 -25.00 5.21 44.66
CA SER C 415 -26.39 5.32 45.04
C SER C 415 -26.88 3.89 45.29
N CYS C 416 -26.95 3.50 46.56
CA CYS C 416 -27.16 2.12 46.96
C CYS C 416 -28.50 2.00 47.66
N TYR C 417 -29.44 1.29 47.04
CA TYR C 417 -30.80 1.16 47.56
C TYR C 417 -31.25 -0.29 47.47
N GLY C 418 -32.28 -0.60 48.24
CA GLY C 418 -32.81 -1.96 48.30
C GLY C 418 -31.88 -2.86 49.09
N LYS C 419 -31.71 -4.09 48.60
CA LYS C 419 -30.88 -5.09 49.28
C LYS C 419 -29.57 -5.35 48.57
N THR C 420 -29.08 -4.38 47.78
CA THR C 420 -27.88 -4.58 46.98
C THR C 420 -26.62 -4.56 47.84
N LYS C 421 -25.66 -5.42 47.50
CA LYS C 421 -24.35 -5.41 48.13
C LYS C 421 -23.50 -4.37 47.42
N CYS C 422 -23.07 -3.33 48.14
CA CYS C 422 -22.29 -2.23 47.56
C CYS C 422 -21.00 -2.09 48.35
N THR C 423 -19.88 -2.05 47.64
CA THR C 423 -18.56 -2.19 48.25
C THR C 423 -17.56 -1.31 47.53
N ALA C 424 -16.54 -0.83 48.24
CA ALA C 424 -15.40 -0.17 47.64
C ALA C 424 -14.13 -0.89 48.07
N SER C 425 -13.23 -1.14 47.12
CA SER C 425 -12.05 -1.95 47.40
C SER C 425 -10.76 -1.26 46.95
N ASN C 426 -9.69 -1.64 47.63
CA ASN C 426 -8.32 -1.22 47.35
C ASN C 426 -7.56 -2.41 46.78
N LYS C 427 -6.62 -2.14 45.87
CA LYS C 427 -5.90 -3.22 45.20
C LYS C 427 -5.10 -4.05 46.19
N ASN C 428 -4.69 -3.48 47.32
CA ASN C 428 -3.88 -4.16 48.31
C ASN C 428 -4.71 -4.70 49.46
N ARG C 429 -5.66 -3.91 49.97
CA ARG C 429 -6.40 -4.28 51.15
C ARG C 429 -7.66 -5.09 50.89
N GLY C 430 -8.13 -5.21 49.64
CA GLY C 430 -9.41 -5.85 49.41
C GLY C 430 -10.56 -4.90 49.65
N ILE C 431 -11.66 -5.44 50.18
CA ILE C 431 -12.81 -4.63 50.57
C ILE C 431 -12.47 -3.77 51.78
N ILE C 432 -12.72 -2.46 51.69
CA ILE C 432 -12.42 -1.55 52.79
C ILE C 432 -13.60 -0.71 53.24
N LYS C 433 -14.71 -0.69 52.49
CA LYS C 433 -15.92 0.01 52.91
C LYS C 433 -17.16 -0.68 52.33
N THR C 434 -18.19 -0.83 53.15
CA THR C 434 -19.51 -1.24 52.69
C THR C 434 -20.50 -0.10 52.86
N PHE C 435 -21.24 0.20 51.80
CA PHE C 435 -22.18 1.31 51.84
C PHE C 435 -23.51 0.89 52.45
N SER C 436 -24.11 1.78 53.24
CA SER C 436 -25.48 1.65 53.69
C SER C 436 -26.41 2.22 52.63
N ASN C 437 -27.71 2.06 52.84
CA ASN C 437 -28.67 2.61 51.89
C ASN C 437 -28.62 4.14 51.90
N GLY C 438 -28.61 4.74 50.71
CA GLY C 438 -28.54 6.18 50.56
C GLY C 438 -27.42 6.58 49.62
N CYS C 439 -27.29 7.90 49.45
CA CYS C 439 -26.32 8.45 48.52
C CYS C 439 -25.02 8.77 49.24
N ASP C 440 -23.92 8.16 48.79
CA ASP C 440 -22.65 8.36 49.45
C ASP C 440 -21.58 8.62 48.40
N TYR C 441 -20.36 8.85 48.86
CA TYR C 441 -19.27 9.25 47.99
C TYR C 441 -17.97 8.72 48.54
N VAL C 442 -16.99 8.55 47.66
CA VAL C 442 -15.68 8.08 48.06
C VAL C 442 -14.63 8.76 47.19
N SER C 443 -13.51 9.12 47.79
CA SER C 443 -12.44 9.70 47.03
C SER C 443 -11.61 8.61 46.34
N ASN C 444 -10.98 8.99 45.24
CA ASN C 444 -10.11 8.11 44.49
C ASN C 444 -8.72 7.98 45.13
N LYS C 445 -8.53 8.55 46.32
CA LYS C 445 -7.23 8.48 46.96
C LYS C 445 -6.89 7.05 47.33
N GLY C 446 -7.64 6.49 48.27
CA GLY C 446 -7.41 5.15 48.76
C GLY C 446 -8.17 4.07 48.05
N VAL C 447 -9.01 4.41 47.08
CA VAL C 447 -9.95 3.46 46.49
C VAL C 447 -9.57 3.23 45.03
N ASP C 448 -9.55 1.96 44.63
CA ASP C 448 -9.26 1.55 43.26
C ASP C 448 -10.47 1.03 42.50
N THR C 449 -11.32 0.24 43.16
CA THR C 449 -12.51 -0.34 42.54
C THR C 449 -13.73 -0.10 43.42
N VAL C 450 -14.89 -0.14 42.77
CA VAL C 450 -16.15 -0.01 43.46
C VAL C 450 -17.10 -1.05 42.86
N SER C 451 -17.82 -1.77 43.71
CA SER C 451 -18.67 -2.86 43.27
C SER C 451 -20.09 -2.55 43.71
N VAL C 452 -21.00 -2.38 42.75
CA VAL C 452 -22.40 -2.08 43.04
C VAL C 452 -23.23 -3.22 42.44
N GLY C 453 -23.73 -4.10 43.30
CA GLY C 453 -24.39 -5.28 42.79
C GLY C 453 -23.42 -6.14 42.03
N ASN C 454 -23.79 -6.50 40.80
CA ASN C 454 -22.95 -7.37 40.00
C ASN C 454 -22.12 -6.59 38.99
N THR C 455 -22.04 -5.27 39.12
CA THR C 455 -21.27 -4.43 38.22
C THR C 455 -20.03 -3.92 38.95
N LEU C 456 -18.86 -4.15 38.36
CA LEU C 456 -17.60 -3.72 38.94
C LEU C 456 -17.09 -2.51 38.17
N TYR C 457 -16.97 -1.38 38.85
CA TYR C 457 -16.49 -0.13 38.28
C TYR C 457 -15.06 0.12 38.73
N TYR C 458 -14.18 0.44 37.78
CA TYR C 458 -12.87 0.98 38.12
C TYR C 458 -12.89 2.50 38.18
N VAL C 459 -12.18 3.06 39.16
CA VAL C 459 -12.20 4.48 39.44
C VAL C 459 -11.04 5.16 38.74
N ASN C 460 -11.27 6.41 38.33
CA ASN C 460 -10.21 7.25 37.77
C ASN C 460 -9.13 7.54 38.82
N LYS C 461 -7.88 7.53 38.37
CA LYS C 461 -6.73 7.76 39.25
C LYS C 461 -6.03 9.11 39.01
N GLN C 462 -6.70 10.08 38.37
CA GLN C 462 -6.13 11.41 38.26
C GLN C 462 -5.95 12.02 39.64
N GLU C 463 -4.83 12.71 39.84
CA GLU C 463 -4.54 13.31 41.13
C GLU C 463 -5.34 14.60 41.32
N GLY C 464 -5.77 14.84 42.56
CA GLY C 464 -6.55 16.01 42.89
C GLY C 464 -7.31 15.82 44.18
N LYS C 465 -7.61 16.90 44.87
CA LYS C 465 -8.30 16.81 46.16
C LYS C 465 -9.81 16.88 45.96
N SER C 466 -10.51 15.96 46.63
CA SER C 466 -11.97 15.98 46.65
C SER C 466 -12.43 16.25 48.07
N LEU C 467 -13.61 16.88 48.18
CA LEU C 467 -14.11 17.36 49.47
C LEU C 467 -15.57 16.98 49.63
N TYR C 468 -15.93 16.58 50.85
CA TYR C 468 -17.27 16.09 51.16
C TYR C 468 -18.05 17.23 51.82
N VAL C 469 -19.14 17.65 51.18
CA VAL C 469 -20.04 18.68 51.71
C VAL C 469 -21.20 17.97 52.39
N LYS C 470 -21.11 17.80 53.72
CA LYS C 470 -22.16 17.12 54.46
C LYS C 470 -23.45 17.92 54.44
N GLY C 471 -24.57 17.22 54.41
CA GLY C 471 -25.86 17.85 54.36
C GLY C 471 -26.94 16.80 54.34
N GLU C 472 -28.14 17.21 54.76
CA GLU C 472 -29.24 16.24 54.78
C GLU C 472 -29.83 16.05 53.39
N PRO C 473 -30.00 14.81 52.92
CA PRO C 473 -30.57 14.56 51.60
C PRO C 473 -31.89 15.30 51.39
N ILE C 474 -32.01 15.94 50.24
CA ILE C 474 -33.17 16.78 49.97
C ILE C 474 -34.45 15.98 50.01
N ILE C 475 -34.37 14.68 49.70
CA ILE C 475 -35.55 13.87 49.54
C ILE C 475 -36.31 13.71 50.84
N ASN C 476 -35.67 13.94 51.99
CA ASN C 476 -36.35 13.77 53.26
C ASN C 476 -37.39 14.85 53.53
N PHE C 477 -37.32 15.99 52.82
CA PHE C 477 -38.21 17.13 53.05
C PHE C 477 -39.55 16.98 52.35
N TYR C 478 -39.81 15.87 51.68
CA TYR C 478 -41.04 15.64 50.95
C TYR C 478 -41.83 14.53 51.63
N ASP C 479 -43.14 14.69 51.68
CA ASP C 479 -43.83 13.54 52.25
C ASP C 479 -44.31 12.62 51.14
N PRO C 480 -44.15 11.30 51.31
CA PRO C 480 -44.47 10.38 50.21
C PRO C 480 -45.95 10.38 49.82
N LEU C 481 -46.83 11.04 50.58
CA LEU C 481 -48.26 10.90 50.31
C LEU C 481 -48.74 11.85 49.21
N VAL C 482 -48.07 12.98 49.04
CA VAL C 482 -48.46 13.99 48.06
C VAL C 482 -47.41 14.13 46.96
N PHE C 483 -46.42 13.27 46.94
CA PHE C 483 -45.31 13.45 46.02
C PHE C 483 -45.73 13.07 44.60
N PRO C 484 -45.61 13.99 43.62
CA PRO C 484 -45.90 13.64 42.22
C PRO C 484 -44.71 12.92 41.60
N SER C 485 -44.90 11.62 41.34
CA SER C 485 -43.79 10.73 41.10
C SER C 485 -43.53 10.44 39.61
N ASP C 486 -44.11 11.22 38.69
CA ASP C 486 -43.86 11.04 37.24
C ASP C 486 -43.56 12.40 36.60
N GLU C 487 -42.32 12.85 36.75
CA GLU C 487 -41.91 14.14 36.23
C GLU C 487 -40.54 13.99 35.58
N PHE C 488 -40.45 14.17 34.26
CA PHE C 488 -39.17 14.01 33.59
C PHE C 488 -38.34 15.28 33.52
N ASP C 489 -38.97 16.45 33.43
CA ASP C 489 -38.15 17.66 33.34
C ASP C 489 -38.72 18.79 34.18
N ALA C 490 -39.43 18.47 35.26
CA ALA C 490 -40.02 19.51 36.07
C ALA C 490 -38.93 20.25 36.82
N SER C 491 -39.34 21.20 37.63
CA SER C 491 -38.40 22.00 38.39
C SER C 491 -38.76 21.85 39.85
N ILE C 492 -37.86 22.31 40.72
CA ILE C 492 -38.18 22.29 42.13
C ILE C 492 -39.46 23.07 42.39
N SER C 493 -39.58 24.26 41.80
CA SER C 493 -40.78 25.06 42.01
C SER C 493 -41.99 24.45 41.33
N GLN C 494 -41.83 23.80 40.18
CA GLN C 494 -42.97 23.18 39.52
C GLN C 494 -43.53 22.04 40.35
N VAL C 495 -42.65 21.26 40.98
CA VAL C 495 -43.08 20.18 41.87
C VAL C 495 -43.70 20.74 43.14
N ASN C 496 -43.11 21.79 43.71
CA ASN C 496 -43.72 22.43 44.88
C ASN C 496 -45.13 22.90 44.56
N GLU C 497 -45.33 23.41 43.34
CA GLU C 497 -46.65 23.88 42.92
C GLU C 497 -47.63 22.72 42.77
N LYS C 498 -47.14 21.56 42.31
CA LYS C 498 -48.01 20.39 42.21
C LYS C 498 -48.33 19.83 43.59
N ILE C 499 -47.40 19.96 44.54
CA ILE C 499 -47.69 19.65 45.93
C ILE C 499 -48.70 20.65 46.49
N ASN C 500 -48.51 21.94 46.17
CA ASN C 500 -49.38 22.99 46.68
C ASN C 500 -50.79 22.91 46.12
N GLN C 501 -50.93 22.57 44.83
CA GLN C 501 -52.28 22.39 44.27
C GLN C 501 -52.96 21.17 44.89
N SER C 502 -52.21 20.10 45.14
CA SER C 502 -52.77 18.90 45.73
C SER C 502 -52.94 19.02 47.25
N LEU C 503 -52.09 19.82 47.91
CA LEU C 503 -52.27 20.07 49.34
C LEU C 503 -53.42 21.02 49.59
N ALA C 504 -53.73 21.90 48.63
CA ALA C 504 -54.86 22.81 48.78
C ALA C 504 -56.17 22.07 48.60
N PHE C 505 -56.27 21.19 47.60
CA PHE C 505 -57.52 20.46 47.39
C PHE C 505 -57.84 19.58 48.60
N ILE C 506 -56.83 19.04 49.26
CA ILE C 506 -57.09 18.25 50.46
C ILE C 506 -57.40 19.16 51.64
N ARG C 507 -56.68 20.28 51.77
CA ARG C 507 -56.96 21.17 52.88
C ARG C 507 -58.31 21.87 52.72
N LYS C 508 -58.62 22.36 51.52
CA LYS C 508 -59.86 23.12 51.32
C LYS C 508 -61.08 22.24 51.40
N SER C 509 -60.98 20.97 50.98
CA SER C 509 -62.15 20.10 51.04
C SER C 509 -62.51 19.76 52.49
N ASP C 510 -61.51 19.68 53.38
CA ASP C 510 -61.80 19.34 54.77
C ASP C 510 -62.53 20.46 55.49
N GLU C 511 -62.21 21.71 55.17
CA GLU C 511 -62.94 22.84 55.76
C GLU C 511 -64.40 22.81 55.33
N LEU C 512 -64.65 22.62 54.04
CA LEU C 512 -65.98 22.64 53.44
C LEU C 512 -66.82 21.46 53.94
N VAL D 25 -6.30 4.66 -39.91
CA VAL D 25 -6.95 5.82 -39.33
C VAL D 25 -6.73 7.04 -40.22
N GLN D 26 -7.63 8.00 -40.08
CA GLN D 26 -7.63 9.19 -40.91
C GLN D 26 -8.15 10.40 -40.13
N LEU D 27 -7.50 11.55 -40.30
CA LEU D 27 -8.04 12.85 -39.88
C LEU D 27 -8.34 13.63 -41.15
N GLN D 28 -9.60 13.95 -41.37
CA GLN D 28 -10.03 14.63 -42.58
C GLN D 28 -10.48 16.03 -42.18
N GLN D 29 -9.78 17.05 -42.66
CA GLN D 29 -10.12 18.42 -42.35
C GLN D 29 -11.03 19.02 -43.41
N SER D 30 -11.76 20.07 -43.02
CA SER D 30 -12.67 20.76 -43.92
C SER D 30 -11.91 21.46 -45.05
N GLY D 31 -12.67 21.98 -46.02
CA GLY D 31 -12.11 22.54 -47.24
C GLY D 31 -11.62 23.97 -47.09
N ALA D 32 -10.95 24.45 -48.14
CA ALA D 32 -10.40 25.80 -48.15
C ALA D 32 -11.49 26.83 -47.86
N GLU D 33 -11.09 27.98 -47.31
CA GLU D 33 -12.01 29.00 -46.84
C GLU D 33 -11.59 30.37 -47.37
N LEU D 34 -12.60 31.15 -47.78
CA LEU D 34 -12.42 32.57 -48.09
C LEU D 34 -13.21 33.36 -47.06
N VAL D 35 -12.56 34.29 -46.37
CA VAL D 35 -13.15 34.98 -45.24
C VAL D 35 -13.01 36.48 -45.44
N LYS D 36 -14.11 37.21 -45.25
CA LYS D 36 -14.04 38.66 -45.27
C LYS D 36 -13.25 39.15 -44.07
N PRO D 37 -12.50 40.24 -44.22
CA PRO D 37 -11.81 40.81 -43.05
C PRO D 37 -12.81 41.18 -41.97
N GLY D 38 -12.50 40.82 -40.73
CA GLY D 38 -13.37 41.11 -39.61
C GLY D 38 -14.40 40.04 -39.30
N ALA D 39 -14.70 39.16 -40.27
CA ALA D 39 -15.63 38.08 -40.03
C ALA D 39 -14.94 36.94 -39.29
N SER D 40 -15.68 35.87 -39.06
CA SER D 40 -15.14 34.70 -38.38
C SER D 40 -15.29 33.48 -39.26
N VAL D 41 -14.60 32.41 -38.87
CA VAL D 41 -14.66 31.14 -39.57
C VAL D 41 -14.44 30.03 -38.55
N LYS D 42 -15.04 28.87 -38.81
CA LYS D 42 -14.93 27.72 -37.93
C LYS D 42 -14.44 26.53 -38.76
N LEU D 43 -13.28 25.99 -38.40
CA LEU D 43 -12.72 24.87 -39.13
C LEU D 43 -13.01 23.57 -38.40
N SER D 44 -13.13 22.49 -39.17
CA SER D 44 -13.44 21.18 -38.62
C SER D 44 -12.39 20.16 -39.03
N CYS D 45 -12.30 19.10 -38.22
CA CYS D 45 -11.32 18.04 -38.37
C CYS D 45 -11.97 16.78 -37.84
N THR D 46 -12.49 15.95 -38.73
CA THR D 46 -13.26 14.77 -38.35
C THR D 46 -12.36 13.55 -38.38
N ALA D 47 -12.37 12.78 -37.30
CA ALA D 47 -11.47 11.63 -37.15
C ALA D 47 -12.15 10.33 -37.54
N SER D 48 -11.43 9.49 -38.28
CA SER D 48 -11.90 8.15 -38.62
C SER D 48 -10.83 7.12 -38.27
N GLY D 49 -11.27 5.99 -37.74
CA GLY D 49 -10.39 4.93 -37.33
C GLY D 49 -10.14 4.87 -35.84
N PHE D 50 -10.62 5.86 -35.08
CA PHE D 50 -10.40 5.89 -33.64
C PHE D 50 -11.34 6.92 -33.02
N ASN D 51 -11.55 6.77 -31.72
CA ASN D 51 -12.43 7.66 -30.97
C ASN D 51 -11.61 8.79 -30.35
N ILE D 52 -11.97 10.05 -30.64
CA ILE D 52 -11.16 11.18 -30.17
C ILE D 52 -11.19 11.33 -28.66
N LYS D 53 -12.11 10.67 -27.96
CA LYS D 53 -12.12 10.78 -26.51
C LYS D 53 -10.84 10.25 -25.91
N ASP D 54 -10.09 9.45 -26.65
CA ASP D 54 -8.96 8.70 -26.11
C ASP D 54 -7.61 9.33 -26.42
N THR D 55 -7.58 10.57 -26.88
CA THR D 55 -6.31 11.19 -27.18
C THR D 55 -6.44 12.70 -26.99
N PHE D 56 -5.44 13.45 -27.46
CA PHE D 56 -5.44 14.91 -27.40
C PHE D 56 -5.26 15.46 -28.81
N PHE D 57 -5.85 16.62 -29.07
CA PHE D 57 -5.78 17.25 -30.37
C PHE D 57 -5.04 18.59 -30.26
N HIS D 58 -4.30 18.93 -31.31
CA HIS D 58 -3.55 20.16 -31.39
C HIS D 58 -3.95 20.85 -32.69
N TRP D 59 -3.88 22.18 -32.70
CA TRP D 59 -3.98 22.94 -33.93
C TRP D 59 -2.69 23.72 -34.15
N VAL D 60 -2.20 23.72 -35.38
CA VAL D 60 -0.93 24.33 -35.73
C VAL D 60 -1.12 25.23 -36.95
N LYS D 61 -0.58 26.43 -36.89
CA LYS D 61 -0.71 27.40 -37.95
C LYS D 61 0.59 27.46 -38.74
N GLN D 62 0.50 27.52 -40.06
CA GLN D 62 1.67 27.64 -40.93
C GLN D 62 1.39 28.70 -41.98
N ARG D 63 1.95 29.89 -41.80
CA ARG D 63 1.77 30.87 -42.84
C ARG D 63 2.74 30.59 -43.99
N PRO D 64 2.38 31.04 -45.21
CA PRO D 64 3.25 30.78 -46.36
C PRO D 64 4.63 31.35 -46.11
N GLU D 65 5.66 30.52 -46.30
CA GLU D 65 7.04 30.92 -46.07
C GLU D 65 7.26 31.40 -44.65
N GLN D 66 6.43 30.94 -43.72
CA GLN D 66 6.59 31.24 -42.31
C GLN D 66 6.85 29.94 -41.57
N GLY D 67 7.00 30.02 -40.26
CA GLY D 67 7.24 28.84 -39.48
C GLY D 67 5.94 28.26 -39.00
N LEU D 68 6.05 27.30 -38.11
CA LEU D 68 4.88 26.66 -37.55
C LEU D 68 4.63 27.31 -36.21
N GLU D 69 3.37 27.59 -35.92
CA GLU D 69 3.00 28.20 -34.65
C GLU D 69 1.95 27.30 -34.01
N TRP D 70 2.24 26.82 -32.81
CA TRP D 70 1.28 26.02 -32.08
C TRP D 70 0.19 26.93 -31.53
N ILE D 71 -1.06 26.64 -31.85
CA ILE D 71 -2.17 27.47 -31.40
C ILE D 71 -2.67 27.01 -30.05
N GLY D 72 -2.84 25.71 -29.86
CA GLY D 72 -3.30 25.20 -28.59
C GLY D 72 -3.61 23.72 -28.70
N ARG D 73 -4.14 23.18 -27.62
CA ARG D 73 -4.45 21.77 -27.61
C ARG D 73 -5.74 21.58 -26.82
N ILE D 74 -6.39 20.45 -27.03
CA ILE D 74 -7.63 20.14 -26.36
C ILE D 74 -7.63 18.67 -25.97
N ASP D 75 -8.23 18.38 -24.82
CA ASP D 75 -8.61 17.01 -24.44
C ASP D 75 -10.10 16.86 -24.72
N PRO D 76 -10.50 16.14 -25.76
CA PRO D 76 -11.93 16.09 -26.12
C PRO D 76 -12.79 15.44 -25.06
N ALA D 77 -12.19 14.70 -24.12
CA ALA D 77 -12.96 13.99 -23.11
C ALA D 77 -13.66 14.95 -22.15
N ASP D 78 -13.05 16.10 -21.86
CA ASP D 78 -13.67 17.01 -20.91
C ASP D 78 -13.68 18.45 -21.35
N GLY D 79 -13.22 18.78 -22.55
CA GLY D 79 -13.21 20.16 -23.00
C GLY D 79 -12.03 20.98 -22.52
N HIS D 80 -11.14 20.41 -21.73
CA HIS D 80 -9.99 21.15 -21.23
C HIS D 80 -9.17 21.66 -22.41
N THR D 81 -8.82 22.94 -22.40
CA THR D 81 -8.01 23.54 -23.46
C THR D 81 -6.86 24.33 -22.87
N LYS D 82 -5.81 24.47 -23.66
CA LYS D 82 -4.65 25.30 -23.33
C LYS D 82 -4.17 25.95 -24.61
N TYR D 83 -4.00 27.26 -24.61
CA TYR D 83 -3.65 28.02 -25.80
C TYR D 83 -2.31 28.69 -25.59
N ASP D 84 -1.59 28.91 -26.68
CA ASP D 84 -0.58 29.94 -26.65
C ASP D 84 -1.32 31.26 -26.44
N PRO D 85 -0.97 32.03 -25.42
CA PRO D 85 -1.64 33.32 -25.17
C PRO D 85 -1.65 34.27 -26.37
N LYS D 86 -0.66 34.16 -27.27
CA LYS D 86 -0.68 34.96 -28.48
C LYS D 86 -1.99 34.83 -29.24
N PHE D 87 -2.64 33.67 -29.13
CA PHE D 87 -3.85 33.42 -29.89
C PHE D 87 -5.11 33.57 -29.06
N GLN D 88 -4.98 33.92 -27.78
CA GLN D 88 -6.16 34.06 -26.94
C GLN D 88 -7.12 35.08 -27.51
N GLY D 89 -8.40 34.71 -27.56
CA GLY D 89 -9.44 35.56 -28.10
C GLY D 89 -9.55 35.35 -29.59
N LYS D 90 -8.39 35.18 -30.23
CA LYS D 90 -8.36 34.95 -31.67
C LYS D 90 -8.80 33.52 -32.00
N ALA D 91 -8.29 32.54 -31.26
CA ALA D 91 -8.51 31.13 -31.57
C ALA D 91 -9.33 30.50 -30.45
N THR D 92 -10.32 29.69 -30.84
CA THR D 92 -11.15 28.95 -29.90
C THR D 92 -11.18 27.49 -30.33
N ILE D 93 -10.67 26.60 -29.49
CA ILE D 93 -10.61 25.18 -29.81
C ILE D 93 -11.72 24.48 -29.04
N THR D 94 -12.53 23.71 -29.76
CA THR D 94 -13.58 22.93 -29.14
C THR D 94 -13.61 21.54 -29.75
N ALA D 95 -14.38 20.65 -29.13
CA ALA D 95 -14.51 19.31 -29.69
C ALA D 95 -15.89 18.77 -29.37
N ASP D 96 -16.34 17.85 -30.21
CA ASP D 96 -17.62 17.18 -30.04
C ASP D 96 -17.42 15.68 -30.17
N THR D 97 -17.50 14.97 -29.06
CA THR D 97 -17.26 13.53 -29.10
C THR D 97 -18.37 12.81 -29.86
N SER D 98 -19.58 13.39 -29.88
CA SER D 98 -20.70 12.75 -30.56
C SER D 98 -20.41 12.51 -32.04
N SER D 99 -19.78 13.47 -32.72
CA SER D 99 -19.47 13.34 -34.14
C SER D 99 -18.00 13.08 -34.38
N ASN D 100 -17.23 12.89 -33.31
CA ASN D 100 -15.80 12.57 -33.39
C ASN D 100 -15.05 13.64 -34.18
N THR D 101 -15.32 14.90 -33.86
CA THR D 101 -14.83 16.05 -34.61
C THR D 101 -14.21 17.08 -33.67
N ALA D 102 -13.06 17.62 -34.08
CA ALA D 102 -12.46 18.75 -33.40
C ALA D 102 -12.60 20.01 -34.26
N PHE D 103 -12.71 21.16 -33.59
CA PHE D 103 -13.00 22.42 -34.24
C PHE D 103 -11.98 23.48 -33.83
N LEU D 104 -11.78 24.43 -34.73
CA LEU D 104 -11.02 25.64 -34.47
C LEU D 104 -11.82 26.80 -35.03
N GLN D 105 -12.27 27.70 -34.15
CA GLN D 105 -12.94 28.91 -34.59
C GLN D 105 -11.94 30.06 -34.52
N LEU D 106 -11.80 30.78 -35.61
CA LEU D 106 -10.96 31.95 -35.67
C LEU D 106 -11.87 33.16 -35.78
N SER D 107 -11.66 34.15 -34.90
CA SER D 107 -12.55 35.29 -34.75
C SER D 107 -11.89 36.59 -35.23
N SER D 108 -12.71 37.49 -35.77
CA SER D 108 -12.29 38.84 -36.10
C SER D 108 -11.01 38.85 -36.95
N LEU D 109 -11.10 38.22 -38.12
CA LEU D 109 -9.91 37.93 -38.92
C LEU D 109 -9.33 39.15 -39.63
N THR D 110 -8.01 39.21 -39.69
CA THR D 110 -7.26 40.17 -40.48
C THR D 110 -6.32 39.41 -41.39
N SER D 111 -5.58 40.15 -42.21
CA SER D 111 -4.73 39.52 -43.22
C SER D 111 -3.64 38.64 -42.62
N VAL D 112 -3.20 38.93 -41.40
CA VAL D 112 -2.16 38.09 -40.79
C VAL D 112 -2.68 36.73 -40.37
N ASP D 113 -4.00 36.52 -40.43
CA ASP D 113 -4.57 35.20 -40.19
C ASP D 113 -4.63 34.35 -41.45
N THR D 114 -4.31 34.89 -42.64
CA THR D 114 -4.24 34.07 -43.83
C THR D 114 -3.08 33.09 -43.69
N ALA D 115 -3.40 31.81 -43.69
CA ALA D 115 -2.45 30.75 -43.34
C ALA D 115 -3.11 29.40 -43.59
N VAL D 116 -2.30 28.35 -43.53
CA VAL D 116 -2.76 26.97 -43.47
C VAL D 116 -2.89 26.56 -42.02
N TYR D 117 -4.02 25.95 -41.66
CA TYR D 117 -4.27 25.49 -40.29
C TYR D 117 -4.36 23.98 -40.28
N TYR D 118 -3.56 23.35 -39.42
CA TYR D 118 -3.47 21.90 -39.32
C TYR D 118 -4.12 21.38 -38.05
N CYS D 119 -4.66 20.18 -38.14
CA CYS D 119 -5.10 19.36 -37.03
C CYS D 119 -4.01 18.32 -36.72
N ALA D 120 -3.90 17.88 -35.46
CA ALA D 120 -2.88 16.88 -35.13
C ALA D 120 -3.22 16.17 -33.81
N THR D 121 -2.72 14.92 -33.68
CA THR D 121 -2.92 14.09 -32.49
C THR D 121 -1.77 13.12 -32.36
N THR D 122 -1.70 12.49 -31.18
CA THR D 122 -0.86 11.32 -30.98
C THR D 122 -1.78 10.10 -31.04
N ILE D 123 -1.44 9.14 -31.93
CA ILE D 123 -2.08 7.82 -32.06
C ILE D 123 -1.01 6.71 -32.09
N THR D 124 0.12 6.95 -32.77
CA THR D 124 1.21 5.98 -32.87
C THR D 124 2.08 6.02 -31.62
N ALA D 125 1.45 5.76 -30.48
CA ALA D 125 2.17 5.82 -29.22
C ALA D 125 1.44 4.95 -28.22
N VAL D 126 2.21 4.35 -27.33
CA VAL D 126 1.64 3.41 -26.37
C VAL D 126 0.62 4.10 -25.48
N VAL D 127 0.99 5.24 -24.90
CA VAL D 127 0.08 6.01 -24.07
C VAL D 127 0.00 7.43 -24.62
N PRO D 128 -1.17 7.93 -24.99
CA PRO D 128 -1.30 9.32 -25.41
C PRO D 128 -1.19 10.28 -24.24
N THR D 129 -0.26 11.26 -24.36
CA THR D 129 0.06 12.39 -23.50
C THR D 129 -0.23 13.70 -24.24
N PRO D 130 -0.59 14.79 -23.54
CA PRO D 130 -0.73 16.07 -24.25
C PRO D 130 0.62 16.65 -24.60
N TYR D 131 1.69 16.09 -24.03
CA TYR D 131 3.07 16.50 -24.19
C TYR D 131 3.81 15.58 -25.15
N ASN D 132 3.10 14.62 -25.74
CA ASN D 132 3.73 13.69 -26.65
C ASN D 132 3.90 14.34 -28.02
N ALA D 133 4.64 13.68 -28.91
CA ALA D 133 4.84 14.26 -30.23
C ALA D 133 3.56 14.13 -31.05
N MET D 134 3.49 14.91 -32.12
CA MET D 134 2.34 14.90 -33.03
C MET D 134 2.67 13.99 -34.19
N ASP D 135 2.13 12.77 -34.16
CA ASP D 135 2.49 11.77 -35.15
C ASP D 135 1.50 11.65 -36.29
N TYR D 136 0.27 12.14 -36.12
CA TYR D 136 -0.71 12.18 -37.18
C TYR D 136 -1.18 13.61 -37.38
N TRP D 137 -1.30 14.00 -38.65
CA TRP D 137 -1.67 15.36 -39.01
C TRP D 137 -2.82 15.29 -40.00
N GLY D 138 -3.76 16.20 -39.86
CA GLY D 138 -4.74 16.39 -40.92
C GLY D 138 -4.04 17.00 -42.11
N GLN D 139 -4.76 17.08 -43.23
CA GLN D 139 -4.14 17.56 -44.45
C GLN D 139 -4.05 19.08 -44.52
N GLY D 140 -4.65 19.80 -43.58
CA GLY D 140 -4.59 21.25 -43.59
C GLY D 140 -5.79 21.91 -44.22
N THR D 141 -6.16 23.07 -43.67
CA THR D 141 -7.22 23.90 -44.17
C THR D 141 -6.64 25.26 -44.49
N SER D 142 -6.82 25.72 -45.73
CA SER D 142 -6.17 26.93 -46.22
C SER D 142 -7.17 28.08 -46.10
N VAL D 143 -6.91 28.99 -45.16
CA VAL D 143 -7.80 30.12 -44.90
C VAL D 143 -7.20 31.34 -45.58
N THR D 144 -7.99 31.96 -46.46
CA THR D 144 -7.63 33.19 -47.15
C THR D 144 -8.56 34.31 -46.70
N VAL D 145 -7.99 35.42 -46.22
CA VAL D 145 -8.75 36.58 -45.79
C VAL D 145 -8.65 37.67 -46.84
N SER D 146 -9.79 38.00 -47.47
CA SER D 146 -9.77 38.95 -48.57
C SER D 146 -11.19 39.44 -48.84
N SER D 147 -11.29 40.68 -49.28
CA SER D 147 -12.61 41.20 -49.67
C SER D 147 -13.03 40.77 -51.06
N ALA D 148 -12.10 40.28 -51.88
CA ALA D 148 -12.38 40.00 -53.28
C ALA D 148 -13.38 38.87 -53.44
N SER D 149 -14.24 39.00 -54.45
CA SER D 149 -15.23 37.99 -54.79
C SER D 149 -14.61 36.80 -55.53
N THR D 150 -15.38 35.71 -55.59
CA THR D 150 -14.93 34.50 -56.28
C THR D 150 -14.99 34.69 -57.79
N THR D 151 -14.01 34.12 -58.49
CA THR D 151 -13.90 34.22 -59.94
C THR D 151 -13.56 32.84 -60.51
N ALA D 152 -14.37 32.37 -61.45
CA ALA D 152 -14.15 31.06 -62.05
C ALA D 152 -12.94 31.09 -62.99
N PRO D 153 -12.22 29.98 -63.11
CA PRO D 153 -11.04 29.96 -63.97
C PRO D 153 -11.38 29.88 -65.44
N SER D 154 -10.49 30.43 -66.25
CA SER D 154 -10.42 30.11 -67.68
C SER D 154 -9.41 28.98 -67.88
N VAL D 155 -9.79 27.95 -68.65
CA VAL D 155 -8.91 26.82 -68.91
C VAL D 155 -8.57 26.77 -70.40
N TYR D 156 -7.26 26.80 -70.70
CA TYR D 156 -6.75 26.88 -72.05
C TYR D 156 -5.80 25.72 -72.34
N PRO D 157 -6.06 24.94 -73.40
CA PRO D 157 -5.10 23.88 -73.80
C PRO D 157 -3.92 24.44 -74.57
N LEU D 158 -2.74 23.88 -74.30
CA LEU D 158 -1.48 24.33 -74.89
C LEU D 158 -0.89 23.18 -75.71
N ALA D 159 -1.10 23.24 -77.04
CA ALA D 159 -0.54 22.28 -77.97
C ALA D 159 0.82 22.76 -78.45
N PRO D 160 1.69 21.86 -78.89
CA PRO D 160 3.02 22.27 -79.34
C PRO D 160 2.95 23.18 -80.56
N VAL D 161 4.06 23.87 -80.81
CA VAL D 161 4.15 24.75 -81.97
C VAL D 161 3.74 24.00 -83.22
N CYS D 162 3.03 24.67 -84.10
CA CYS D 162 2.54 24.07 -85.34
C CYS D 162 3.70 23.76 -86.31
N GLY D 167 10.92 15.84 -82.41
CA GLY D 167 11.78 15.07 -81.53
C GLY D 167 11.22 13.70 -81.15
N SER D 168 11.85 13.04 -80.17
CA SER D 168 11.43 11.70 -79.73
C SER D 168 10.32 11.73 -78.69
N SER D 169 10.19 12.82 -77.95
CA SER D 169 9.16 13.01 -76.96
C SER D 169 8.52 14.38 -77.19
N VAL D 170 7.31 14.57 -76.68
CA VAL D 170 6.56 15.79 -76.86
C VAL D 170 6.03 16.25 -75.52
N THR D 171 5.97 17.56 -75.32
CA THR D 171 5.45 18.15 -74.11
C THR D 171 4.19 18.93 -74.43
N LEU D 172 3.11 18.66 -73.70
CA LEU D 172 1.86 19.37 -73.83
C LEU D 172 1.62 20.19 -72.57
N GLY D 173 0.73 21.17 -72.67
CA GLY D 173 0.48 22.07 -71.56
C GLY D 173 -0.98 22.38 -71.38
N CYS D 174 -1.29 22.90 -70.19
CA CYS D 174 -2.62 23.38 -69.83
C CYS D 174 -2.47 24.62 -68.95
N LEU D 175 -3.12 25.70 -69.34
CA LEU D 175 -3.04 26.99 -68.63
C LEU D 175 -4.38 27.31 -67.98
N VAL D 176 -4.36 27.52 -66.67
CA VAL D 176 -5.56 27.84 -65.89
C VAL D 176 -5.35 29.24 -65.33
N LYS D 177 -6.00 30.23 -65.95
CA LYS D 177 -5.69 31.64 -65.73
C LYS D 177 -6.88 32.37 -65.15
N GLY D 178 -6.63 33.22 -64.16
CA GLY D 178 -7.58 34.22 -63.70
C GLY D 178 -8.72 33.70 -62.84
N TYR D 179 -8.40 32.98 -61.76
CA TYR D 179 -9.40 32.47 -60.84
C TYR D 179 -9.14 33.02 -59.43
N PHE D 180 -10.15 32.88 -58.57
CA PHE D 180 -10.03 33.26 -57.17
C PHE D 180 -11.14 32.58 -56.40
N PRO D 181 -10.89 32.06 -55.20
CA PRO D 181 -9.57 31.95 -54.57
C PRO D 181 -8.92 30.63 -54.92
N GLU D 182 -7.83 30.31 -54.26
CA GLU D 182 -7.34 28.95 -54.32
C GLU D 182 -8.28 28.03 -53.53
N PRO D 183 -8.27 26.71 -53.81
CA PRO D 183 -7.42 26.04 -54.80
C PRO D 183 -8.13 25.72 -56.09
N VAL D 184 -7.37 25.24 -57.08
CA VAL D 184 -7.91 24.47 -58.18
C VAL D 184 -7.22 23.13 -58.16
N THR D 185 -7.88 22.13 -58.74
CA THR D 185 -7.30 20.81 -58.93
C THR D 185 -7.25 20.49 -60.42
N LEU D 186 -6.07 20.09 -60.88
CA LEU D 186 -5.83 19.76 -62.28
C LEU D 186 -5.26 18.36 -62.37
N THR D 187 -5.85 17.52 -63.22
CA THR D 187 -5.31 16.20 -63.53
C THR D 187 -5.22 16.01 -65.03
N TRP D 188 -4.53 14.96 -65.43
CA TRP D 188 -4.36 14.61 -66.83
C TRP D 188 -4.95 13.22 -67.04
N ASN D 189 -5.83 13.10 -68.04
CA ASN D 189 -6.55 11.86 -68.32
C ASN D 189 -7.18 11.30 -67.06
N SER D 190 -7.81 12.18 -66.29
CA SER D 190 -8.54 11.82 -65.08
C SER D 190 -7.64 11.17 -64.05
N GLY D 191 -6.36 11.51 -64.05
CA GLY D 191 -5.39 11.01 -63.10
C GLY D 191 -4.60 9.80 -63.56
N SER D 192 -5.04 9.12 -64.63
CA SER D 192 -4.32 7.95 -65.12
C SER D 192 -3.00 8.33 -65.80
N LEU D 193 -2.85 9.59 -66.21
CA LEU D 193 -1.59 10.11 -66.76
C LEU D 193 -0.95 10.94 -65.66
N SER D 194 0.02 10.34 -64.97
CA SER D 194 0.66 10.97 -63.84
C SER D 194 2.17 11.10 -64.00
N SER D 195 2.83 10.15 -64.64
CA SER D 195 4.25 10.24 -64.86
C SER D 195 4.51 11.28 -65.95
N GLY D 196 5.62 12.00 -65.82
CA GLY D 196 5.96 13.03 -66.79
C GLY D 196 5.15 14.32 -66.65
N VAL D 197 4.47 14.50 -65.52
CA VAL D 197 3.65 15.68 -65.27
C VAL D 197 4.41 16.63 -64.37
N HIS D 198 4.33 17.93 -64.70
CA HIS D 198 4.78 18.99 -63.81
C HIS D 198 3.63 19.98 -63.62
N THR D 199 3.15 20.12 -62.38
CA THR D 199 2.13 21.12 -62.05
C THR D 199 2.75 22.18 -61.14
N PHE D 200 2.74 23.43 -61.57
CA PHE D 200 3.44 24.58 -61.00
C PHE D 200 2.57 25.37 -60.01
N PRO D 201 3.15 25.83 -58.90
CA PRO D 201 2.40 26.64 -57.93
C PRO D 201 1.75 27.87 -58.55
N ALA D 202 0.52 28.16 -58.12
CA ALA D 202 -0.20 29.34 -58.56
C ALA D 202 0.45 30.63 -58.05
N LEU D 203 0.27 31.72 -58.80
CA LEU D 203 0.76 33.03 -58.40
C LEU D 203 -0.30 34.09 -58.64
N LEU D 204 -0.28 35.10 -57.77
CA LEU D 204 -1.13 36.28 -57.96
C LEU D 204 -0.50 37.25 -58.94
N GLN D 205 -1.30 37.73 -59.88
CA GLN D 205 -0.93 38.85 -60.72
C GLN D 205 -2.21 39.62 -60.94
N SER D 206 -2.17 40.91 -60.62
CA SER D 206 -3.32 41.80 -60.78
C SER D 206 -4.56 41.32 -60.03
N GLY D 207 -4.37 40.69 -58.87
CA GLY D 207 -5.50 40.32 -58.02
C GLY D 207 -6.14 38.96 -58.27
N LEU D 208 -5.67 38.19 -59.25
CA LEU D 208 -6.21 36.85 -59.48
C LEU D 208 -5.05 35.87 -59.63
N TYR D 209 -5.38 34.58 -59.54
CA TYR D 209 -4.37 33.52 -59.58
C TYR D 209 -4.21 32.96 -60.98
N THR D 210 -2.96 32.60 -61.32
CA THR D 210 -2.65 31.90 -62.55
C THR D 210 -1.78 30.68 -62.24
N LEU D 211 -2.12 29.55 -62.85
CA LEU D 211 -1.40 28.29 -62.68
C LEU D 211 -1.32 27.60 -64.03
N SER D 212 -0.31 26.75 -64.19
CA SER D 212 -0.15 25.98 -65.41
C SER D 212 0.39 24.60 -65.10
N SER D 213 0.30 23.71 -66.08
CA SER D 213 0.80 22.35 -65.92
C SER D 213 1.30 21.83 -67.25
N SER D 214 2.40 21.08 -67.21
CA SER D 214 2.94 20.42 -68.38
C SER D 214 2.88 18.92 -68.18
N VAL D 215 2.73 18.20 -69.28
CA VAL D 215 2.82 16.76 -69.30
C VAL D 215 3.71 16.36 -70.47
N THR D 216 4.63 15.44 -70.22
CA THR D 216 5.55 14.97 -71.24
C THR D 216 5.29 13.49 -71.48
N VAL D 217 5.02 13.12 -72.73
CA VAL D 217 4.83 11.74 -73.15
C VAL D 217 5.72 11.51 -74.36
N THR D 218 5.87 10.25 -74.75
CA THR D 218 6.62 9.98 -75.97
C THR D 218 5.84 10.46 -77.18
N SER D 219 6.56 10.86 -78.23
CA SER D 219 5.90 11.41 -79.40
C SER D 219 4.99 10.40 -80.10
N ASN D 220 5.11 9.12 -79.78
CA ASN D 220 4.23 8.11 -80.32
C ASN D 220 2.89 8.07 -79.60
N THR D 221 2.81 8.65 -78.40
CA THR D 221 1.55 8.63 -77.66
C THR D 221 0.58 9.68 -78.20
N TRP D 222 1.08 10.85 -78.58
CA TRP D 222 0.25 11.97 -78.97
C TRP D 222 0.73 12.58 -80.29
N PRO D 223 -0.20 12.96 -81.18
CA PRO D 223 -1.65 13.02 -81.02
C PRO D 223 -2.38 11.69 -81.22
N SER D 224 -1.63 10.59 -81.30
CA SER D 224 -2.25 9.28 -81.51
C SER D 224 -3.32 8.98 -80.48
N GLN D 225 -2.96 9.08 -79.19
CA GLN D 225 -3.88 8.89 -78.07
C GLN D 225 -4.43 10.22 -77.59
N THR D 226 -5.71 10.24 -77.24
CA THR D 226 -6.31 11.45 -76.68
C THR D 226 -5.71 11.79 -75.32
N ILE D 227 -5.41 13.07 -75.12
CA ILE D 227 -4.91 13.57 -73.84
C ILE D 227 -5.74 14.77 -73.43
N THR D 228 -6.31 14.73 -72.21
CA THR D 228 -7.28 15.71 -71.77
C THR D 228 -6.87 16.30 -70.43
N CYS D 229 -6.92 17.62 -70.34
CA CYS D 229 -6.67 18.35 -69.11
C CYS D 229 -7.97 18.51 -68.32
N ASN D 230 -7.97 18.05 -67.08
CA ASN D 230 -9.14 18.11 -66.20
C ASN D 230 -8.92 19.17 -65.12
N VAL D 231 -9.79 20.18 -65.07
CA VAL D 231 -9.62 21.29 -64.13
C VAL D 231 -10.91 21.48 -63.35
N ALA D 232 -10.83 21.39 -62.03
CA ALA D 232 -11.96 21.68 -61.16
C ALA D 232 -11.67 22.86 -60.25
N HIS D 233 -12.65 23.76 -60.12
CA HIS D 233 -12.57 24.89 -59.20
C HIS D 233 -13.82 24.86 -58.33
N PRO D 234 -13.71 24.32 -57.11
CA PRO D 234 -14.91 24.18 -56.27
C PRO D 234 -15.60 25.49 -55.94
N ALA D 235 -14.84 26.55 -55.67
CA ALA D 235 -15.43 27.78 -55.15
C ALA D 235 -16.41 28.39 -56.15
N SER D 236 -16.12 28.32 -57.44
CA SER D 236 -17.04 28.81 -58.46
C SER D 236 -17.95 27.73 -59.03
N SER D 237 -17.88 26.51 -58.50
CA SER D 237 -18.69 25.39 -58.96
C SER D 237 -18.52 25.10 -60.46
N THR D 238 -17.27 25.14 -60.93
CA THR D 238 -16.97 24.84 -62.33
C THR D 238 -16.06 23.61 -62.46
N LYS D 239 -16.24 22.88 -63.56
CA LYS D 239 -15.44 21.71 -63.86
C LYS D 239 -15.46 21.51 -65.37
N VAL D 240 -14.32 21.74 -66.02
CA VAL D 240 -14.22 21.65 -67.48
C VAL D 240 -13.09 20.70 -67.84
N ASP D 241 -13.21 20.08 -69.01
CA ASP D 241 -12.19 19.17 -69.53
C ASP D 241 -11.79 19.68 -70.91
N LYS D 242 -10.49 19.81 -71.15
CA LYS D 242 -9.99 20.34 -72.41
C LYS D 242 -9.03 19.35 -73.05
N LYS D 243 -9.42 18.82 -74.21
CA LYS D 243 -8.55 17.95 -74.99
C LYS D 243 -7.48 18.79 -75.66
N ILE D 244 -6.24 18.28 -75.64
CA ILE D 244 -5.13 18.90 -76.35
C ILE D 244 -5.19 18.49 -77.82
N GLU D 245 -5.32 19.48 -78.71
CA GLU D 245 -5.46 19.21 -80.14
C GLU D 245 -4.38 19.93 -80.94
N PRO D 246 -3.77 19.25 -81.91
CA PRO D 246 -2.74 19.89 -82.74
C PRO D 246 -3.26 21.13 -83.45
N ARG D 247 -2.37 22.09 -83.63
CA ARG D 247 -2.65 23.30 -84.40
C ARG D 247 -2.64 23.01 -85.91
N ASP E 24 8.69 32.32 -23.87
CA ASP E 24 8.58 31.11 -24.69
C ASP E 24 9.97 30.56 -24.99
N ILE E 25 10.08 29.23 -25.11
CA ILE E 25 11.35 28.63 -25.51
C ILE E 25 11.57 28.88 -27.00
N VAL E 26 12.73 29.46 -27.34
CA VAL E 26 13.10 29.70 -28.72
C VAL E 26 14.06 28.62 -29.21
N LEU E 27 13.74 28.01 -30.35
CA LEU E 27 14.55 26.96 -30.95
C LEU E 27 15.24 27.50 -32.19
N THR E 28 16.57 27.46 -32.19
CA THR E 28 17.35 27.94 -33.32
C THR E 28 17.94 26.77 -34.10
N GLN E 29 17.47 26.57 -35.34
CA GLN E 29 17.97 25.51 -36.20
C GLN E 29 19.00 26.09 -37.17
N SER E 30 20.05 25.31 -37.42
CA SER E 30 21.09 25.70 -38.35
C SER E 30 21.64 24.44 -39.01
N PRO E 31 22.08 24.53 -40.27
CA PRO E 31 22.02 25.71 -41.12
C PRO E 31 20.59 25.93 -41.58
N ALA E 32 20.28 27.10 -42.12
CA ALA E 32 18.94 27.32 -42.66
C ALA E 32 18.70 26.49 -43.91
N SER E 33 19.75 26.21 -44.67
CA SER E 33 19.66 25.34 -45.83
C SER E 33 21.03 24.71 -46.04
N LEU E 34 21.04 23.54 -46.66
CA LEU E 34 22.29 22.86 -46.97
C LEU E 34 22.10 21.92 -48.15
N ALA E 35 23.19 21.66 -48.86
CA ALA E 35 23.21 20.74 -49.99
C ALA E 35 24.03 19.53 -49.61
N VAL E 36 23.51 18.34 -49.92
CA VAL E 36 24.14 17.09 -49.48
C VAL E 36 24.07 16.09 -50.63
N SER E 37 25.14 15.32 -50.80
CA SER E 37 25.20 14.33 -51.87
C SER E 37 24.58 13.02 -51.41
N LEU E 38 24.11 12.24 -52.37
CA LEU E 38 23.48 10.95 -52.05
C LEU E 38 24.48 10.01 -51.37
N GLY E 39 24.01 9.38 -50.30
CA GLY E 39 24.77 8.38 -49.58
C GLY E 39 25.69 8.91 -48.48
N GLN E 40 25.97 10.20 -48.46
CA GLN E 40 26.75 10.74 -47.35
C GLN E 40 25.87 10.93 -46.12
N ARG E 41 26.51 11.09 -44.96
CA ARG E 41 25.78 11.44 -43.76
C ARG E 41 25.81 12.96 -43.57
N THR E 42 24.73 13.47 -42.98
CA THR E 42 24.60 14.87 -42.68
C THR E 42 23.90 15.03 -41.34
N THR E 43 24.06 16.21 -40.75
CA THR E 43 23.44 16.54 -39.48
C THR E 43 22.80 17.92 -39.53
N ILE E 44 21.74 18.06 -38.75
CA ILE E 44 21.05 19.32 -38.54
C ILE E 44 21.13 19.61 -37.06
N SER E 45 21.26 20.88 -36.70
CA SER E 45 21.32 21.27 -35.31
C SER E 45 20.02 21.97 -34.89
N CYS E 46 19.65 21.78 -33.63
CA CYS E 46 18.54 22.48 -33.01
C CYS E 46 18.97 22.86 -31.61
N ARG E 47 19.02 24.16 -31.32
CA ARG E 47 19.48 24.66 -30.03
C ARG E 47 18.32 25.37 -29.35
N ALA E 48 18.12 25.06 -28.08
CA ALA E 48 17.01 25.59 -27.31
C ALA E 48 17.44 26.78 -26.47
N SER E 49 16.47 27.66 -26.23
CA SER E 49 16.74 28.84 -25.43
C SER E 49 17.04 28.48 -23.99
N GLU E 50 16.12 27.80 -23.35
CA GLU E 50 16.25 27.16 -22.04
C GLU E 50 16.35 25.65 -22.22
N SER E 51 16.63 24.94 -21.15
CA SER E 51 16.70 23.47 -21.26
C SER E 51 15.29 22.91 -21.50
N VAL E 52 15.21 21.86 -22.30
CA VAL E 52 13.91 21.26 -22.59
C VAL E 52 13.81 19.89 -21.94
N ASP E 53 14.53 19.69 -20.82
CA ASP E 53 14.56 18.39 -20.17
C ASP E 53 13.63 18.40 -18.97
N SER E 54 12.92 17.31 -18.79
CA SER E 54 12.29 17.01 -17.52
C SER E 54 12.80 15.66 -17.08
N PHE E 55 13.32 15.59 -15.87
CA PHE E 55 13.77 14.33 -15.32
C PHE E 55 14.78 13.76 -16.30
N ASP E 56 14.44 12.63 -16.91
CA ASP E 56 15.38 11.87 -17.72
C ASP E 56 15.21 12.13 -19.21
N ASN E 57 14.19 12.89 -19.59
CA ASN E 57 13.75 12.93 -20.96
C ASN E 57 13.94 14.31 -21.57
N SER E 58 14.24 14.34 -22.86
CA SER E 58 14.33 15.57 -23.63
C SER E 58 13.11 15.66 -24.54
N PHE E 59 12.33 16.73 -24.41
CA PHE E 59 11.09 16.85 -25.18
C PHE E 59 11.32 17.65 -26.45
N ILE E 60 12.09 17.04 -27.34
CA ILE E 60 12.44 17.59 -28.65
C ILE E 60 11.88 16.63 -29.68
N HIS E 61 11.36 17.15 -30.78
CA HIS E 61 10.89 16.24 -31.82
C HIS E 61 11.28 16.76 -33.18
N TRP E 62 11.43 15.85 -34.13
CA TRP E 62 11.85 16.21 -35.47
C TRP E 62 10.78 15.77 -36.46
N TYR E 63 10.45 16.66 -37.39
CA TYR E 63 9.45 16.40 -38.40
C TYR E 63 10.03 16.69 -39.77
N GLN E 64 9.59 15.92 -40.75
CA GLN E 64 9.93 16.15 -42.14
C GLN E 64 8.69 16.61 -42.88
N GLN E 65 8.83 17.65 -43.70
CA GLN E 65 7.69 18.14 -44.44
C GLN E 65 8.11 18.35 -45.89
N LYS E 66 7.38 17.74 -46.77
CA LYS E 66 7.54 17.95 -48.19
C LYS E 66 6.43 18.85 -48.71
N PRO E 67 6.72 19.63 -49.75
CA PRO E 67 5.76 20.65 -50.18
C PRO E 67 4.40 20.05 -50.46
N GLY E 68 3.36 20.74 -49.99
CA GLY E 68 1.99 20.34 -50.17
C GLY E 68 1.45 19.36 -49.15
N GLN E 69 2.28 18.82 -48.28
CA GLN E 69 1.85 17.84 -47.30
C GLN E 69 2.05 18.37 -45.88
N PRO E 70 1.32 17.82 -44.92
CA PRO E 70 1.59 18.12 -43.50
C PRO E 70 2.93 17.56 -43.09
N PRO E 71 3.49 18.01 -41.97
CA PRO E 71 4.72 17.38 -41.45
C PRO E 71 4.52 15.90 -41.10
N LYS E 72 5.59 15.14 -41.22
CA LYS E 72 5.63 13.73 -40.83
C LYS E 72 6.62 13.58 -39.69
N LEU E 73 6.18 12.95 -38.60
CA LEU E 73 7.06 12.79 -37.46
C LEU E 73 8.14 11.76 -37.76
N LEU E 74 9.39 12.12 -37.49
CA LEU E 74 10.56 11.25 -37.67
C LEU E 74 11.09 10.71 -36.35
N ILE E 75 11.32 11.58 -35.38
CA ILE E 75 11.97 11.24 -34.13
C ILE E 75 11.16 11.87 -33.01
N PHE E 76 10.87 11.10 -31.96
CA PHE E 76 10.19 11.69 -30.82
C PHE E 76 11.07 11.53 -29.58
N LEU E 77 10.82 12.44 -28.64
CA LEU E 77 11.69 12.68 -27.48
C LEU E 77 13.07 12.98 -28.06
N ALA E 78 14.14 12.37 -27.62
CA ALA E 78 15.34 12.91 -28.24
C ALA E 78 15.86 12.03 -29.35
N SER E 79 15.71 10.74 -29.19
CA SER E 79 16.38 9.75 -29.99
C SER E 79 15.45 8.64 -30.44
N SER E 80 14.17 8.71 -30.10
CA SER E 80 13.30 7.60 -30.41
C SER E 80 12.80 7.76 -31.83
N LEU E 81 13.02 6.73 -32.63
CA LEU E 81 12.62 6.70 -34.02
C LEU E 81 11.15 6.29 -34.12
N GLU E 82 10.34 7.13 -34.77
CA GLU E 82 8.92 6.85 -34.92
C GLU E 82 8.73 5.63 -35.80
N SER E 83 7.75 4.79 -35.43
CA SER E 83 7.51 3.55 -36.14
C SER E 83 7.16 3.82 -37.60
N GLY E 84 7.77 3.03 -38.49
CA GLY E 84 7.58 3.21 -39.91
C GLY E 84 8.55 4.19 -40.55
N VAL E 85 9.40 4.83 -39.76
CA VAL E 85 10.38 5.77 -40.31
C VAL E 85 11.64 4.97 -40.55
N PRO E 86 12.33 5.17 -41.67
CA PRO E 86 13.53 4.39 -41.96
C PRO E 86 14.59 4.60 -40.89
N ALA E 87 15.30 3.52 -40.56
CA ALA E 87 16.40 3.63 -39.61
C ALA E 87 17.62 4.27 -40.24
N ARG E 88 17.40 5.18 -41.19
CA ARG E 88 18.44 6.06 -41.69
C ARG E 88 18.44 7.36 -40.93
N PHE E 89 17.39 7.61 -40.16
CA PHE E 89 17.23 8.80 -39.33
C PHE E 89 17.59 8.46 -37.89
N SER E 90 18.31 9.37 -37.25
CA SER E 90 18.64 9.23 -35.84
C SER E 90 18.64 10.60 -35.18
N GLY E 91 18.40 10.59 -33.87
CA GLY E 91 18.36 11.81 -33.11
C GLY E 91 19.30 11.68 -31.93
N SER E 92 19.81 12.82 -31.49
CA SER E 92 20.71 12.86 -30.33
C SER E 92 20.57 14.21 -29.65
N GLY E 93 21.19 14.33 -28.48
CA GLY E 93 21.25 15.56 -27.71
C GLY E 93 20.66 15.46 -26.32
N SER E 94 21.00 16.38 -25.43
CA SER E 94 20.54 16.25 -24.05
C SER E 94 19.79 17.46 -23.52
N ARG E 95 20.42 18.63 -23.43
CA ARG E 95 19.74 19.71 -22.73
C ARG E 95 19.25 20.83 -23.65
N THR E 96 20.18 21.57 -24.24
CA THR E 96 19.87 22.67 -25.13
C THR E 96 20.38 22.43 -26.54
N ASP E 97 21.13 21.35 -26.76
CA ASP E 97 21.77 21.08 -28.05
C ASP E 97 21.33 19.72 -28.55
N PHE E 98 20.71 19.69 -29.73
CA PHE E 98 20.13 18.49 -30.32
C PHE E 98 20.54 18.36 -31.78
N THR E 99 20.56 17.12 -32.25
CA THR E 99 21.03 16.78 -33.60
C THR E 99 20.11 15.76 -34.24
N LEU E 100 19.73 16.02 -35.48
CA LEU E 100 19.13 15.02 -36.36
C LEU E 100 20.16 14.61 -37.39
N THR E 101 20.39 13.30 -37.53
CA THR E 101 21.31 12.79 -38.55
C THR E 101 20.59 11.88 -39.54
N ILE E 102 20.88 12.09 -40.82
CA ILE E 102 20.39 11.26 -41.92
C ILE E 102 21.58 10.58 -42.57
N ASP E 103 21.56 9.25 -42.56
CA ASP E 103 22.68 8.46 -43.08
C ASP E 103 22.20 7.06 -43.49
N PRO E 104 22.27 6.71 -44.79
CA PRO E 104 22.75 7.58 -45.87
C PRO E 104 21.65 8.48 -46.40
N VAL E 105 22.03 9.64 -46.92
CA VAL E 105 21.06 10.54 -47.55
C VAL E 105 20.58 9.92 -48.86
N GLU E 106 19.28 9.98 -49.08
CA GLU E 106 18.66 9.48 -50.30
C GLU E 106 17.91 10.62 -51.01
N ALA E 107 17.54 10.35 -52.26
CA ALA E 107 16.88 11.38 -53.07
C ALA E 107 15.55 11.80 -52.48
N ASP E 108 14.84 10.87 -51.85
CA ASP E 108 13.56 11.17 -51.24
C ASP E 108 13.68 12.15 -50.07
N ASP E 109 14.87 12.34 -49.52
CA ASP E 109 15.03 13.12 -48.30
C ASP E 109 15.04 14.62 -48.55
N ALA E 110 14.97 15.06 -49.79
CA ALA E 110 14.83 16.48 -50.07
C ALA E 110 13.50 17.00 -49.53
N ALA E 111 13.58 17.90 -48.56
CA ALA E 111 12.44 18.41 -47.81
C ALA E 111 12.95 19.41 -46.78
N THR E 112 12.02 19.99 -46.05
CA THR E 112 12.33 20.85 -44.90
C THR E 112 12.11 20.07 -43.60
N TYR E 113 13.04 20.25 -42.66
CA TYR E 113 12.99 19.58 -41.37
C TYR E 113 12.76 20.61 -40.27
N TYR E 114 11.87 20.29 -39.33
CA TYR E 114 11.55 21.16 -38.21
C TYR E 114 11.78 20.42 -36.90
N CYS E 115 12.36 21.09 -35.90
CA CYS E 115 12.32 20.58 -34.55
C CYS E 115 11.19 21.26 -33.76
N GLN E 116 10.79 20.62 -32.66
CA GLN E 116 9.69 21.12 -31.85
C GLN E 116 9.89 20.67 -30.40
N GLN E 117 9.62 21.58 -29.46
CA GLN E 117 9.68 21.23 -28.05
C GLN E 117 8.28 21.21 -27.44
N SER E 118 8.10 20.33 -26.46
CA SER E 118 6.84 20.21 -25.73
C SER E 118 7.08 20.11 -24.23
N ASN E 119 8.25 20.51 -23.76
CA ASN E 119 8.55 20.48 -22.33
C ASN E 119 7.84 21.59 -21.58
N GLU E 120 7.51 22.68 -22.27
CA GLU E 120 6.96 23.88 -21.65
C GLU E 120 5.83 24.44 -22.52
N ASP E 121 4.80 24.97 -21.87
CA ASP E 121 3.82 25.62 -22.75
C ASP E 121 4.20 27.08 -22.99
N PRO E 122 3.99 27.64 -24.19
CA PRO E 122 3.45 27.01 -25.39
C PRO E 122 4.49 26.18 -26.11
N PHE E 123 4.00 25.15 -26.79
CA PHE E 123 4.86 24.39 -27.69
C PHE E 123 5.41 25.30 -28.78
N THR E 124 6.67 25.11 -29.12
CA THR E 124 7.33 25.96 -30.09
C THR E 124 8.04 25.10 -31.12
N PHE E 125 8.17 25.65 -32.31
CA PHE E 125 8.84 25.00 -33.42
C PHE E 125 10.12 25.76 -33.78
N GLY E 126 11.08 25.04 -34.32
CA GLY E 126 12.21 25.68 -34.93
C GLY E 126 11.83 26.39 -36.21
N SER E 127 12.76 27.18 -36.71
CA SER E 127 12.50 27.97 -37.90
C SER E 127 12.80 27.20 -39.17
N GLY E 128 13.34 25.99 -39.08
CA GLY E 128 13.41 25.07 -40.19
C GLY E 128 14.78 25.02 -40.87
N THR E 129 15.12 23.85 -41.40
CA THR E 129 16.32 23.63 -42.21
C THR E 129 15.91 22.95 -43.51
N LYS E 130 16.17 23.59 -44.64
CA LYS E 130 15.79 23.00 -45.93
C LYS E 130 16.95 22.19 -46.49
N LEU E 131 16.71 20.90 -46.71
CA LEU E 131 17.70 19.96 -47.24
C LEU E 131 17.53 19.81 -48.74
N GLU E 132 18.58 20.13 -49.50
CA GLU E 132 18.57 19.92 -50.94
C GLU E 132 19.51 18.80 -51.31
N ILE E 133 19.13 18.03 -52.32
CA ILE E 133 19.93 16.91 -52.78
C ILE E 133 20.82 17.40 -53.90
N LYS E 134 22.12 17.18 -53.77
CA LYS E 134 23.05 17.62 -54.78
C LYS E 134 23.25 16.50 -55.79
N ARG E 135 23.18 16.85 -57.07
CA ARG E 135 23.28 15.87 -58.15
C ARG E 135 24.05 16.51 -59.30
N ALA E 136 24.27 15.71 -60.35
CA ALA E 136 25.03 16.21 -61.49
C ALA E 136 24.22 17.27 -62.22
N ASP E 137 24.93 18.25 -62.78
CA ASP E 137 24.27 19.33 -63.48
C ASP E 137 23.48 18.80 -64.69
N ALA E 138 22.33 19.41 -64.94
CA ALA E 138 21.47 19.04 -66.06
C ALA E 138 20.87 20.28 -66.69
N ALA E 139 20.93 20.36 -68.01
CA ALA E 139 20.34 21.46 -68.75
C ALA E 139 18.84 21.28 -68.84
N PRO E 140 18.09 22.36 -68.88
CA PRO E 140 16.63 22.24 -68.97
C PRO E 140 16.15 21.73 -70.33
N THR E 141 14.99 21.07 -70.31
CA THR E 141 14.24 20.76 -71.53
C THR E 141 13.21 21.86 -71.77
N VAL E 142 13.35 22.59 -72.87
CA VAL E 142 12.60 23.82 -73.08
C VAL E 142 11.52 23.59 -74.11
N SER E 143 10.31 24.08 -73.81
CA SER E 143 9.16 23.99 -74.70
C SER E 143 8.44 25.32 -74.66
N ILE E 144 8.08 25.85 -75.84
CA ILE E 144 7.40 27.14 -75.95
C ILE E 144 6.01 26.90 -76.54
N PHE E 145 5.03 27.71 -76.09
CA PHE E 145 3.66 27.47 -76.50
C PHE E 145 2.93 28.76 -76.89
N PRO E 146 2.55 28.92 -78.15
CA PRO E 146 1.76 30.08 -78.55
C PRO E 146 0.41 30.09 -77.86
N PRO E 147 -0.26 31.24 -77.79
CA PRO E 147 -1.59 31.33 -77.17
C PRO E 147 -2.60 30.34 -77.76
N SER E 148 -3.46 29.83 -76.88
CA SER E 148 -4.54 28.95 -77.29
C SER E 148 -5.58 29.70 -78.12
N SER E 149 -6.28 28.96 -78.97
CA SER E 149 -7.34 29.55 -79.80
C SER E 149 -8.48 30.13 -78.96
N GLU E 150 -8.79 29.50 -77.82
CA GLU E 150 -9.86 30.04 -76.98
C GLU E 150 -9.44 31.34 -76.31
N GLN E 151 -8.20 31.40 -75.80
CA GLN E 151 -7.74 32.62 -75.15
C GLN E 151 -7.71 33.79 -76.13
N LEU E 152 -7.32 33.53 -77.38
CA LEU E 152 -7.31 34.58 -78.39
C LEU E 152 -8.73 35.08 -78.66
N THR E 153 -9.70 34.16 -78.61
CA THR E 153 -11.10 34.54 -78.67
C THR E 153 -11.49 35.37 -77.45
N SER E 154 -10.96 35.03 -76.28
CA SER E 154 -11.24 35.76 -75.04
C SER E 154 -10.63 37.15 -75.00
N GLY E 155 -9.79 37.51 -75.97
CA GLY E 155 -9.17 38.81 -76.00
C GLY E 155 -7.90 38.93 -75.18
N GLY E 156 -7.36 37.80 -74.72
CA GLY E 156 -6.08 37.78 -74.06
C GLY E 156 -5.10 36.95 -74.88
N ALA E 157 -3.84 37.00 -74.49
CA ALA E 157 -2.83 36.22 -75.21
C ALA E 157 -1.66 36.00 -74.27
N SER E 158 -1.51 34.77 -73.78
CA SER E 158 -0.40 34.37 -72.94
C SER E 158 0.48 33.36 -73.67
N VAL E 159 1.78 33.60 -73.61
CA VAL E 159 2.79 32.70 -74.15
C VAL E 159 3.46 32.02 -72.98
N VAL E 160 3.48 30.69 -72.99
CA VAL E 160 3.95 29.89 -71.87
C VAL E 160 5.23 29.21 -72.30
N CYS E 161 6.21 29.18 -71.41
CA CYS E 161 7.48 28.53 -71.69
C CYS E 161 7.81 27.63 -70.51
N PHE E 162 7.98 26.33 -70.76
CA PHE E 162 8.33 25.37 -69.73
C PHE E 162 9.82 25.05 -69.78
N LEU E 163 10.46 25.08 -68.61
CA LEU E 163 11.86 24.70 -68.47
C LEU E 163 11.92 23.55 -67.47
N ASN E 164 12.08 22.32 -67.96
CA ASN E 164 11.80 21.14 -67.15
C ASN E 164 13.07 20.36 -66.84
N ASN E 165 13.14 19.87 -65.60
CA ASN E 165 14.11 18.87 -65.15
C ASN E 165 15.56 19.34 -65.29
N PHE E 166 15.87 20.45 -64.63
CA PHE E 166 17.22 20.99 -64.65
C PHE E 166 17.80 21.07 -63.24
N TYR E 167 19.13 21.29 -63.18
CA TYR E 167 19.87 21.43 -61.93
C TYR E 167 21.14 22.23 -62.16
N PRO E 168 21.51 23.18 -61.27
CA PRO E 168 20.86 23.62 -60.03
C PRO E 168 19.65 24.56 -60.24
N LYS E 169 19.07 25.02 -59.12
CA LYS E 169 17.85 25.83 -59.21
C LYS E 169 18.09 27.17 -59.89
N ASP E 170 19.27 27.76 -59.71
CA ASP E 170 19.54 29.08 -60.24
C ASP E 170 19.45 29.05 -61.77
N ILE E 171 18.61 29.92 -62.33
CA ILE E 171 18.42 29.99 -63.77
C ILE E 171 17.90 31.37 -64.14
N ASN E 172 18.15 31.77 -65.39
CA ASN E 172 17.73 33.08 -65.91
C ASN E 172 16.91 32.91 -67.18
N VAL E 173 15.76 33.58 -67.24
CA VAL E 173 14.88 33.59 -68.40
C VAL E 173 14.65 35.02 -68.85
N LYS E 174 14.75 35.23 -70.16
CA LYS E 174 14.48 36.50 -70.82
C LYS E 174 13.53 36.24 -71.99
N TRP E 175 12.54 37.12 -72.14
CA TRP E 175 11.59 37.08 -73.25
C TRP E 175 11.93 38.18 -74.24
N LYS E 176 11.97 37.82 -75.52
CA LYS E 176 12.21 38.76 -76.61
C LYS E 176 11.05 38.71 -77.59
N ILE E 177 10.54 39.89 -77.96
CA ILE E 177 9.49 40.04 -78.96
C ILE E 177 10.07 40.82 -80.13
N ASP E 178 10.11 40.19 -81.30
CA ASP E 178 10.69 40.80 -82.50
C ASP E 178 12.12 41.22 -82.20
N GLY E 179 12.84 40.40 -81.44
CA GLY E 179 14.26 40.59 -81.18
C GLY E 179 14.65 41.62 -80.15
N SER E 180 13.70 42.29 -79.52
CA SER E 180 14.00 43.25 -78.47
C SER E 180 13.46 42.70 -77.15
N GLU E 181 14.22 42.89 -76.07
CA GLU E 181 13.88 42.33 -74.77
C GLU E 181 12.60 42.94 -74.20
N ARG E 182 11.81 42.09 -73.52
CA ARG E 182 10.59 42.57 -72.87
C ARG E 182 10.47 41.92 -71.51
N GLN E 183 10.32 42.75 -70.46
CA GLN E 183 10.17 42.26 -69.10
C GLN E 183 8.81 42.50 -68.47
N ASN E 184 8.09 43.53 -68.90
CA ASN E 184 6.78 43.83 -68.33
C ASN E 184 5.79 42.71 -68.63
N GLY E 185 5.18 42.13 -67.58
CA GLY E 185 4.20 41.08 -67.76
C GLY E 185 4.68 39.65 -67.69
N VAL E 186 5.93 39.40 -67.29
CA VAL E 186 6.46 38.04 -67.19
C VAL E 186 6.16 37.49 -65.80
N LEU E 187 5.65 36.26 -65.74
CA LEU E 187 5.29 35.63 -64.48
C LEU E 187 5.95 34.24 -64.38
N ASN E 188 6.87 34.08 -63.42
CA ASN E 188 7.68 32.87 -63.27
C ASN E 188 7.31 32.07 -62.02
N SER E 189 7.13 30.77 -62.18
CA SER E 189 6.83 29.90 -61.03
C SER E 189 7.71 28.65 -61.10
N TRP E 190 8.50 28.42 -60.05
CA TRP E 190 9.34 27.23 -59.91
C TRP E 190 8.63 26.13 -59.15
N THR E 191 8.84 24.87 -59.55
CA THR E 191 8.50 23.77 -58.65
C THR E 191 9.58 23.59 -57.57
N ASP E 192 9.21 22.91 -56.50
CA ASP E 192 10.17 22.38 -55.55
C ASP E 192 10.87 21.15 -56.10
N GLN E 193 12.03 20.85 -55.51
CA GLN E 193 12.88 19.77 -55.99
C GLN E 193 12.13 18.44 -56.02
N ASP E 194 12.27 17.74 -57.13
CA ASP E 194 11.56 16.49 -57.35
C ASP E 194 12.14 15.41 -56.45
N SER E 195 11.26 14.69 -55.75
CA SER E 195 11.72 13.69 -54.78
C SER E 195 12.34 12.47 -55.43
N LYS E 196 12.22 12.29 -56.74
CA LYS E 196 12.78 11.13 -57.43
C LYS E 196 14.13 11.45 -58.07
N ASP E 197 14.17 12.44 -58.95
CA ASP E 197 15.36 12.74 -59.72
C ASP E 197 16.06 14.04 -59.30
N SER E 198 15.59 14.73 -58.26
CA SER E 198 16.28 15.90 -57.71
C SER E 198 16.43 17.04 -58.72
N THR E 199 15.56 17.09 -59.72
CA THR E 199 15.58 18.21 -60.64
C THR E 199 14.58 19.28 -60.22
N TYR E 200 14.67 20.43 -60.88
CA TYR E 200 13.71 21.50 -60.75
C TYR E 200 13.02 21.71 -62.09
N SER E 201 11.87 22.35 -62.05
CA SER E 201 11.16 22.79 -63.25
C SER E 201 10.63 24.19 -62.98
N MET E 202 10.48 25.00 -64.04
CA MET E 202 9.88 26.31 -63.85
C MET E 202 9.03 26.72 -65.05
N SER E 203 8.00 27.51 -64.78
CA SER E 203 7.08 28.02 -65.78
C SER E 203 7.19 29.53 -65.90
N SER E 204 7.44 30.00 -67.13
CA SER E 204 7.52 31.42 -67.43
C SER E 204 6.42 31.75 -68.42
N THR E 205 5.49 32.62 -68.03
CA THR E 205 4.36 33.03 -68.86
C THR E 205 4.42 34.52 -69.11
N LEU E 206 4.49 34.91 -70.38
CA LEU E 206 4.43 36.30 -70.80
C LEU E 206 3.01 36.58 -71.28
N THR E 207 2.31 37.44 -70.55
CA THR E 207 0.91 37.73 -70.85
C THR E 207 0.79 39.09 -71.50
N LEU E 208 0.23 39.11 -72.72
CA LEU E 208 -0.07 40.33 -73.44
C LEU E 208 -1.57 40.40 -73.71
N THR E 209 -1.98 41.55 -74.22
CA THR E 209 -3.32 41.70 -74.78
C THR E 209 -3.37 41.04 -76.16
N LYS E 210 -4.56 40.62 -76.57
CA LYS E 210 -4.66 39.96 -77.86
C LYS E 210 -4.26 40.90 -78.99
N ASP E 211 -4.76 42.13 -78.95
CA ASP E 211 -4.45 43.08 -80.01
C ASP E 211 -2.96 43.34 -80.13
N GLU E 212 -2.26 43.44 -79.00
CA GLU E 212 -0.82 43.63 -79.05
C GLU E 212 -0.11 42.35 -79.48
N TYR E 213 -0.64 41.18 -79.14
CA TYR E 213 0.04 39.95 -79.53
C TYR E 213 0.09 39.81 -81.05
N GLU E 214 -1.04 40.01 -81.72
CA GLU E 214 -1.07 39.78 -83.17
C GLU E 214 -0.54 40.95 -83.98
N ARG E 215 0.05 41.94 -83.33
CA ARG E 215 0.80 43.01 -83.98
C ARG E 215 2.29 42.72 -84.11
N HIS E 216 2.79 41.62 -83.53
CA HIS E 216 4.18 41.23 -83.68
C HIS E 216 4.28 39.79 -84.16
N ASN E 217 5.49 39.38 -84.53
CA ASN E 217 5.68 38.09 -85.17
C ASN E 217 6.64 37.13 -84.47
N SER E 218 7.72 37.64 -83.91
CA SER E 218 8.75 36.80 -83.31
C SER E 218 8.62 36.77 -81.79
N TYR E 219 8.50 35.58 -81.22
CA TYR E 219 8.42 35.41 -79.77
C TYR E 219 9.50 34.42 -79.38
N THR E 220 10.41 34.84 -78.50
CA THR E 220 11.59 34.05 -78.22
C THR E 220 11.80 33.95 -76.72
N CYS E 221 12.22 32.77 -76.27
CA CYS E 221 12.33 32.41 -74.86
C CYS E 221 13.77 31.96 -74.61
N GLU E 222 14.52 32.73 -73.82
CA GLU E 222 15.95 32.50 -73.60
C GLU E 222 16.23 32.08 -72.16
N ALA E 223 16.86 30.91 -72.00
CA ALA E 223 17.20 30.35 -70.70
C ALA E 223 18.72 30.35 -70.54
N THR E 224 19.21 31.06 -69.54
CA THR E 224 20.63 31.12 -69.25
C THR E 224 20.90 30.27 -68.02
N HIS E 225 21.71 29.23 -68.18
CA HIS E 225 21.93 28.24 -67.13
C HIS E 225 23.39 27.85 -67.11
N LYS E 226 23.88 27.45 -65.94
CA LYS E 226 25.31 27.16 -65.83
C LYS E 226 25.73 25.96 -66.66
N THR E 227 24.77 25.21 -67.21
CA THR E 227 25.07 24.05 -68.04
C THR E 227 25.62 24.41 -69.42
N SER E 228 25.64 25.69 -69.79
CA SER E 228 26.23 26.10 -71.06
C SER E 228 26.43 27.61 -71.05
N THR E 229 27.49 28.06 -71.72
CA THR E 229 27.79 29.48 -71.81
C THR E 229 26.83 30.20 -72.75
N SER E 230 26.37 29.51 -73.81
CA SER E 230 25.38 30.08 -74.70
C SER E 230 23.98 29.72 -74.21
N PRO E 231 23.08 30.69 -74.10
CA PRO E 231 21.74 30.39 -73.56
C PRO E 231 20.94 29.50 -74.50
N ILE E 232 20.02 28.75 -73.90
CA ILE E 232 19.07 27.92 -74.64
C ILE E 232 17.96 28.81 -75.17
N VAL E 233 17.73 28.73 -76.47
CA VAL E 233 16.79 29.62 -77.14
C VAL E 233 15.70 28.77 -77.76
N LYS E 234 14.46 29.04 -77.38
CA LYS E 234 13.30 28.44 -78.02
C LYS E 234 12.38 29.57 -78.47
N SER E 235 11.89 29.48 -79.70
CA SER E 235 11.08 30.54 -80.26
C SER E 235 10.05 29.93 -81.21
N PHE E 236 9.10 30.77 -81.60
CA PHE E 236 8.15 30.43 -82.63
C PHE E 236 7.79 31.72 -83.34
N ASN E 237 7.25 31.59 -84.55
CA ASN E 237 6.79 32.73 -85.34
C ASN E 237 5.29 32.60 -85.53
N ARG E 238 4.55 33.67 -85.24
CA ARG E 238 3.09 33.62 -85.27
C ARG E 238 2.51 33.34 -86.66
N ASN E 239 2.17 32.09 -86.92
CA ASN E 239 1.62 31.71 -88.22
C ASN E 239 0.26 32.39 -88.40
N VAL F 25 33.32 22.43 8.63
CA VAL F 25 32.99 22.07 10.00
C VAL F 25 34.23 22.04 10.92
N GLN F 26 33.99 22.21 12.23
CA GLN F 26 35.07 22.28 13.21
C GLN F 26 34.62 21.77 14.57
N LEU F 27 35.47 21.00 15.25
CA LEU F 27 35.27 20.70 16.67
C LEU F 27 36.37 21.37 17.47
N GLN F 28 35.97 22.22 18.40
CA GLN F 28 36.84 23.02 19.25
C GLN F 28 36.72 22.46 20.67
N GLN F 29 37.79 21.84 21.17
CA GLN F 29 37.72 21.35 22.53
C GLN F 29 38.30 22.37 23.49
N SER F 30 37.88 22.27 24.74
CA SER F 30 38.31 23.21 25.77
C SER F 30 39.80 23.08 26.03
N GLY F 31 40.33 24.04 26.79
CA GLY F 31 41.77 24.12 26.95
C GLY F 31 42.28 23.16 28.00
N ALA F 32 43.61 22.99 28.01
CA ALA F 32 44.28 22.04 28.89
C ALA F 32 43.99 22.34 30.37
N GLU F 33 44.04 21.31 31.18
CA GLU F 33 43.61 21.40 32.57
C GLU F 33 44.66 20.84 33.51
N LEU F 34 44.86 21.54 34.62
CA LEU F 34 45.58 21.02 35.77
C LEU F 34 44.58 20.89 36.91
N VAL F 35 44.46 19.68 37.47
CA VAL F 35 43.42 19.40 38.45
C VAL F 35 44.07 18.78 39.69
N LYS F 36 43.78 19.34 40.86
CA LYS F 36 44.30 18.76 42.08
C LYS F 36 43.64 17.42 42.37
N PRO F 37 44.39 16.47 42.94
CA PRO F 37 43.82 15.18 43.31
C PRO F 37 42.60 15.34 44.21
N GLY F 38 41.55 14.59 43.89
CA GLY F 38 40.31 14.63 44.61
C GLY F 38 39.32 15.64 44.08
N ALA F 39 39.80 16.62 43.30
CA ALA F 39 38.92 17.62 42.72
C ALA F 39 38.21 17.06 41.50
N SER F 40 37.39 17.89 40.87
CA SER F 40 36.66 17.52 39.68
C SER F 40 37.00 18.50 38.57
N VAL F 41 36.66 18.13 37.34
CA VAL F 41 36.85 19.00 36.18
C VAL F 41 35.78 18.69 35.15
N LYS F 42 35.43 19.70 34.36
CA LYS F 42 34.45 19.56 33.30
C LYS F 42 35.05 20.11 32.01
N LEU F 43 35.14 19.24 30.98
CA LEU F 43 35.69 19.56 29.67
C LEU F 43 34.56 19.84 28.69
N SER F 44 34.82 20.72 27.72
CA SER F 44 33.81 21.08 26.73
C SER F 44 34.33 20.82 25.32
N CYS F 45 33.37 20.71 24.39
CA CYS F 45 33.65 20.36 23.00
C CYS F 45 32.57 21.01 22.15
N THR F 46 32.89 22.14 21.54
CA THR F 46 31.92 22.96 20.81
C THR F 46 31.98 22.72 19.31
N ALA F 47 30.84 22.42 18.73
CA ALA F 47 30.76 22.08 17.31
C ALA F 47 30.32 23.32 16.53
N SER F 48 30.98 23.54 15.40
CA SER F 48 30.59 24.58 14.46
C SER F 48 30.52 23.96 13.07
N GLY F 49 29.56 24.40 12.29
CA GLY F 49 29.35 23.88 10.95
C GLY F 49 28.22 22.88 10.86
N PHE F 50 27.66 22.46 11.99
CA PHE F 50 26.59 21.48 12.00
C PHE F 50 25.90 21.48 13.35
N ASN F 51 24.68 20.95 13.36
CA ASN F 51 23.86 20.89 14.55
C ASN F 51 24.11 19.54 15.25
N ILE F 52 24.52 19.59 16.52
CA ILE F 52 24.84 18.36 17.23
C ILE F 52 23.62 17.48 17.45
N LYS F 53 22.39 18.00 17.29
CA LYS F 53 21.22 17.13 17.45
C LYS F 53 21.14 16.04 16.39
N ASP F 54 21.81 16.22 15.25
CA ASP F 54 21.65 15.31 14.14
C ASP F 54 22.68 14.21 14.12
N THR F 55 23.43 14.05 15.22
CA THR F 55 24.44 13.03 15.27
C THR F 55 24.61 12.58 16.71
N PHE F 56 25.66 11.80 16.95
CA PHE F 56 26.00 11.28 18.27
C PHE F 56 27.43 11.70 18.59
N PHE F 57 27.71 11.83 19.88
CA PHE F 57 29.03 12.21 20.34
C PHE F 57 29.62 11.13 21.24
N HIS F 58 30.93 10.97 21.19
CA HIS F 58 31.66 10.02 22.01
C HIS F 58 32.80 10.72 22.71
N TRP F 59 33.15 10.23 23.88
CA TRP F 59 34.37 10.66 24.55
C TRP F 59 35.30 9.48 24.71
N VAL F 60 36.56 9.71 24.41
CA VAL F 60 37.59 8.67 24.40
C VAL F 60 38.78 9.17 25.20
N LYS F 61 39.30 8.31 26.07
CA LYS F 61 40.42 8.64 26.94
C LYS F 61 41.69 8.00 26.40
N GLN F 62 42.79 8.74 26.45
CA GLN F 62 44.08 8.18 26.04
C GLN F 62 45.17 8.58 27.03
N ARG F 63 45.57 7.63 27.85
CA ARG F 63 46.61 7.88 28.83
C ARG F 63 47.96 8.00 28.15
N PRO F 64 48.92 8.68 28.77
CA PRO F 64 50.23 8.85 28.13
C PRO F 64 50.86 7.51 27.79
N GLU F 65 51.31 7.37 26.54
CA GLU F 65 51.95 6.15 26.02
C GLU F 65 51.02 4.94 26.06
N GLN F 66 49.73 5.16 26.08
CA GLN F 66 48.76 4.07 26.16
C GLN F 66 47.87 4.06 24.92
N GLY F 67 46.88 3.18 24.93
CA GLY F 67 45.91 3.06 23.86
C GLY F 67 44.69 3.90 24.16
N LEU F 68 43.64 3.65 23.40
CA LEU F 68 42.40 4.41 23.49
C LEU F 68 41.40 3.64 24.33
N GLU F 69 40.67 4.36 25.18
CA GLU F 69 39.62 3.76 26.00
C GLU F 69 38.36 4.57 25.77
N TRP F 70 37.30 3.89 25.34
CA TRP F 70 36.02 4.51 25.09
C TRP F 70 35.31 4.77 26.42
N ILE F 71 34.92 6.02 26.66
CA ILE F 71 34.24 6.38 27.90
C ILE F 71 32.74 6.21 27.79
N GLY F 72 32.15 6.76 26.75
CA GLY F 72 30.73 6.63 26.56
C GLY F 72 30.26 7.54 25.44
N ARG F 73 28.95 7.56 25.24
CA ARG F 73 28.38 8.32 24.15
C ARG F 73 27.08 8.96 24.60
N ILE F 74 26.67 9.97 23.86
CA ILE F 74 25.46 10.72 24.16
C ILE F 74 24.69 10.98 22.87
N ASP F 75 23.37 10.96 22.96
CA ASP F 75 22.47 11.43 21.93
C ASP F 75 22.03 12.84 22.33
N PRO F 76 22.57 13.90 21.72
CA PRO F 76 22.20 15.26 22.15
C PRO F 76 20.75 15.58 21.91
N ALA F 77 20.09 14.86 21.01
CA ALA F 77 18.70 15.15 20.71
C ALA F 77 17.77 14.80 21.87
N ASP F 78 18.10 13.77 22.65
CA ASP F 78 17.23 13.34 23.73
C ASP F 78 17.94 13.05 25.05
N GLY F 79 19.25 13.26 25.16
CA GLY F 79 19.96 13.03 26.40
C GLY F 79 20.40 11.60 26.67
N HIS F 80 20.08 10.64 25.79
CA HIS F 80 20.45 9.25 26.04
C HIS F 80 21.95 9.15 26.24
N THR F 81 22.37 8.45 27.29
CA THR F 81 23.80 8.22 27.49
C THR F 81 24.02 6.73 27.74
N LYS F 82 25.22 6.28 27.40
CA LYS F 82 25.69 4.93 27.68
C LYS F 82 27.18 5.01 27.99
N TYR F 83 27.59 4.43 29.11
CA TYR F 83 28.97 4.50 29.56
C TYR F 83 29.56 3.10 29.59
N ASP F 84 30.87 3.00 29.41
CA ASP F 84 31.57 1.81 29.85
C ASP F 84 31.41 1.72 31.37
N PRO F 85 30.93 0.59 31.91
CA PRO F 85 30.80 0.48 33.37
C PRO F 85 32.08 0.80 34.13
N LYS F 86 33.25 0.64 33.53
CA LYS F 86 34.50 1.03 34.17
C LYS F 86 34.47 2.49 34.61
N PHE F 87 33.75 3.35 33.89
CA PHE F 87 33.71 4.78 34.15
C PHE F 87 32.46 5.25 34.86
N GLN F 88 31.56 4.34 35.24
CA GLN F 88 30.38 4.72 35.98
C GLN F 88 30.74 5.48 37.25
N GLY F 89 30.10 6.62 37.45
CA GLY F 89 30.35 7.45 38.61
C GLY F 89 31.50 8.41 38.41
N LYS F 90 32.54 7.92 37.74
CA LYS F 90 33.71 8.75 37.47
C LYS F 90 33.41 9.78 36.39
N ALA F 91 32.73 9.36 35.32
CA ALA F 91 32.51 10.19 34.14
C ALA F 91 31.03 10.45 33.92
N THR F 92 30.71 11.70 33.59
CA THR F 92 29.36 12.11 33.23
C THR F 92 29.39 12.93 31.96
N ILE F 93 28.73 12.46 30.92
CA ILE F 93 28.66 13.14 29.63
C ILE F 93 27.32 13.84 29.54
N THR F 94 27.34 15.12 29.17
CA THR F 94 26.13 15.88 28.90
C THR F 94 26.30 16.69 27.63
N ALA F 95 25.20 17.26 27.16
CA ALA F 95 25.25 18.13 25.99
C ALA F 95 24.16 19.19 26.09
N ASP F 96 24.41 20.32 25.45
CA ASP F 96 23.49 21.45 25.43
C ASP F 96 23.34 21.90 23.99
N THR F 97 22.18 21.61 23.39
CA THR F 97 22.00 21.91 21.98
C THR F 97 21.97 23.41 21.72
N SER F 98 21.54 24.20 22.69
CA SER F 98 21.45 25.65 22.50
C SER F 98 22.80 26.26 22.12
N SER F 99 23.88 25.82 22.78
CA SER F 99 25.21 26.37 22.50
C SER F 99 26.04 25.40 21.67
N ASN F 100 25.44 24.29 21.24
CA ASN F 100 26.08 23.33 20.34
C ASN F 100 27.39 22.80 20.94
N THR F 101 27.36 22.42 22.22
CA THR F 101 28.55 22.01 22.95
C THR F 101 28.31 20.71 23.71
N ALA F 102 29.30 19.83 23.70
CA ALA F 102 29.28 18.60 24.48
C ALA F 102 30.26 18.71 25.64
N PHE F 103 29.95 18.00 26.73
CA PHE F 103 30.72 18.12 27.96
C PHE F 103 31.07 16.74 28.50
N LEU F 104 32.21 16.69 29.20
CA LEU F 104 32.62 15.51 29.94
C LEU F 104 33.07 15.96 31.33
N GLN F 105 32.33 15.57 32.37
CA GLN F 105 32.70 15.88 33.75
C GLN F 105 33.32 14.67 34.42
N LEU F 106 34.51 14.87 34.99
CA LEU F 106 35.24 13.83 35.70
C LEU F 106 35.24 14.16 37.19
N SER F 107 34.92 13.17 38.01
CA SER F 107 34.74 13.37 39.44
C SER F 107 35.84 12.66 40.22
N SER F 108 36.24 13.28 41.34
CA SER F 108 37.14 12.67 42.33
C SER F 108 38.39 12.10 41.66
N LEU F 109 39.18 13.01 41.07
CA LEU F 109 40.28 12.62 40.19
C LEU F 109 41.48 12.06 40.96
N THR F 110 42.11 11.05 40.36
CA THR F 110 43.38 10.48 40.81
C THR F 110 44.35 10.43 39.63
N SER F 111 45.56 9.93 39.89
CA SER F 111 46.63 9.95 38.90
C SER F 111 46.29 9.15 37.65
N VAL F 112 45.45 8.11 37.77
CA VAL F 112 45.08 7.33 36.59
C VAL F 112 44.14 8.07 35.66
N ASP F 113 43.62 9.21 36.09
CA ASP F 113 42.83 10.06 35.23
C ASP F 113 43.66 11.05 34.44
N THR F 114 44.98 11.14 34.69
CA THR F 114 45.84 11.97 33.85
C THR F 114 45.86 11.39 32.44
N ALA F 115 45.38 12.18 31.47
CA ALA F 115 45.15 11.67 30.12
C ALA F 115 44.76 12.81 29.18
N VAL F 116 44.79 12.51 27.89
CA VAL F 116 44.17 13.33 26.86
C VAL F 116 42.76 12.80 26.62
N TYR F 117 41.78 13.70 26.59
CA TYR F 117 40.39 13.32 26.38
C TYR F 117 39.90 13.83 25.02
N TYR F 118 39.41 12.91 24.19
CA TYR F 118 39.01 13.22 22.83
C TYR F 118 37.48 13.24 22.71
N CYS F 119 37.02 14.14 21.85
CA CYS F 119 35.65 14.24 21.40
C CYS F 119 35.55 13.59 20.02
N ALA F 120 34.39 12.99 19.70
CA ALA F 120 34.27 12.33 18.40
C ALA F 120 32.80 12.23 17.99
N THR F 121 32.57 12.20 16.66
CA THR F 121 31.23 12.11 16.09
C THR F 121 31.28 11.42 14.74
N THR F 122 30.12 10.98 14.30
CA THR F 122 29.93 10.59 12.92
C THR F 122 29.24 11.78 12.24
N ILE F 123 29.88 12.32 11.19
CA ILE F 123 29.33 13.36 10.30
C ILE F 123 29.55 12.98 8.84
N THR F 124 30.62 12.25 8.54
CA THR F 124 30.89 11.86 7.15
C THR F 124 29.91 10.80 6.67
N ALA F 125 29.59 9.85 7.53
CA ALA F 125 28.73 8.74 7.16
C ALA F 125 27.40 9.26 6.64
N VAL F 126 26.78 8.48 5.74
CA VAL F 126 25.53 8.92 5.12
C VAL F 126 24.45 9.12 6.18
N VAL F 127 24.22 8.13 7.03
CA VAL F 127 23.21 8.22 8.07
C VAL F 127 23.90 8.04 9.43
N PRO F 128 23.81 9.01 10.32
CA PRO F 128 24.44 8.86 11.65
C PRO F 128 23.69 7.86 12.49
N THR F 129 24.39 6.81 12.89
CA THR F 129 23.96 5.79 13.82
C THR F 129 24.91 5.80 15.00
N PRO F 130 24.48 5.39 16.19
CA PRO F 130 25.41 5.35 17.32
C PRO F 130 26.43 4.22 17.26
N TYR F 131 26.26 3.30 16.31
CA TYR F 131 27.15 2.15 16.16
C TYR F 131 28.13 2.38 15.02
N ASN F 132 28.12 3.58 14.45
CA ASN F 132 28.98 3.88 13.32
C ASN F 132 30.41 4.15 13.80
N ALA F 133 31.32 4.27 12.85
CA ALA F 133 32.69 4.57 13.23
C ALA F 133 32.77 6.01 13.67
N MET F 134 33.85 6.37 14.34
CA MET F 134 34.04 7.74 14.78
C MET F 134 34.91 8.41 13.74
N ASP F 135 34.27 9.18 12.87
CA ASP F 135 34.97 9.69 11.69
C ASP F 135 35.47 11.10 11.83
N TYR F 136 34.96 11.88 12.77
CA TYR F 136 35.50 13.20 13.04
C TYR F 136 35.87 13.28 14.52
N TRP F 137 37.05 13.81 14.79
CA TRP F 137 37.62 13.85 16.14
C TRP F 137 38.07 15.27 16.45
N GLY F 138 37.83 15.70 17.68
CA GLY F 138 38.44 16.91 18.18
C GLY F 138 39.92 16.70 18.43
N GLN F 139 40.62 17.79 18.74
CA GLN F 139 42.06 17.71 18.93
C GLN F 139 42.48 17.17 20.29
N GLY F 140 41.54 16.93 21.19
CA GLY F 140 41.92 16.45 22.50
C GLY F 140 42.14 17.58 23.48
N THR F 141 41.83 17.30 24.74
CA THR F 141 42.10 18.21 25.84
C THR F 141 42.98 17.47 26.83
N SER F 142 44.07 18.09 27.25
CA SER F 142 45.08 17.41 28.05
C SER F 142 44.84 17.71 29.54
N VAL F 143 44.38 16.71 30.28
CA VAL F 143 44.07 16.84 31.71
C VAL F 143 45.20 16.21 32.53
N THR F 144 45.84 17.01 33.38
CA THR F 144 46.90 16.55 34.28
C THR F 144 46.46 16.67 35.73
N VAL F 145 46.55 15.57 36.49
CA VAL F 145 46.22 15.55 37.90
C VAL F 145 47.52 15.62 38.70
N SER F 146 47.69 16.71 39.45
CA SER F 146 48.93 16.98 40.18
C SER F 146 48.65 18.07 41.22
N SER F 147 49.39 18.00 42.34
CA SER F 147 49.27 19.01 43.38
C SER F 147 50.05 20.27 43.06
N ALA F 148 50.98 20.20 42.11
CA ALA F 148 51.84 21.31 41.77
C ALA F 148 51.07 22.45 41.14
N SER F 149 51.52 23.67 41.41
CA SER F 149 50.93 24.83 40.77
C SER F 149 51.45 24.94 39.34
N THR F 150 50.76 25.78 38.57
CA THR F 150 51.14 26.05 37.20
C THR F 150 52.35 26.97 37.16
N THR F 151 53.21 26.76 36.17
CA THR F 151 54.40 27.59 35.97
C THR F 151 54.54 27.93 34.49
N ALA F 152 54.61 29.23 34.19
CA ALA F 152 54.77 29.67 32.81
C ALA F 152 56.18 29.40 32.30
N PRO F 153 56.33 29.09 31.02
CA PRO F 153 57.64 28.77 30.45
C PRO F 153 58.51 29.98 30.16
N SER F 154 59.82 29.74 30.26
CA SER F 154 60.82 30.65 29.73
C SER F 154 61.17 30.26 28.30
N VAL F 155 61.13 31.22 27.39
CA VAL F 155 61.40 30.96 25.97
C VAL F 155 62.66 31.71 25.55
N TYR F 156 63.61 30.98 24.98
CA TYR F 156 64.94 31.45 24.62
C TYR F 156 65.21 31.24 23.13
N PRO F 157 65.53 32.29 22.38
CA PRO F 157 65.90 32.11 20.98
C PRO F 157 67.35 31.63 20.87
N LEU F 158 67.58 30.73 19.93
CA LEU F 158 68.89 30.11 19.73
C LEU F 158 69.41 30.48 18.34
N ALA F 159 70.31 31.44 18.28
CA ALA F 159 70.91 31.78 17.00
C ALA F 159 72.18 30.94 16.80
N PRO F 160 72.60 30.72 15.55
CA PRO F 160 73.81 29.92 15.34
C PRO F 160 75.04 30.60 15.95
N VAL F 161 76.09 29.78 16.10
CA VAL F 161 77.35 30.26 16.65
C VAL F 161 77.83 31.50 15.92
N CYS F 162 78.44 32.42 16.65
CA CYS F 162 78.99 33.65 16.07
C CYS F 162 80.22 33.35 15.18
N GLY F 167 78.06 27.67 6.02
CA GLY F 167 77.48 26.72 5.08
C GLY F 167 76.43 27.28 4.12
N SER F 168 75.72 26.37 3.42
CA SER F 168 74.69 26.74 2.45
C SER F 168 73.31 26.94 3.07
N SER F 169 73.05 26.27 4.18
CA SER F 169 71.78 26.35 4.88
C SER F 169 72.04 26.61 6.35
N VAL F 170 71.03 27.10 7.07
CA VAL F 170 71.17 27.46 8.47
C VAL F 170 70.03 26.86 9.25
N THR F 171 70.32 26.44 10.48
CA THR F 171 69.34 25.88 11.38
C THR F 171 69.24 26.81 12.58
N LEU F 172 68.03 27.22 12.90
CA LEU F 172 67.77 28.04 14.08
C LEU F 172 67.01 27.23 15.10
N GLY F 173 67.04 27.69 16.36
CA GLY F 173 66.43 26.94 17.44
C GLY F 173 65.65 27.85 18.36
N CYS F 174 64.77 27.21 19.13
CA CYS F 174 63.97 27.86 20.16
C CYS F 174 63.86 26.91 21.33
N LEU F 175 64.25 27.37 22.52
CA LEU F 175 64.24 26.54 23.73
C LEU F 175 63.19 27.03 24.70
N VAL F 176 62.25 26.16 25.04
CA VAL F 176 61.13 26.47 25.92
C VAL F 176 61.32 25.65 27.18
N LYS F 177 61.86 26.27 28.24
CA LYS F 177 62.37 25.55 29.40
C LYS F 177 61.59 25.95 30.65
N GLY F 178 61.25 24.94 31.46
CA GLY F 178 60.73 25.09 32.82
C GLY F 178 59.26 25.48 32.95
N TYR F 179 58.35 24.71 32.35
CA TYR F 179 56.91 24.95 32.47
C TYR F 179 56.18 23.74 33.05
N PHE F 180 54.94 23.99 33.49
CA PHE F 180 54.08 22.95 34.01
C PHE F 180 52.63 23.43 34.02
N PRO F 181 51.65 22.58 33.64
CA PRO F 181 51.87 21.25 33.05
C PRO F 181 51.98 21.31 31.55
N GLU F 182 52.07 20.15 30.90
CA GLU F 182 51.88 20.12 29.46
C GLU F 182 50.41 20.33 29.10
N PRO F 183 50.13 20.78 27.86
CA PRO F 183 51.13 21.02 26.81
C PRO F 183 51.51 22.48 26.59
N VAL F 184 52.52 22.66 25.74
CA VAL F 184 52.76 23.91 25.06
C VAL F 184 52.61 23.62 23.58
N THR F 185 52.26 24.66 22.83
CA THR F 185 52.21 24.59 21.38
C THR F 185 53.19 25.61 20.82
N LEU F 186 54.06 25.15 19.92
CA LEU F 186 55.09 25.98 19.32
C LEU F 186 54.97 25.99 17.81
N THR F 187 54.93 27.19 17.22
CA THR F 187 54.95 27.33 15.78
C THR F 187 56.01 28.36 15.39
N TRP F 188 56.30 28.42 14.10
CA TRP F 188 57.29 29.35 13.56
C TRP F 188 56.61 30.28 12.57
N ASN F 189 56.83 31.58 12.77
CA ASN F 189 56.19 32.62 11.97
C ASN F 189 54.68 32.35 11.85
N SER F 190 54.06 32.03 12.98
CA SER F 190 52.61 31.83 13.08
C SER F 190 52.11 30.74 12.16
N GLY F 191 52.96 29.76 11.85
CA GLY F 191 52.61 28.63 11.01
C GLY F 191 53.00 28.74 9.55
N SER F 192 53.37 29.93 9.07
CA SER F 192 53.72 30.05 7.66
C SER F 192 55.05 29.36 7.34
N LEU F 193 55.90 29.17 8.35
CA LEU F 193 57.12 28.40 8.19
C LEU F 193 56.89 27.08 8.91
N SER F 194 56.55 26.05 8.14
CA SER F 194 56.17 24.75 8.68
C SER F 194 57.03 23.60 8.20
N SER F 195 57.48 23.65 6.94
CA SER F 195 58.35 22.61 6.44
C SER F 195 59.75 22.79 7.00
N GLY F 196 60.44 21.68 7.20
CA GLY F 196 61.78 21.72 7.74
C GLY F 196 61.84 21.95 9.23
N VAL F 197 60.74 21.78 9.93
CA VAL F 197 60.70 21.98 11.37
C VAL F 197 60.74 20.62 12.05
N HIS F 198 61.48 20.53 13.15
CA HIS F 198 61.44 19.40 14.06
C HIS F 198 61.14 19.92 15.45
N THR F 199 60.02 19.51 16.03
CA THR F 199 59.69 19.87 17.41
C THR F 199 59.81 18.63 18.30
N PHE F 200 60.70 18.69 19.25
CA PHE F 200 61.14 17.54 20.03
C PHE F 200 60.29 17.38 21.29
N PRO F 201 59.84 16.15 21.59
CA PRO F 201 58.98 15.92 22.75
C PRO F 201 59.54 16.46 24.07
N ALA F 202 58.65 17.01 24.89
CA ALA F 202 59.00 17.56 26.20
C ALA F 202 59.48 16.51 27.19
N LEU F 203 60.32 16.94 28.13
CA LEU F 203 60.84 16.04 29.16
C LEU F 203 60.75 16.69 30.54
N LEU F 204 60.43 15.88 31.56
CA LEU F 204 60.43 16.36 32.94
C LEU F 204 61.82 16.38 33.56
N GLN F 205 62.15 17.47 34.23
CA GLN F 205 63.29 17.48 35.13
C GLN F 205 62.93 18.31 36.34
N SER F 206 63.05 17.70 37.52
CA SER F 206 62.83 18.37 38.80
C SER F 206 61.46 19.06 38.85
N GLY F 207 60.47 18.42 38.23
CA GLY F 207 59.10 18.93 38.32
C GLY F 207 58.64 19.89 37.25
N LEU F 208 59.48 20.23 36.26
CA LEU F 208 59.07 21.12 35.19
C LEU F 208 59.44 20.51 33.85
N TYR F 209 58.78 20.98 32.79
CA TYR F 209 58.98 20.47 31.43
C TYR F 209 59.93 21.34 30.63
N THR F 210 60.72 20.71 29.76
CA THR F 210 61.57 21.40 28.80
C THR F 210 61.41 20.78 27.41
N LEU F 211 61.23 21.66 26.42
CA LEU F 211 60.99 21.30 25.03
C LEU F 211 61.80 22.22 24.13
N SER F 212 62.11 21.74 22.94
CA SER F 212 62.82 22.58 21.99
C SER F 212 62.36 22.26 20.58
N SER F 213 62.66 23.18 19.66
CA SER F 213 62.29 23.00 18.27
C SER F 213 63.32 23.68 17.39
N SER F 214 63.69 23.02 16.28
CA SER F 214 64.61 23.58 15.32
C SER F 214 63.88 23.80 14.01
N VAL F 215 64.33 24.78 13.25
CA VAL F 215 63.85 25.02 11.91
C VAL F 215 65.06 25.25 11.03
N THR F 216 65.02 24.66 9.83
CA THR F 216 66.11 24.76 8.86
C THR F 216 65.55 25.47 7.63
N VAL F 217 66.20 26.56 7.23
CA VAL F 217 65.85 27.29 6.02
C VAL F 217 67.13 27.53 5.24
N THR F 218 66.99 28.01 4.01
CA THR F 218 68.18 28.34 3.24
C THR F 218 68.87 29.56 3.82
N SER F 219 70.19 29.61 3.66
CA SER F 219 70.98 30.71 4.23
C SER F 219 70.62 32.05 3.60
N ASN F 220 69.92 32.06 2.47
CA ASN F 220 69.49 33.29 1.85
C ASN F 220 68.24 33.85 2.53
N THR F 221 67.51 33.03 3.27
CA THR F 221 66.30 33.50 3.94
C THR F 221 66.62 34.24 5.23
N TRP F 222 67.63 33.79 5.97
CA TRP F 222 67.90 34.34 7.29
C TRP F 222 69.38 34.69 7.40
N PRO F 223 69.72 35.82 8.04
CA PRO F 223 68.85 36.72 8.80
C PRO F 223 68.11 37.75 7.94
N SER F 224 68.13 37.54 6.61
CA SER F 224 67.45 38.44 5.71
C SER F 224 65.97 38.60 6.07
N GLN F 225 65.26 37.49 6.22
CA GLN F 225 63.88 37.50 6.69
C GLN F 225 63.85 37.28 8.20
N THR F 226 62.99 38.01 8.88
CA THR F 226 62.80 37.78 10.31
C THR F 226 62.19 36.40 10.53
N ILE F 227 62.72 35.67 11.50
CA ILE F 227 62.16 34.38 11.89
C ILE F 227 61.87 34.42 13.37
N THR F 228 60.62 34.15 13.75
CA THR F 228 60.18 34.32 15.13
C THR F 228 59.52 33.04 15.63
N CYS F 229 59.91 32.66 16.83
CA CYS F 229 59.36 31.51 17.55
C CYS F 229 58.12 31.93 18.35
N ASN F 230 57.01 31.21 18.11
CA ASN F 230 55.73 31.47 18.77
C ASN F 230 55.43 30.37 19.79
N VAL F 231 55.28 30.74 21.06
CA VAL F 231 55.07 29.76 22.14
C VAL F 231 53.84 30.14 22.93
N ALA F 232 52.86 29.24 22.97
CA ALA F 232 51.66 29.42 23.77
C ALA F 232 51.57 28.36 24.86
N HIS F 233 51.19 28.77 26.06
CA HIS F 233 51.03 27.85 27.19
C HIS F 233 49.63 27.98 27.76
N PRO F 234 48.72 27.04 27.45
CA PRO F 234 47.31 27.18 27.85
C PRO F 234 47.09 27.29 29.35
N ALA F 235 47.84 26.51 30.14
CA ALA F 235 47.56 26.45 31.57
C ALA F 235 47.80 27.79 32.26
N SER F 236 48.85 28.52 31.85
CA SER F 236 49.10 29.84 32.40
C SER F 236 48.53 30.97 31.55
N SER F 237 47.86 30.62 30.43
CA SER F 237 47.27 31.59 29.51
C SER F 237 48.27 32.67 29.11
N THR F 238 49.49 32.22 28.78
CA THR F 238 50.57 33.09 28.35
C THR F 238 50.95 32.77 26.91
N LYS F 239 51.45 33.78 26.22
CA LYS F 239 51.82 33.63 24.81
C LYS F 239 52.93 34.63 24.53
N VAL F 240 54.13 34.12 24.25
CA VAL F 240 55.29 34.98 24.05
C VAL F 240 55.89 34.71 22.69
N ASP F 241 56.52 35.73 22.12
CA ASP F 241 57.18 35.65 20.82
C ASP F 241 58.63 36.09 20.96
N LYS F 242 59.55 35.26 20.45
CA LYS F 242 60.98 35.53 20.51
C LYS F 242 61.54 35.48 19.09
N LYS F 243 62.00 36.62 18.61
CA LYS F 243 62.66 36.64 17.31
C LYS F 243 64.07 36.05 17.44
N ILE F 244 64.45 35.23 16.48
CA ILE F 244 65.81 34.71 16.41
C ILE F 244 66.68 35.78 15.78
N GLU F 245 67.68 36.28 16.53
CA GLU F 245 68.50 37.37 16.05
C GLU F 245 69.98 37.02 16.07
N PRO F 246 70.73 37.40 15.02
CA PRO F 246 72.16 37.09 14.96
C PRO F 246 72.92 37.61 16.17
N ARG F 247 73.93 36.84 16.59
CA ARG F 247 74.84 37.24 17.65
C ARG F 247 75.85 38.30 17.17
N ASP G 24 33.15 -8.08 27.97
CA ASP G 24 33.56 -7.12 26.95
C ASP G 24 34.35 -7.84 25.85
N ILE G 25 34.21 -7.35 24.63
CA ILE G 25 34.97 -7.92 23.53
C ILE G 25 36.43 -7.53 23.66
N VAL G 26 37.31 -8.52 23.61
CA VAL G 26 38.75 -8.29 23.63
C VAL G 26 39.26 -8.33 22.21
N LEU G 27 39.96 -7.29 21.81
CA LEU G 27 40.55 -7.21 20.48
C LEU G 27 42.06 -7.36 20.62
N THR G 28 42.60 -8.41 20.01
CA THR G 28 44.03 -8.68 20.07
C THR G 28 44.66 -8.32 18.72
N GLN G 29 45.51 -7.30 18.70
CA GLN G 29 46.17 -6.91 17.45
C GLN G 29 47.56 -7.52 17.37
N SER G 30 47.92 -7.97 16.17
CA SER G 30 49.23 -8.53 15.90
C SER G 30 49.62 -8.19 14.48
N PRO G 31 50.90 -7.94 14.21
CA PRO G 31 51.99 -7.90 15.18
C PRO G 31 51.93 -6.65 16.06
N ALA G 32 52.68 -6.65 17.17
CA ALA G 32 52.72 -5.48 18.03
C ALA G 32 53.46 -4.32 17.38
N SER G 33 54.45 -4.62 16.54
CA SER G 33 55.20 -3.62 15.80
C SER G 33 55.75 -4.27 14.54
N LEU G 34 55.95 -3.47 13.51
CA LEU G 34 56.53 -4.02 12.29
C LEU G 34 57.25 -2.92 11.52
N ALA G 35 58.25 -3.35 10.75
CA ALA G 35 59.01 -2.48 9.87
C ALA G 35 58.73 -2.88 8.43
N VAL G 36 58.47 -1.90 7.58
CA VAL G 36 58.07 -2.16 6.21
C VAL G 36 58.79 -1.16 5.32
N SER G 37 59.26 -1.62 4.16
CA SER G 37 59.96 -0.76 3.21
C SER G 37 58.96 -0.07 2.29
N LEU G 38 59.40 1.04 1.72
CA LEU G 38 58.55 1.80 0.82
C LEU G 38 58.15 0.95 -0.37
N GLY G 39 56.86 0.99 -0.70
CA GLY G 39 56.33 0.30 -1.86
C GLY G 39 55.89 -1.13 -1.64
N GLN G 40 56.28 -1.77 -0.54
CA GLN G 40 55.81 -3.12 -0.28
C GLN G 40 54.35 -3.09 0.19
N ARG G 41 53.69 -4.26 0.15
CA ARG G 41 52.40 -4.41 0.81
C ARG G 41 52.58 -5.07 2.16
N THR G 42 51.73 -4.69 3.11
CA THR G 42 51.79 -5.25 4.44
C THR G 42 50.37 -5.45 4.97
N THR G 43 50.25 -6.31 5.98
CA THR G 43 48.97 -6.59 6.59
C THR G 43 49.11 -6.57 8.11
N ILE G 44 48.03 -6.18 8.76
CA ILE G 44 47.92 -6.16 10.21
C ILE G 44 46.73 -7.04 10.57
N SER G 45 46.86 -7.80 11.65
CA SER G 45 45.75 -8.63 12.09
C SER G 45 45.12 -8.05 13.35
N CYS G 46 43.79 -8.19 13.41
CA CYS G 46 42.99 -7.85 14.57
C CYS G 46 42.03 -9.00 14.74
N ARG G 47 42.15 -9.72 15.84
CA ARG G 47 41.29 -10.86 16.08
C ARG G 47 40.51 -10.62 17.36
N ALA G 48 39.20 -10.81 17.29
CA ALA G 48 38.30 -10.54 18.40
C ALA G 48 38.01 -11.81 19.19
N SER G 49 37.75 -11.63 20.47
CA SER G 49 37.51 -12.79 21.33
C SER G 49 36.20 -13.47 20.96
N GLU G 50 35.11 -12.71 20.93
CA GLU G 50 33.84 -13.15 20.38
C GLU G 50 33.62 -12.54 19.00
N SER G 51 32.55 -12.99 18.34
CA SER G 51 32.19 -12.47 17.02
C SER G 51 31.68 -11.03 17.11
N VAL G 52 32.03 -10.25 16.10
CA VAL G 52 31.64 -8.83 16.06
C VAL G 52 30.65 -8.57 14.93
N ASP G 53 29.92 -9.61 14.55
CA ASP G 53 29.01 -9.49 13.43
C ASP G 53 27.59 -9.39 13.96
N SER G 54 26.80 -8.53 13.33
CA SER G 54 25.35 -8.62 13.38
C SER G 54 24.84 -8.85 11.97
N PHE G 55 24.03 -9.88 11.80
CA PHE G 55 23.46 -10.20 10.50
C PHE G 55 24.58 -10.40 9.51
N ASP G 56 24.73 -9.46 8.57
CA ASP G 56 25.66 -9.63 7.48
C ASP G 56 26.88 -8.72 7.55
N ASN G 57 26.95 -7.83 8.56
CA ASN G 57 27.95 -6.77 8.60
C ASN G 57 28.87 -7.00 9.78
N SER G 58 30.14 -6.62 9.62
CA SER G 58 31.10 -6.66 10.72
C SER G 58 31.38 -5.24 11.20
N PHE G 59 31.19 -5.01 12.49
CA PHE G 59 31.32 -3.66 13.06
C PHE G 59 32.72 -3.43 13.64
N ILE G 60 33.70 -3.40 12.75
CA ILE G 60 35.12 -3.21 13.07
C ILE G 60 35.60 -1.96 12.35
N HIS G 61 36.47 -1.17 12.97
CA HIS G 61 36.95 0.00 12.25
C HIS G 61 38.45 0.15 12.47
N TRP G 62 39.09 0.80 11.51
CA TRP G 62 40.53 0.98 11.56
C TRP G 62 40.86 2.47 11.59
N TYR G 63 41.76 2.84 12.49
CA TYR G 63 42.17 4.22 12.67
C TYR G 63 43.67 4.32 12.60
N GLN G 64 44.14 5.45 12.07
CA GLN G 64 45.55 5.76 12.04
C GLN G 64 45.78 6.93 13.01
N GLN G 65 46.78 6.79 13.87
CA GLN G 65 47.07 7.88 14.78
C GLN G 65 48.55 8.16 14.72
N LYS G 66 48.86 9.35 14.50
CA LYS G 66 50.23 9.79 14.60
C LYS G 66 50.41 10.56 15.91
N PRO G 67 51.60 10.48 16.50
CA PRO G 67 51.79 11.08 17.83
C PRO G 67 51.40 12.56 17.85
N GLY G 68 50.66 12.94 18.87
CA GLY G 68 50.20 14.30 19.03
C GLY G 68 48.90 14.63 18.32
N GLN G 69 48.39 13.74 17.49
CA GLN G 69 47.17 14.00 16.75
C GLN G 69 46.07 13.05 17.18
N PRO G 70 44.81 13.43 16.95
CA PRO G 70 43.71 12.50 17.14
C PRO G 70 43.78 11.37 16.12
N PRO G 71 43.12 10.24 16.37
CA PRO G 71 43.03 9.21 15.34
C PRO G 71 42.31 9.68 14.08
N LYS G 72 42.67 9.07 12.95
CA LYS G 72 42.03 9.29 11.66
C LYS G 72 41.37 7.99 11.24
N LEU G 73 40.09 8.07 10.85
CA LEU G 73 39.40 6.88 10.39
C LEU G 73 39.87 6.46 9.01
N LEU G 74 40.21 5.19 8.85
CA LEU G 74 40.63 4.65 7.57
C LEU G 74 39.57 3.77 6.93
N ILE G 75 39.06 2.81 7.69
CA ILE G 75 38.17 1.77 7.19
C ILE G 75 37.02 1.63 8.18
N PHE G 76 35.79 1.61 7.68
CA PHE G 76 34.65 1.41 8.57
C PHE G 76 33.89 0.16 8.13
N LEU G 77 33.14 -0.39 9.08
CA LEU G 77 32.49 -1.71 9.03
C LEU G 77 33.64 -2.70 8.74
N ALA G 78 33.54 -3.57 7.77
CA ALA G 78 34.74 -4.39 7.76
C ALA G 78 35.72 -3.94 6.69
N SER G 79 35.20 -3.47 5.59
CA SER G 79 35.97 -3.31 4.39
C SER G 79 35.71 -2.02 3.62
N SER G 80 34.87 -1.12 4.11
CA SER G 80 34.55 0.10 3.38
C SER G 80 35.58 1.18 3.66
N LEU G 81 36.12 1.75 2.60
CA LEU G 81 37.18 2.76 2.69
C LEU G 81 36.57 4.11 3.01
N GLU G 82 37.05 4.73 4.07
CA GLU G 82 36.53 6.03 4.44
C GLU G 82 36.84 7.03 3.34
N SER G 83 35.90 7.93 3.08
CA SER G 83 36.08 8.93 2.04
C SER G 83 37.32 9.78 2.30
N GLY G 84 38.10 10.02 1.25
CA GLY G 84 39.32 10.78 1.33
C GLY G 84 40.56 9.99 1.73
N VAL G 85 40.41 8.72 2.07
CA VAL G 85 41.53 7.88 2.50
C VAL G 85 42.09 7.20 1.25
N PRO G 86 43.42 7.10 1.09
CA PRO G 86 43.97 6.52 -0.14
C PRO G 86 43.50 5.10 -0.37
N ALA G 87 43.27 4.76 -1.63
CA ALA G 87 42.88 3.38 -1.95
C ALA G 87 44.04 2.43 -1.89
N ARG G 88 45.01 2.69 -1.01
CA ARG G 88 46.04 1.74 -0.67
C ARG G 88 45.65 0.93 0.54
N PHE G 89 44.63 1.39 1.24
CA PHE G 89 44.13 0.74 2.44
C PHE G 89 42.97 -0.15 2.05
N SER G 90 42.95 -1.37 2.56
CA SER G 90 41.84 -2.27 2.35
C SER G 90 41.63 -3.10 3.59
N GLY G 91 40.39 -3.53 3.79
CA GLY G 91 40.03 -4.31 4.95
C GLY G 91 39.29 -5.55 4.52
N SER G 92 39.44 -6.59 5.34
CA SER G 92 38.81 -7.87 5.07
C SER G 92 38.55 -8.57 6.39
N GLY G 93 37.85 -9.70 6.32
CA GLY G 93 37.59 -10.50 7.48
C GLY G 93 36.11 -10.71 7.72
N SER G 94 35.82 -11.68 8.58
CA SER G 94 34.41 -12.04 8.78
C SER G 94 33.89 -11.94 10.20
N ARG G 95 34.33 -12.82 11.10
CA ARG G 95 33.77 -12.82 12.44
C ARG G 95 34.78 -12.39 13.48
N THR G 96 35.78 -13.22 13.65
CA THR G 96 36.82 -12.97 14.63
C THR G 96 38.19 -12.75 14.03
N ASP G 97 38.32 -12.78 12.70
CA ASP G 97 39.62 -12.62 12.05
C ASP G 97 39.52 -11.44 11.08
N PHE G 98 40.37 -10.43 11.25
CA PHE G 98 40.32 -9.24 10.42
C PHE G 98 41.68 -8.78 9.95
N THR G 99 41.67 -8.09 8.82
CA THR G 99 42.88 -7.69 8.13
C THR G 99 42.79 -6.25 7.68
N LEU G 100 43.82 -5.46 8.01
CA LEU G 100 44.07 -4.19 7.36
C LEU G 100 45.27 -4.36 6.45
N THR G 101 45.12 -4.00 5.18
CA THR G 101 46.21 -4.08 4.21
C THR G 101 46.53 -2.69 3.68
N ILE G 102 47.82 -2.36 3.63
CA ILE G 102 48.33 -1.14 3.01
C ILE G 102 49.20 -1.54 1.84
N ASP G 103 48.83 -1.11 0.65
CA ASP G 103 49.55 -1.49 -0.55
C ASP G 103 49.31 -0.45 -1.65
N PRO G 104 50.34 0.28 -2.09
CA PRO G 104 51.71 0.16 -1.58
C PRO G 104 51.97 1.03 -0.34
N VAL G 105 52.91 0.59 0.50
CA VAL G 105 53.28 1.37 1.67
C VAL G 105 53.99 2.64 1.22
N GLU G 106 53.61 3.77 1.82
CA GLU G 106 54.24 5.05 1.55
C GLU G 106 54.81 5.65 2.83
N ALA G 107 55.60 6.71 2.66
CA ALA G 107 56.27 7.32 3.81
C ALA G 107 55.27 7.91 4.80
N ASP G 108 54.14 8.43 4.31
CA ASP G 108 53.12 9.00 5.17
C ASP G 108 52.47 7.98 6.09
N ASP G 109 52.68 6.68 5.86
CA ASP G 109 51.98 5.67 6.63
C ASP G 109 52.63 5.38 7.98
N ALA G 110 53.78 5.98 8.30
CA ALA G 110 54.40 5.80 9.61
C ALA G 110 53.51 6.33 10.73
N ALA G 111 52.99 5.43 11.57
CA ALA G 111 51.96 5.75 12.55
C ALA G 111 51.61 4.49 13.34
N THR G 112 50.73 4.65 14.32
CA THR G 112 50.15 3.54 15.04
C THR G 112 48.73 3.29 14.52
N TYR G 113 48.40 2.01 14.32
CA TYR G 113 47.09 1.60 13.81
C TYR G 113 46.31 0.88 14.88
N TYR G 114 45.04 1.28 15.08
CA TYR G 114 44.17 0.71 16.09
C TYR G 114 42.91 0.19 15.43
N CYS G 115 42.46 -1.01 15.84
CA CYS G 115 41.12 -1.47 15.49
C CYS G 115 40.17 -1.19 16.64
N GLN G 116 38.88 -1.16 16.30
CA GLN G 116 37.84 -0.86 17.27
C GLN G 116 36.56 -1.56 16.82
N GLN G 117 35.84 -2.13 17.78
CA GLN G 117 34.57 -2.75 17.50
C GLN G 117 33.45 -1.90 18.08
N SER G 118 32.30 -1.94 17.42
CA SER G 118 31.12 -1.23 17.89
C SER G 118 29.89 -2.10 17.82
N ASN G 119 30.05 -3.42 17.81
CA ASN G 119 28.87 -4.28 17.75
C ASN G 119 28.18 -4.42 19.10
N GLU G 120 28.93 -4.33 20.19
CA GLU G 120 28.35 -4.51 21.51
C GLU G 120 29.05 -3.56 22.47
N ASP G 121 28.31 -3.06 23.46
CA ASP G 121 28.78 -2.14 24.48
C ASP G 121 29.47 -2.89 25.61
N PRO G 122 30.57 -2.34 26.12
CA PRO G 122 31.17 -1.08 25.67
C PRO G 122 31.99 -1.23 24.37
N PHE G 123 32.11 -0.16 23.58
CA PHE G 123 33.05 -0.19 22.47
C PHE G 123 34.45 -0.39 23.03
N THR G 124 35.24 -1.21 22.34
CA THR G 124 36.58 -1.51 22.80
C THR G 124 37.56 -1.34 21.65
N PHE G 125 38.79 -1.02 21.98
CA PHE G 125 39.82 -0.79 20.99
C PHE G 125 40.86 -1.90 21.08
N GLY G 126 41.52 -2.16 19.96
CA GLY G 126 42.71 -2.97 19.97
C GLY G 126 43.88 -2.24 20.61
N SER G 127 44.93 -3.01 20.87
CA SER G 127 46.07 -2.49 21.62
C SER G 127 47.10 -1.79 20.73
N GLY G 128 46.95 -1.84 19.41
CA GLY G 128 47.73 -1.01 18.51
C GLY G 128 48.87 -1.74 17.83
N THR G 129 49.21 -1.28 16.61
CA THR G 129 50.37 -1.76 15.87
C THR G 129 51.17 -0.56 15.38
N LYS G 130 52.43 -0.47 15.79
CA LYS G 130 53.28 0.64 15.38
C LYS G 130 54.04 0.24 14.11
N LEU G 131 53.80 0.99 13.04
CA LEU G 131 54.43 0.77 11.75
C LEU G 131 55.61 1.72 11.61
N GLU G 132 56.80 1.16 11.38
CA GLU G 132 57.98 1.97 11.08
C GLU G 132 58.35 1.77 9.62
N ILE G 133 58.81 2.84 8.97
CA ILE G 133 59.20 2.80 7.56
C ILE G 133 60.71 2.59 7.50
N LYS G 134 61.12 1.59 6.75
CA LYS G 134 62.53 1.27 6.60
C LYS G 134 63.07 1.96 5.33
N ARG G 135 64.23 2.59 5.48
CA ARG G 135 64.79 3.35 4.37
C ARG G 135 66.31 3.25 4.44
N ALA G 136 66.97 3.90 3.49
CA ALA G 136 68.42 3.88 3.44
C ALA G 136 68.99 4.68 4.60
N ASP G 137 70.17 4.27 5.05
CA ASP G 137 70.83 4.95 6.14
C ASP G 137 71.13 6.40 5.79
N ALA G 138 71.05 7.27 6.79
CA ALA G 138 71.32 8.69 6.60
C ALA G 138 72.11 9.23 7.79
N ALA G 139 73.19 9.97 7.51
CA ALA G 139 73.95 10.55 8.60
C ALA G 139 73.23 11.78 9.13
N PRO G 140 73.38 12.06 10.42
CA PRO G 140 72.71 13.24 11.00
C PRO G 140 73.40 14.53 10.60
N THR G 141 72.60 15.59 10.51
CA THR G 141 73.09 16.96 10.40
C THR G 141 73.13 17.61 11.78
N VAL G 142 74.32 18.01 12.22
CA VAL G 142 74.52 18.40 13.61
C VAL G 142 74.67 19.90 13.69
N SER G 143 73.96 20.50 14.64
CA SER G 143 73.95 21.94 14.86
C SER G 143 74.09 22.19 16.35
N ILE G 144 75.00 23.10 16.74
CA ILE G 144 75.23 23.40 18.15
C ILE G 144 74.85 24.86 18.42
N PHE G 145 74.30 25.10 19.63
CA PHE G 145 73.79 26.42 19.99
C PHE G 145 74.21 26.80 21.40
N PRO G 146 75.01 27.86 21.55
CA PRO G 146 75.36 28.40 22.87
C PRO G 146 74.12 28.94 23.59
N PRO G 147 74.19 29.05 24.92
CA PRO G 147 73.09 29.63 25.67
C PRO G 147 72.70 31.00 25.16
N SER G 148 71.39 31.27 25.16
CA SER G 148 70.92 32.60 24.81
C SER G 148 71.34 33.60 25.90
N SER G 149 71.53 34.85 25.47
CA SER G 149 71.91 35.88 26.44
C SER G 149 70.89 36.00 27.58
N GLU G 150 69.60 35.78 27.28
CA GLU G 150 68.58 35.94 28.31
C GLU G 150 68.71 34.89 29.40
N GLN G 151 68.95 33.63 29.00
CA GLN G 151 69.04 32.53 29.96
C GLN G 151 70.17 32.73 30.95
N LEU G 152 71.29 33.29 30.50
CA LEU G 152 72.42 33.53 31.40
C LEU G 152 72.04 34.49 32.51
N THR G 153 71.15 35.44 32.23
CA THR G 153 70.63 36.34 33.27
C THR G 153 69.86 35.59 34.34
N SER G 154 69.10 34.57 33.94
CA SER G 154 68.33 33.73 34.86
C SER G 154 69.20 32.86 35.75
N GLY G 155 70.51 32.84 35.52
CA GLY G 155 71.43 32.03 36.29
C GLY G 155 71.55 30.60 35.81
N GLY G 156 71.02 30.30 34.64
CA GLY G 156 71.16 28.99 34.03
C GLY G 156 71.96 29.08 32.74
N ALA G 157 72.27 27.91 32.21
CA ALA G 157 73.02 27.84 30.95
C ALA G 157 72.72 26.47 30.34
N SER G 158 71.95 26.46 29.27
CA SER G 158 71.72 25.25 28.51
C SER G 158 72.40 25.36 27.16
N VAL G 159 73.10 24.29 26.78
CA VAL G 159 73.68 24.18 25.46
C VAL G 159 72.88 23.13 24.72
N VAL G 160 72.42 23.47 23.53
CA VAL G 160 71.51 22.62 22.77
C VAL G 160 72.24 22.15 21.52
N CYS G 161 72.08 20.88 21.19
CA CYS G 161 72.66 20.32 19.99
C CYS G 161 71.58 19.54 19.26
N PHE G 162 71.32 19.89 18.00
CA PHE G 162 70.33 19.20 17.17
C PHE G 162 71.01 18.21 16.25
N LEU G 163 70.47 16.99 16.22
CA LEU G 163 70.94 15.94 15.33
C LEU G 163 69.76 15.59 14.45
N ASN G 164 69.76 16.06 13.20
CA ASN G 164 68.56 16.11 12.39
C ASN G 164 68.63 15.18 11.18
N ASN G 165 67.52 14.49 10.93
CA ASN G 165 67.27 13.73 9.70
C ASN G 165 68.30 12.62 9.48
N PHE G 166 68.35 11.71 10.43
CA PHE G 166 69.24 10.56 10.34
C PHE G 166 68.41 9.28 10.40
N TYR G 167 69.05 8.17 10.00
CA TYR G 167 68.42 6.85 10.03
C TYR G 167 69.51 5.81 10.08
N PRO G 168 69.39 4.74 10.87
CA PRO G 168 68.28 4.39 11.76
C PRO G 168 68.27 5.21 13.04
N LYS G 169 67.34 4.91 13.94
CA LYS G 169 67.15 5.77 15.10
C LYS G 169 68.31 5.72 16.08
N ASP G 170 69.00 4.58 16.21
CA ASP G 170 70.07 4.45 17.20
C ASP G 170 71.24 5.40 16.90
N ILE G 171 71.62 6.19 17.91
CA ILE G 171 72.66 7.21 17.76
C ILE G 171 73.25 7.52 19.13
N ASN G 172 74.45 8.10 19.14
CA ASN G 172 75.23 8.42 20.33
C ASN G 172 75.60 9.89 20.39
N VAL G 173 75.43 10.50 21.56
CA VAL G 173 75.85 11.88 21.78
C VAL G 173 76.83 11.93 22.94
N LYS G 174 77.91 12.69 22.77
CA LYS G 174 78.85 12.96 23.82
C LYS G 174 79.00 14.46 23.94
N TRP G 175 79.01 14.96 25.16
CA TRP G 175 79.29 16.36 25.42
C TRP G 175 80.69 16.44 26.01
N LYS G 176 81.51 17.33 25.45
CA LYS G 176 82.84 17.56 25.98
C LYS G 176 82.99 19.04 26.32
N ILE G 177 83.40 19.32 27.55
CA ILE G 177 83.65 20.68 28.03
C ILE G 177 85.13 20.77 28.32
N ASP G 178 85.84 21.58 27.53
CA ASP G 178 87.29 21.68 27.64
C ASP G 178 87.90 20.29 27.50
N GLY G 179 87.32 19.51 26.58
CA GLY G 179 87.86 18.21 26.30
C GLY G 179 87.48 17.12 27.27
N SER G 180 86.64 17.43 28.27
CA SER G 180 86.25 16.48 29.31
C SER G 180 84.85 16.00 29.04
N GLU G 181 84.64 14.68 29.12
CA GLU G 181 83.30 14.16 28.87
C GLU G 181 82.41 14.47 30.05
N ARG G 182 81.17 14.79 29.74
CA ARG G 182 80.21 15.10 30.79
C ARG G 182 78.90 14.44 30.43
N GLN G 183 78.38 13.65 31.37
CA GLN G 183 77.06 13.08 31.21
C GLN G 183 76.04 13.67 32.18
N ASN G 184 76.51 14.24 33.28
CA ASN G 184 75.62 14.86 34.25
C ASN G 184 74.91 16.05 33.60
N GLY G 185 73.59 16.03 33.62
CA GLY G 185 72.84 17.14 33.09
C GLY G 185 72.47 17.07 31.63
N VAL G 186 72.72 15.95 30.96
CA VAL G 186 72.40 15.82 29.54
C VAL G 186 71.00 15.23 29.41
N LEU G 187 70.18 15.82 28.55
CA LEU G 187 68.80 15.42 28.34
C LEU G 187 68.54 15.22 26.85
N ASN G 188 68.15 14.01 26.45
CA ASN G 188 67.99 13.64 25.03
C ASN G 188 66.53 13.33 24.68
N SER G 189 66.04 13.90 23.57
CA SER G 189 64.67 13.66 23.11
C SER G 189 64.66 13.40 21.61
N TRP G 190 64.16 12.24 21.19
CA TRP G 190 64.00 11.89 19.78
C TRP G 190 62.60 12.23 19.28
N THR G 191 62.52 12.72 18.05
CA THR G 191 61.25 12.81 17.36
C THR G 191 60.76 11.43 16.93
N ASP G 192 59.46 11.34 16.64
CA ASP G 192 58.91 10.19 15.94
C ASP G 192 59.25 10.25 14.46
N GLN G 193 59.21 9.09 13.82
CA GLN G 193 59.68 8.98 12.44
C GLN G 193 58.95 9.98 11.54
N ASP G 194 59.72 10.62 10.66
CA ASP G 194 59.21 11.70 9.84
C ASP G 194 58.19 11.22 8.81
N SER G 195 57.07 11.92 8.73
CA SER G 195 56.01 11.52 7.81
C SER G 195 56.37 11.77 6.35
N LYS G 196 57.44 12.53 6.06
CA LYS G 196 57.82 12.85 4.68
C LYS G 196 58.98 12.00 4.18
N ASP G 197 60.12 12.01 4.88
CA ASP G 197 61.32 11.28 4.47
C ASP G 197 61.66 10.09 5.37
N SER G 198 60.86 9.82 6.40
CA SER G 198 61.03 8.65 7.27
C SER G 198 62.34 8.66 8.05
N THR G 199 62.91 9.84 8.30
CA THR G 199 64.07 9.94 9.16
C THR G 199 63.66 10.26 10.61
N TYR G 200 64.64 10.24 11.49
CA TYR G 200 64.49 10.65 12.87
C TYR G 200 65.34 11.88 13.12
N SER G 201 64.95 12.62 14.17
CA SER G 201 65.73 13.74 14.66
C SER G 201 65.81 13.67 16.18
N MET G 202 66.86 14.27 16.74
CA MET G 202 67.01 14.28 18.18
C MET G 202 67.58 15.61 18.65
N SER G 203 67.19 15.99 19.86
CA SER G 203 67.67 17.18 20.55
C SER G 203 68.39 16.77 21.83
N SER G 204 69.64 17.21 21.99
CA SER G 204 70.43 16.96 23.20
C SER G 204 70.70 18.29 23.89
N THR G 205 70.24 18.43 25.14
CA THR G 205 70.42 19.67 25.89
C THR G 205 71.26 19.43 27.14
N LEU G 206 72.40 20.12 27.23
CA LEU G 206 73.30 20.09 28.38
C LEU G 206 73.07 21.32 29.25
N THR G 207 72.60 21.11 30.48
CA THR G 207 72.26 22.20 31.38
C THR G 207 73.29 22.35 32.50
N LEU G 208 73.93 23.51 32.57
CA LEU G 208 74.86 23.85 33.63
C LEU G 208 74.33 25.05 34.40
N THR G 209 74.97 25.35 35.53
CA THR G 209 74.77 26.63 36.17
C THR G 209 75.55 27.69 35.40
N LYS G 210 75.11 28.94 35.48
CA LYS G 210 75.79 30.00 34.76
C LYS G 210 77.23 30.14 35.24
N ASP G 211 77.45 30.09 36.55
CA ASP G 211 78.79 30.22 37.08
C ASP G 211 79.71 29.13 36.56
N GLU G 212 79.23 27.89 36.48
CA GLU G 212 80.05 26.80 35.95
C GLU G 212 80.22 26.87 34.43
N TYR G 213 79.19 27.30 33.71
CA TYR G 213 79.32 27.37 32.26
C TYR G 213 80.41 28.34 31.87
N GLU G 214 80.40 29.53 32.43
CA GLU G 214 81.39 30.50 32.03
C GLU G 214 82.71 30.38 32.78
N ARG G 215 82.93 29.26 33.48
CA ARG G 215 84.27 28.95 33.97
C ARG G 215 85.06 28.11 32.98
N HIS G 216 84.42 27.63 31.91
CA HIS G 216 85.06 26.85 30.87
C HIS G 216 84.86 27.56 29.53
N ASN G 217 85.62 27.13 28.51
CA ASN G 217 85.66 27.87 27.25
C ASN G 217 85.26 27.01 26.05
N SER G 218 85.62 25.73 26.05
CA SER G 218 85.41 24.83 24.91
C SER G 218 84.18 23.95 25.10
N TYR G 219 83.26 23.99 24.15
CA TYR G 219 82.04 23.17 24.20
C TYR G 219 81.86 22.38 22.92
N THR G 220 81.73 21.06 23.04
CA THR G 220 81.75 20.17 21.89
C THR G 220 80.64 19.13 21.96
N CYS G 221 80.07 18.85 20.81
CA CYS G 221 78.92 17.97 20.62
C CYS G 221 79.30 16.90 19.59
N GLU G 222 79.43 15.64 20.03
CA GLU G 222 79.93 14.57 19.19
C GLU G 222 78.82 13.56 18.93
N ALA G 223 78.54 13.30 17.66
CA ALA G 223 77.51 12.37 17.24
C ALA G 223 78.16 11.14 16.63
N THR G 224 77.94 9.97 17.24
CA THR G 224 78.45 8.70 16.73
C THR G 224 77.27 7.91 16.18
N HIS G 225 77.34 7.59 14.88
CA HIS G 225 76.21 6.97 14.18
C HIS G 225 76.74 5.89 13.26
N LYS G 226 75.92 4.88 12.98
CA LYS G 226 76.40 3.77 12.16
C LYS G 226 76.72 4.19 10.72
N THR G 227 76.34 5.39 10.30
CA THR G 227 76.64 5.84 8.95
C THR G 227 78.11 6.20 8.73
N SER G 228 78.93 6.27 9.77
CA SER G 228 80.36 6.53 9.63
C SER G 228 81.07 6.16 10.93
N THR G 229 82.29 5.65 10.78
CA THR G 229 83.09 5.25 11.93
C THR G 229 83.62 6.46 12.69
N SER G 230 83.83 7.58 12.00
CA SER G 230 84.29 8.81 12.63
C SER G 230 83.10 9.64 13.10
N PRO G 231 83.12 10.16 14.33
CA PRO G 231 81.98 10.93 14.84
C PRO G 231 81.88 12.28 14.16
N ILE G 232 80.65 12.77 14.05
CA ILE G 232 80.41 14.13 13.57
C ILE G 232 80.56 15.09 14.74
N VAL G 233 81.45 16.07 14.58
CA VAL G 233 81.85 16.97 15.66
C VAL G 233 81.46 18.39 15.30
N LYS G 234 80.67 19.02 16.17
CA LYS G 234 80.35 20.44 16.09
C LYS G 234 80.67 21.04 17.45
N SER G 235 81.37 22.18 17.45
CA SER G 235 81.84 22.78 18.70
C SER G 235 81.91 24.29 18.56
N PHE G 236 82.09 24.96 19.69
CA PHE G 236 82.32 26.39 19.73
C PHE G 236 83.16 26.75 20.94
N ASN G 237 83.71 27.96 20.93
CA ASN G 237 84.45 28.52 22.06
C ASN G 237 83.71 29.75 22.57
N ARG G 238 83.52 29.81 23.89
CA ARG G 238 82.72 30.84 24.55
C ARG G 238 83.22 32.31 24.50
N VAL H 25 16.02 -40.63 0.23
CA VAL H 25 14.65 -41.10 0.08
C VAL H 25 14.59 -42.46 -0.60
N GLN H 26 13.50 -43.16 -0.34
CA GLN H 26 13.25 -44.47 -0.95
C GLN H 26 11.76 -44.63 -1.13
N LEU H 27 11.35 -45.07 -2.31
CA LEU H 27 9.98 -45.49 -2.57
C LEU H 27 9.96 -46.96 -2.97
N GLN H 28 9.37 -47.81 -2.13
CA GLN H 28 9.30 -49.25 -2.40
C GLN H 28 7.86 -49.72 -2.50
N GLN H 29 7.50 -50.30 -3.66
CA GLN H 29 6.18 -50.85 -3.91
C GLN H 29 6.15 -52.33 -3.52
N SER H 30 4.95 -52.83 -3.26
CA SER H 30 4.76 -54.22 -2.86
C SER H 30 5.11 -55.17 -3.99
N GLY H 31 5.13 -56.46 -3.65
CA GLY H 31 5.60 -57.45 -4.60
C GLY H 31 4.53 -57.81 -5.62
N ALA H 32 4.98 -58.51 -6.67
CA ALA H 32 4.11 -58.92 -7.77
C ALA H 32 2.96 -59.79 -7.27
N GLU H 33 1.85 -59.75 -8.00
CA GLU H 33 0.62 -60.42 -7.61
C GLU H 33 0.07 -61.23 -8.77
N LEU H 34 -0.41 -62.42 -8.45
CA LEU H 34 -1.21 -63.24 -9.35
C LEU H 34 -2.63 -63.26 -8.79
N VAL H 35 -3.60 -62.85 -9.61
CA VAL H 35 -4.97 -62.62 -9.17
C VAL H 35 -5.91 -63.43 -10.05
N LYS H 36 -6.80 -64.18 -9.43
CA LYS H 36 -7.79 -64.93 -10.19
C LYS H 36 -8.75 -63.98 -10.89
N PRO H 37 -9.21 -64.32 -12.08
CA PRO H 37 -10.21 -63.49 -12.77
C PRO H 37 -11.45 -63.27 -11.92
N GLY H 38 -11.88 -62.02 -11.85
CA GLY H 38 -13.01 -61.61 -11.06
C GLY H 38 -12.68 -61.19 -9.65
N ALA H 39 -11.51 -61.60 -9.13
CA ALA H 39 -11.11 -61.25 -7.78
C ALA H 39 -10.56 -59.83 -7.74
N SER H 40 -10.18 -59.38 -6.54
CA SER H 40 -9.64 -58.04 -6.36
C SER H 40 -8.26 -58.12 -5.71
N VAL H 41 -7.54 -57.00 -5.77
CA VAL H 41 -6.22 -56.90 -5.18
C VAL H 41 -6.00 -55.45 -4.74
N LYS H 42 -5.22 -55.28 -3.68
CA LYS H 42 -4.87 -53.98 -3.14
C LYS H 42 -3.36 -53.89 -3.08
N LEU H 43 -2.79 -52.94 -3.83
CA LEU H 43 -1.35 -52.76 -3.92
C LEU H 43 -0.92 -51.63 -3.01
N SER H 44 0.30 -51.72 -2.49
CA SER H 44 0.82 -50.75 -1.55
C SER H 44 2.09 -50.08 -2.07
N CYS H 45 2.36 -48.90 -1.51
CA CYS H 45 3.44 -48.04 -1.95
C CYS H 45 3.93 -47.29 -0.72
N THR H 46 5.03 -47.77 -0.13
CA THR H 46 5.54 -47.21 1.12
C THR H 46 6.73 -46.28 0.88
N ALA H 47 6.64 -45.08 1.39
CA ALA H 47 7.68 -44.08 1.23
C ALA H 47 8.52 -44.02 2.51
N SER H 48 9.83 -43.95 2.34
CA SER H 48 10.74 -43.70 3.46
C SER H 48 11.68 -42.57 3.08
N GLY H 49 12.03 -41.74 4.05
CA GLY H 49 12.90 -40.62 3.81
C GLY H 49 12.19 -39.28 3.73
N PHE H 50 10.85 -39.29 3.74
CA PHE H 50 10.04 -38.06 3.68
C PHE H 50 8.63 -38.42 4.10
N ASN H 51 7.88 -37.39 4.51
CA ASN H 51 6.52 -37.57 5.00
C ASN H 51 5.54 -37.41 3.84
N ILE H 52 4.70 -38.43 3.61
CA ILE H 52 3.78 -38.39 2.48
C ILE H 52 2.72 -37.32 2.64
N LYS H 53 2.51 -36.77 3.85
CA LYS H 53 1.56 -35.68 3.98
C LYS H 53 2.01 -34.44 3.21
N ASP H 54 3.29 -34.37 2.85
CA ASP H 54 3.87 -33.16 2.28
C ASP H 54 3.92 -33.20 0.75
N THR H 55 3.21 -34.13 0.12
CA THR H 55 3.22 -34.23 -1.33
C THR H 55 1.89 -34.83 -1.79
N PHE H 56 1.83 -35.21 -3.06
CA PHE H 56 0.69 -35.86 -3.68
C PHE H 56 1.17 -37.17 -4.30
N PHE H 57 0.30 -38.16 -4.37
CA PHE H 57 0.63 -39.44 -4.97
C PHE H 57 -0.21 -39.71 -6.21
N HIS H 58 0.39 -40.40 -7.17
CA HIS H 58 -0.22 -40.79 -8.42
C HIS H 58 -0.06 -42.28 -8.61
N TRP H 59 -1.01 -42.91 -9.30
CA TRP H 59 -0.86 -44.29 -9.78
C TRP H 59 -0.94 -44.34 -11.29
N VAL H 60 -0.07 -45.13 -11.90
CA VAL H 60 0.03 -45.19 -13.35
C VAL H 60 0.04 -46.66 -13.76
N LYS H 61 -0.78 -46.98 -14.77
CA LYS H 61 -0.90 -48.33 -15.28
C LYS H 61 -0.17 -48.43 -16.61
N GLN H 62 0.54 -49.54 -16.81
CA GLN H 62 1.23 -49.83 -18.07
C GLN H 62 1.02 -51.30 -18.39
N ARG H 63 0.19 -51.59 -19.39
CA ARG H 63 0.03 -52.99 -19.78
C ARG H 63 1.28 -53.45 -20.53
N PRO H 64 1.52 -54.77 -20.57
CA PRO H 64 2.76 -55.27 -21.18
C PRO H 64 2.94 -54.76 -22.61
N GLU H 65 4.11 -54.15 -22.83
CA GLU H 65 4.50 -53.59 -24.12
C GLU H 65 3.53 -52.52 -24.61
N GLN H 66 2.83 -51.87 -23.70
CA GLN H 66 1.91 -50.80 -24.01
C GLN H 66 2.41 -49.49 -23.41
N GLY H 67 1.63 -48.43 -23.55
CA GLY H 67 2.01 -47.12 -23.06
C GLY H 67 1.53 -46.93 -21.64
N LEU H 68 1.59 -45.68 -21.20
CA LEU H 68 1.26 -45.31 -19.84
C LEU H 68 -0.14 -44.74 -19.74
N GLU H 69 -0.85 -45.10 -18.66
CA GLU H 69 -2.19 -44.61 -18.39
C GLU H 69 -2.27 -44.10 -16.96
N TRP H 70 -2.61 -42.82 -16.81
CA TRP H 70 -2.79 -42.22 -15.50
C TRP H 70 -4.12 -42.71 -14.92
N ILE H 71 -4.08 -43.24 -13.70
CA ILE H 71 -5.27 -43.73 -13.01
C ILE H 71 -5.93 -42.63 -12.16
N GLY H 72 -5.13 -41.93 -11.38
CA GLY H 72 -5.63 -40.88 -10.52
C GLY H 72 -4.55 -40.41 -9.55
N ARG H 73 -4.94 -39.53 -8.64
CA ARG H 73 -3.99 -38.98 -7.70
C ARG H 73 -4.69 -38.80 -6.36
N ILE H 74 -3.87 -38.67 -5.32
CA ILE H 74 -4.36 -38.49 -3.96
C ILE H 74 -3.51 -37.46 -3.21
N ASP H 75 -4.19 -36.68 -2.37
CA ASP H 75 -3.60 -35.79 -1.38
C ASP H 75 -3.64 -36.52 -0.04
N PRO H 76 -2.53 -37.08 0.42
CA PRO H 76 -2.57 -37.89 1.66
C PRO H 76 -2.90 -37.08 2.90
N ALA H 77 -2.75 -35.75 2.86
CA ALA H 77 -3.02 -34.94 4.06
C ALA H 77 -4.48 -34.95 4.44
N ASP H 78 -5.39 -35.03 3.47
CA ASP H 78 -6.82 -35.00 3.73
C ASP H 78 -7.62 -36.03 2.94
N GLY H 79 -6.97 -36.89 2.15
CA GLY H 79 -7.64 -37.95 1.43
C GLY H 79 -8.30 -37.60 0.11
N HIS H 80 -8.28 -36.35 -0.31
CA HIS H 80 -8.94 -36.00 -1.57
C HIS H 80 -8.31 -36.72 -2.76
N THR H 81 -9.15 -37.25 -3.65
CA THR H 81 -8.68 -37.96 -4.83
C THR H 81 -9.38 -37.45 -6.08
N LYS H 82 -8.73 -37.67 -7.22
CA LYS H 82 -9.30 -37.37 -8.53
C LYS H 82 -8.85 -38.47 -9.48
N TYR H 83 -9.81 -39.07 -10.20
CA TYR H 83 -9.54 -40.20 -11.06
C TYR H 83 -9.82 -39.86 -12.52
N ASP H 84 -9.12 -40.56 -13.41
CA ASP H 84 -9.61 -40.70 -14.78
C ASP H 84 -10.93 -41.46 -14.71
N PRO H 85 -12.02 -40.92 -15.28
CA PRO H 85 -13.31 -41.62 -15.20
C PRO H 85 -13.27 -43.07 -15.71
N LYS H 86 -12.37 -43.37 -16.64
CA LYS H 86 -12.21 -44.72 -17.17
C LYS H 86 -12.02 -45.74 -16.05
N PHE H 87 -11.44 -45.34 -14.93
CA PHE H 87 -11.13 -46.27 -13.86
C PHE H 87 -12.10 -46.18 -12.69
N GLN H 88 -13.08 -45.29 -12.74
CA GLN H 88 -14.04 -45.24 -11.64
C GLN H 88 -14.74 -46.58 -11.51
N GLY H 89 -14.81 -47.08 -10.29
CA GLY H 89 -15.35 -48.39 -9.98
C GLY H 89 -14.27 -49.45 -10.04
N LYS H 90 -13.36 -49.32 -11.01
CA LYS H 90 -12.28 -50.28 -11.15
C LYS H 90 -11.17 -50.02 -10.11
N ALA H 91 -10.76 -48.76 -9.96
CA ALA H 91 -9.63 -48.38 -9.13
C ALA H 91 -10.08 -47.49 -7.98
N THR H 92 -9.56 -47.75 -6.78
CA THR H 92 -9.78 -46.92 -5.60
C THR H 92 -8.46 -46.68 -4.89
N ILE H 93 -8.10 -45.41 -4.74
CA ILE H 93 -6.84 -45.01 -4.12
C ILE H 93 -7.12 -44.55 -2.70
N THR H 94 -6.34 -45.07 -1.74
CA THR H 94 -6.39 -44.60 -0.36
C THR H 94 -4.98 -44.36 0.12
N ALA H 95 -4.86 -43.71 1.28
CA ALA H 95 -3.54 -43.47 1.85
C ALA H 95 -3.60 -43.48 3.37
N ASP H 96 -2.49 -43.85 3.98
CA ASP H 96 -2.39 -43.94 5.43
C ASP H 96 -1.10 -43.24 5.85
N THR H 97 -1.25 -42.09 6.47
CA THR H 97 -0.08 -41.36 6.93
C THR H 97 0.58 -42.08 8.11
N SER H 98 -0.18 -42.81 8.91
CA SER H 98 0.40 -43.50 10.06
C SER H 98 1.50 -44.45 9.64
N SER H 99 1.31 -45.18 8.55
CA SER H 99 2.31 -46.11 8.05
C SER H 99 3.03 -45.55 6.84
N ASN H 100 2.75 -44.30 6.48
CA ASN H 100 3.42 -43.59 5.39
C ASN H 100 3.28 -44.38 4.08
N THR H 101 2.07 -44.84 3.79
CA THR H 101 1.82 -45.73 2.66
C THR H 101 0.64 -45.23 1.85
N ALA H 102 0.76 -45.30 0.53
CA ALA H 102 -0.36 -45.07 -0.37
C ALA H 102 -0.78 -46.40 -0.97
N PHE H 103 -2.06 -46.50 -1.33
CA PHE H 103 -2.64 -47.75 -1.81
C PHE H 103 -3.40 -47.54 -3.11
N LEU H 104 -3.46 -48.61 -3.90
CA LEU H 104 -4.30 -48.72 -5.09
C LEU H 104 -5.02 -50.07 -5.03
N GLN H 105 -6.34 -50.03 -4.96
CA GLN H 105 -7.15 -51.25 -4.99
C GLN H 105 -7.89 -51.40 -6.32
N LEU H 106 -7.74 -52.57 -6.95
CA LEU H 106 -8.39 -52.89 -8.20
C LEU H 106 -9.45 -53.96 -7.97
N SER H 107 -10.65 -53.71 -8.48
CA SER H 107 -11.80 -54.58 -8.23
C SER H 107 -12.20 -55.33 -9.50
N SER H 108 -12.71 -56.54 -9.30
CA SER H 108 -13.34 -57.36 -10.35
C SER H 108 -12.48 -57.42 -11.61
N LEU H 109 -11.28 -57.98 -11.44
CA LEU H 109 -10.24 -57.94 -12.45
C LEU H 109 -10.51 -58.88 -13.62
N THR H 110 -10.16 -58.43 -14.81
CA THR H 110 -10.16 -59.23 -16.04
C THR H 110 -8.76 -59.15 -16.66
N SER H 111 -8.60 -59.82 -17.81
CA SER H 111 -7.28 -59.92 -18.45
C SER H 111 -6.72 -58.56 -18.85
N VAL H 112 -7.57 -57.57 -19.12
CA VAL H 112 -7.06 -56.24 -19.46
C VAL H 112 -6.49 -55.52 -18.25
N ASP H 113 -6.67 -56.06 -17.05
CA ASP H 113 -6.05 -55.51 -15.86
C ASP H 113 -4.63 -56.03 -15.63
N THR H 114 -4.18 -57.01 -16.42
CA THR H 114 -2.79 -57.44 -16.33
C THR H 114 -1.90 -56.30 -16.82
N ALA H 115 -1.04 -55.82 -15.94
CA ALA H 115 -0.24 -54.62 -16.21
C ALA H 115 0.72 -54.42 -15.06
N VAL H 116 1.68 -53.54 -15.27
CA VAL H 116 2.51 -53.02 -14.20
C VAL H 116 1.88 -51.74 -13.69
N TYR H 117 1.78 -51.61 -12.37
CA TYR H 117 1.21 -50.42 -11.75
C TYR H 117 2.31 -49.71 -10.99
N TYR H 118 2.51 -48.42 -11.29
CA TYR H 118 3.53 -47.60 -10.66
C TYR H 118 2.85 -46.57 -9.77
N CYS H 119 3.44 -46.28 -8.60
CA CYS H 119 3.10 -45.07 -7.87
C CYS H 119 4.19 -44.02 -8.11
N ALA H 120 3.81 -42.75 -7.98
CA ALA H 120 4.76 -41.69 -8.29
C ALA H 120 4.38 -40.44 -7.50
N THR H 121 5.37 -39.58 -7.25
CA THR H 121 5.16 -38.34 -6.49
C THR H 121 6.14 -37.27 -6.91
N THR H 122 5.87 -36.07 -6.39
CA THR H 122 6.81 -34.98 -6.47
C THR H 122 7.61 -34.97 -5.17
N ILE H 123 8.93 -35.06 -5.28
CA ILE H 123 9.81 -34.95 -4.13
C ILE H 123 10.90 -33.96 -4.45
N THR H 124 11.41 -34.05 -5.67
CA THR H 124 12.57 -33.27 -6.05
C THR H 124 12.23 -31.82 -6.40
N ALA H 125 10.98 -31.41 -6.28
CA ALA H 125 10.64 -30.07 -6.68
C ALA H 125 10.52 -29.18 -5.46
N VAL H 126 10.79 -27.89 -5.65
CA VAL H 126 10.81 -26.95 -4.54
C VAL H 126 9.45 -26.95 -3.83
N VAL H 127 8.37 -26.81 -4.59
CA VAL H 127 7.02 -26.80 -4.03
C VAL H 127 6.23 -27.93 -4.68
N PRO H 128 5.72 -28.89 -3.91
CA PRO H 128 4.83 -29.90 -4.51
C PRO H 128 3.42 -29.37 -4.70
N THR H 129 2.94 -29.40 -5.94
CA THR H 129 1.56 -29.17 -6.31
C THR H 129 1.06 -30.41 -7.03
N PRO H 130 -0.26 -30.64 -7.06
CA PRO H 130 -0.78 -31.81 -7.76
C PRO H 130 -0.63 -31.72 -9.28
N TYR H 131 -0.15 -30.61 -9.80
CA TYR H 131 0.03 -30.36 -11.22
C TYR H 131 1.47 -30.45 -11.66
N ASN H 132 2.40 -30.84 -10.76
CA ASN H 132 3.81 -30.98 -11.12
C ASN H 132 4.04 -32.30 -11.86
N ALA H 133 5.22 -32.41 -12.47
CA ALA H 133 5.53 -33.67 -13.13
C ALA H 133 5.77 -34.73 -12.07
N MET H 134 5.78 -35.97 -12.49
CA MET H 134 6.01 -37.08 -11.58
C MET H 134 7.50 -37.34 -11.66
N ASP H 135 8.22 -36.89 -10.64
CA ASP H 135 9.68 -36.88 -10.67
C ASP H 135 10.32 -38.05 -9.96
N TYR H 136 9.58 -38.76 -9.09
CA TYR H 136 10.03 -39.99 -8.46
C TYR H 136 9.00 -41.08 -8.68
N TRP H 137 9.46 -42.27 -9.05
CA TRP H 137 8.60 -43.38 -9.43
C TRP H 137 9.00 -44.60 -8.62
N GLY H 138 8.02 -45.37 -8.18
CA GLY H 138 8.30 -46.67 -7.63
C GLY H 138 8.73 -47.62 -8.72
N GLN H 139 9.20 -48.79 -8.33
CA GLN H 139 9.69 -49.73 -9.35
C GLN H 139 8.59 -50.50 -10.04
N GLY H 140 7.34 -50.33 -9.65
CA GLY H 140 6.23 -51.04 -10.27
C GLY H 140 5.88 -52.35 -9.59
N THR H 141 4.60 -52.68 -9.63
CA THR H 141 4.10 -53.95 -9.12
C THR H 141 3.40 -54.69 -10.25
N SER H 142 3.82 -55.93 -10.49
CA SER H 142 3.42 -56.67 -11.68
C SER H 142 2.22 -57.55 -11.33
N VAL H 143 1.05 -57.16 -11.81
CA VAL H 143 -0.21 -57.85 -11.53
C VAL H 143 -0.57 -58.70 -12.74
N THR H 144 -0.68 -60.01 -12.52
CA THR H 144 -1.06 -60.95 -13.57
C THR H 144 -2.43 -61.54 -13.24
N VAL H 145 -3.35 -61.45 -14.18
CA VAL H 145 -4.68 -62.04 -14.00
C VAL H 145 -4.72 -63.34 -14.80
N SER H 146 -4.85 -64.46 -14.09
CA SER H 146 -4.80 -65.81 -14.67
C SER H 146 -5.34 -66.80 -13.66
N SER H 147 -5.94 -67.88 -14.16
CA SER H 147 -6.38 -68.98 -13.29
C SER H 147 -5.27 -69.95 -12.90
N ALA H 148 -4.13 -69.93 -13.59
CA ALA H 148 -3.07 -70.88 -13.31
C ALA H 148 -2.45 -70.63 -11.94
N SER H 149 -2.03 -71.72 -11.30
CA SER H 149 -1.38 -71.60 -10.00
C SER H 149 0.06 -71.12 -10.17
N THR H 150 0.63 -70.66 -9.05
CA THR H 150 2.02 -70.20 -9.04
C THR H 150 2.97 -71.39 -9.02
N THR H 151 4.10 -71.23 -9.70
CA THR H 151 5.13 -72.25 -9.79
C THR H 151 6.48 -71.58 -9.56
N ALA H 152 7.23 -72.09 -8.59
CA ALA H 152 8.55 -71.56 -8.31
C ALA H 152 9.53 -72.00 -9.40
N PRO H 153 10.50 -71.16 -9.74
CA PRO H 153 11.48 -71.52 -10.77
C PRO H 153 12.56 -72.47 -10.27
N SER H 154 13.06 -73.30 -11.20
CA SER H 154 14.29 -74.03 -11.01
C SER H 154 15.45 -73.21 -11.58
N VAL H 155 16.50 -73.02 -10.78
CA VAL H 155 17.64 -72.21 -11.16
C VAL H 155 18.85 -73.12 -11.33
N TYR H 156 19.44 -73.09 -12.53
CA TYR H 156 20.53 -73.97 -12.90
C TYR H 156 21.75 -73.14 -13.29
N PRO H 157 22.90 -73.35 -12.65
CA PRO H 157 24.12 -72.66 -13.09
C PRO H 157 24.71 -73.32 -14.33
N LEU H 158 25.24 -72.49 -15.21
CA LEU H 158 25.82 -72.96 -16.49
C LEU H 158 27.31 -72.63 -16.49
N ALA H 159 28.15 -73.65 -16.24
CA ALA H 159 29.59 -73.46 -16.29
C ALA H 159 30.10 -73.73 -17.69
N PRO H 160 31.25 -73.14 -18.08
CA PRO H 160 31.75 -73.34 -19.44
C PRO H 160 32.07 -74.79 -19.70
N VAL H 161 32.20 -75.12 -20.99
CA VAL H 161 32.56 -76.48 -21.38
C VAL H 161 33.82 -76.91 -20.65
N CYS H 162 33.85 -78.16 -20.21
CA CYS H 162 34.98 -78.69 -19.47
C CYS H 162 36.24 -78.83 -20.35
N GLY H 167 40.92 -69.33 -23.81
CA GLY H 167 41.03 -67.95 -24.24
C GLY H 167 41.35 -66.96 -23.13
N SER H 168 41.19 -65.65 -23.42
CA SER H 168 41.49 -64.59 -22.48
C SER H 168 40.33 -64.21 -21.57
N SER H 169 39.09 -64.45 -21.99
CA SER H 169 37.93 -64.12 -21.19
C SER H 169 37.00 -65.34 -21.14
N VAL H 170 36.14 -65.37 -20.12
CA VAL H 170 35.26 -66.51 -19.90
C VAL H 170 33.84 -66.00 -19.68
N THR H 171 32.87 -66.76 -20.16
CA THR H 171 31.45 -66.43 -20.03
C THR H 171 30.77 -67.49 -19.16
N LEU H 172 30.07 -67.03 -18.14
CA LEU H 172 29.24 -67.88 -17.29
C LEU H 172 27.77 -67.55 -17.49
N GLY H 173 26.91 -68.50 -17.14
CA GLY H 173 25.49 -68.35 -17.36
C GLY H 173 24.69 -68.84 -16.16
N CYS H 174 23.43 -68.43 -16.14
CA CYS H 174 22.45 -68.85 -15.14
C CYS H 174 21.12 -69.03 -15.87
N LEU H 175 20.51 -70.21 -15.76
CA LEU H 175 19.27 -70.53 -16.47
C LEU H 175 18.13 -70.69 -15.46
N VAL H 176 17.07 -69.91 -15.66
CA VAL H 176 15.92 -69.85 -14.76
C VAL H 176 14.70 -70.37 -15.52
N LYS H 177 14.34 -71.63 -15.32
CA LYS H 177 13.39 -72.32 -16.18
C LYS H 177 12.16 -72.75 -15.38
N GLY H 178 10.98 -72.51 -15.97
CA GLY H 178 9.72 -73.08 -15.51
C GLY H 178 9.08 -72.47 -14.29
N TYR H 179 8.86 -71.16 -14.33
CA TYR H 179 8.19 -70.42 -13.27
C TYR H 179 6.94 -69.72 -13.81
N PHE H 180 6.10 -69.27 -12.87
CA PHE H 180 4.89 -68.50 -13.15
C PHE H 180 4.47 -67.75 -11.90
N PRO H 181 4.02 -66.50 -11.99
CA PRO H 181 4.03 -65.70 -13.22
C PRO H 181 5.32 -64.89 -13.24
N GLU H 182 5.44 -63.95 -14.18
CA GLU H 182 6.48 -62.94 -14.09
C GLU H 182 6.19 -61.95 -12.97
N PRO H 183 7.21 -61.25 -12.47
CA PRO H 183 8.61 -61.35 -12.90
C PRO H 183 9.50 -62.13 -11.94
N VAL H 184 10.73 -62.37 -12.38
CA VAL H 184 11.83 -62.74 -11.50
C VAL H 184 12.89 -61.65 -11.65
N THR H 185 13.71 -61.51 -10.62
CA THR H 185 14.84 -60.59 -10.65
C THR H 185 16.12 -61.40 -10.51
N LEU H 186 17.06 -61.17 -11.42
CA LEU H 186 18.33 -61.88 -11.43
C LEU H 186 19.47 -60.88 -11.31
N THR H 187 20.37 -61.10 -10.36
CA THR H 187 21.58 -60.32 -10.21
C THR H 187 22.77 -61.25 -10.06
N TRP H 188 23.96 -60.66 -10.16
CA TRP H 188 25.21 -61.39 -10.03
C TRP H 188 25.99 -60.80 -8.88
N ASN H 189 26.44 -61.65 -7.97
CA ASN H 189 27.13 -61.23 -6.74
C ASN H 189 26.32 -60.15 -6.01
N SER H 190 25.01 -60.40 -5.88
CA SER H 190 24.10 -59.51 -5.16
C SER H 190 24.07 -58.10 -5.75
N GLY H 191 24.34 -58.00 -7.06
CA GLY H 191 24.32 -56.73 -7.75
C GLY H 191 25.67 -56.04 -7.89
N SER H 192 26.68 -56.49 -7.14
CA SER H 192 27.99 -55.87 -7.22
C SER H 192 28.70 -56.18 -8.54
N LEU H 193 28.29 -57.23 -9.25
CA LEU H 193 28.82 -57.55 -10.57
C LEU H 193 27.76 -57.13 -11.58
N SER H 194 27.98 -55.99 -12.22
CA SER H 194 26.99 -55.40 -13.13
C SER H 194 27.49 -55.18 -14.55
N SER H 195 28.76 -54.84 -14.75
CA SER H 195 29.25 -54.64 -16.09
C SER H 195 29.44 -55.98 -16.80
N GLY H 196 29.16 -56.00 -18.10
CA GLY H 196 29.30 -57.21 -18.88
C GLY H 196 28.21 -58.25 -18.72
N VAL H 197 27.06 -57.88 -18.14
CA VAL H 197 25.95 -58.80 -17.91
C VAL H 197 24.88 -58.57 -18.97
N HIS H 198 24.32 -59.67 -19.49
CA HIS H 198 23.16 -59.61 -20.37
C HIS H 198 22.06 -60.50 -19.77
N THR H 199 20.94 -59.90 -19.40
CA THR H 199 19.80 -60.65 -18.89
C THR H 199 18.70 -60.64 -19.95
N PHE H 200 18.34 -61.84 -20.41
CA PHE H 200 17.50 -62.08 -21.59
C PHE H 200 16.03 -62.18 -21.20
N PRO H 201 15.14 -61.54 -21.97
CA PRO H 201 13.72 -61.58 -21.66
C PRO H 201 13.17 -62.99 -21.50
N ALA H 202 12.25 -63.16 -20.55
CA ALA H 202 11.55 -64.43 -20.34
C ALA H 202 10.66 -64.77 -21.53
N LEU H 203 10.44 -66.06 -21.74
CA LEU H 203 9.54 -66.52 -22.78
C LEU H 203 8.66 -67.64 -22.26
N LEU H 204 7.44 -67.72 -22.79
CA LEU H 204 6.58 -68.86 -22.49
C LEU H 204 6.98 -70.05 -23.33
N GLN H 205 7.08 -71.22 -22.70
CA GLN H 205 7.20 -72.49 -23.40
C GLN H 205 6.40 -73.48 -22.56
N SER H 206 5.43 -74.14 -23.20
CA SER H 206 4.59 -75.15 -22.55
C SER H 206 3.90 -74.62 -21.30
N GLY H 207 3.55 -73.34 -21.28
CA GLY H 207 2.79 -72.77 -20.18
C GLY H 207 3.60 -72.16 -19.04
N LEU H 208 4.94 -72.20 -19.09
CA LEU H 208 5.77 -71.61 -18.04
C LEU H 208 6.86 -70.73 -18.66
N TYR H 209 7.47 -69.89 -17.82
CA TYR H 209 8.50 -68.96 -18.28
C TYR H 209 9.90 -69.55 -18.11
N THR H 210 10.76 -69.23 -19.07
CA THR H 210 12.17 -69.57 -19.01
C THR H 210 12.97 -68.31 -19.29
N LEU H 211 13.99 -68.06 -18.48
CA LEU H 211 14.85 -66.90 -18.64
C LEU H 211 16.29 -67.32 -18.35
N SER H 212 17.24 -66.58 -18.91
CA SER H 212 18.65 -66.84 -18.65
C SER H 212 19.40 -65.53 -18.61
N SER H 213 20.63 -65.60 -18.10
CA SER H 213 21.52 -64.45 -18.03
C SER H 213 22.95 -64.93 -18.15
N SER H 214 23.76 -64.18 -18.90
CA SER H 214 25.18 -64.45 -19.03
C SER H 214 25.98 -63.30 -18.47
N VAL H 215 27.16 -63.62 -17.95
CA VAL H 215 28.12 -62.60 -17.53
C VAL H 215 29.49 -63.00 -18.04
N THR H 216 30.22 -62.01 -18.57
CA THR H 216 31.56 -62.24 -19.11
C THR H 216 32.55 -61.42 -18.31
N VAL H 217 33.57 -62.10 -17.77
CA VAL H 217 34.65 -61.48 -17.03
C VAL H 217 35.95 -61.99 -17.63
N THR H 218 37.06 -61.37 -17.24
CA THR H 218 38.34 -61.85 -17.72
C THR H 218 38.65 -63.21 -17.11
N SER H 219 39.38 -64.05 -17.86
CA SER H 219 39.68 -65.41 -17.40
C SER H 219 40.56 -65.40 -16.16
N ASN H 220 41.14 -64.25 -15.83
CA ASN H 220 41.94 -64.09 -14.62
C ASN H 220 41.08 -63.88 -13.38
N THR H 221 39.81 -63.51 -13.56
CA THR H 221 38.89 -63.29 -12.44
C THR H 221 38.29 -64.59 -11.93
N TRP H 222 38.00 -65.53 -12.82
CA TRP H 222 37.27 -66.76 -12.49
C TRP H 222 38.03 -67.96 -13.05
N PRO H 223 38.11 -69.07 -12.30
CA PRO H 223 37.38 -69.37 -11.05
C PRO H 223 38.03 -68.80 -9.80
N SER H 224 39.01 -67.90 -9.97
CA SER H 224 39.70 -67.31 -8.83
C SER H 224 38.72 -66.62 -7.88
N GLN H 225 37.85 -65.76 -8.42
CA GLN H 225 36.81 -65.10 -7.63
C GLN H 225 35.52 -65.89 -7.70
N THR H 226 34.84 -66.04 -6.56
CA THR H 226 33.53 -66.67 -6.56
C THR H 226 32.52 -65.77 -7.27
N ILE H 227 31.70 -66.37 -8.14
CA ILE H 227 30.62 -65.67 -8.82
C ILE H 227 29.32 -66.43 -8.58
N THR H 228 28.31 -65.72 -8.09
CA THR H 228 27.07 -66.32 -7.63
C THR H 228 25.89 -65.64 -8.30
N CYS H 229 24.96 -66.44 -8.81
CA CYS H 229 23.73 -65.98 -9.43
C CYS H 229 22.64 -65.81 -8.36
N ASN H 230 22.04 -64.63 -8.30
CA ASN H 230 20.97 -64.32 -7.37
C ASN H 230 19.64 -64.22 -8.11
N VAL H 231 18.68 -65.03 -7.72
CA VAL H 231 17.37 -65.07 -8.39
C VAL H 231 16.28 -64.94 -7.32
N ALA H 232 15.43 -63.92 -7.46
CA ALA H 232 14.28 -63.72 -6.60
C ALA H 232 12.98 -63.82 -7.40
N HIS H 233 12.01 -64.53 -6.83
CA HIS H 233 10.67 -64.71 -7.42
C HIS H 233 9.62 -64.32 -6.39
N PRO H 234 9.02 -63.12 -6.52
CA PRO H 234 8.10 -62.63 -5.46
C PRO H 234 6.89 -63.52 -5.22
N ALA H 235 6.29 -64.05 -6.29
CA ALA H 235 5.03 -64.78 -6.16
C ALA H 235 5.20 -66.03 -5.31
N SER H 236 6.33 -66.72 -5.46
CA SER H 236 6.62 -67.90 -4.68
C SER H 236 7.45 -67.60 -3.43
N SER H 237 7.77 -66.33 -3.18
CA SER H 237 8.53 -65.92 -2.00
C SER H 237 9.83 -66.71 -1.88
N THR H 238 10.53 -66.90 -3.00
CA THR H 238 11.78 -67.64 -3.02
C THR H 238 12.95 -66.75 -3.44
N LYS H 239 14.12 -67.10 -2.90
CA LYS H 239 15.35 -66.37 -3.14
C LYS H 239 16.47 -67.40 -3.03
N VAL H 240 17.09 -67.74 -4.16
CA VAL H 240 18.10 -68.80 -4.19
C VAL H 240 19.37 -68.26 -4.81
N ASP H 241 20.50 -68.85 -4.40
CA ASP H 241 21.83 -68.50 -4.89
C ASP H 241 22.53 -69.74 -5.40
N LYS H 242 23.09 -69.66 -6.61
CA LYS H 242 23.82 -70.76 -7.22
C LYS H 242 25.22 -70.29 -7.58
N LYS H 243 26.23 -70.84 -6.88
CA LYS H 243 27.60 -70.53 -7.23
C LYS H 243 27.99 -71.27 -8.52
N ILE H 244 28.66 -70.56 -9.42
CA ILE H 244 29.17 -71.14 -10.65
C ILE H 244 30.47 -71.87 -10.34
N GLU H 245 30.50 -73.17 -10.61
CA GLU H 245 31.64 -74.01 -10.24
C GLU H 245 32.21 -74.73 -11.47
N PRO H 246 33.54 -74.74 -11.61
CA PRO H 246 34.18 -75.45 -12.74
C PRO H 246 33.82 -76.92 -12.81
N ARG H 247 33.72 -77.44 -14.03
CA ARG H 247 33.48 -78.86 -14.28
C ARG H 247 34.73 -79.71 -14.07
N ASP I 24 -10.88 -35.70 -23.24
CA ASP I 24 -9.51 -35.86 -22.75
C ASP I 24 -8.54 -35.23 -23.74
N ILE I 25 -7.43 -34.68 -23.25
CA ILE I 25 -6.39 -34.16 -24.13
C ILE I 25 -5.66 -35.30 -24.82
N VAL I 26 -5.61 -35.25 -26.15
CA VAL I 26 -4.92 -36.24 -26.95
C VAL I 26 -3.52 -35.73 -27.27
N LEU I 27 -2.51 -36.54 -26.94
CA LEU I 27 -1.11 -36.23 -27.24
C LEU I 27 -0.58 -37.22 -28.26
N THR I 28 -0.25 -36.73 -29.45
CA THR I 28 0.29 -37.55 -30.54
C THR I 28 1.77 -37.27 -30.75
N GLN I 29 2.61 -38.26 -30.46
CA GLN I 29 4.06 -38.15 -30.62
C GLN I 29 4.47 -38.74 -31.95
N SER I 30 5.44 -38.10 -32.61
CA SER I 30 5.97 -38.55 -33.88
C SER I 30 7.45 -38.21 -33.96
N PRO I 31 8.27 -39.05 -34.62
CA PRO I 31 7.89 -40.34 -35.19
C PRO I 31 7.67 -41.39 -34.12
N ALA I 32 7.02 -42.48 -34.48
CA ALA I 32 6.79 -43.56 -33.53
C ALA I 32 8.10 -44.23 -33.15
N SER I 33 9.04 -44.26 -34.08
CA SER I 33 10.37 -44.78 -33.82
C SER I 33 11.32 -44.09 -34.79
N LEU I 34 12.57 -43.94 -34.37
CA LEU I 34 13.55 -43.39 -35.26
C LEU I 34 14.91 -43.92 -34.83
N ALA I 35 15.81 -44.02 -35.79
CA ALA I 35 17.16 -44.50 -35.57
C ALA I 35 18.11 -43.33 -35.76
N VAL I 36 19.09 -43.23 -34.87
CA VAL I 36 19.95 -42.06 -34.79
C VAL I 36 21.38 -42.52 -34.63
N SER I 37 22.31 -41.82 -35.27
CA SER I 37 23.72 -42.14 -35.13
C SER I 37 24.28 -41.40 -33.93
N LEU I 38 25.36 -41.94 -33.37
CA LEU I 38 25.98 -41.28 -32.23
C LEU I 38 26.42 -39.88 -32.63
N GLY I 39 26.11 -38.90 -31.79
CA GLY I 39 26.50 -37.53 -32.05
C GLY I 39 25.52 -36.66 -32.82
N GLN I 40 24.49 -37.21 -33.46
CA GLN I 40 23.54 -36.37 -34.15
C GLN I 40 22.75 -35.56 -33.13
N ARG I 41 22.13 -34.48 -33.59
CA ARG I 41 21.07 -33.94 -32.76
C ARG I 41 19.79 -34.49 -33.34
N THR I 42 18.84 -34.75 -32.47
CA THR I 42 17.56 -35.24 -32.95
C THR I 42 16.48 -34.62 -32.12
N THR I 43 15.27 -34.61 -32.69
CA THR I 43 14.11 -34.03 -32.04
C THR I 43 12.91 -34.96 -32.14
N ILE I 44 12.04 -34.87 -31.14
CA ILE I 44 10.77 -35.58 -31.12
C ILE I 44 9.68 -34.55 -30.95
N SER I 45 8.53 -34.77 -31.58
CA SER I 45 7.37 -33.89 -31.48
C SER I 45 6.27 -34.50 -30.63
N CYS I 46 5.52 -33.64 -29.96
CA CYS I 46 4.32 -34.01 -29.23
C CYS I 46 3.31 -32.92 -29.52
N ARG I 47 2.17 -33.27 -30.13
CA ARG I 47 1.14 -32.31 -30.50
C ARG I 47 -0.12 -32.60 -29.72
N ALA I 48 -0.70 -31.55 -29.14
CA ALA I 48 -1.83 -31.68 -28.24
C ALA I 48 -3.17 -31.33 -28.88
N SER I 49 -4.20 -32.00 -28.38
CA SER I 49 -5.57 -31.79 -28.85
C SER I 49 -6.07 -30.40 -28.48
N GLU I 50 -6.02 -30.06 -27.19
CA GLU I 50 -6.23 -28.70 -26.70
C GLU I 50 -4.89 -28.07 -26.34
N SER I 51 -4.93 -26.79 -25.98
CA SER I 51 -3.75 -26.11 -25.44
C SER I 51 -3.41 -26.66 -24.07
N VAL I 52 -2.12 -26.73 -23.75
CA VAL I 52 -1.76 -27.25 -22.44
C VAL I 52 -1.19 -26.13 -21.58
N ASP I 53 -1.57 -24.88 -21.91
CA ASP I 53 -1.04 -23.71 -21.22
C ASP I 53 -2.07 -23.17 -20.25
N SER I 54 -1.58 -22.83 -19.06
CA SER I 54 -2.23 -21.92 -18.13
C SER I 54 -1.22 -20.88 -17.73
N PHE I 55 -1.57 -19.60 -17.86
CA PHE I 55 -0.76 -18.49 -17.31
C PHE I 55 0.69 -18.59 -17.78
N ASP I 56 0.91 -18.38 -19.07
CA ASP I 56 2.21 -18.53 -19.71
C ASP I 56 3.14 -19.65 -19.20
N ASN I 57 2.58 -20.73 -18.64
CA ASN I 57 3.35 -21.95 -18.39
C ASN I 57 2.75 -23.03 -19.27
N SER I 58 3.59 -23.94 -19.73
CA SER I 58 3.15 -25.11 -20.48
C SER I 58 3.31 -26.34 -19.62
N PHE I 59 2.21 -27.07 -19.42
CA PHE I 59 2.19 -28.24 -18.53
C PHE I 59 2.39 -29.54 -19.30
N ILE I 60 3.58 -29.66 -19.89
CA ILE I 60 4.01 -30.80 -20.68
C ILE I 60 5.24 -31.38 -20.01
N HIS I 61 5.37 -32.68 -19.96
CA HIS I 61 6.59 -33.23 -19.40
C HIS I 61 7.12 -34.35 -20.27
N TRP I 62 8.43 -34.55 -20.23
CA TRP I 62 9.09 -35.56 -21.03
C TRP I 62 9.75 -36.59 -20.12
N TYR I 63 9.55 -37.86 -20.47
CA TYR I 63 10.10 -38.96 -19.70
C TYR I 63 10.83 -39.93 -20.62
N GLN I 64 11.87 -40.55 -20.05
CA GLN I 64 12.64 -41.60 -20.70
C GLN I 64 12.36 -42.91 -19.99
N GLN I 65 12.04 -43.96 -20.75
CA GLN I 65 11.82 -45.28 -20.15
C GLN I 65 12.58 -46.31 -20.95
N LYS I 66 13.38 -47.09 -20.24
CA LYS I 66 14.08 -48.25 -20.76
C LYS I 66 13.38 -49.52 -20.30
N PRO I 67 13.39 -50.57 -21.11
CA PRO I 67 12.61 -51.78 -20.77
C PRO I 67 12.98 -52.34 -19.40
N GLY I 68 11.95 -52.64 -18.62
CA GLY I 68 12.09 -53.19 -17.28
C GLY I 68 12.25 -52.16 -16.17
N GLN I 69 12.41 -50.89 -16.49
CA GLN I 69 12.60 -49.85 -15.50
C GLN I 69 11.40 -48.92 -15.50
N PRO I 70 11.15 -48.22 -14.40
CA PRO I 70 10.16 -47.16 -14.41
C PRO I 70 10.65 -45.99 -15.25
N PRO I 71 9.74 -45.13 -15.71
CA PRO I 71 10.16 -43.91 -16.41
C PRO I 71 11.00 -42.99 -15.54
N LYS I 72 11.89 -42.24 -16.19
CA LYS I 72 12.73 -41.22 -15.55
C LYS I 72 12.34 -39.86 -16.11
N LEU I 73 12.10 -38.88 -15.24
CA LEU I 73 11.73 -37.56 -15.72
C LEU I 73 12.95 -36.84 -16.31
N LEU I 74 12.79 -36.28 -17.50
CA LEU I 74 13.84 -35.51 -18.18
C LEU I 74 13.57 -34.01 -18.18
N ILE I 75 12.38 -33.60 -18.59
CA ILE I 75 12.04 -32.19 -18.78
C ILE I 75 10.68 -31.96 -18.14
N PHE I 76 10.54 -30.92 -17.35
CA PHE I 76 9.25 -30.57 -16.76
C PHE I 76 8.86 -29.15 -17.16
N LEU I 77 7.55 -28.88 -17.11
CA LEU I 77 6.92 -27.69 -17.69
C LEU I 77 7.29 -27.74 -19.18
N ALA I 78 7.81 -26.71 -19.78
CA ALA I 78 8.02 -27.01 -21.19
C ALA I 78 9.47 -27.30 -21.50
N SER I 79 10.35 -26.57 -20.85
CA SER I 79 11.73 -26.43 -21.22
C SER I 79 12.65 -26.53 -20.03
N SER I 80 12.13 -26.76 -18.83
CA SER I 80 12.97 -26.77 -17.64
C SER I 80 13.59 -28.15 -17.50
N LEU I 81 14.91 -28.17 -17.40
CA LEU I 81 15.66 -29.42 -17.30
C LEU I 81 15.63 -29.94 -15.86
N GLU I 82 15.16 -31.17 -15.68
CA GLU I 82 15.10 -31.78 -14.36
C GLU I 82 16.51 -31.94 -13.82
N SER I 83 16.68 -31.70 -12.53
CA SER I 83 17.98 -31.80 -11.89
C SER I 83 18.58 -33.19 -12.03
N GLY I 84 19.86 -33.23 -12.36
CA GLY I 84 20.59 -34.46 -12.58
C GLY I 84 20.53 -35.00 -13.99
N VAL I 85 19.72 -34.40 -14.86
CA VAL I 85 19.61 -34.87 -16.22
C VAL I 85 20.67 -34.12 -17.02
N PRO I 86 21.38 -34.79 -17.93
CA PRO I 86 22.42 -34.10 -18.70
C PRO I 86 21.82 -32.98 -19.54
N ALA I 87 22.57 -31.88 -19.69
CA ALA I 87 22.10 -30.77 -20.52
C ALA I 87 22.20 -31.05 -22.01
N ARG I 88 22.11 -32.33 -22.39
CA ARG I 88 21.94 -32.74 -23.77
C ARG I 88 20.47 -32.81 -24.12
N PHE I 89 19.62 -32.81 -23.11
CA PHE I 89 18.18 -32.83 -23.27
C PHE I 89 17.70 -31.39 -23.13
N SER I 90 16.83 -30.98 -24.04
CA SER I 90 16.21 -29.66 -24.00
C SER I 90 14.79 -29.80 -24.52
N GLY I 91 13.93 -28.89 -24.07
CA GLY I 91 12.54 -28.91 -24.48
C GLY I 91 12.14 -27.52 -24.93
N SER I 92 11.22 -27.49 -25.88
CA SER I 92 10.77 -26.23 -26.43
C SER I 92 9.35 -26.42 -26.86
N GLY I 93 8.70 -25.31 -27.17
CA GLY I 93 7.34 -25.33 -27.62
C GLY I 93 6.42 -24.55 -26.68
N SER I 94 5.26 -24.22 -27.20
CA SER I 94 4.41 -23.30 -26.45
C SER I 94 3.02 -23.81 -26.12
N ARG I 95 2.15 -24.01 -27.10
CA ARG I 95 0.76 -24.33 -26.79
C ARG I 95 0.34 -25.73 -27.14
N THR I 96 0.31 -26.09 -28.40
CA THR I 96 -0.04 -27.44 -28.81
C THR I 96 1.10 -28.14 -29.52
N ASP I 97 2.23 -27.47 -29.73
CA ASP I 97 3.34 -27.99 -30.51
C ASP I 97 4.57 -27.98 -29.61
N PHE I 98 5.13 -29.15 -29.35
CA PHE I 98 6.24 -29.32 -28.42
C PHE I 98 7.33 -30.23 -28.96
N THR I 99 8.52 -30.01 -28.43
CA THR I 99 9.74 -30.64 -28.90
C THR I 99 10.58 -31.11 -27.73
N LEU I 100 11.05 -32.35 -27.81
CA LEU I 100 12.18 -32.84 -27.02
C LEU I 100 13.38 -32.98 -27.95
N THR I 101 14.51 -32.37 -27.60
CA THR I 101 15.71 -32.46 -28.42
C THR I 101 16.87 -33.09 -27.65
N ILE I 102 17.58 -34.00 -28.30
CA ILE I 102 18.80 -34.61 -27.76
C ILE I 102 19.98 -34.23 -28.63
N ASP I 103 20.96 -33.56 -28.06
CA ASP I 103 22.14 -33.07 -28.76
C ASP I 103 23.31 -32.92 -27.80
N PRO I 104 24.36 -33.74 -27.93
CA PRO I 104 24.51 -34.83 -28.89
C PRO I 104 23.90 -36.15 -28.42
N VAL I 105 23.47 -37.00 -29.36
CA VAL I 105 22.94 -38.30 -29.02
C VAL I 105 24.09 -39.20 -28.56
N GLU I 106 23.89 -39.91 -27.44
CA GLU I 106 24.89 -40.83 -26.94
C GLU I 106 24.27 -42.22 -26.80
N ALA I 107 25.13 -43.22 -26.62
CA ALA I 107 24.67 -44.61 -26.61
C ALA I 107 23.67 -44.87 -25.50
N ASP I 108 23.77 -44.17 -24.37
CA ASP I 108 22.80 -44.37 -23.29
C ASP I 108 21.39 -43.95 -23.64
N ASP I 109 21.21 -43.16 -24.69
CA ASP I 109 19.88 -42.59 -24.97
C ASP I 109 18.95 -43.55 -25.71
N ALA I 110 19.42 -44.74 -26.07
CA ALA I 110 18.53 -45.73 -26.64
C ALA I 110 17.48 -46.09 -25.59
N ALA I 111 16.22 -45.75 -25.88
CA ALA I 111 15.13 -45.83 -24.91
C ALA I 111 13.86 -45.38 -25.63
N THR I 112 12.73 -45.49 -24.92
CA THR I 112 11.47 -44.92 -25.38
C THR I 112 11.18 -43.63 -24.62
N TYR I 113 10.72 -42.61 -25.34
CA TYR I 113 10.44 -41.30 -24.76
C TYR I 113 8.96 -40.99 -24.82
N TYR I 114 8.40 -40.55 -23.70
CA TYR I 114 6.98 -40.23 -23.59
C TYR I 114 6.82 -38.77 -23.19
N CYS I 115 5.84 -38.09 -23.80
CA CYS I 115 5.36 -36.81 -23.28
C CYS I 115 4.11 -37.04 -22.44
N GLN I 116 3.80 -36.06 -21.60
CA GLN I 116 2.65 -36.13 -20.72
C GLN I 116 2.21 -34.73 -20.37
N GLN I 117 0.91 -34.49 -20.39
CA GLN I 117 0.40 -33.20 -19.97
C GLN I 117 -0.29 -33.34 -18.62
N SER I 118 -0.25 -32.25 -17.83
CA SER I 118 -0.92 -32.19 -16.54
C SER I 118 -1.70 -30.89 -16.37
N ASN I 119 -2.01 -30.20 -17.46
CA ASN I 119 -2.75 -28.95 -17.35
C ASN I 119 -4.21 -29.16 -17.02
N GLU I 120 -4.75 -30.32 -17.40
CA GLU I 120 -6.17 -30.60 -17.34
C GLU I 120 -6.36 -32.03 -16.84
N ASP I 121 -7.42 -32.26 -16.09
CA ASP I 121 -7.65 -33.67 -15.75
C ASP I 121 -8.53 -34.34 -16.81
N PRO I 122 -8.31 -35.63 -17.12
CA PRO I 122 -7.31 -36.52 -16.54
C PRO I 122 -5.94 -36.30 -17.14
N PHE I 123 -4.87 -36.53 -16.38
CA PHE I 123 -3.56 -36.48 -16.98
C PHE I 123 -3.49 -37.54 -18.08
N THR I 124 -2.85 -37.18 -19.19
CA THR I 124 -2.75 -38.09 -20.32
C THR I 124 -1.33 -38.14 -20.83
N PHE I 125 -0.97 -39.25 -21.46
CA PHE I 125 0.37 -39.45 -21.99
C PHE I 125 0.33 -39.56 -23.51
N GLY I 126 1.45 -39.23 -24.13
CA GLY I 126 1.65 -39.59 -25.52
C GLY I 126 1.85 -41.08 -25.69
N SER I 127 1.86 -41.50 -26.95
CA SER I 127 1.95 -42.91 -27.27
C SER I 127 3.40 -43.41 -27.35
N GLY I 128 4.37 -42.51 -27.27
CA GLY I 128 5.74 -42.93 -27.08
C GLY I 128 6.52 -42.90 -28.38
N THR I 129 7.82 -42.66 -28.27
CA THR I 129 8.76 -42.72 -29.39
C THR I 129 9.95 -43.58 -28.99
N LYS I 130 10.20 -44.65 -29.75
CA LYS I 130 11.34 -45.53 -29.48
C LYS I 130 12.55 -45.07 -30.27
N LEU I 131 13.59 -44.69 -29.55
CA LEU I 131 14.84 -44.22 -30.14
C LEU I 131 15.85 -45.36 -30.16
N GLU I 132 16.32 -45.70 -31.35
CA GLU I 132 17.35 -46.72 -31.55
C GLU I 132 18.64 -46.08 -32.04
N ILE I 133 19.77 -46.64 -31.60
CA ILE I 133 21.09 -46.13 -31.97
C ILE I 133 21.64 -46.94 -33.13
N LYS I 134 22.11 -46.26 -34.16
CA LYS I 134 22.75 -46.86 -35.31
C LYS I 134 24.25 -46.93 -35.06
N ARG I 135 24.87 -48.08 -35.32
CA ARG I 135 26.31 -48.23 -35.04
C ARG I 135 26.98 -49.16 -36.04
N ALA I 136 28.29 -49.34 -35.84
CA ALA I 136 29.07 -50.20 -36.72
C ALA I 136 28.75 -51.67 -36.50
N ASP I 137 28.85 -52.45 -37.58
CA ASP I 137 28.60 -53.89 -37.50
C ASP I 137 29.58 -54.56 -36.56
N ALA I 138 29.10 -55.56 -35.84
CA ALA I 138 29.93 -56.31 -34.91
C ALA I 138 29.51 -57.78 -34.93
N ALA I 139 30.49 -58.69 -34.99
CA ALA I 139 30.25 -60.12 -35.01
C ALA I 139 29.94 -60.66 -33.61
N PRO I 140 29.10 -61.70 -33.51
CA PRO I 140 28.76 -62.23 -32.19
C PRO I 140 29.90 -63.01 -31.58
N THR I 141 29.97 -62.98 -30.25
CA THR I 141 30.78 -63.90 -29.48
C THR I 141 29.90 -65.01 -28.95
N VAL I 142 30.20 -66.25 -29.34
CA VAL I 142 29.31 -67.40 -29.12
C VAL I 142 29.90 -68.27 -28.02
N SER I 143 29.04 -68.71 -27.11
CA SER I 143 29.41 -69.56 -25.99
C SER I 143 28.36 -70.65 -25.84
N ILE I 144 28.80 -71.90 -25.68
CA ILE I 144 27.89 -73.04 -25.57
C ILE I 144 28.02 -73.64 -24.18
N PHE I 145 26.89 -74.10 -23.65
CA PHE I 145 26.84 -74.61 -22.28
C PHE I 145 26.07 -75.92 -22.21
N PRO I 146 26.74 -77.01 -21.87
CA PRO I 146 26.05 -78.30 -21.67
C PRO I 146 25.06 -78.19 -20.52
N PRO I 147 24.11 -79.11 -20.44
CA PRO I 147 23.19 -79.11 -19.29
C PRO I 147 23.97 -79.16 -17.99
N SER I 148 23.47 -78.44 -16.99
CA SER I 148 24.09 -78.50 -15.68
C SER I 148 23.88 -79.89 -15.06
N SER I 149 24.80 -80.27 -14.19
CA SER I 149 24.67 -81.55 -13.51
C SER I 149 23.39 -81.64 -12.69
N GLU I 150 22.94 -80.52 -12.11
CA GLU I 150 21.73 -80.52 -11.30
C GLU I 150 20.48 -80.78 -12.13
N GLN I 151 20.40 -80.15 -13.31
CA GLN I 151 19.25 -80.33 -14.19
C GLN I 151 19.11 -81.77 -14.65
N LEU I 152 20.23 -82.44 -14.93
CA LEU I 152 20.18 -83.84 -15.35
C LEU I 152 19.60 -84.71 -14.25
N THR I 153 19.83 -84.34 -12.99
CA THR I 153 19.21 -85.06 -11.88
C THR I 153 17.70 -84.95 -11.94
N SER I 154 17.17 -83.77 -12.31
CA SER I 154 15.73 -83.57 -12.42
C SER I 154 15.11 -84.32 -13.58
N GLY I 155 15.92 -84.91 -14.46
CA GLY I 155 15.41 -85.60 -15.62
C GLY I 155 15.17 -84.73 -16.84
N GLY I 156 15.67 -83.49 -16.84
CA GLY I 156 15.60 -82.63 -17.99
C GLY I 156 17.01 -82.36 -18.50
N ALA I 157 17.09 -81.75 -19.68
CA ALA I 157 18.39 -81.44 -20.27
C ALA I 157 18.22 -80.31 -21.27
N SER I 158 18.67 -79.11 -20.90
CA SER I 158 18.68 -77.97 -21.80
C SER I 158 20.11 -77.57 -22.14
N VAL I 159 20.35 -77.32 -23.43
CA VAL I 159 21.62 -76.80 -23.91
C VAL I 159 21.41 -75.36 -24.30
N VAL I 160 22.24 -74.48 -23.79
CA VAL I 160 22.09 -73.04 -23.96
C VAL I 160 23.28 -72.52 -24.75
N CYS I 161 23.00 -71.63 -25.70
CA CYS I 161 24.05 -71.02 -26.50
C CYS I 161 23.81 -69.53 -26.47
N PHE I 162 24.83 -68.77 -26.03
CA PHE I 162 24.78 -67.31 -25.96
C PHE I 162 25.51 -66.69 -27.14
N LEU I 163 24.87 -65.73 -27.79
CA LEU I 163 25.45 -64.98 -28.92
C LEU I 163 25.47 -63.51 -28.52
N ASN I 164 26.64 -62.99 -28.13
CA ASN I 164 26.72 -61.76 -27.36
C ASN I 164 27.37 -60.61 -28.12
N ASN I 165 26.78 -59.42 -27.96
CA ASN I 165 27.36 -58.14 -28.39
C ASN I 165 27.62 -58.09 -29.89
N PHE I 166 26.55 -58.31 -30.66
CA PHE I 166 26.63 -58.27 -32.12
C PHE I 166 25.71 -57.20 -32.68
N TYR I 167 25.97 -56.83 -33.93
CA TYR I 167 25.17 -55.82 -34.59
C TYR I 167 25.26 -56.01 -36.09
N PRO I 168 24.15 -55.85 -36.84
CA PRO I 168 22.80 -55.49 -36.39
C PRO I 168 22.02 -56.63 -35.73
N LYS I 169 20.75 -56.37 -35.40
CA LYS I 169 19.96 -57.30 -34.58
C LYS I 169 19.70 -58.62 -35.29
N ASP I 170 19.54 -58.60 -36.62
CA ASP I 170 19.20 -59.80 -37.37
C ASP I 170 20.30 -60.86 -37.23
N ILE I 171 19.92 -62.07 -36.80
CA ILE I 171 20.89 -63.15 -36.61
C ILE I 171 20.18 -64.48 -36.76
N ASN I 172 20.94 -65.50 -37.15
CA ASN I 172 20.42 -66.83 -37.42
C ASN I 172 21.18 -67.88 -36.62
N VAL I 173 20.45 -68.77 -35.97
CA VAL I 173 21.03 -69.88 -35.22
C VAL I 173 20.51 -71.19 -35.76
N LYS I 174 21.41 -72.17 -35.87
CA LYS I 174 21.10 -73.51 -36.31
C LYS I 174 21.67 -74.47 -35.26
N TRP I 175 20.89 -75.49 -34.90
CA TRP I 175 21.34 -76.53 -33.96
C TRP I 175 21.59 -77.84 -34.68
N LYS I 176 22.75 -78.44 -34.41
CA LYS I 176 23.12 -79.73 -34.97
C LYS I 176 23.40 -80.72 -33.84
N ILE I 177 22.76 -81.89 -33.91
CA ILE I 177 23.02 -82.99 -32.99
C ILE I 177 23.56 -84.13 -33.83
N ASP I 178 24.84 -84.44 -33.65
CA ASP I 178 25.54 -85.44 -34.45
C ASP I 178 25.43 -85.10 -35.93
N GLY I 179 25.56 -83.80 -36.25
CA GLY I 179 25.58 -83.34 -37.61
C GLY I 179 24.22 -83.23 -38.27
N SER I 180 23.14 -83.51 -37.55
CA SER I 180 21.79 -83.46 -38.11
C SER I 180 21.07 -82.27 -37.55
N GLU I 181 20.42 -81.52 -38.43
CA GLU I 181 19.75 -80.31 -38.00
C GLU I 181 18.50 -80.67 -37.20
N ARG I 182 18.22 -79.88 -36.16
CA ARG I 182 17.06 -80.06 -35.32
C ARG I 182 16.50 -78.71 -34.92
N GLN I 183 15.21 -78.49 -35.15
CA GLN I 183 14.56 -77.27 -34.70
C GLN I 183 13.56 -77.50 -33.58
N ASN I 184 13.06 -78.72 -33.43
CA ASN I 184 12.06 -79.01 -32.43
C ASN I 184 12.61 -78.78 -31.03
N GLY I 185 11.94 -77.91 -30.27
CA GLY I 185 12.31 -77.62 -28.90
C GLY I 185 13.27 -76.47 -28.68
N VAL I 186 13.59 -75.70 -29.73
CA VAL I 186 14.53 -74.59 -29.63
C VAL I 186 13.78 -73.32 -29.27
N LEU I 187 14.30 -72.57 -28.30
CA LEU I 187 13.70 -71.34 -27.80
C LEU I 187 14.71 -70.19 -27.86
N ASN I 188 14.40 -69.15 -28.64
CA ASN I 188 15.30 -68.01 -28.86
C ASN I 188 14.76 -66.72 -28.24
N SER I 189 15.62 -66.01 -27.49
CA SER I 189 15.27 -64.75 -26.82
C SER I 189 16.35 -63.69 -27.04
N TRP I 190 15.96 -62.52 -27.59
CA TRP I 190 16.84 -61.37 -27.81
C TRP I 190 16.79 -60.35 -26.68
N THR I 191 17.93 -59.74 -26.37
CA THR I 191 17.95 -58.56 -25.52
C THR I 191 17.50 -57.30 -26.26
N ASP I 192 17.13 -56.29 -25.46
CA ASP I 192 17.05 -54.92 -25.94
C ASP I 192 18.45 -54.35 -26.12
N GLN I 193 18.55 -53.32 -26.96
CA GLN I 193 19.84 -52.77 -27.33
C GLN I 193 20.62 -52.33 -26.10
N ASP I 194 21.91 -52.67 -26.09
CA ASP I 194 22.75 -52.44 -24.92
C ASP I 194 23.02 -50.95 -24.71
N SER I 195 22.81 -50.50 -23.48
CA SER I 195 22.91 -49.09 -23.12
C SER I 195 24.35 -48.56 -23.13
N LYS I 196 25.36 -49.42 -23.28
CA LYS I 196 26.76 -48.99 -23.30
C LYS I 196 27.37 -49.01 -24.70
N ASP I 197 27.32 -50.15 -25.39
CA ASP I 197 27.94 -50.29 -26.70
C ASP I 197 26.94 -50.39 -27.85
N SER I 198 25.64 -50.32 -27.57
CA SER I 198 24.58 -50.27 -28.56
C SER I 198 24.48 -51.55 -29.40
N THR I 199 25.01 -52.68 -28.90
CA THR I 199 24.88 -53.96 -29.57
C THR I 199 23.69 -54.76 -29.03
N TYR I 200 23.42 -55.88 -29.69
CA TYR I 200 22.42 -56.84 -29.25
C TYR I 200 23.07 -58.13 -28.83
N SER I 201 22.35 -58.89 -28.00
CA SER I 201 22.72 -60.25 -27.65
C SER I 201 21.47 -61.10 -27.65
N MET I 202 21.65 -62.41 -27.87
CA MET I 202 20.53 -63.35 -27.82
C MET I 202 20.97 -64.68 -27.24
N SER I 203 20.03 -65.37 -26.60
CA SER I 203 20.23 -66.69 -26.01
C SER I 203 19.34 -67.70 -26.72
N SER I 204 19.93 -68.81 -27.15
CA SER I 204 19.19 -69.90 -27.79
C SER I 204 19.26 -71.13 -26.90
N THR I 205 18.09 -71.62 -26.48
CA THR I 205 17.98 -72.76 -25.58
C THR I 205 17.26 -73.92 -26.26
N LEU I 206 17.93 -75.06 -26.33
CA LEU I 206 17.36 -76.31 -26.81
C LEU I 206 17.07 -77.23 -25.61
N THR I 207 15.79 -77.51 -25.34
CA THR I 207 15.40 -78.32 -24.18
C THR I 207 14.99 -79.72 -24.64
N LEU I 208 15.72 -80.73 -24.16
CA LEU I 208 15.42 -82.13 -24.43
C LEU I 208 15.11 -82.85 -23.13
N THR I 209 14.63 -84.09 -23.25
CA THR I 209 14.58 -84.97 -22.10
C THR I 209 15.97 -85.53 -21.83
N LYS I 210 16.22 -85.91 -20.59
CA LYS I 210 17.53 -86.46 -20.24
C LYS I 210 17.81 -87.74 -21.01
N ASP I 211 16.83 -88.65 -21.07
CA ASP I 211 17.01 -89.91 -21.78
C ASP I 211 17.29 -89.71 -23.26
N GLU I 212 16.64 -88.72 -23.89
CA GLU I 212 16.90 -88.42 -25.29
C GLU I 212 18.24 -87.72 -25.46
N TYR I 213 18.62 -86.90 -24.47
CA TYR I 213 19.90 -86.21 -24.49
C TYR I 213 21.05 -87.23 -24.45
N GLU I 214 20.94 -88.23 -23.59
CA GLU I 214 22.02 -89.21 -23.41
C GLU I 214 22.05 -90.26 -24.51
N ARG I 215 21.23 -90.11 -25.56
CA ARG I 215 21.27 -90.98 -26.72
C ARG I 215 22.16 -90.44 -27.85
N HIS I 216 22.60 -89.20 -27.74
CA HIS I 216 23.47 -88.59 -28.73
C HIS I 216 24.72 -88.07 -28.03
N ASN I 217 25.75 -87.73 -28.82
CA ASN I 217 27.03 -87.41 -28.21
C ASN I 217 27.57 -86.03 -28.56
N SER I 218 27.39 -85.60 -29.81
CA SER I 218 27.93 -84.33 -30.28
C SER I 218 26.83 -83.27 -30.40
N TYR I 219 27.05 -82.11 -29.78
CA TYR I 219 26.10 -81.00 -29.78
C TYR I 219 26.76 -79.73 -30.31
N THR I 220 26.16 -79.14 -31.33
CA THR I 220 26.79 -78.05 -32.07
C THR I 220 25.82 -76.89 -32.24
N CYS I 221 26.37 -75.69 -32.15
CA CYS I 221 25.63 -74.43 -32.17
C CYS I 221 26.21 -73.55 -33.28
N GLU I 222 25.44 -73.29 -34.34
CA GLU I 222 25.91 -72.56 -35.50
C GLU I 222 25.25 -71.19 -35.61
N ALA I 223 26.08 -70.15 -35.66
CA ALA I 223 25.62 -68.77 -35.70
C ALA I 223 25.92 -68.14 -37.06
N THR I 224 24.88 -67.70 -37.73
CA THR I 224 24.98 -67.03 -39.03
C THR I 224 24.63 -65.55 -38.87
N HIS I 225 25.57 -64.69 -39.23
CA HIS I 225 25.44 -63.24 -39.05
C HIS I 225 26.07 -62.55 -40.25
N LYS I 226 25.59 -61.35 -40.58
CA LYS I 226 26.09 -60.69 -41.78
C LYS I 226 27.56 -60.32 -41.67
N THR I 227 28.15 -60.40 -40.48
CA THR I 227 29.55 -60.05 -40.30
C THR I 227 30.49 -61.08 -40.93
N SER I 228 29.99 -62.20 -41.43
CA SER I 228 30.80 -63.18 -42.15
C SER I 228 29.88 -64.13 -42.88
N THR I 229 30.30 -64.58 -44.06
CA THR I 229 29.49 -65.52 -44.83
C THR I 229 29.50 -66.92 -44.23
N SER I 230 30.62 -67.30 -43.57
CA SER I 230 30.79 -68.59 -42.91
C SER I 230 30.30 -68.50 -41.46
N PRO I 231 29.48 -69.46 -41.02
CA PRO I 231 28.89 -69.36 -39.68
C PRO I 231 29.90 -69.59 -38.55
N ILE I 232 29.63 -68.96 -37.42
CA ILE I 232 30.39 -69.17 -36.20
C ILE I 232 29.91 -70.45 -35.53
N VAL I 233 30.82 -71.38 -35.31
CA VAL I 233 30.47 -72.72 -34.80
C VAL I 233 31.16 -72.95 -33.48
N LYS I 234 30.36 -73.25 -32.46
CA LYS I 234 30.83 -73.69 -31.16
C LYS I 234 30.15 -75.00 -30.85
N SER I 235 30.92 -75.99 -30.39
CA SER I 235 30.33 -77.30 -30.13
C SER I 235 31.10 -77.98 -29.00
N PHE I 236 30.48 -79.04 -28.49
CA PHE I 236 31.12 -79.96 -27.55
C PHE I 236 30.47 -81.32 -27.72
N ASN I 237 31.21 -82.36 -27.36
CA ASN I 237 30.62 -83.69 -27.26
C ASN I 237 30.90 -84.26 -25.87
N ARG I 238 29.86 -84.78 -25.24
CA ARG I 238 29.92 -85.32 -23.88
C ARG I 238 30.86 -86.53 -23.74
ZN ZN J . -22.44 25.58 11.92
ZN ZN K . -56.48 -2.77 36.57
ZN ZN L . 4.25 20.42 -3.95
ZN ZN M . -19.21 31.30 -38.16
ZN ZN N . 49.38 14.08 29.62
ZN ZN O . -7.84 -31.18 -0.85
ZN ZN P . -6.41 -32.95 -6.29
ZN ZN Q . -10.10 -27.59 -21.88
#